data_7PXG
#
_entry.id   7PXG
#
_cell.length_a   1.00
_cell.length_b   1.00
_cell.length_c   1.00
_cell.angle_alpha   90.00
_cell.angle_beta   90.00
_cell.angle_gamma   90.00
#
_symmetry.space_group_name_H-M   'P 1'
#
loop_
_entity.id
_entity.type
_entity.pdbx_description
1 polymer 'Isoform J of Calcium-activated potassium channel slowpoke'
2 non-polymer Verruculogen
3 non-polymer 'CALCIUM ION'
4 non-polymer 'MAGNESIUM ION'
5 non-polymer '(4S,7R)-4-HYDROXY-N,N,N-TRIMETHYL-9-OXO-7-[(PALMITOYLOXY)METHYL]-3,5,8-TRIOXA-4-PHOSPHAHEXACOSAN-1-AMINIUM 4-OXIDE'
6 non-polymer CHOLESTEROL
7 non-polymer 'POTASSIUM ION'
#
_entity_poly.entity_id   1
_entity_poly.type   'polypeptide(L)'
_entity_poly.pdbx_seq_one_letter_code
;MASGLIDTNFSSTLANGMSGCDQSTVESLADDPTDSPFDADDCLKVRKYWCFLLSSIFTFLAGLLVVLLWRAFAFVCCRK
EPDLGPNDPKQKEQKASRNKQEFEGTFMTEAKDWAGELISGQTTTGRILVVLVFILSIASLIIYFVDASSEEVERCQKWS
NNITQQIDLAFNIFFMVYFFIRFIAASDKLWFMLEMYSFVDYFTIPPSFVSIYLDRTWIGLRFLRALRLMTVPDILQYLN
VLKTSSSIRLAQLVSIFISVWLTAAGIIHLLENSGDPLDFDNAHRLSYWTCVYFLIVTMSTVGYGDVYCETVLGRTFLVF
FLLVGLAIFASCIPEIIDLIGTRAKYGGTLKNEKGRRHIVVCGHITYESVSHFLKDFLHEDREDVDVEVVFLHRKPPDLE
LEGLFKRHFTTVEFFQGTIMNPIDLQRVKVHEADACLVLANKYCQDPDAEDAANIMRVISIKNYSDDIRVIIQLMQYHNK
AYLLNIPSWDWKQGDDVICLAELKLGFIAQSCLAPGFSTMMANLFAMRSFKTSPDMQSWTNDYLRGTGMEMYTETLSPTF
IGIPFAQATELCFSKLKLLLLAIEIKGAEEGADSKISINPRGAKIQANTQGFFIAQSADEVKRAWFYCKACHEDIKDETL
IKKCKCKNLATFRKGVRAVQMVGRASDITRDREDTNLLNRNVRRPNGTGNGTGGMHHMNNTAAAAAAAAAAGKQVNKVKP
TVNVSRQVEGQVISPSQYNRPTSRSSGTGTQNQNGGVSLPAGIADDQSKDFDFEKTEMKYDSTGMFHWSPAKSLEDCILD
RNQAAMTVLNGHVVVCLFADPDSPLIGLRNLVMPLRASNFHYHELKHVVIVGSVDYIRREWKMLQNLPKISVLNGSPLSR
ADLRAVNVNLCDMCCILSAKVPSNDDPTLADKEAILASLNIKAMTFDDTIGVLSQRGPEFDNLSATAGSPIVLQRRGSVY
GANVPMITELVNDGNVQFLDQDDDDDPDTELYLTQPFACGTAFAVSVLDSLMSTTYFNQNALTLIRSLITGGATPELELI
LAEGAGLRGGYSTVESLSNRDRCRVGQISLYDGPLAQFGECGKYGDLFVAALKSYGMLCIGLYRFRDTSSSCDASSKRYV
ITNPPDDFSLLPTDQVFVLMQFDPGLEYKPPAVRAPAGGRGTNTQGSGVGGGGSNKDDNS
;
_entity_poly.pdbx_strand_id   A,B,C,D
#
loop_
_chem_comp.id
_chem_comp.type
_chem_comp.name
_chem_comp.formula
6PL non-polymer '(4S,7R)-4-HYDROXY-N,N,N-TRIMETHYL-9-OXO-7-[(PALMITOYLOXY)METHYL]-3,5,8-TRIOXA-4-PHOSPHAHEXACOSAN-1-AMINIUM 4-OXIDE' 'C42 H85 N O8 P 1'
8H5 non-polymer Verruculogen 'C27 H33 N3 O7'
CA non-polymer 'CALCIUM ION' 'Ca 2'
CLR non-polymer CHOLESTEROL 'C27 H46 O'
K non-polymer 'POTASSIUM ION' 'K 1'
MG non-polymer 'MAGNESIUM ION' 'Mg 2'
#
# COMPACT_ATOMS: atom_id res chain seq x y z
N LEU A 44 53.67 50.11 -6.48
CA LEU A 44 54.44 49.19 -5.65
C LEU A 44 54.02 49.29 -4.19
N LYS A 45 54.46 50.35 -3.51
CA LYS A 45 54.08 50.54 -2.11
C LYS A 45 52.58 50.74 -1.96
N VAL A 46 51.99 51.56 -2.84
CA VAL A 46 50.55 51.76 -2.86
C VAL A 46 49.94 50.82 -3.89
N ARG A 47 48.93 50.06 -3.47
CA ARG A 47 48.31 49.11 -4.38
C ARG A 47 47.12 49.73 -5.09
N LYS A 48 46.80 49.17 -6.26
CA LYS A 48 45.69 49.64 -7.07
C LYS A 48 44.64 48.54 -7.23
N TYR A 49 44.45 47.73 -6.20
CA TYR A 49 43.46 46.65 -6.26
C TYR A 49 42.06 47.20 -6.48
N TRP A 50 41.79 48.40 -5.96
CA TRP A 50 40.50 49.03 -6.18
C TRP A 50 40.29 49.37 -7.65
N CYS A 51 41.35 49.74 -8.36
CA CYS A 51 41.20 50.07 -9.78
C CYS A 51 40.71 48.88 -10.58
N PHE A 52 41.27 47.69 -10.33
CA PHE A 52 40.76 46.49 -10.98
C PHE A 52 39.34 46.18 -10.52
N LEU A 53 39.08 46.29 -9.21
CA LEU A 53 37.76 45.98 -8.68
C LEU A 53 36.73 47.01 -9.10
N LEU A 54 37.04 48.29 -8.95
CA LEU A 54 36.06 49.34 -9.22
C LEU A 54 35.73 49.40 -10.70
N SER A 55 36.68 49.00 -11.56
CA SER A 55 36.40 48.94 -12.99
C SER A 55 35.40 47.84 -13.32
N SER A 56 35.46 46.74 -12.58
CA SER A 56 34.57 45.61 -12.85
C SER A 56 33.11 46.00 -12.65
N ILE A 57 32.81 46.75 -11.59
CA ILE A 57 31.43 47.13 -11.32
C ILE A 57 31.02 48.32 -12.17
N PHE A 58 32.00 49.11 -12.66
CA PHE A 58 31.68 50.11 -13.67
C PHE A 58 30.95 49.49 -14.86
N THR A 59 31.46 48.37 -15.37
CA THR A 59 30.79 47.70 -16.48
C THR A 59 29.46 47.12 -16.05
N PHE A 60 29.22 47.02 -14.75
CA PHE A 60 27.98 46.42 -14.27
C PHE A 60 26.84 47.44 -14.27
N LEU A 61 26.96 48.52 -13.49
CA LEU A 61 25.84 49.45 -13.38
C LEU A 61 25.66 50.25 -14.66
N ALA A 62 26.77 50.62 -15.32
CA ALA A 62 26.67 51.33 -16.58
C ALA A 62 26.00 50.47 -17.64
N GLY A 63 26.41 49.20 -17.74
CA GLY A 63 25.71 48.30 -18.65
C GLY A 63 24.27 48.06 -18.23
N LEU A 64 24.01 48.04 -16.92
CA LEU A 64 22.65 47.87 -16.43
C LEU A 64 21.79 49.07 -16.80
N LEU A 65 22.33 50.28 -16.67
CA LEU A 65 21.51 51.48 -16.90
C LEU A 65 21.28 51.74 -18.38
N VAL A 66 22.26 51.44 -19.24
CA VAL A 66 22.10 51.72 -20.67
C VAL A 66 20.94 50.92 -21.25
N VAL A 67 20.86 49.63 -20.91
CA VAL A 67 19.73 48.83 -21.36
C VAL A 67 18.45 49.25 -20.65
N LEU A 68 18.58 49.70 -19.40
CA LEU A 68 17.40 50.16 -18.66
C LEU A 68 16.88 51.47 -19.23
N LEU A 69 17.78 52.42 -19.54
CA LEU A 69 17.33 53.71 -20.05
C LEU A 69 16.79 53.61 -21.48
N TRP A 70 17.32 52.69 -22.29
CA TRP A 70 16.85 52.60 -23.67
C TRP A 70 15.41 52.13 -23.72
N ARG A 71 15.04 51.23 -22.81
CA ARG A 71 13.66 50.80 -22.70
C ARG A 71 12.75 51.95 -22.29
N ALA A 72 13.26 52.83 -21.42
CA ALA A 72 12.47 53.97 -20.96
C ALA A 72 12.26 54.98 -22.08
N PHE A 73 13.26 55.13 -22.96
CA PHE A 73 13.10 56.05 -24.08
C PHE A 73 11.98 55.61 -25.02
N ALA A 74 11.90 54.31 -25.32
CA ALA A 74 10.85 53.81 -26.18
C ALA A 74 9.48 53.86 -25.51
N PHE A 75 9.43 54.03 -24.19
CA PHE A 75 8.15 54.10 -23.49
C PHE A 75 7.41 55.39 -23.84
N VAL A 76 8.15 56.48 -24.03
CA VAL A 76 7.57 57.77 -24.39
C VAL A 76 7.95 58.19 -25.80
N CYS A 77 8.91 57.50 -26.42
CA CYS A 77 9.35 57.85 -27.76
C CYS A 77 9.91 56.62 -28.48
N THR A 106 11.74 43.58 -39.75
CA THR A 106 12.94 44.19 -39.18
C THR A 106 14.04 43.15 -38.98
N PHE A 107 15.30 43.59 -39.07
CA PHE A 107 16.43 42.69 -38.89
C PHE A 107 16.64 42.32 -37.42
N MET A 108 16.15 43.14 -36.49
CA MET A 108 16.35 42.86 -35.07
C MET A 108 15.69 41.54 -34.67
N THR A 109 14.46 41.30 -35.15
CA THR A 109 13.80 40.04 -34.85
C THR A 109 14.53 38.86 -35.46
N GLU A 110 15.00 39.01 -36.71
CA GLU A 110 15.75 37.94 -37.36
C GLU A 110 17.09 37.69 -36.66
N ALA A 111 17.77 38.77 -36.25
CA ALA A 111 19.05 38.62 -35.59
C ALA A 111 18.92 37.89 -34.25
N LYS A 112 17.86 38.20 -33.49
CA LYS A 112 17.64 37.53 -32.21
C LYS A 112 17.39 36.04 -32.40
N ASP A 113 16.57 35.68 -33.40
CA ASP A 113 16.32 34.27 -33.68
C ASP A 113 17.59 33.56 -34.12
N TRP A 114 18.41 34.24 -34.93
CA TRP A 114 19.69 33.67 -35.34
C TRP A 114 20.62 33.47 -34.14
N ALA A 115 20.63 34.44 -33.22
CA ALA A 115 21.49 34.31 -32.05
C ALA A 115 21.03 33.18 -31.14
N GLY A 116 19.72 32.96 -31.05
CA GLY A 116 19.21 31.89 -30.19
C GLY A 116 19.68 30.52 -30.62
N GLU A 117 19.60 30.24 -31.93
CA GLU A 117 20.06 28.96 -32.44
C GLU A 117 21.58 28.88 -32.53
N LEU A 118 22.28 30.01 -32.52
CA LEU A 118 23.73 29.98 -32.58
C LEU A 118 24.33 29.48 -31.26
N ILE A 119 23.80 29.97 -30.13
CA ILE A 119 24.32 29.58 -28.84
C ILE A 119 23.75 28.26 -28.33
N SER A 120 22.71 27.74 -28.97
CA SER A 120 22.10 26.48 -28.57
C SER A 120 22.68 25.28 -29.32
N GLY A 121 23.59 25.50 -30.26
CA GLY A 121 24.17 24.40 -31.00
C GLY A 121 23.21 23.71 -31.95
N GLN A 122 22.17 24.41 -32.42
CA GLN A 122 21.20 23.80 -33.30
C GLN A 122 21.84 23.42 -34.63
N THR A 123 22.67 24.29 -35.17
CA THR A 123 23.34 24.07 -36.45
C THR A 123 24.83 23.88 -36.25
N THR A 124 25.51 23.42 -37.30
CA THR A 124 26.93 23.11 -37.20
C THR A 124 27.77 24.37 -36.99
N THR A 125 27.32 25.51 -37.53
CA THR A 125 28.03 26.76 -37.29
C THR A 125 27.95 27.16 -35.82
N GLY A 126 26.85 26.81 -35.15
CA GLY A 126 26.76 26.99 -33.71
C GLY A 126 27.24 25.79 -32.91
N ARG A 127 27.23 24.61 -33.53
CA ARG A 127 27.76 23.42 -32.85
C ARG A 127 29.26 23.55 -32.62
N ILE A 128 29.99 24.08 -33.59
CA ILE A 128 31.42 24.32 -33.39
C ILE A 128 31.64 25.45 -32.41
N LEU A 129 30.69 26.37 -32.29
CA LEU A 129 30.86 27.50 -31.37
C LEU A 129 30.70 27.06 -29.92
N VAL A 130 29.70 26.24 -29.62
CA VAL A 130 29.45 25.84 -28.24
C VAL A 130 30.57 24.96 -27.72
N VAL A 131 31.07 24.05 -28.57
CA VAL A 131 32.21 23.23 -28.17
C VAL A 131 33.47 24.08 -28.08
N LEU A 132 33.57 25.12 -28.92
CA LEU A 132 34.71 26.03 -28.83
C LEU A 132 34.72 26.75 -27.49
N VAL A 133 33.54 27.16 -27.00
CA VAL A 133 33.44 27.70 -25.65
C VAL A 133 33.86 26.64 -24.64
N PHE A 134 33.50 25.38 -24.89
CA PHE A 134 33.89 24.30 -23.99
C PHE A 134 35.39 24.12 -23.93
N ILE A 135 36.05 24.13 -25.09
CA ILE A 135 37.51 23.98 -25.13
C ILE A 135 38.18 25.15 -24.43
N LEU A 136 37.71 26.38 -24.69
CA LEU A 136 38.36 27.56 -24.14
C LEU A 136 38.00 27.78 -22.68
N SER A 137 36.95 27.10 -22.18
CA SER A 137 36.56 27.25 -20.79
C SER A 137 37.61 26.64 -19.86
N ILE A 138 37.98 25.38 -20.11
CA ILE A 138 39.00 24.72 -19.28
C ILE A 138 40.36 25.35 -19.52
N ALA A 139 40.63 25.77 -20.77
CA ALA A 139 41.93 26.34 -21.10
C ALA A 139 42.21 27.59 -20.28
N SER A 140 41.20 28.45 -20.10
CA SER A 140 41.40 29.69 -19.35
C SER A 140 41.79 29.42 -17.90
N LEU A 141 41.35 28.28 -17.36
CA LEU A 141 41.73 27.92 -15.99
C LEU A 141 43.21 27.58 -15.90
N ILE A 142 43.81 27.10 -17.00
CA ILE A 142 45.22 26.72 -16.97
C ILE A 142 46.10 27.95 -16.72
N ILE A 143 45.71 29.10 -17.29
CA ILE A 143 46.46 30.33 -17.04
C ILE A 143 46.40 30.72 -15.57
N TYR A 144 45.25 30.52 -14.92
CA TYR A 144 45.13 30.86 -13.50
C TYR A 144 46.08 30.04 -12.64
N PHE A 145 46.21 28.74 -12.93
CA PHE A 145 47.01 27.87 -12.07
C PHE A 145 48.48 28.27 -12.08
N VAL A 146 48.99 28.74 -13.22
CA VAL A 146 50.37 29.18 -13.27
C VAL A 146 50.50 30.60 -12.72
N ASP A 147 49.43 31.37 -12.75
CA ASP A 147 49.45 32.70 -12.15
C ASP A 147 49.40 32.61 -10.62
N ALA A 148 48.57 31.72 -10.10
CA ALA A 148 48.45 31.53 -8.65
C ALA A 148 49.69 30.88 -8.04
N SER A 149 50.56 30.29 -8.85
CA SER A 149 51.78 29.69 -8.32
C SER A 149 52.70 30.75 -7.73
N SER A 150 52.70 31.95 -8.30
CA SER A 150 53.52 33.03 -7.78
C SER A 150 53.04 33.46 -6.39
N GLU A 151 54.01 33.75 -5.52
CA GLU A 151 53.71 34.14 -4.15
C GLU A 151 53.13 35.54 -4.05
N GLU A 152 53.52 36.45 -4.96
CA GLU A 152 53.02 37.81 -4.92
C GLU A 152 51.65 37.88 -5.61
N VAL A 153 50.64 38.33 -4.87
CA VAL A 153 49.30 38.44 -5.45
C VAL A 153 49.19 39.67 -6.35
N GLU A 154 50.08 40.63 -6.19
CA GLU A 154 50.13 41.82 -7.02
C GLU A 154 51.51 41.93 -7.65
N ARG A 155 51.55 42.24 -8.95
CA ARG A 155 52.78 42.32 -9.71
C ARG A 155 52.79 43.59 -10.54
N CYS A 156 54.00 44.02 -10.91
CA CYS A 156 54.18 45.22 -11.73
C CYS A 156 55.13 44.87 -12.86
N GLN A 157 54.57 44.60 -14.05
CA GLN A 157 55.36 44.25 -15.22
C GLN A 157 54.61 44.65 -16.48
N LYS A 158 55.37 45.12 -17.46
CA LYS A 158 54.81 45.53 -18.74
C LYS A 158 54.30 44.32 -19.53
N TRP A 159 53.36 44.58 -20.45
CA TRP A 159 52.78 43.52 -21.28
C TRP A 159 53.79 42.90 -22.23
N SER A 160 54.74 43.67 -22.76
CA SER A 160 55.59 43.18 -23.85
C SER A 160 56.41 41.96 -23.43
N ASN A 161 56.90 41.94 -22.19
CA ASN A 161 57.72 40.83 -21.75
C ASN A 161 56.87 39.70 -21.19
N ASN A 162 55.69 40.01 -20.66
CA ASN A 162 54.83 38.99 -20.07
C ASN A 162 54.23 38.11 -21.16
N ILE A 163 54.27 36.80 -20.93
CA ILE A 163 53.73 35.84 -21.89
C ILE A 163 52.27 35.49 -21.58
N THR A 164 51.97 35.19 -20.32
CA THR A 164 50.63 34.74 -19.96
C THR A 164 49.59 35.82 -20.20
N GLN A 165 49.98 37.09 -20.03
CA GLN A 165 49.06 38.18 -20.32
C GLN A 165 48.63 38.18 -21.78
N GLN A 166 49.59 37.99 -22.69
CA GLN A 166 49.31 38.06 -24.12
C GLN A 166 48.30 37.00 -24.52
N ILE A 167 48.48 35.78 -23.99
CA ILE A 167 47.51 34.71 -24.21
C ILE A 167 46.15 35.11 -23.64
N ASP A 168 46.15 35.74 -22.46
CA ASP A 168 44.90 36.14 -21.82
C ASP A 168 44.12 37.16 -22.64
N LEU A 169 44.80 38.03 -23.38
CA LEU A 169 44.10 38.94 -24.29
C LEU A 169 43.35 38.17 -25.36
N ALA A 170 43.89 37.04 -25.81
CA ALA A 170 43.24 36.27 -26.87
C ALA A 170 41.96 35.62 -26.38
N PHE A 171 41.89 35.24 -25.10
CA PHE A 171 40.70 34.57 -24.57
C PHE A 171 39.58 35.56 -24.30
N ASN A 172 39.88 36.66 -23.62
CA ASN A 172 38.83 37.54 -23.12
C ASN A 172 38.08 38.23 -24.25
N ILE A 173 38.77 38.57 -25.34
CA ILE A 173 38.10 39.21 -26.47
C ILE A 173 37.09 38.27 -27.12
N PHE A 174 37.42 36.97 -27.18
CA PHE A 174 36.47 35.99 -27.69
C PHE A 174 35.26 35.86 -26.76
N PHE A 175 35.51 35.82 -25.44
CA PHE A 175 34.42 35.75 -24.48
C PHE A 175 33.63 37.06 -24.41
N MET A 176 34.26 38.18 -24.79
CA MET A 176 33.53 39.45 -24.86
C MET A 176 32.53 39.45 -26.00
N VAL A 177 32.95 39.02 -27.19
CA VAL A 177 32.03 38.97 -28.32
C VAL A 177 31.01 37.85 -28.14
N TYR A 178 31.41 36.76 -27.49
CA TYR A 178 30.47 35.68 -27.21
C TYR A 178 29.42 36.13 -26.19
N PHE A 179 29.80 37.00 -25.26
CA PHE A 179 28.84 37.56 -24.32
C PHE A 179 27.82 38.43 -25.05
N PHE A 180 28.26 39.20 -26.05
CA PHE A 180 27.34 40.02 -26.82
C PHE A 180 26.34 39.16 -27.59
N ILE A 181 26.80 38.02 -28.14
CA ILE A 181 25.91 37.13 -28.86
C ILE A 181 24.84 36.58 -27.93
N ARG A 182 25.22 36.21 -26.70
CA ARG A 182 24.25 35.73 -25.74
C ARG A 182 23.24 36.82 -25.38
N PHE A 183 23.69 38.08 -25.36
CA PHE A 183 22.78 39.18 -25.04
C PHE A 183 21.69 39.33 -26.08
N ILE A 184 22.04 39.17 -27.36
CA ILE A 184 21.06 39.30 -28.44
C ILE A 184 19.99 38.22 -28.31
N ALA A 185 20.40 36.99 -28.03
CA ALA A 185 19.46 35.88 -27.95
C ALA A 185 18.55 35.96 -26.72
N ALA A 186 18.90 36.78 -25.74
CA ALA A 186 18.10 36.87 -24.52
C ALA A 186 16.81 37.65 -24.79
N SER A 187 15.68 37.07 -24.37
CA SER A 187 14.40 37.75 -24.54
C SER A 187 14.26 38.92 -23.58
N ASP A 188 14.67 38.72 -22.32
CA ASP A 188 14.61 39.76 -21.30
C ASP A 188 16.03 40.28 -21.06
N LYS A 189 16.28 41.51 -21.48
CA LYS A 189 17.63 42.07 -21.36
C LYS A 189 17.98 42.34 -19.90
N LEU A 190 17.01 42.78 -19.11
CA LEU A 190 17.28 43.13 -17.71
C LEU A 190 17.68 41.91 -16.90
N TRP A 191 16.91 40.82 -17.03
CA TRP A 191 17.23 39.61 -16.28
C TRP A 191 18.47 38.90 -16.82
N PHE A 192 18.82 39.12 -18.09
CA PHE A 192 20.06 38.57 -18.60
C PHE A 192 21.27 39.26 -17.98
N MET A 193 21.15 40.55 -17.67
CA MET A 193 22.21 41.27 -16.98
C MET A 193 22.47 40.69 -15.59
N LEU A 194 21.46 40.10 -14.96
CA LEU A 194 21.51 39.70 -13.56
C LEU A 194 21.66 38.19 -13.39
N GLU A 195 22.31 37.54 -14.34
CA GLU A 195 22.57 36.12 -14.28
C GLU A 195 24.02 35.88 -13.86
N MET A 196 24.29 34.67 -13.38
CA MET A 196 25.61 34.37 -12.86
C MET A 196 26.66 34.44 -13.97
N TYR A 197 26.32 33.95 -15.16
CA TYR A 197 27.26 33.97 -16.27
C TYR A 197 27.56 35.41 -16.72
N SER A 198 26.60 36.30 -16.55
CA SER A 198 26.88 37.72 -16.81
C SER A 198 27.87 38.28 -15.79
N PHE A 199 27.65 37.99 -14.51
CA PHE A 199 28.53 38.49 -13.46
C PHE A 199 29.96 38.02 -13.65
N VAL A 200 30.16 36.78 -14.08
CA VAL A 200 31.51 36.21 -14.15
C VAL A 200 32.34 36.95 -15.19
N ASP A 201 31.74 37.27 -16.33
CA ASP A 201 32.47 38.05 -17.34
C ASP A 201 32.66 39.49 -16.90
N TYR A 202 31.74 40.01 -16.08
CA TYR A 202 31.89 41.38 -15.59
C TYR A 202 33.10 41.52 -14.69
N PHE A 203 33.58 40.42 -14.11
CA PHE A 203 34.70 40.44 -13.19
C PHE A 203 36.00 39.92 -13.81
N THR A 204 35.99 39.56 -15.09
CA THR A 204 37.21 39.03 -15.70
C THR A 204 37.56 39.70 -17.02
N ILE A 205 36.58 40.24 -17.75
CA ILE A 205 36.84 40.92 -19.01
C ILE A 205 37.32 42.34 -18.76
N PRO A 206 36.69 43.14 -17.90
CA PRO A 206 37.20 44.50 -17.62
C PRO A 206 38.62 44.49 -17.04
N PRO A 207 38.89 43.75 -15.95
CA PRO A 207 40.21 43.88 -15.31
C PRO A 207 41.36 43.52 -16.23
N SER A 208 41.17 42.59 -17.16
CA SER A 208 42.23 42.22 -18.08
C SER A 208 42.61 43.41 -18.97
N PHE A 209 41.61 44.16 -19.45
CA PHE A 209 41.90 45.35 -20.25
C PHE A 209 42.56 46.42 -19.40
N VAL A 210 42.15 46.54 -18.13
CA VAL A 210 42.76 47.52 -17.23
C VAL A 210 44.22 47.18 -16.97
N SER A 211 44.55 45.88 -16.93
CA SER A 211 45.93 45.48 -16.68
C SER A 211 46.88 46.03 -17.73
N ILE A 212 46.37 46.25 -18.95
CA ILE A 212 47.17 46.91 -19.98
C ILE A 212 47.43 48.36 -19.59
N TYR A 213 46.37 49.07 -19.18
CA TYR A 213 46.51 50.46 -18.76
C TYR A 213 47.35 50.57 -17.49
N LEU A 214 47.00 49.80 -16.47
CA LEU A 214 47.67 49.91 -15.18
C LEU A 214 49.08 49.33 -15.19
N ASP A 215 49.42 48.52 -16.19
CA ASP A 215 50.73 47.88 -16.31
C ASP A 215 51.02 46.99 -15.10
N ARG A 216 49.98 46.48 -14.45
CA ARG A 216 50.09 45.66 -13.25
C ARG A 216 49.35 44.35 -13.45
N THR A 217 49.70 43.37 -12.60
CA THR A 217 49.07 42.06 -12.62
C THR A 217 48.58 41.75 -11.21
N TRP A 218 47.28 41.55 -11.06
CA TRP A 218 46.68 41.22 -9.77
C TRP A 218 45.77 40.02 -9.96
N ILE A 219 45.75 39.13 -8.97
CA ILE A 219 44.90 37.94 -9.04
C ILE A 219 43.44 38.36 -9.07
N GLY A 220 43.03 39.21 -8.13
CA GLY A 220 41.68 39.70 -8.11
C GLY A 220 40.66 38.59 -7.95
N LEU A 221 39.61 38.65 -8.77
CA LEU A 221 38.52 37.68 -8.75
C LEU A 221 38.63 36.68 -9.89
N ARG A 222 39.86 36.31 -10.26
CA ARG A 222 40.10 35.49 -11.44
C ARG A 222 39.64 34.05 -11.27
N PHE A 223 39.39 33.60 -10.03
CA PHE A 223 38.92 32.24 -9.79
C PHE A 223 37.53 31.97 -10.35
N LEU A 224 36.81 33.02 -10.75
CA LEU A 224 35.47 32.85 -11.30
C LEU A 224 35.45 32.10 -12.62
N ARG A 225 36.61 31.94 -13.28
CA ARG A 225 36.65 31.16 -14.51
C ARG A 225 36.35 29.69 -14.27
N ALA A 226 36.43 29.24 -13.00
CA ALA A 226 36.04 27.88 -12.68
C ALA A 226 34.53 27.69 -12.79
N LEU A 227 33.78 28.78 -12.85
CA LEU A 227 32.33 28.69 -13.01
C LEU A 227 31.92 28.32 -14.43
N ARG A 228 32.86 28.37 -15.39
CA ARG A 228 32.60 27.79 -16.71
C ARG A 228 32.30 26.30 -16.65
N LEU A 229 32.92 25.57 -15.71
CA LEU A 229 32.83 24.11 -15.72
C LEU A 229 31.43 23.60 -15.44
N MET A 230 30.53 24.46 -14.97
CA MET A 230 29.16 24.03 -14.73
C MET A 230 28.33 24.06 -16.00
N THR A 231 28.92 24.48 -17.13
CA THR A 231 28.28 24.36 -18.44
C THR A 231 28.45 22.98 -19.05
N VAL A 232 29.36 22.16 -18.51
CA VAL A 232 29.62 20.84 -19.10
C VAL A 232 28.35 19.98 -19.21
N PRO A 233 27.53 19.83 -18.17
CA PRO A 233 26.28 19.07 -18.37
C PRO A 233 25.29 19.75 -19.29
N ASP A 234 25.46 21.06 -19.52
CA ASP A 234 24.55 21.77 -20.41
C ASP A 234 25.09 21.83 -21.83
N ILE A 235 26.38 22.15 -21.99
CA ILE A 235 26.98 22.21 -23.32
C ILE A 235 26.99 20.83 -23.97
N LEU A 236 27.40 19.81 -23.21
CA LEU A 236 27.43 18.46 -23.76
C LEU A 236 26.03 17.92 -24.00
N GLN A 237 25.03 18.45 -23.29
CA GLN A 237 23.65 18.05 -23.55
C GLN A 237 23.19 18.52 -24.92
N TYR A 238 23.66 19.70 -25.36
CA TYR A 238 23.36 20.17 -26.70
C TYR A 238 24.02 19.29 -27.76
N LEU A 239 25.08 18.58 -27.40
CA LEU A 239 25.80 17.73 -28.34
C LEU A 239 25.26 16.30 -28.38
N ASN A 240 24.18 16.02 -27.66
CA ASN A 240 23.46 14.75 -27.65
C ASN A 240 24.29 13.59 -27.10
N VAL A 241 25.34 13.86 -26.32
CA VAL A 241 26.11 12.77 -25.73
C VAL A 241 25.47 12.32 -24.42
N LEU A 242 24.67 13.18 -23.80
CA LEU A 242 23.98 12.86 -22.55
C LEU A 242 22.57 12.41 -22.88
N LYS A 243 22.39 11.10 -23.06
CA LYS A 243 21.11 10.55 -23.46
C LYS A 243 20.29 10.09 -22.26
N THR A 244 20.82 9.15 -21.49
CA THR A 244 20.07 8.60 -20.36
C THR A 244 20.03 9.60 -19.21
N SER A 245 18.98 9.51 -18.39
CA SER A 245 18.78 10.45 -17.29
C SER A 245 19.87 10.30 -16.24
N SER A 246 20.35 9.07 -16.02
CA SER A 246 21.39 8.84 -15.03
C SER A 246 22.67 9.59 -15.36
N SER A 247 23.06 9.59 -16.65
CA SER A 247 24.27 10.29 -17.05
C SER A 247 24.14 11.80 -16.86
N ILE A 248 22.97 12.36 -17.19
CA ILE A 248 22.76 13.80 -17.07
C ILE A 248 22.84 14.24 -15.62
N ARG A 249 22.19 13.50 -14.72
CA ARG A 249 22.17 13.88 -13.31
C ARG A 249 23.56 13.79 -12.70
N LEU A 250 24.27 12.69 -12.94
CA LEU A 250 25.58 12.53 -12.34
C LEU A 250 26.58 13.54 -12.89
N ALA A 251 26.46 13.87 -14.18
CA ALA A 251 27.30 14.92 -14.76
C ALA A 251 27.01 16.26 -14.10
N GLN A 252 25.73 16.56 -13.82
CA GLN A 252 25.40 17.80 -13.15
C GLN A 252 25.99 17.84 -11.74
N LEU A 253 25.85 16.75 -10.99
CA LEU A 253 26.31 16.74 -9.60
C LEU A 253 27.82 16.85 -9.51
N VAL A 254 28.54 16.14 -10.37
CA VAL A 254 30.00 16.16 -10.33
C VAL A 254 30.52 17.54 -10.72
N SER A 255 29.95 18.15 -11.76
CA SER A 255 30.44 19.44 -12.24
C SER A 255 30.28 20.53 -11.19
N ILE A 256 29.14 20.56 -10.50
CA ILE A 256 28.92 21.58 -9.48
C ILE A 256 29.91 21.42 -8.33
N PHE A 257 30.15 20.17 -7.91
CA PHE A 257 31.07 19.94 -6.80
C PHE A 257 32.48 20.39 -7.15
N ILE A 258 32.94 20.08 -8.37
CA ILE A 258 34.28 20.47 -8.79
C ILE A 258 34.40 21.99 -8.88
N SER A 259 33.39 22.64 -9.49
CA SER A 259 33.45 24.08 -9.66
C SER A 259 33.39 24.80 -8.32
N VAL A 260 32.51 24.35 -7.42
CA VAL A 260 32.44 24.96 -6.09
C VAL A 260 33.74 24.75 -5.34
N TRP A 261 34.31 23.55 -5.44
CA TRP A 261 35.58 23.27 -4.79
C TRP A 261 36.69 24.18 -5.31
N LEU A 262 36.76 24.35 -6.63
CA LEU A 262 37.83 25.15 -7.21
C LEU A 262 37.59 26.64 -7.00
N THR A 263 36.34 27.09 -7.16
CA THR A 263 36.06 28.52 -7.02
C THR A 263 36.25 28.99 -5.59
N ALA A 264 35.68 28.27 -4.62
CA ALA A 264 35.80 28.68 -3.23
C ALA A 264 37.23 28.59 -2.73
N ALA A 265 38.03 27.68 -3.29
CA ALA A 265 39.44 27.62 -2.93
C ALA A 265 40.17 28.89 -3.38
N GLY A 266 39.79 29.42 -4.55
CA GLY A 266 40.39 30.67 -5.00
C GLY A 266 40.03 31.84 -4.12
N ILE A 267 38.82 31.85 -3.57
CA ILE A 267 38.41 32.93 -2.68
C ILE A 267 39.27 32.96 -1.43
N ILE A 268 39.51 31.78 -0.84
CA ILE A 268 40.33 31.70 0.36
C ILE A 268 41.78 32.04 0.03
N HIS A 269 42.27 31.57 -1.12
CA HIS A 269 43.64 31.89 -1.53
C HIS A 269 43.85 33.38 -1.68
N LEU A 270 42.88 34.08 -2.28
CA LEU A 270 42.98 35.53 -2.42
C LEU A 270 42.85 36.22 -1.07
N LEU A 271 41.87 35.80 -0.27
CA LEU A 271 41.62 36.47 1.00
C LEU A 271 42.78 36.29 1.98
N GLU A 272 43.30 35.07 2.10
CA GLU A 272 44.35 34.81 3.07
C GLU A 272 45.65 35.51 2.69
N ASN A 273 46.01 35.48 1.41
CA ASN A 273 47.25 36.09 0.97
C ASN A 273 47.20 37.61 1.01
N SER A 274 46.05 38.20 0.64
CA SER A 274 45.95 39.66 0.62
C SER A 274 45.99 40.25 2.02
N GLY A 275 45.20 39.70 2.94
CA GLY A 275 45.14 40.21 4.29
C GLY A 275 43.96 41.14 4.52
N ASP A 276 43.97 41.75 5.71
CA ASP A 276 42.90 42.66 6.09
C ASP A 276 42.96 43.93 5.25
N PRO A 277 41.81 44.54 4.97
CA PRO A 277 41.79 45.73 4.11
C PRO A 277 42.45 46.94 4.76
N LEU A 278 43.04 47.78 3.92
CA LEU A 278 43.58 49.09 4.28
C LEU A 278 44.87 49.00 5.10
N ASP A 279 45.25 47.82 5.53
CA ASP A 279 46.55 47.65 6.16
C ASP A 279 47.37 46.54 5.53
N PHE A 280 46.75 45.40 5.21
CA PHE A 280 47.39 44.30 4.48
C PHE A 280 48.70 43.88 5.15
N ASP A 281 48.70 43.83 6.48
CA ASP A 281 49.89 43.42 7.22
C ASP A 281 49.87 41.94 7.58
N ASN A 282 48.72 41.44 8.05
CA ASN A 282 48.59 40.03 8.41
C ASN A 282 48.28 39.25 7.14
N ALA A 283 49.32 38.81 6.44
CA ALA A 283 49.19 38.07 5.20
C ALA A 283 49.60 36.62 5.43
N HIS A 284 48.62 35.73 5.46
CA HIS A 284 48.88 34.30 5.62
C HIS A 284 49.21 33.72 4.25
N ARG A 285 50.51 33.69 3.94
CA ARG A 285 50.98 33.19 2.64
C ARG A 285 50.65 31.71 2.53
N LEU A 286 49.72 31.38 1.64
CA LEU A 286 49.27 30.00 1.45
C LEU A 286 49.25 29.66 -0.03
N SER A 287 49.70 28.47 -0.37
CA SER A 287 49.66 28.01 -1.75
C SER A 287 48.22 27.71 -2.16
N TYR A 288 47.95 27.85 -3.46
CA TYR A 288 46.61 27.61 -3.96
C TYR A 288 46.19 26.15 -3.75
N TRP A 289 47.10 25.21 -4.01
CA TRP A 289 46.77 23.80 -3.83
C TRP A 289 46.65 23.45 -2.36
N THR A 290 47.35 24.17 -1.48
CA THR A 290 47.14 24.00 -0.04
C THR A 290 45.72 24.39 0.34
N CYS A 291 45.21 25.48 -0.24
CA CYS A 291 43.82 25.86 -0.01
C CYS A 291 42.87 24.79 -0.54
N VAL A 292 43.18 24.21 -1.71
CA VAL A 292 42.35 23.14 -2.25
C VAL A 292 42.31 21.97 -1.28
N TYR A 293 43.46 21.62 -0.72
CA TYR A 293 43.49 20.58 0.31
C TYR A 293 42.78 21.03 1.58
N PHE A 294 42.74 22.34 1.84
CA PHE A 294 42.08 22.84 3.03
C PHE A 294 40.57 22.66 2.98
N LEU A 295 39.97 22.93 1.81
CA LEU A 295 38.51 22.82 1.68
C LEU A 295 38.04 21.38 1.73
N ILE A 296 38.76 20.46 1.10
CA ILE A 296 38.33 19.06 1.09
C ILE A 296 38.35 18.49 2.51
N VAL A 297 39.30 18.94 3.32
CA VAL A 297 39.28 18.60 4.74
C VAL A 297 38.08 19.25 5.43
N THR A 298 37.76 20.48 5.04
CA THR A 298 36.63 21.19 5.64
C THR A 298 35.30 20.55 5.22
N MET A 299 35.14 20.25 3.93
CA MET A 299 33.89 19.66 3.47
C MET A 299 33.64 18.30 4.11
N SER A 300 34.69 17.48 4.22
CA SER A 300 34.55 16.17 4.84
C SER A 300 34.39 16.27 6.36
N THR A 301 34.40 17.48 6.92
CA THR A 301 34.26 17.73 8.35
C THR A 301 35.34 17.04 9.18
N VAL A 302 36.51 16.80 8.60
CA VAL A 302 37.61 16.22 9.36
C VAL A 302 38.28 17.28 10.22
N GLY A 303 38.65 18.41 9.62
CA GLY A 303 39.21 19.53 10.35
C GLY A 303 40.48 19.22 11.12
N TYR A 304 41.56 18.93 10.40
CA TYR A 304 42.84 18.65 11.07
C TYR A 304 43.34 19.86 11.85
N GLY A 305 43.22 21.05 11.27
CA GLY A 305 43.70 22.26 11.92
C GLY A 305 45.12 22.63 11.59
N ASP A 306 45.85 21.79 10.85
CA ASP A 306 47.20 22.15 10.41
C ASP A 306 47.17 23.37 9.51
N VAL A 307 46.18 23.43 8.62
CA VAL A 307 45.96 24.59 7.76
C VAL A 307 44.62 25.19 8.12
N TYR A 308 44.61 26.50 8.40
CA TYR A 308 43.39 27.18 8.80
C TYR A 308 43.48 28.64 8.41
N CYS A 309 42.32 29.29 8.32
CA CYS A 309 42.25 30.69 7.97
C CYS A 309 42.52 31.55 9.19
N GLU A 310 43.41 32.54 9.02
CA GLU A 310 43.78 33.44 10.11
C GLU A 310 43.27 34.86 9.93
N THR A 311 43.07 35.31 8.69
CA THR A 311 42.58 36.66 8.44
C THR A 311 41.10 36.76 8.80
N VAL A 312 40.68 37.98 9.12
CA VAL A 312 39.28 38.23 9.46
C VAL A 312 38.39 37.97 8.25
N LEU A 313 38.80 38.46 7.08
CA LEU A 313 38.00 38.26 5.88
C LEU A 313 37.94 36.77 5.50
N GLY A 314 39.05 36.06 5.64
CA GLY A 314 39.05 34.64 5.33
C GLY A 314 38.12 33.84 6.22
N ARG A 315 38.10 34.16 7.52
CA ARG A 315 37.18 33.48 8.44
C ARG A 315 35.74 33.85 8.12
N THR A 316 35.48 35.10 7.74
CA THR A 316 34.12 35.52 7.45
C THR A 316 33.55 34.76 6.26
N PHE A 317 34.33 34.60 5.19
CA PHE A 317 33.89 33.81 4.06
C PHE A 317 33.71 32.34 4.43
N LEU A 318 34.59 31.82 5.29
CA LEU A 318 34.49 30.43 5.71
C LEU A 318 33.18 30.17 6.44
N VAL A 319 32.70 31.15 7.20
CA VAL A 319 31.42 31.01 7.88
C VAL A 319 30.29 30.88 6.87
N PHE A 320 30.29 31.73 5.84
CA PHE A 320 29.29 31.63 4.79
C PHE A 320 29.43 30.34 4.01
N PHE A 321 30.66 29.90 3.76
CA PHE A 321 30.88 28.67 3.01
C PHE A 321 30.31 27.47 3.75
N LEU A 322 30.47 27.43 5.08
CA LEU A 322 29.90 26.34 5.86
C LEU A 322 28.38 26.34 5.78
N LEU A 323 27.76 27.51 5.88
CA LEU A 323 26.30 27.59 5.83
C LEU A 323 25.78 27.29 4.42
N VAL A 324 26.41 27.91 3.41
CA VAL A 324 25.96 27.70 2.03
C VAL A 324 26.22 26.27 1.59
N GLY A 325 27.36 25.71 1.98
CA GLY A 325 27.71 24.36 1.55
C GLY A 325 26.71 23.31 2.01
N LEU A 326 26.28 23.39 3.27
CA LEU A 326 25.25 22.48 3.75
C LEU A 326 23.92 22.70 3.04
N ALA A 327 23.59 23.97 2.77
CA ALA A 327 22.37 24.26 2.02
C ALA A 327 22.43 23.68 0.62
N ILE A 328 23.59 23.80 -0.04
CA ILE A 328 23.77 23.16 -1.34
C ILE A 328 23.67 21.65 -1.22
N PHE A 329 24.31 21.09 -0.19
CA PHE A 329 24.22 19.66 0.05
C PHE A 329 22.80 19.22 0.34
N ALA A 330 22.07 20.03 1.12
CA ALA A 330 20.70 19.67 1.48
C ALA A 330 19.80 19.57 0.26
N SER A 331 19.96 20.49 -0.71
CA SER A 331 19.13 20.47 -1.90
C SER A 331 19.44 19.26 -2.78
N CYS A 332 20.63 18.67 -2.62
CA CYS A 332 21.04 17.54 -3.45
C CYS A 332 20.87 16.19 -2.76
N ILE A 333 20.41 16.17 -1.51
CA ILE A 333 20.23 14.89 -0.81
C ILE A 333 19.22 13.98 -1.51
N PRO A 334 18.03 14.44 -1.90
CA PRO A 334 17.08 13.51 -2.53
C PRO A 334 17.59 12.88 -3.82
N GLU A 335 18.48 13.56 -4.54
CA GLU A 335 18.90 13.06 -5.85
C GLU A 335 20.15 12.21 -5.76
N ILE A 336 20.99 12.41 -4.73
CA ILE A 336 22.14 11.54 -4.55
C ILE A 336 21.71 10.20 -3.97
N ILE A 337 20.56 10.16 -3.30
CA ILE A 337 20.10 8.93 -2.66
C ILE A 337 19.71 7.90 -3.71
N ASP A 338 18.93 8.32 -4.72
CA ASP A 338 18.38 7.40 -5.70
C ASP A 338 19.25 7.22 -6.93
N LEU A 339 20.39 7.90 -7.01
CA LEU A 339 21.28 7.79 -8.16
C LEU A 339 22.45 6.85 -7.93
N ILE A 340 23.06 6.90 -6.74
CA ILE A 340 24.23 6.08 -6.47
C ILE A 340 23.86 4.63 -6.12
N GLY A 341 22.61 4.39 -5.73
CA GLY A 341 22.20 3.06 -5.33
C GLY A 341 21.77 2.17 -6.47
N THR A 342 22.59 2.10 -7.53
CA THR A 342 22.31 1.27 -8.68
C THR A 342 23.56 0.50 -9.06
N ARG A 343 23.36 -0.66 -9.68
CA ARG A 343 24.46 -1.51 -10.11
C ARG A 343 23.97 -2.47 -11.18
N ALA A 344 24.83 -2.71 -12.17
CA ALA A 344 24.57 -3.67 -13.25
C ALA A 344 25.66 -4.75 -13.15
N LYS A 345 25.37 -5.81 -12.40
CA LYS A 345 26.39 -6.82 -12.11
C LYS A 345 26.57 -7.80 -13.25
N TYR A 346 25.48 -8.30 -13.83
CA TYR A 346 25.54 -9.39 -14.80
C TYR A 346 25.23 -8.87 -16.20
N GLY A 347 26.01 -9.33 -17.17
CA GLY A 347 25.83 -8.92 -18.54
C GLY A 347 26.89 -9.55 -19.42
N GLY A 348 26.85 -9.18 -20.69
CA GLY A 348 27.80 -9.70 -21.66
C GLY A 348 27.29 -10.94 -22.38
N THR A 349 27.90 -11.19 -23.54
CA THR A 349 27.50 -12.32 -24.37
C THR A 349 28.29 -13.56 -24.01
N LEU A 350 27.69 -14.72 -24.26
CA LEU A 350 28.31 -16.02 -24.00
C LEU A 350 29.30 -16.32 -25.12
N LYS A 351 30.59 -16.29 -24.79
CA LYS A 351 31.65 -16.62 -25.74
C LYS A 351 32.55 -17.67 -25.12
N ASN A 352 32.66 -18.82 -25.79
CA ASN A 352 33.50 -19.93 -25.33
C ASN A 352 34.06 -20.64 -26.56
N GLU A 353 34.73 -21.77 -26.30
CA GLU A 353 35.34 -22.54 -27.38
C GLU A 353 34.30 -23.32 -28.16
N LYS A 354 34.71 -23.83 -29.30
CA LYS A 354 33.86 -24.69 -30.12
C LYS A 354 34.07 -26.16 -29.75
N GLY A 355 33.04 -26.96 -29.99
CA GLY A 355 33.09 -28.39 -29.76
C GLY A 355 32.16 -28.88 -28.67
N ARG A 356 32.10 -28.15 -27.55
CA ARG A 356 31.25 -28.54 -26.43
C ARG A 356 29.81 -28.07 -26.68
N ARG A 357 28.91 -28.61 -25.88
CA ARG A 357 27.48 -28.35 -26.03
C ARG A 357 26.90 -27.82 -24.73
N HIS A 358 25.88 -26.97 -24.86
CA HIS A 358 25.28 -26.31 -23.71
C HIS A 358 23.77 -26.20 -23.91
N ILE A 359 23.07 -25.94 -22.80
CA ILE A 359 21.63 -25.76 -22.80
C ILE A 359 21.29 -24.46 -22.08
N VAL A 360 20.11 -23.93 -22.33
CA VAL A 360 19.64 -22.69 -21.73
C VAL A 360 18.43 -22.99 -20.85
N VAL A 361 18.46 -22.50 -19.61
CA VAL A 361 17.38 -22.69 -18.65
C VAL A 361 16.81 -21.33 -18.31
N CYS A 362 15.48 -21.20 -18.41
CA CYS A 362 14.79 -19.95 -18.13
C CYS A 362 13.51 -20.25 -17.37
N GLY A 363 12.72 -19.21 -17.13
CA GLY A 363 11.46 -19.36 -16.43
C GLY A 363 11.53 -18.97 -14.97
N HIS A 364 11.23 -19.92 -14.08
CA HIS A 364 11.25 -19.69 -12.64
C HIS A 364 12.63 -20.07 -12.12
N ILE A 365 13.45 -19.06 -11.83
CA ILE A 365 14.83 -19.26 -11.39
C ILE A 365 14.92 -18.73 -9.97
N THR A 366 14.90 -19.64 -9.00
CA THR A 366 15.12 -19.29 -7.60
C THR A 366 16.25 -20.13 -7.02
N TYR A 367 16.50 -20.01 -5.73
CA TYR A 367 17.58 -20.78 -5.11
C TYR A 367 17.27 -22.28 -5.13
N GLU A 368 16.08 -22.65 -4.68
CA GLU A 368 15.69 -24.06 -4.66
C GLU A 368 15.33 -24.59 -6.04
N SER A 369 14.97 -23.72 -6.98
CA SER A 369 14.69 -24.18 -8.35
C SER A 369 15.98 -24.59 -9.05
N VAL A 370 17.07 -23.89 -8.78
CA VAL A 370 18.34 -24.20 -9.43
C VAL A 370 19.05 -25.35 -8.71
N SER A 371 19.06 -25.32 -7.38
CA SER A 371 19.75 -26.36 -6.62
C SER A 371 19.13 -27.73 -6.84
N HIS A 372 17.80 -27.80 -6.86
CA HIS A 372 17.13 -29.06 -7.14
C HIS A 372 17.42 -29.52 -8.57
N PHE A 373 17.40 -28.59 -9.53
CA PHE A 373 17.69 -28.93 -10.92
C PHE A 373 19.14 -29.39 -11.09
N LEU A 374 20.09 -28.70 -10.44
CA LEU A 374 21.50 -29.02 -10.63
C LEU A 374 21.86 -30.36 -9.98
N LYS A 375 21.24 -30.68 -8.84
CA LYS A 375 21.52 -31.95 -8.19
C LYS A 375 21.12 -33.12 -9.06
N ASP A 376 19.96 -33.04 -9.73
CA ASP A 376 19.55 -34.13 -10.60
C ASP A 376 20.30 -34.11 -11.93
N PHE A 377 20.60 -32.91 -12.44
CA PHE A 377 21.31 -32.81 -13.72
C PHE A 377 22.74 -33.33 -13.60
N LEU A 378 23.46 -32.90 -12.57
CA LEU A 378 24.84 -33.31 -12.35
C LEU A 378 24.86 -34.34 -11.23
N HIS A 379 24.68 -35.60 -11.61
CA HIS A 379 24.64 -36.71 -10.66
C HIS A 379 25.63 -37.80 -11.08
N GLU A 380 26.10 -38.53 -10.08
CA GLU A 380 27.08 -39.59 -10.32
C GLU A 380 26.50 -40.70 -11.17
N ASP A 381 25.24 -41.08 -10.90
CA ASP A 381 24.63 -42.19 -11.62
C ASP A 381 24.42 -41.87 -13.09
N ARG A 382 24.23 -40.60 -13.43
CA ARG A 382 24.06 -40.21 -14.82
C ARG A 382 25.34 -40.44 -15.61
N GLU A 383 25.19 -40.80 -16.88
CA GLU A 383 26.34 -40.98 -17.76
C GLU A 383 27.10 -39.67 -17.89
N ASP A 384 28.43 -39.76 -17.80
CA ASP A 384 29.28 -38.58 -17.78
C ASP A 384 29.33 -37.96 -19.18
N VAL A 385 28.61 -36.85 -19.36
CA VAL A 385 28.65 -36.09 -20.60
C VAL A 385 28.82 -34.61 -20.24
N ASP A 386 29.72 -33.93 -20.95
CA ASP A 386 30.05 -32.55 -20.65
C ASP A 386 29.03 -31.64 -21.31
N VAL A 387 28.02 -31.22 -20.54
CA VAL A 387 27.01 -30.29 -21.01
C VAL A 387 26.99 -29.11 -20.06
N GLU A 388 27.06 -27.90 -20.60
CA GLU A 388 27.07 -26.67 -19.82
C GLU A 388 25.63 -26.17 -19.63
N VAL A 389 25.36 -25.65 -18.44
CA VAL A 389 24.03 -25.13 -18.09
C VAL A 389 24.11 -23.61 -18.01
N VAL A 390 23.24 -22.94 -18.76
CA VAL A 390 23.20 -21.48 -18.81
C VAL A 390 21.83 -21.03 -18.31
N PHE A 391 21.84 -20.12 -17.33
CA PHE A 391 20.61 -19.58 -16.76
C PHE A 391 20.42 -18.14 -17.23
N LEU A 392 19.16 -17.79 -17.50
CA LEU A 392 18.82 -16.46 -18.00
C LEU A 392 17.55 -16.00 -17.29
N HIS A 393 17.70 -15.09 -16.33
CA HIS A 393 16.58 -14.53 -15.58
C HIS A 393 16.72 -13.01 -15.51
N ARG A 394 15.58 -12.33 -15.50
CA ARG A 394 15.56 -10.88 -15.53
C ARG A 394 15.85 -10.24 -14.17
N LYS A 395 15.93 -11.03 -13.10
CA LYS A 395 16.20 -10.52 -11.78
C LYS A 395 17.62 -10.86 -11.34
N PRO A 396 18.28 -9.97 -10.60
CA PRO A 396 19.62 -10.29 -10.09
C PRO A 396 19.55 -11.33 -8.99
N PRO A 397 20.41 -12.35 -9.04
CA PRO A 397 20.39 -13.38 -8.00
C PRO A 397 20.82 -12.82 -6.65
N ASP A 398 20.28 -13.42 -5.59
CA ASP A 398 20.66 -13.02 -4.24
C ASP A 398 22.00 -13.62 -3.85
N LEU A 399 22.40 -13.40 -2.60
CA LEU A 399 23.71 -13.84 -2.15
C LEU A 399 23.83 -15.35 -2.19
N GLU A 400 22.79 -16.06 -1.76
CA GLU A 400 22.86 -17.52 -1.71
C GLU A 400 22.94 -18.12 -3.11
N LEU A 401 22.20 -17.57 -4.06
CA LEU A 401 22.23 -18.10 -5.43
C LEU A 401 23.59 -17.87 -6.07
N GLU A 402 24.20 -16.71 -5.81
CA GLU A 402 25.51 -16.42 -6.39
C GLU A 402 26.57 -17.40 -5.87
N GLY A 403 26.49 -17.76 -4.59
CA GLY A 403 27.41 -18.75 -4.06
C GLY A 403 27.23 -20.11 -4.70
N LEU A 404 25.99 -20.47 -5.01
CA LEU A 404 25.72 -21.72 -5.70
C LEU A 404 26.36 -21.73 -7.09
N PHE A 405 26.29 -20.60 -7.80
CA PHE A 405 26.91 -20.51 -9.12
C PHE A 405 28.43 -20.62 -9.01
N LYS A 406 29.01 -20.05 -7.97
CA LYS A 406 30.47 -20.15 -7.78
C LYS A 406 30.91 -21.60 -7.59
N ARG A 407 30.14 -22.37 -6.83
CA ARG A 407 30.47 -23.78 -6.62
C ARG A 407 30.37 -24.59 -7.90
N HIS A 408 29.68 -24.08 -8.91
CA HIS A 408 29.58 -24.71 -10.22
C HIS A 408 30.11 -23.78 -11.31
N PHE A 409 31.26 -23.16 -11.04
CA PHE A 409 31.82 -22.17 -11.96
C PHE A 409 32.17 -22.77 -13.30
N THR A 410 32.73 -23.98 -13.30
CA THR A 410 33.17 -24.63 -14.53
C THR A 410 32.04 -25.29 -15.29
N THR A 411 30.82 -25.31 -14.75
CA THR A 411 29.69 -25.96 -15.40
C THR A 411 28.47 -25.07 -15.54
N VAL A 412 28.26 -24.11 -14.65
CA VAL A 412 27.05 -23.30 -14.64
C VAL A 412 27.42 -21.83 -14.75
N GLU A 413 26.73 -21.12 -15.65
CA GLU A 413 26.91 -19.68 -15.82
C GLU A 413 25.56 -19.01 -15.83
N PHE A 414 25.54 -17.74 -15.40
CA PHE A 414 24.31 -16.98 -15.28
C PHE A 414 24.42 -15.69 -16.06
N PHE A 415 23.31 -15.29 -16.68
CA PHE A 415 23.21 -14.01 -17.39
C PHE A 415 21.91 -13.33 -17.03
N GLN A 416 21.92 -12.00 -17.03
CA GLN A 416 20.74 -11.21 -16.70
C GLN A 416 20.05 -10.78 -17.99
N GLY A 417 18.78 -11.16 -18.13
CA GLY A 417 18.03 -10.81 -19.32
C GLY A 417 16.71 -11.54 -19.34
N THR A 418 15.98 -11.38 -20.44
CA THR A 418 14.68 -12.01 -20.60
C THR A 418 14.61 -12.73 -21.94
N ILE A 419 13.82 -13.79 -21.99
CA ILE A 419 13.64 -14.56 -23.22
C ILE A 419 12.93 -13.73 -24.29
N MET A 420 11.98 -12.90 -23.89
CA MET A 420 11.19 -12.11 -24.84
C MET A 420 12.02 -11.09 -25.62
N ASN A 421 13.23 -10.78 -25.16
CA ASN A 421 14.10 -9.84 -25.84
C ASN A 421 15.00 -10.59 -26.81
N PRO A 422 14.92 -10.34 -28.12
CA PRO A 422 15.82 -11.03 -29.05
C PRO A 422 17.29 -10.73 -28.83
N ILE A 423 17.60 -9.57 -28.25
CA ILE A 423 18.99 -9.23 -27.97
C ILE A 423 19.57 -10.18 -26.93
N ASP A 424 18.81 -10.47 -25.87
CA ASP A 424 19.28 -11.39 -24.84
C ASP A 424 19.37 -12.82 -25.36
N LEU A 425 18.53 -13.18 -26.32
CA LEU A 425 18.61 -14.52 -26.90
C LEU A 425 19.93 -14.75 -27.63
N GLN A 426 20.41 -13.72 -28.34
CA GLN A 426 21.69 -13.84 -29.03
C GLN A 426 22.85 -13.88 -28.05
N ARG A 427 22.72 -13.23 -26.89
CA ARG A 427 23.81 -13.20 -25.93
C ARG A 427 24.12 -14.59 -25.38
N VAL A 428 23.09 -15.38 -25.11
CA VAL A 428 23.27 -16.69 -24.48
C VAL A 428 23.38 -17.76 -25.57
N LYS A 429 23.41 -17.34 -26.83
CA LYS A 429 23.60 -18.23 -27.97
C LYS A 429 22.53 -19.32 -28.01
N VAL A 430 21.28 -18.88 -28.17
CA VAL A 430 20.15 -19.82 -28.22
C VAL A 430 20.24 -20.68 -29.48
N HIS A 431 20.68 -20.09 -30.60
CA HIS A 431 20.68 -20.81 -31.88
C HIS A 431 21.67 -21.97 -31.89
N GLU A 432 22.62 -22.01 -30.95
CA GLU A 432 23.59 -23.10 -30.88
C GLU A 432 23.36 -24.04 -29.71
N ALA A 433 22.42 -23.73 -28.83
CA ALA A 433 22.16 -24.60 -27.67
C ALA A 433 21.45 -25.88 -28.10
N ASP A 434 21.63 -26.93 -27.31
CA ASP A 434 20.95 -28.19 -27.57
C ASP A 434 19.45 -28.04 -27.38
N ALA A 435 19.05 -27.49 -26.24
CA ALA A 435 17.64 -27.34 -25.90
C ALA A 435 17.49 -26.17 -24.95
N CYS A 436 16.27 -25.63 -24.90
CA CYS A 436 15.91 -24.56 -23.98
C CYS A 436 14.87 -25.10 -23.00
N LEU A 437 15.18 -25.02 -21.71
CA LEU A 437 14.30 -25.54 -20.67
C LEU A 437 13.59 -24.38 -19.98
N VAL A 438 12.26 -24.45 -19.95
CA VAL A 438 11.43 -23.43 -19.33
C VAL A 438 10.86 -24.02 -18.04
N LEU A 439 11.24 -23.43 -16.91
CA LEU A 439 10.76 -23.89 -15.61
C LEU A 439 9.53 -23.09 -15.20
N ALA A 440 8.54 -23.78 -14.65
CA ALA A 440 7.29 -23.16 -14.24
C ALA A 440 7.26 -22.97 -12.74
N ASN A 441 6.52 -21.94 -12.30
CA ASN A 441 6.30 -21.69 -10.89
C ASN A 441 5.11 -22.55 -10.45
N LYS A 442 5.41 -23.68 -9.82
CA LYS A 442 4.36 -24.60 -9.41
C LYS A 442 3.45 -23.98 -8.36
N TYR A 443 4.01 -23.24 -7.42
CA TYR A 443 3.24 -22.62 -6.35
C TYR A 443 2.85 -21.19 -6.73
N CYS A 444 1.98 -21.09 -7.73
CA CYS A 444 1.51 -19.81 -8.24
C CYS A 444 0.04 -19.62 -7.90
N GLN A 445 -0.34 -18.39 -7.60
CA GLN A 445 -1.73 -18.09 -7.26
C GLN A 445 -2.65 -18.35 -8.44
N ASP A 446 -2.23 -17.95 -9.64
CA ASP A 446 -3.03 -18.13 -10.84
C ASP A 446 -2.29 -19.04 -11.82
N PRO A 447 -2.64 -20.32 -11.91
CA PRO A 447 -2.00 -21.20 -12.90
C PRO A 447 -2.21 -20.75 -14.34
N ASP A 448 -3.36 -20.12 -14.63
CA ASP A 448 -3.60 -19.62 -15.99
C ASP A 448 -2.60 -18.55 -16.37
N ALA A 449 -2.31 -17.62 -15.45
CA ALA A 449 -1.33 -16.58 -15.73
C ALA A 449 0.07 -17.15 -15.92
N GLU A 450 0.44 -18.13 -15.09
CA GLU A 450 1.76 -18.74 -15.21
C GLU A 450 1.92 -19.47 -16.53
N ASP A 451 0.89 -20.22 -16.93
CA ASP A 451 0.97 -20.96 -18.19
C ASP A 451 1.07 -20.02 -19.39
N ALA A 452 0.30 -18.92 -19.36
CA ALA A 452 0.33 -17.99 -20.48
C ALA A 452 1.70 -17.37 -20.66
N ALA A 453 2.36 -17.00 -19.55
CA ALA A 453 3.69 -16.43 -19.64
C ALA A 453 4.70 -17.44 -20.19
N ASN A 454 4.59 -18.70 -19.75
CA ASN A 454 5.52 -19.73 -20.22
C ASN A 454 5.32 -20.02 -21.70
N ILE A 455 4.07 -20.02 -22.16
CA ILE A 455 3.79 -20.27 -23.58
C ILE A 455 4.39 -19.16 -24.44
N MET A 456 4.30 -17.91 -23.97
CA MET A 456 4.87 -16.80 -24.72
C MET A 456 6.38 -16.90 -24.84
N ARG A 457 7.03 -17.50 -23.83
CA ARG A 457 8.48 -17.71 -23.91
C ARG A 457 8.82 -18.67 -25.05
N VAL A 458 8.03 -19.73 -25.22
CA VAL A 458 8.27 -20.68 -26.30
C VAL A 458 8.10 -20.00 -27.65
N ILE A 459 7.10 -19.12 -27.77
CA ILE A 459 6.89 -18.38 -29.00
C ILE A 459 8.10 -17.51 -29.30
N SER A 460 8.63 -16.83 -28.28
CA SER A 460 9.82 -16.00 -28.49
C SER A 460 11.03 -16.84 -28.88
N ILE A 461 11.20 -18.00 -28.25
CA ILE A 461 12.32 -18.88 -28.57
C ILE A 461 12.19 -19.39 -30.01
N LYS A 462 10.98 -19.83 -30.37
CA LYS A 462 10.77 -20.34 -31.73
C LYS A 462 10.86 -19.22 -32.76
N ASN A 463 10.50 -17.99 -32.38
CA ASN A 463 10.63 -16.86 -33.30
C ASN A 463 12.09 -16.62 -33.66
N TYR A 464 12.98 -16.70 -32.66
CA TYR A 464 14.41 -16.50 -32.94
C TYR A 464 14.95 -17.61 -33.83
N SER A 465 14.56 -18.86 -33.56
CA SER A 465 15.03 -20.00 -34.34
C SER A 465 13.96 -21.07 -34.33
N ASP A 466 13.53 -21.50 -35.51
CA ASP A 466 12.49 -22.52 -35.61
C ASP A 466 13.00 -23.91 -35.26
N ASP A 467 14.29 -24.17 -35.47
CA ASP A 467 14.90 -25.48 -35.21
C ASP A 467 15.63 -25.46 -33.86
N ILE A 468 14.86 -25.57 -32.78
CA ILE A 468 15.42 -25.62 -31.45
C ILE A 468 14.54 -26.48 -30.55
N ARG A 469 15.17 -27.32 -29.73
CA ARG A 469 14.42 -28.18 -28.81
C ARG A 469 13.96 -27.37 -27.62
N VAL A 470 12.69 -27.52 -27.26
CA VAL A 470 12.09 -26.78 -26.14
C VAL A 470 11.38 -27.78 -25.24
N ILE A 471 11.71 -27.73 -23.95
CA ILE A 471 11.04 -28.52 -22.92
C ILE A 471 10.44 -27.55 -21.91
N ILE A 472 9.13 -27.66 -21.68
CA ILE A 472 8.39 -26.69 -20.90
C ILE A 472 7.46 -27.40 -19.93
N GLN A 473 7.33 -26.83 -18.73
CA GLN A 473 6.38 -27.31 -17.74
C GLN A 473 5.07 -26.53 -17.90
N LEU A 474 3.96 -27.26 -17.97
CA LEU A 474 2.64 -26.66 -18.07
C LEU A 474 1.80 -27.05 -16.86
N MET A 475 1.16 -26.06 -16.25
CA MET A 475 0.37 -26.28 -15.05
C MET A 475 -0.97 -26.93 -15.33
N GLN A 476 -1.56 -26.69 -16.50
CA GLN A 476 -2.88 -27.20 -16.84
C GLN A 476 -2.86 -27.84 -18.22
N TYR A 477 -3.70 -28.85 -18.40
CA TYR A 477 -3.67 -29.63 -19.64
C TYR A 477 -4.32 -28.89 -20.80
N HIS A 478 -5.36 -28.11 -20.53
CA HIS A 478 -6.07 -27.42 -21.60
C HIS A 478 -5.19 -26.37 -22.29
N ASN A 479 -4.12 -25.93 -21.63
CA ASN A 479 -3.18 -25.01 -22.27
C ASN A 479 -2.19 -25.71 -23.19
N LYS A 480 -2.16 -27.04 -23.18
CA LYS A 480 -1.28 -27.76 -24.10
C LYS A 480 -1.72 -27.60 -25.54
N ALA A 481 -3.00 -27.33 -25.77
CA ALA A 481 -3.51 -27.17 -27.13
C ALA A 481 -2.88 -25.96 -27.82
N TYR A 482 -2.64 -24.89 -27.07
CA TYR A 482 -2.04 -23.69 -27.65
C TYR A 482 -0.64 -23.98 -28.18
N LEU A 483 0.15 -24.74 -27.42
CA LEU A 483 1.51 -25.07 -27.87
C LEU A 483 1.48 -25.94 -29.12
N LEU A 484 0.55 -26.88 -29.19
CA LEU A 484 0.47 -27.76 -30.36
C LEU A 484 0.07 -27.00 -31.61
N ASN A 485 -0.61 -25.86 -31.46
CA ASN A 485 -1.03 -25.06 -32.61
C ASN A 485 0.09 -24.19 -33.15
N ILE A 486 1.24 -24.13 -32.48
CA ILE A 486 2.37 -23.35 -33.00
C ILE A 486 2.91 -24.02 -34.26
N PRO A 487 3.06 -23.30 -35.37
CA PRO A 487 3.54 -23.95 -36.60
C PRO A 487 4.93 -24.56 -36.47
N SER A 488 5.82 -23.98 -35.67
CA SER A 488 7.17 -24.47 -35.52
C SER A 488 7.31 -25.57 -34.47
N TRP A 489 6.26 -25.84 -33.70
CA TRP A 489 6.31 -26.90 -32.71
C TRP A 489 6.28 -28.26 -33.40
N ASP A 490 7.17 -29.16 -32.99
CA ASP A 490 7.25 -30.49 -33.60
C ASP A 490 7.75 -31.47 -32.55
N TRP A 491 6.87 -32.35 -32.08
CA TRP A 491 7.26 -33.36 -31.10
C TRP A 491 8.26 -34.35 -31.68
N LYS A 492 8.17 -34.61 -32.99
CA LYS A 492 9.08 -35.56 -33.62
C LYS A 492 10.52 -35.09 -33.61
N GLN A 493 10.76 -33.78 -33.44
CA GLN A 493 12.10 -33.22 -33.46
C GLN A 493 12.66 -32.99 -32.06
N GLY A 494 11.98 -33.47 -31.02
CA GLY A 494 12.46 -33.35 -29.66
C GLY A 494 11.66 -32.43 -28.76
N ASP A 495 10.72 -31.66 -29.30
CA ASP A 495 9.91 -30.78 -28.47
C ASP A 495 9.01 -31.60 -27.56
N ASP A 496 9.01 -31.28 -26.27
CA ASP A 496 8.27 -32.03 -25.28
C ASP A 496 7.53 -31.09 -24.35
N VAL A 497 6.34 -31.52 -23.92
CA VAL A 497 5.54 -30.80 -22.93
C VAL A 497 5.35 -31.72 -21.74
N ILE A 498 5.78 -31.25 -20.56
CA ILE A 498 5.58 -31.99 -19.32
C ILE A 498 4.49 -31.29 -18.51
N CYS A 499 3.27 -31.80 -18.60
CA CYS A 499 2.12 -31.22 -17.91
C CYS A 499 2.04 -31.79 -16.51
N LEU A 500 2.20 -30.94 -15.50
CA LEU A 500 2.16 -31.42 -14.12
C LEU A 500 0.78 -31.94 -13.74
N ALA A 501 -0.27 -31.26 -14.21
CA ALA A 501 -1.63 -31.69 -13.87
C ALA A 501 -1.92 -33.06 -14.45
N GLU A 502 -1.51 -33.31 -15.70
CA GLU A 502 -1.74 -34.61 -16.31
C GLU A 502 -0.94 -35.70 -15.59
N LEU A 503 0.31 -35.40 -15.25
CA LEU A 503 1.17 -36.41 -14.63
C LEU A 503 0.78 -36.65 -13.17
N LYS A 504 0.44 -35.58 -12.44
CA LYS A 504 0.08 -35.75 -11.04
C LYS A 504 -1.16 -36.62 -10.87
N LEU A 505 -2.23 -36.29 -11.60
CA LEU A 505 -3.45 -37.06 -11.49
C LEU A 505 -3.32 -38.42 -12.17
N GLY A 506 -2.42 -38.54 -13.13
CA GLY A 506 -2.13 -39.85 -13.70
C GLY A 506 -1.50 -40.78 -12.70
N PHE A 507 -0.62 -40.25 -11.85
CA PHE A 507 -0.04 -41.04 -10.77
C PHE A 507 -1.10 -41.48 -9.77
N ILE A 508 -2.02 -40.57 -9.44
CA ILE A 508 -3.08 -40.90 -8.50
C ILE A 508 -4.01 -41.98 -9.07
N ALA A 509 -4.35 -41.85 -10.35
CA ALA A 509 -5.26 -42.82 -10.97
C ALA A 509 -4.66 -44.22 -10.98
N GLN A 510 -3.37 -44.33 -11.27
CA GLN A 510 -2.73 -45.63 -11.27
C GLN A 510 -2.66 -46.22 -9.86
N SER A 511 -2.62 -45.36 -8.85
CA SER A 511 -2.61 -45.83 -7.47
C SER A 511 -3.93 -46.50 -7.10
N CYS A 512 -5.03 -46.07 -7.73
CA CYS A 512 -6.31 -46.72 -7.49
C CYS A 512 -6.29 -48.18 -7.94
N LEU A 513 -5.67 -48.45 -9.09
CA LEU A 513 -5.57 -49.82 -9.58
C LEU A 513 -4.54 -50.63 -8.80
N ALA A 514 -3.52 -49.97 -8.25
CA ALA A 514 -2.49 -50.64 -7.47
C ALA A 514 -1.97 -49.65 -6.43
N PRO A 515 -2.37 -49.81 -5.16
CA PRO A 515 -1.92 -48.88 -4.13
C PRO A 515 -0.40 -48.88 -3.99
N GLY A 516 0.15 -47.68 -3.73
CA GLY A 516 1.58 -47.52 -3.62
C GLY A 516 2.31 -47.39 -4.94
N PHE A 517 1.60 -47.34 -6.06
CA PHE A 517 2.26 -47.28 -7.36
C PHE A 517 2.87 -45.90 -7.60
N SER A 518 2.25 -44.86 -7.05
CA SER A 518 2.77 -43.51 -7.27
C SER A 518 4.15 -43.33 -6.64
N THR A 519 4.36 -43.92 -5.45
CA THR A 519 5.66 -43.82 -4.80
C THR A 519 6.74 -44.51 -5.64
N MET A 520 6.44 -45.69 -6.19
CA MET A 520 7.42 -46.41 -6.98
C MET A 520 7.77 -45.65 -8.25
N MET A 521 6.76 -45.08 -8.92
CA MET A 521 7.01 -44.30 -10.13
C MET A 521 7.80 -43.04 -9.82
N ALA A 522 7.48 -42.37 -8.72
CA ALA A 522 8.18 -41.12 -8.39
C ALA A 522 9.65 -41.37 -8.10
N ASN A 523 9.97 -42.46 -7.40
CA ASN A 523 11.35 -42.75 -7.04
C ASN A 523 12.17 -43.26 -8.23
N LEU A 524 11.52 -43.77 -9.27
CA LEU A 524 12.26 -44.34 -10.40
C LEU A 524 12.87 -43.28 -11.29
N PHE A 525 12.47 -42.02 -11.17
CA PHE A 525 12.95 -40.95 -12.03
C PHE A 525 13.58 -39.82 -11.23
N ALA A 526 14.13 -40.14 -10.06
CA ALA A 526 14.90 -39.21 -9.26
C ALA A 526 16.26 -39.82 -8.99
N MET A 527 17.33 -39.11 -9.37
CA MET A 527 18.68 -39.63 -9.19
C MET A 527 19.02 -39.73 -7.72
N ARG A 528 19.16 -40.96 -7.23
CA ARG A 528 19.43 -41.19 -5.81
C ARG A 528 20.57 -42.19 -5.67
N SER A 529 21.55 -41.86 -4.85
CA SER A 529 22.65 -42.77 -4.53
C SER A 529 22.33 -43.47 -3.22
N PHE A 530 22.37 -44.80 -3.22
CA PHE A 530 21.97 -45.61 -2.08
C PHE A 530 23.21 -46.06 -1.33
N LYS A 531 23.26 -45.73 -0.03
CA LYS A 531 24.32 -46.18 0.86
C LYS A 531 23.69 -46.95 2.01
N THR A 532 24.15 -48.17 2.24
CA THR A 532 23.59 -49.00 3.29
C THR A 532 23.99 -48.48 4.67
N SER A 533 23.05 -48.58 5.61
CA SER A 533 23.28 -48.14 6.98
C SER A 533 22.71 -49.18 7.94
N PRO A 534 23.50 -49.67 8.89
CA PRO A 534 22.99 -50.72 9.79
C PRO A 534 22.21 -50.17 10.98
N ASP A 535 22.45 -48.91 11.33
CA ASP A 535 21.84 -48.30 12.52
C ASP A 535 20.49 -47.68 12.16
N MET A 536 19.61 -48.53 11.61
CA MET A 536 18.27 -48.13 11.23
C MET A 536 17.46 -49.39 10.95
N GLN A 537 16.14 -49.22 10.85
CA GLN A 537 15.24 -50.36 10.75
C GLN A 537 15.45 -51.12 9.44
N SER A 538 15.13 -52.41 9.47
CA SER A 538 15.29 -53.25 8.28
C SER A 538 14.38 -52.78 7.16
N TRP A 539 13.14 -52.40 7.49
CA TRP A 539 12.22 -51.92 6.45
C TRP A 539 12.72 -50.60 5.86
N THR A 540 13.36 -49.76 6.67
CA THR A 540 13.94 -48.54 6.15
C THR A 540 15.09 -48.84 5.19
N ASN A 541 15.93 -49.82 5.53
CA ASN A 541 17.03 -50.19 4.65
C ASN A 541 16.50 -50.78 3.35
N ASP A 542 15.47 -51.63 3.43
CA ASP A 542 14.90 -52.22 2.23
C ASP A 542 14.26 -51.16 1.34
N TYR A 543 13.56 -50.20 1.95
CA TYR A 543 12.96 -49.12 1.18
C TYR A 543 14.02 -48.25 0.50
N LEU A 544 15.09 -47.93 1.22
CA LEU A 544 16.13 -47.07 0.65
C LEU A 544 16.86 -47.75 -0.51
N ARG A 545 16.93 -49.08 -0.50
CA ARG A 545 17.52 -49.79 -1.64
C ARG A 545 16.69 -49.58 -2.89
N GLY A 546 15.36 -49.59 -2.77
CA GLY A 546 14.50 -49.37 -3.91
C GLY A 546 14.61 -47.95 -4.46
N THR A 547 14.79 -46.97 -3.57
CA THR A 547 14.89 -45.58 -4.02
C THR A 547 16.15 -45.36 -4.86
N GLY A 548 17.17 -46.20 -4.68
CA GLY A 548 18.37 -46.09 -5.49
C GLY A 548 18.18 -46.52 -6.93
N MET A 549 17.15 -47.30 -7.21
CA MET A 549 16.86 -47.71 -8.58
C MET A 549 16.39 -46.52 -9.40
N GLU A 550 16.94 -46.38 -10.60
CA GLU A 550 16.54 -45.36 -11.55
C GLU A 550 16.20 -46.01 -12.88
N MET A 551 15.99 -45.18 -13.90
CA MET A 551 15.51 -45.62 -15.19
C MET A 551 16.57 -45.33 -16.24
N TYR A 552 16.97 -46.35 -17.01
CA TYR A 552 18.06 -46.22 -17.97
C TYR A 552 17.70 -46.93 -19.26
N THR A 553 18.31 -46.45 -20.35
CA THR A 553 18.10 -47.00 -21.69
C THR A 553 19.42 -47.51 -22.25
N GLU A 554 19.42 -48.73 -22.77
CA GLU A 554 20.62 -49.33 -23.32
C GLU A 554 20.24 -50.16 -24.54
N THR A 555 21.20 -50.29 -25.47
CA THR A 555 21.02 -51.09 -26.67
C THR A 555 21.31 -52.55 -26.34
N LEU A 556 20.41 -53.44 -26.73
CA LEU A 556 20.56 -54.85 -26.43
C LEU A 556 21.72 -55.45 -27.20
N SER A 557 22.37 -56.44 -26.59
CA SER A 557 23.49 -57.13 -27.24
C SER A 557 23.00 -57.91 -28.46
N PRO A 558 23.85 -58.11 -29.46
CA PRO A 558 23.45 -58.94 -30.62
C PRO A 558 23.13 -60.37 -30.25
N THR A 559 23.57 -60.85 -29.08
CA THR A 559 23.19 -62.17 -28.61
C THR A 559 21.69 -62.30 -28.41
N PHE A 560 21.02 -61.20 -28.08
CA PHE A 560 19.57 -61.22 -27.83
C PHE A 560 18.74 -61.27 -29.10
N ILE A 561 19.36 -61.14 -30.27
CA ILE A 561 18.61 -61.11 -31.52
C ILE A 561 17.99 -62.47 -31.79
N GLY A 562 16.67 -62.47 -32.05
CA GLY A 562 15.98 -63.69 -32.39
C GLY A 562 15.07 -64.21 -31.31
N ILE A 563 15.52 -64.17 -30.07
CA ILE A 563 14.75 -64.69 -28.94
C ILE A 563 13.58 -63.73 -28.64
N PRO A 564 12.47 -64.23 -28.11
CA PRO A 564 11.36 -63.32 -27.77
C PRO A 564 11.68 -62.48 -26.55
N PHE A 565 10.80 -61.53 -26.26
CA PHE A 565 11.00 -60.64 -25.12
C PHE A 565 10.98 -61.41 -23.81
N ALA A 566 10.07 -62.38 -23.68
CA ALA A 566 9.94 -63.10 -22.42
C ALA A 566 11.22 -63.82 -22.05
N GLN A 567 11.86 -64.47 -23.02
CA GLN A 567 13.15 -65.10 -22.78
C GLN A 567 14.24 -64.05 -22.55
N ALA A 568 14.13 -62.90 -23.20
CA ALA A 568 15.16 -61.87 -23.08
C ALA A 568 15.16 -61.26 -21.67
N THR A 569 13.99 -60.87 -21.18
CA THR A 569 13.94 -60.22 -19.88
C THR A 569 14.26 -61.20 -18.75
N GLU A 570 13.91 -62.46 -18.92
CA GLU A 570 14.27 -63.47 -17.92
C GLU A 570 15.78 -63.65 -17.84
N LEU A 571 16.45 -63.66 -19.00
CA LEU A 571 17.90 -63.82 -19.02
C LEU A 571 18.60 -62.64 -18.35
N CYS A 572 18.12 -61.42 -18.60
CA CYS A 572 18.73 -60.25 -17.99
C CYS A 572 18.56 -60.25 -16.48
N PHE A 573 17.39 -60.67 -15.99
CA PHE A 573 17.17 -60.71 -14.55
C PHE A 573 18.09 -61.71 -13.87
N SER A 574 18.29 -62.88 -14.48
CA SER A 574 19.11 -63.92 -13.85
C SER A 574 20.59 -63.69 -14.09
N LYS A 575 21.01 -63.70 -15.35
CA LYS A 575 22.44 -63.61 -15.65
C LYS A 575 22.98 -62.20 -15.41
N LEU A 576 22.26 -61.19 -15.88
CA LEU A 576 22.76 -59.82 -15.82
C LEU A 576 22.27 -59.04 -14.60
N LYS A 577 21.35 -59.60 -13.82
CA LYS A 577 20.79 -58.93 -12.65
C LYS A 577 20.21 -57.57 -13.00
N LEU A 578 19.53 -57.50 -14.14
CA LEU A 578 18.90 -56.27 -14.62
C LEU A 578 17.46 -56.55 -15.01
N LEU A 579 16.59 -55.57 -14.76
CA LEU A 579 15.17 -55.68 -15.05
C LEU A 579 14.86 -54.98 -16.36
N LEU A 580 14.41 -55.74 -17.36
CA LEU A 580 14.03 -55.21 -18.66
C LEU A 580 12.51 -55.25 -18.76
N LEU A 581 11.89 -54.07 -18.91
CA LEU A 581 10.44 -53.96 -18.93
C LEU A 581 9.85 -53.42 -20.22
N ALA A 582 10.64 -52.71 -21.03
CA ALA A 582 10.11 -52.15 -22.27
C ALA A 582 11.21 -52.14 -23.32
N ILE A 583 10.78 -52.24 -24.58
CA ILE A 583 11.68 -52.18 -25.73
C ILE A 583 11.09 -51.25 -26.77
N GLU A 584 11.93 -50.77 -27.67
CA GLU A 584 11.52 -49.90 -28.76
C GLU A 584 11.47 -50.71 -30.05
N ILE A 585 10.30 -50.72 -30.70
CA ILE A 585 10.09 -51.47 -31.92
C ILE A 585 9.98 -50.48 -33.08
N LYS A 586 10.63 -50.80 -34.19
CA LYS A 586 10.63 -49.93 -35.36
C LYS A 586 9.33 -50.06 -36.15
N SER A 594 8.83 -45.12 -34.76
CA SER A 594 8.98 -46.27 -33.88
C SER A 594 7.91 -46.26 -32.79
N LYS A 595 7.84 -47.34 -32.02
CA LYS A 595 6.87 -47.47 -30.95
C LYS A 595 7.54 -48.09 -29.73
N ILE A 596 7.01 -47.76 -28.55
CA ILE A 596 7.49 -48.30 -27.29
C ILE A 596 6.43 -49.25 -26.76
N SER A 597 6.84 -50.49 -26.51
CA SER A 597 5.94 -51.54 -26.01
C SER A 597 6.42 -51.97 -24.64
N ILE A 598 5.50 -52.04 -23.68
CA ILE A 598 5.81 -52.39 -22.30
C ILE A 598 5.46 -53.87 -22.10
N ASN A 599 6.47 -54.67 -21.81
CA ASN A 599 6.33 -56.11 -21.62
C ASN A 599 5.54 -56.76 -22.76
N PRO A 600 6.05 -56.72 -23.99
CA PRO A 600 5.31 -57.31 -25.12
C PRO A 600 5.48 -58.82 -25.15
N ARG A 601 4.38 -59.52 -25.45
CA ARG A 601 4.40 -60.97 -25.58
C ARG A 601 4.54 -61.34 -27.05
N GLY A 602 5.39 -62.33 -27.33
CA GLY A 602 5.63 -62.76 -28.69
C GLY A 602 6.25 -61.68 -29.56
N ALA A 603 7.19 -60.92 -28.99
CA ALA A 603 7.87 -59.84 -29.70
C ALA A 603 9.35 -60.20 -29.79
N LYS A 604 9.77 -60.64 -30.97
CA LYS A 604 11.17 -61.04 -31.16
C LYS A 604 12.08 -59.82 -31.11
N ILE A 605 13.24 -59.99 -30.48
CA ILE A 605 14.21 -58.90 -30.38
C ILE A 605 14.91 -58.73 -31.72
N GLN A 606 14.93 -57.50 -32.21
CA GLN A 606 15.56 -57.17 -33.48
C GLN A 606 16.93 -56.55 -33.26
N ALA A 607 17.65 -56.34 -34.36
CA ALA A 607 18.98 -55.76 -34.29
C ALA A 607 18.92 -54.30 -33.85
N ASN A 608 19.88 -53.91 -33.02
CA ASN A 608 19.99 -52.54 -32.51
C ASN A 608 18.70 -52.10 -31.81
N THR A 609 18.11 -53.01 -31.03
CA THR A 609 16.90 -52.69 -30.30
C THR A 609 17.24 -51.96 -29.00
N GLN A 610 16.58 -50.83 -28.79
CA GLN A 610 16.76 -50.04 -27.58
C GLN A 610 15.94 -50.64 -26.45
N GLY A 611 16.61 -50.96 -25.35
CA GLY A 611 15.97 -51.60 -24.21
C GLY A 611 15.89 -50.65 -23.03
N PHE A 612 14.80 -50.76 -22.28
CA PHE A 612 14.58 -49.94 -21.09
C PHE A 612 14.82 -50.79 -19.85
N PHE A 613 15.71 -50.31 -18.98
CA PHE A 613 16.17 -51.07 -17.83
C PHE A 613 15.98 -50.29 -16.54
N ILE A 614 15.90 -51.04 -15.44
CA ILE A 614 15.87 -50.49 -14.09
C ILE A 614 17.11 -51.00 -13.37
N ALA A 615 17.95 -50.08 -12.89
CA ALA A 615 19.20 -50.46 -12.25
C ALA A 615 19.64 -49.37 -11.29
N GLN A 616 20.61 -49.73 -10.44
CA GLN A 616 21.13 -48.77 -9.46
C GLN A 616 21.80 -47.59 -10.14
N SER A 617 22.57 -47.85 -11.20
CA SER A 617 23.29 -46.78 -11.89
C SER A 617 23.47 -47.17 -13.36
N ALA A 618 23.94 -46.21 -14.15
CA ALA A 618 24.16 -46.43 -15.57
C ALA A 618 25.30 -47.40 -15.84
N ASP A 619 26.18 -47.63 -14.86
CA ASP A 619 27.25 -48.60 -15.04
C ASP A 619 26.70 -50.03 -15.05
N GLU A 620 25.64 -50.29 -14.30
CA GLU A 620 25.07 -51.63 -14.26
C GLU A 620 24.45 -52.04 -15.60
N VAL A 621 23.78 -51.11 -16.29
CA VAL A 621 23.14 -51.46 -17.55
C VAL A 621 24.13 -51.61 -18.69
N LYS A 622 25.39 -51.25 -18.48
CA LYS A 622 26.40 -51.46 -19.51
C LYS A 622 26.60 -52.94 -19.81
N ARG A 623 26.33 -53.81 -18.83
CA ARG A 623 26.47 -55.24 -19.02
C ARG A 623 25.50 -55.78 -20.06
N ALA A 624 24.41 -55.06 -20.35
CA ALA A 624 23.45 -55.50 -21.34
C ALA A 624 23.90 -55.21 -22.77
N TRP A 625 24.92 -54.38 -22.96
CA TRP A 625 25.39 -54.06 -24.30
C TRP A 625 26.40 -55.10 -24.78
N PHE A 626 27.41 -55.38 -23.98
CA PHE A 626 28.41 -56.40 -24.31
C PHE A 626 28.08 -57.66 -23.53
N TYR A 627 27.79 -58.75 -24.26
CA TYR A 627 27.41 -60.01 -23.66
C TYR A 627 27.34 -61.06 -24.75
N CYS A 628 27.70 -62.29 -24.41
CA CYS A 628 27.63 -63.41 -25.33
C CYS A 628 27.53 -64.70 -24.54
N LYS A 629 27.63 -65.82 -25.25
CA LYS A 629 27.57 -67.12 -24.59
C LYS A 629 28.73 -67.32 -23.62
N ALA A 630 29.94 -66.91 -24.01
CA ALA A 630 31.11 -67.05 -23.16
C ALA A 630 31.07 -66.07 -22.00
N MET A 778 -20.85 -47.11 -31.18
CA MET A 778 -19.56 -46.62 -30.68
C MET A 778 -19.34 -47.01 -29.23
N LYS A 779 -18.48 -48.01 -29.01
CA LYS A 779 -18.13 -48.44 -27.67
C LYS A 779 -16.82 -47.86 -27.18
N TYR A 780 -15.95 -47.40 -28.07
CA TYR A 780 -14.65 -46.86 -27.72
C TYR A 780 -14.44 -45.54 -28.47
N ASP A 781 -13.27 -44.96 -28.28
CA ASP A 781 -12.92 -43.70 -28.91
C ASP A 781 -12.39 -43.94 -30.33
N SER A 782 -11.90 -42.87 -30.97
CA SER A 782 -11.37 -43.00 -32.31
C SER A 782 -10.14 -43.89 -32.35
N THR A 783 -9.24 -43.74 -31.36
CA THR A 783 -8.06 -44.58 -31.29
C THR A 783 -8.35 -45.97 -30.75
N GLY A 784 -9.54 -46.19 -30.18
CA GLY A 784 -9.88 -47.49 -29.63
C GLY A 784 -9.04 -47.87 -28.42
N MET A 785 -8.71 -46.90 -27.58
CA MET A 785 -7.91 -47.17 -26.39
C MET A 785 -8.59 -46.71 -25.10
N PHE A 786 -9.81 -46.17 -25.18
CA PHE A 786 -10.58 -45.80 -24.00
C PHE A 786 -12.04 -46.12 -24.25
N HIS A 787 -12.75 -46.49 -23.18
CA HIS A 787 -14.18 -46.75 -23.28
C HIS A 787 -14.93 -45.45 -23.53
N TRP A 788 -16.08 -45.55 -24.18
CA TRP A 788 -16.84 -44.39 -24.62
C TRP A 788 -18.29 -44.51 -24.20
N SER A 789 -18.93 -43.37 -24.01
CA SER A 789 -20.33 -43.24 -23.65
C SER A 789 -20.98 -42.18 -24.53
N PRO A 790 -22.30 -42.28 -24.76
CA PRO A 790 -23.00 -41.33 -25.65
C PRO A 790 -23.32 -39.99 -25.01
N ALA A 791 -22.32 -39.39 -24.36
CA ALA A 791 -22.38 -38.02 -23.85
C ALA A 791 -23.55 -37.82 -22.89
N LYS A 792 -23.46 -38.53 -21.77
CA LYS A 792 -24.44 -38.37 -20.70
C LYS A 792 -24.35 -36.98 -20.08
N SER A 793 -25.50 -36.44 -19.69
CA SER A 793 -25.60 -35.12 -19.10
C SER A 793 -25.22 -35.18 -17.62
N LEU A 794 -24.88 -34.00 -17.07
CA LEU A 794 -24.49 -33.92 -15.67
C LEU A 794 -25.64 -34.26 -14.74
N GLU A 795 -26.84 -33.76 -15.04
CA GLU A 795 -27.98 -33.98 -14.16
C GLU A 795 -28.35 -35.45 -14.06
N ASP A 796 -28.03 -36.24 -15.09
CA ASP A 796 -28.28 -37.68 -15.03
C ASP A 796 -27.32 -38.40 -14.10
N CYS A 797 -26.25 -37.74 -13.65
CA CYS A 797 -25.27 -38.36 -12.77
C CYS A 797 -25.27 -37.78 -11.36
N ILE A 798 -25.94 -36.64 -11.13
CA ILE A 798 -25.98 -36.07 -9.79
C ILE A 798 -26.79 -36.97 -8.87
N LEU A 799 -26.21 -37.29 -7.71
CA LEU A 799 -26.83 -38.19 -6.75
C LEU A 799 -27.11 -37.45 -5.45
N ASP A 800 -28.19 -37.85 -4.80
CA ASP A 800 -28.59 -37.33 -3.50
C ASP A 800 -28.29 -38.36 -2.43
N ARG A 801 -28.40 -37.94 -1.16
CA ARG A 801 -28.11 -38.85 -0.06
C ARG A 801 -29.06 -40.04 -0.05
N ASN A 802 -30.35 -39.81 -0.34
CA ASN A 802 -31.32 -40.89 -0.31
C ASN A 802 -31.04 -41.91 -1.41
N GLN A 803 -30.69 -41.45 -2.61
CA GLN A 803 -30.52 -42.37 -3.73
C GLN A 803 -29.08 -42.87 -3.85
N ALA A 804 -28.12 -42.20 -3.21
CA ALA A 804 -26.77 -42.76 -3.16
C ALA A 804 -26.70 -43.92 -2.17
N ALA A 805 -27.58 -43.92 -1.17
CA ALA A 805 -27.59 -44.99 -0.18
C ALA A 805 -28.12 -46.29 -0.76
N MET A 806 -29.18 -46.23 -1.58
CA MET A 806 -29.74 -47.44 -2.15
C MET A 806 -28.80 -48.05 -3.18
N THR A 807 -28.02 -47.22 -3.86
CA THR A 807 -27.03 -47.72 -4.79
C THR A 807 -25.90 -48.42 -4.03
N VAL A 808 -25.59 -49.65 -4.44
CA VAL A 808 -24.55 -50.43 -3.79
C VAL A 808 -23.25 -50.16 -4.55
N LEU A 809 -22.33 -49.46 -3.88
CA LEU A 809 -21.04 -49.12 -4.46
C LEU A 809 -19.97 -49.96 -3.77
N ASN A 810 -19.46 -50.96 -4.48
CA ASN A 810 -18.45 -51.87 -3.95
C ASN A 810 -17.23 -51.87 -4.85
N GLY A 811 -16.05 -51.72 -4.25
CA GLY A 811 -14.84 -51.65 -5.03
C GLY A 811 -14.73 -50.44 -5.92
N HIS A 812 -15.46 -49.37 -5.61
CA HIS A 812 -15.47 -48.17 -6.43
C HIS A 812 -14.33 -47.23 -5.99
N VAL A 813 -14.27 -46.07 -6.63
CA VAL A 813 -13.26 -45.06 -6.34
C VAL A 813 -13.98 -43.78 -5.94
N VAL A 814 -13.62 -43.24 -4.78
CA VAL A 814 -14.22 -42.01 -4.26
C VAL A 814 -13.21 -40.89 -4.40
N VAL A 815 -13.62 -39.80 -5.06
CA VAL A 815 -12.77 -38.64 -5.29
C VAL A 815 -13.29 -37.52 -4.40
N CYS A 816 -12.56 -37.22 -3.33
CA CYS A 816 -12.91 -36.13 -2.43
C CYS A 816 -12.28 -34.85 -2.96
N LEU A 817 -13.12 -33.92 -3.39
CA LEU A 817 -12.66 -32.70 -4.06
C LEU A 817 -13.00 -31.48 -3.20
N PHE A 818 -12.00 -30.67 -2.90
CA PHE A 818 -12.19 -29.38 -2.26
C PHE A 818 -11.99 -28.29 -3.29
N ALA A 819 -13.06 -27.59 -3.63
CA ALA A 819 -12.97 -26.57 -4.67
C ALA A 819 -14.11 -25.58 -4.52
N ASP A 820 -13.78 -24.29 -4.60
CA ASP A 820 -14.78 -23.24 -4.68
C ASP A 820 -15.38 -23.18 -6.09
N PRO A 821 -16.54 -22.55 -6.26
CA PRO A 821 -17.13 -22.45 -7.60
C PRO A 821 -16.25 -21.72 -8.60
N ASP A 822 -15.38 -20.82 -8.15
CA ASP A 822 -14.48 -20.09 -9.02
C ASP A 822 -13.04 -20.58 -8.96
N SER A 823 -12.80 -21.76 -8.39
CA SER A 823 -11.45 -22.30 -8.30
C SER A 823 -10.91 -22.62 -9.69
N PRO A 824 -9.60 -22.49 -9.89
CA PRO A 824 -9.02 -22.82 -11.20
C PRO A 824 -9.27 -24.28 -11.54
N LEU A 825 -9.53 -24.53 -12.83
CA LEU A 825 -9.89 -25.86 -13.27
C LEU A 825 -8.70 -26.81 -13.16
N ILE A 826 -8.96 -28.01 -12.67
CA ILE A 826 -7.98 -29.08 -12.61
C ILE A 826 -8.41 -30.18 -13.55
N GLY A 827 -7.43 -30.93 -14.04
CA GLY A 827 -7.71 -31.95 -15.04
C GLY A 827 -8.31 -33.21 -14.50
N LEU A 828 -9.56 -33.15 -14.02
CA LEU A 828 -10.25 -34.35 -13.57
C LEU A 828 -10.38 -35.37 -14.70
N ARG A 829 -10.34 -34.91 -15.94
CA ARG A 829 -10.30 -35.84 -17.08
C ARG A 829 -9.03 -36.68 -17.05
N ASN A 830 -7.91 -36.10 -16.64
CA ASN A 830 -6.65 -36.85 -16.56
C ASN A 830 -6.68 -37.90 -15.46
N LEU A 831 -7.67 -37.85 -14.56
CA LEU A 831 -7.80 -38.82 -13.49
C LEU A 831 -8.74 -39.96 -13.83
N VAL A 832 -9.74 -39.73 -14.67
CA VAL A 832 -10.76 -40.72 -14.98
C VAL A 832 -10.36 -41.57 -16.18
N MET A 833 -9.81 -40.97 -17.23
CA MET A 833 -9.44 -41.73 -18.41
C MET A 833 -8.46 -42.88 -18.13
N PRO A 834 -7.42 -42.73 -17.31
CA PRO A 834 -6.59 -43.91 -16.99
C PRO A 834 -7.38 -45.04 -16.36
N LEU A 835 -8.47 -44.73 -15.66
CA LEU A 835 -9.36 -45.76 -15.13
C LEU A 835 -10.37 -46.26 -16.16
N ARG A 836 -10.43 -45.63 -17.33
CA ARG A 836 -11.37 -46.00 -18.38
C ARG A 836 -10.66 -46.52 -19.63
N ALA A 837 -9.43 -47.02 -19.49
CA ALA A 837 -8.70 -47.51 -20.65
C ALA A 837 -9.36 -48.77 -21.19
N SER A 838 -9.23 -48.97 -22.51
CA SER A 838 -9.79 -50.14 -23.16
C SER A 838 -9.12 -51.43 -22.75
N ASN A 839 -7.95 -51.37 -22.10
CA ASN A 839 -7.28 -52.56 -21.62
C ASN A 839 -8.06 -53.24 -20.48
N PHE A 840 -9.04 -52.55 -19.90
CA PHE A 840 -9.90 -53.13 -18.87
C PHE A 840 -11.20 -53.58 -19.49
N HIS A 841 -11.70 -54.73 -19.05
CA HIS A 841 -13.03 -55.17 -19.47
C HIS A 841 -14.09 -54.25 -18.87
N TYR A 842 -15.24 -54.17 -19.54
CA TYR A 842 -16.29 -53.27 -19.08
C TYR A 842 -16.84 -53.72 -17.72
N HIS A 843 -16.89 -55.02 -17.46
CA HIS A 843 -17.41 -55.51 -16.19
C HIS A 843 -16.43 -55.25 -15.05
N GLU A 844 -15.14 -55.18 -15.35
CA GLU A 844 -14.12 -54.94 -14.32
C GLU A 844 -13.81 -53.47 -14.11
N LEU A 845 -14.53 -52.57 -14.78
CA LEU A 845 -14.34 -51.15 -14.56
C LEU A 845 -14.74 -50.76 -13.14
N LYS A 846 -14.11 -49.71 -12.63
CA LYS A 846 -14.35 -49.22 -11.29
C LYS A 846 -15.22 -47.96 -11.36
N HIS A 847 -16.34 -47.97 -10.64
CA HIS A 847 -17.21 -46.81 -10.59
C HIS A 847 -16.50 -45.65 -9.91
N VAL A 848 -16.69 -44.46 -10.46
CA VAL A 848 -16.06 -43.23 -9.96
C VAL A 848 -17.14 -42.35 -9.37
N VAL A 849 -16.98 -42.00 -8.09
CA VAL A 849 -17.90 -41.11 -7.39
C VAL A 849 -17.11 -39.88 -6.98
N ILE A 850 -17.59 -38.70 -7.39
CA ILE A 850 -16.94 -37.43 -7.09
C ILE A 850 -17.79 -36.68 -6.09
N VAL A 851 -17.23 -36.42 -4.91
CA VAL A 851 -17.91 -35.70 -3.85
C VAL A 851 -17.36 -34.28 -3.84
N GLY A 852 -18.22 -33.32 -4.17
CA GLY A 852 -17.80 -31.94 -4.25
C GLY A 852 -18.93 -31.07 -4.76
N SER A 853 -18.60 -29.80 -4.96
CA SER A 853 -19.57 -28.84 -5.45
C SER A 853 -19.77 -28.98 -6.95
N VAL A 854 -21.02 -29.23 -7.35
CA VAL A 854 -21.33 -29.33 -8.78
C VAL A 854 -21.12 -27.98 -9.48
N ASP A 855 -21.22 -26.87 -8.75
CA ASP A 855 -20.92 -25.57 -9.35
C ASP A 855 -19.49 -25.53 -9.90
N TYR A 856 -18.59 -26.32 -9.33
CA TYR A 856 -17.26 -26.47 -9.88
C TYR A 856 -17.17 -27.63 -10.87
N ILE A 857 -17.84 -28.75 -10.57
CA ILE A 857 -17.80 -29.91 -11.46
C ILE A 857 -18.53 -29.61 -12.77
N ARG A 858 -19.50 -28.69 -12.74
CA ARG A 858 -20.20 -28.33 -13.96
C ARG A 858 -19.25 -27.74 -15.00
N ARG A 859 -18.29 -26.94 -14.55
CA ARG A 859 -17.31 -26.37 -15.47
C ARG A 859 -16.42 -27.42 -16.10
N GLU A 860 -16.22 -28.56 -15.43
CA GLU A 860 -15.36 -29.61 -15.93
C GLU A 860 -16.11 -30.81 -16.49
N TRP A 861 -17.45 -30.72 -16.59
CA TRP A 861 -18.22 -31.85 -17.10
C TRP A 861 -18.08 -32.03 -18.60
N LYS A 862 -17.62 -31.00 -19.31
CA LYS A 862 -17.50 -31.10 -20.77
C LYS A 862 -16.60 -32.26 -21.16
N MET A 863 -15.53 -32.47 -20.41
CA MET A 863 -14.55 -33.51 -20.72
C MET A 863 -14.90 -34.86 -20.10
N LEU A 864 -16.01 -34.95 -19.36
CA LEU A 864 -16.42 -36.18 -18.69
C LEU A 864 -17.74 -36.75 -19.19
N GLN A 865 -18.33 -36.16 -20.25
CA GLN A 865 -19.62 -36.66 -20.74
C GLN A 865 -19.49 -38.07 -21.29
N ASN A 866 -18.43 -38.35 -22.03
CA ASN A 866 -18.29 -39.61 -22.75
C ASN A 866 -17.51 -40.66 -21.97
N LEU A 867 -17.50 -40.59 -20.65
CA LEU A 867 -16.81 -41.57 -19.81
C LEU A 867 -17.82 -42.34 -18.98
N PRO A 868 -17.92 -43.65 -19.13
CA PRO A 868 -18.94 -44.41 -18.42
C PRO A 868 -18.68 -44.51 -16.93
N LYS A 869 -19.77 -44.72 -16.19
CA LYS A 869 -19.73 -45.00 -14.75
C LYS A 869 -19.06 -43.86 -13.97
N ILE A 870 -19.69 -42.68 -14.04
CA ILE A 870 -19.28 -41.52 -13.28
C ILE A 870 -20.47 -41.00 -12.49
N SER A 871 -20.28 -40.77 -11.19
CA SER A 871 -21.34 -40.29 -10.31
C SER A 871 -20.89 -39.01 -9.62
N VAL A 872 -21.85 -38.13 -9.38
CA VAL A 872 -21.59 -36.84 -8.75
C VAL A 872 -22.52 -36.68 -7.54
N LEU A 873 -21.96 -36.21 -6.43
CA LEU A 873 -22.74 -35.98 -5.22
C LEU A 873 -22.42 -34.58 -4.72
N ASN A 874 -23.46 -33.74 -4.62
CA ASN A 874 -23.31 -32.41 -4.04
C ASN A 874 -23.11 -32.50 -2.54
N GLY A 875 -22.01 -31.95 -2.03
CA GLY A 875 -21.75 -31.95 -0.61
C GLY A 875 -20.34 -31.56 -0.24
N SER A 876 -19.87 -32.04 0.91
CA SER A 876 -18.53 -31.77 1.37
C SER A 876 -17.91 -33.08 1.84
N PRO A 877 -16.68 -33.39 1.41
CA PRO A 877 -16.03 -34.62 1.88
C PRO A 877 -15.75 -34.63 3.37
N LEU A 878 -15.77 -33.47 4.04
CA LEU A 878 -15.58 -33.40 5.48
C LEU A 878 -16.80 -33.85 6.26
N SER A 879 -17.94 -34.06 5.61
CA SER A 879 -19.16 -34.48 6.27
C SER A 879 -19.20 -36.00 6.35
N ARG A 880 -19.46 -36.52 7.55
CA ARG A 880 -19.53 -37.96 7.73
C ARG A 880 -20.76 -38.56 7.04
N ALA A 881 -21.84 -37.79 6.93
CA ALA A 881 -23.04 -38.30 6.27
C ALA A 881 -22.79 -38.59 4.79
N ASP A 882 -22.09 -37.67 4.11
CA ASP A 882 -21.79 -37.89 2.69
C ASP A 882 -20.87 -39.08 2.50
N LEU A 883 -19.87 -39.23 3.37
CA LEU A 883 -18.93 -40.35 3.25
C LEU A 883 -19.63 -41.68 3.48
N ARG A 884 -20.55 -41.73 4.45
CA ARG A 884 -21.31 -42.95 4.68
C ARG A 884 -22.28 -43.25 3.53
N ALA A 885 -22.74 -42.21 2.84
CA ALA A 885 -23.67 -42.40 1.73
C ALA A 885 -23.01 -42.98 0.49
N VAL A 886 -21.68 -42.95 0.40
CA VAL A 886 -20.95 -43.48 -0.75
C VAL A 886 -20.15 -44.71 -0.40
N ASN A 887 -20.26 -45.20 0.84
CA ASN A 887 -19.58 -46.41 1.31
C ASN A 887 -18.06 -46.29 1.13
N VAL A 888 -17.48 -45.34 1.87
CA VAL A 888 -16.03 -45.15 1.82
C VAL A 888 -15.31 -46.37 2.39
N ASN A 889 -15.96 -47.13 3.26
CA ASN A 889 -15.36 -48.34 3.81
C ASN A 889 -15.24 -49.44 2.77
N LEU A 890 -16.00 -49.36 1.68
CA LEU A 890 -15.97 -50.37 0.64
C LEU A 890 -15.22 -49.93 -0.63
N CYS A 891 -14.76 -48.68 -0.68
CA CYS A 891 -14.08 -48.19 -1.87
C CYS A 891 -12.68 -48.80 -1.97
N ASP A 892 -12.17 -48.84 -3.21
CA ASP A 892 -10.83 -49.36 -3.46
C ASP A 892 -9.75 -48.32 -3.24
N MET A 893 -10.08 -47.02 -3.35
CA MET A 893 -9.14 -45.95 -3.12
C MET A 893 -9.89 -44.65 -2.96
N CYS A 894 -9.50 -43.87 -1.96
CA CYS A 894 -10.09 -42.56 -1.70
C CYS A 894 -9.04 -41.50 -2.00
N CYS A 895 -9.38 -40.56 -2.87
CA CYS A 895 -8.47 -39.50 -3.30
C CYS A 895 -8.96 -38.17 -2.75
N ILE A 896 -8.10 -37.48 -2.01
CA ILE A 896 -8.40 -36.17 -1.44
C ILE A 896 -7.67 -35.15 -2.31
N LEU A 897 -8.41 -34.44 -3.14
CA LEU A 897 -7.87 -33.43 -4.04
C LEU A 897 -8.40 -32.06 -3.65
N SER A 898 -7.54 -31.05 -3.75
CA SER A 898 -7.90 -29.67 -3.43
C SER A 898 -7.57 -28.78 -4.61
N ALA A 899 -8.58 -28.09 -5.13
CA ALA A 899 -8.39 -27.14 -6.22
C ALA A 899 -8.43 -25.69 -5.75
N LYS A 900 -8.59 -25.46 -4.45
CA LYS A 900 -8.64 -24.10 -3.93
C LYS A 900 -7.27 -23.45 -3.98
N VAL A 901 -7.25 -22.16 -4.30
CA VAL A 901 -6.00 -21.40 -4.35
C VAL A 901 -5.47 -21.21 -2.94
N PRO A 902 -4.18 -21.45 -2.69
CA PRO A 902 -3.61 -21.16 -1.38
C PRO A 902 -3.69 -19.67 -1.07
N SER A 903 -3.96 -19.36 0.21
CA SER A 903 -4.05 -17.97 0.62
C SER A 903 -2.67 -17.35 0.88
N ASN A 904 -1.62 -18.17 0.94
CA ASN A 904 -0.24 -17.74 1.17
C ASN A 904 -0.06 -17.08 2.53
N ASP A 905 -1.07 -17.12 3.39
CA ASP A 905 -0.95 -16.53 4.72
C ASP A 905 0.07 -17.30 5.57
N ASP A 906 0.06 -18.63 5.49
CA ASP A 906 0.98 -19.46 6.23
C ASP A 906 1.09 -20.80 5.52
N PRO A 907 2.30 -21.29 5.26
CA PRO A 907 2.42 -22.60 4.59
C PRO A 907 1.80 -23.74 5.36
N THR A 908 1.81 -23.68 6.70
CA THR A 908 1.22 -24.74 7.51
C THR A 908 -0.30 -24.75 7.43
N LEU A 909 -0.91 -23.66 6.97
CA LEU A 909 -2.36 -23.57 6.82
C LEU A 909 -2.81 -23.82 5.39
N ALA A 910 -1.92 -24.28 4.51
CA ALA A 910 -2.29 -24.50 3.12
C ALA A 910 -3.10 -25.77 2.95
N ASP A 911 -2.90 -26.77 3.79
CA ASP A 911 -3.55 -28.06 3.66
C ASP A 911 -4.40 -28.40 4.88
N LYS A 912 -5.15 -27.42 5.38
CA LYS A 912 -6.03 -27.66 6.52
C LYS A 912 -7.14 -28.63 6.16
N GLU A 913 -7.80 -28.41 5.01
CA GLU A 913 -8.90 -29.27 4.61
C GLU A 913 -8.41 -30.66 4.25
N ALA A 914 -7.28 -30.77 3.56
CA ALA A 914 -6.77 -32.08 3.18
C ALA A 914 -6.38 -32.90 4.39
N ILE A 915 -5.72 -32.28 5.37
CA ILE A 915 -5.33 -33.00 6.58
C ILE A 915 -6.56 -33.37 7.41
N LEU A 916 -7.51 -32.44 7.54
CA LEU A 916 -8.72 -32.72 8.31
C LEU A 916 -9.53 -33.84 7.69
N ALA A 917 -9.64 -33.86 6.36
CA ALA A 917 -10.39 -34.91 5.69
C ALA A 917 -9.73 -36.27 5.91
N SER A 918 -8.40 -36.33 5.83
CA SER A 918 -7.69 -37.59 6.08
C SER A 918 -7.90 -38.07 7.51
N LEU A 919 -7.82 -37.15 8.48
CA LEU A 919 -8.03 -37.53 9.87
C LEU A 919 -9.49 -37.90 10.13
N ASN A 920 -10.42 -37.23 9.46
CA ASN A 920 -11.84 -37.53 9.65
C ASN A 920 -12.16 -38.96 9.24
N ILE A 921 -11.71 -39.37 8.05
CA ILE A 921 -11.99 -40.72 7.57
C ILE A 921 -11.26 -41.75 8.42
N LYS A 922 -10.05 -41.42 8.88
CA LYS A 922 -9.24 -42.39 9.62
C LYS A 922 -9.87 -42.75 10.96
N ALA A 923 -10.72 -41.88 11.50
CA ALA A 923 -11.36 -42.13 12.79
C ALA A 923 -12.79 -42.63 12.67
N MET A 924 -13.32 -42.75 11.45
CA MET A 924 -14.68 -43.22 11.26
C MET A 924 -14.80 -44.71 11.58
N THR A 925 -15.99 -45.10 12.06
CA THR A 925 -16.30 -46.49 12.32
C THR A 925 -17.60 -46.85 11.62
N PHE A 926 -17.69 -48.11 11.18
CA PHE A 926 -18.82 -48.58 10.41
C PHE A 926 -19.39 -49.85 11.03
N ASP A 927 -20.68 -50.07 10.82
CA ASP A 927 -21.36 -51.24 11.35
C ASP A 927 -20.88 -52.52 10.67
N VAL A 959 -14.91 -51.81 8.31
CA VAL A 959 -15.39 -51.68 9.68
C VAL A 959 -14.47 -50.73 10.45
N TYR A 960 -13.25 -50.55 9.96
CA TYR A 960 -12.26 -49.70 10.58
C TYR A 960 -11.93 -48.55 9.63
N GLY A 961 -11.94 -47.32 10.15
CA GLY A 961 -11.62 -46.18 9.31
C GLY A 961 -10.17 -46.18 8.85
N ALA A 962 -9.25 -46.63 9.70
CA ALA A 962 -7.84 -46.68 9.34
C ALA A 962 -7.56 -47.69 8.23
N ASN A 963 -8.47 -48.62 7.97
CA ASN A 963 -8.30 -49.60 6.90
C ASN A 963 -8.73 -49.08 5.54
N VAL A 964 -9.29 -47.88 5.47
CA VAL A 964 -9.71 -47.29 4.20
C VAL A 964 -8.47 -46.82 3.45
N PRO A 965 -8.22 -47.33 2.24
CA PRO A 965 -7.05 -46.89 1.48
C PRO A 965 -7.25 -45.48 0.92
N MET A 966 -6.36 -44.57 1.31
CA MET A 966 -6.43 -43.19 0.88
C MET A 966 -5.08 -42.73 0.37
N ILE A 967 -5.11 -41.81 -0.60
CA ILE A 967 -3.92 -41.12 -1.07
C ILE A 967 -4.26 -39.63 -1.11
N THR A 968 -3.40 -38.80 -0.54
CA THR A 968 -3.64 -37.36 -0.43
C THR A 968 -2.50 -36.61 -1.11
N GLU A 969 -2.86 -35.69 -2.01
CA GLU A 969 -1.89 -34.82 -2.66
C GLU A 969 -1.75 -33.55 -1.82
N LEU A 970 -0.51 -33.16 -1.55
CA LEU A 970 -0.22 -32.06 -0.65
C LEU A 970 0.31 -30.85 -1.42
N VAL A 971 -0.26 -29.68 -1.14
CA VAL A 971 0.25 -28.45 -1.72
C VAL A 971 1.63 -28.13 -1.16
N ASN A 972 1.82 -28.34 0.13
CA ASN A 972 3.09 -28.07 0.80
C ASN A 972 3.74 -29.39 1.21
N ASP A 973 5.06 -29.49 0.98
CA ASP A 973 5.78 -30.70 1.36
C ASP A 973 5.89 -30.85 2.87
N GLY A 974 5.94 -29.72 3.61
CA GLY A 974 6.13 -29.77 5.04
C GLY A 974 4.90 -30.22 5.81
N ASN A 975 3.75 -30.32 5.16
CA ASN A 975 2.53 -30.76 5.82
C ASN A 975 2.40 -32.27 5.86
N VAL A 976 3.35 -33.01 5.29
CA VAL A 976 3.29 -34.47 5.33
C VAL A 976 3.48 -35.01 6.74
N GLN A 977 4.01 -34.20 7.65
CA GLN A 977 4.23 -34.66 9.03
C GLN A 977 2.92 -34.92 9.75
N PHE A 978 1.86 -34.20 9.39
CA PHE A 978 0.58 -34.35 10.07
C PHE A 978 -0.27 -35.49 9.52
N LEU A 979 0.12 -36.09 8.39
CA LEU A 979 -0.67 -37.17 7.81
C LEU A 979 -0.68 -38.40 8.69
N ASP A 980 0.47 -38.74 9.28
CA ASP A 980 0.61 -39.92 10.12
C ASP A 980 1.05 -39.51 11.52
N GLN A 981 0.63 -40.28 12.50
CA GLN A 981 0.91 -39.98 13.90
C GLN A 981 1.97 -40.87 14.51
N ASP A 982 2.13 -42.10 14.03
CA ASP A 982 3.08 -43.05 14.62
C ASP A 982 4.44 -42.96 13.91
N ASP A 983 4.99 -41.75 13.88
CA ASP A 983 6.30 -41.53 13.28
C ASP A 983 6.92 -40.30 13.91
N ASP A 984 8.24 -40.18 13.75
CA ASP A 984 9.00 -39.04 14.24
C ASP A 984 9.18 -38.05 13.10
N ASP A 985 8.68 -36.84 13.27
CA ASP A 985 8.71 -35.84 12.22
C ASP A 985 9.92 -34.94 12.35
N ASP A 986 10.60 -34.71 11.23
CA ASP A 986 11.75 -33.82 11.17
C ASP A 986 11.53 -32.88 9.99
N PRO A 987 11.46 -31.56 10.22
CA PRO A 987 11.12 -30.64 9.12
C PRO A 987 12.12 -30.60 7.99
N ASP A 988 13.38 -30.97 8.23
CA ASP A 988 14.40 -30.92 7.20
C ASP A 988 14.50 -32.18 6.35
N THR A 989 13.73 -33.21 6.66
CA THR A 989 13.81 -34.46 5.90
C THR A 989 13.18 -34.29 4.52
N GLU A 990 13.77 -34.97 3.54
CA GLU A 990 13.22 -34.96 2.19
C GLU A 990 11.87 -35.67 2.17
N LEU A 991 11.01 -35.26 1.24
CA LEU A 991 9.66 -35.81 1.19
C LEU A 991 9.67 -37.31 0.90
N TYR A 992 10.55 -37.75 0.01
CA TYR A 992 10.60 -39.16 -0.34
C TYR A 992 11.07 -40.03 0.82
N LEU A 993 11.71 -39.44 1.82
CA LEU A 993 12.17 -40.17 2.99
C LEU A 993 11.11 -40.32 4.07
N THR A 994 9.99 -39.60 3.95
CA THR A 994 8.97 -39.63 4.99
C THR A 994 8.17 -40.93 4.94
N GLN A 995 7.64 -41.32 6.10
CA GLN A 995 6.81 -42.52 6.17
C GLN A 995 5.55 -42.44 5.32
N PRO A 996 4.76 -41.35 5.35
CA PRO A 996 3.55 -41.33 4.50
C PRO A 996 3.84 -41.48 3.02
N PHE A 997 4.95 -40.94 2.54
CA PHE A 997 5.30 -41.11 1.12
C PHE A 997 5.76 -42.53 0.84
N ALA A 998 6.52 -43.13 1.76
CA ALA A 998 7.00 -44.48 1.57
C ALA A 998 5.86 -45.49 1.53
N CYS A 999 4.76 -45.19 2.20
CA CYS A 999 3.59 -46.07 2.22
C CYS A 999 2.63 -45.81 1.07
N GLY A 1000 2.89 -44.79 0.25
CA GLY A 1000 2.04 -44.50 -0.89
C GLY A 1000 0.78 -43.72 -0.57
N THR A 1001 0.64 -43.21 0.65
CA THR A 1001 -0.53 -42.45 1.05
C THR A 1001 -0.37 -40.94 0.88
N ALA A 1002 0.77 -40.49 0.36
CA ALA A 1002 1.02 -39.07 0.17
C ALA A 1002 1.63 -38.84 -1.21
N PHE A 1003 1.39 -37.65 -1.75
CA PHE A 1003 1.93 -37.27 -3.05
C PHE A 1003 2.04 -35.76 -3.13
N ALA A 1004 2.92 -35.30 -4.01
CA ALA A 1004 3.11 -33.87 -4.24
C ALA A 1004 3.75 -33.66 -5.60
N VAL A 1005 3.60 -32.44 -6.13
CA VAL A 1005 4.20 -32.12 -7.42
C VAL A 1005 5.69 -31.83 -7.28
N SER A 1006 6.19 -31.71 -6.06
CA SER A 1006 7.60 -31.40 -5.86
C SER A 1006 8.50 -32.59 -6.16
N VAL A 1007 7.93 -33.77 -6.40
CA VAL A 1007 8.73 -34.94 -6.76
C VAL A 1007 8.91 -35.08 -8.27
N LEU A 1008 8.37 -34.15 -9.05
CA LEU A 1008 8.39 -34.25 -10.50
C LEU A 1008 9.31 -33.23 -11.17
N ASP A 1009 10.14 -32.53 -10.40
CA ASP A 1009 11.09 -31.60 -11.00
C ASP A 1009 12.15 -32.34 -11.81
N SER A 1010 12.56 -33.53 -11.36
CA SER A 1010 13.60 -34.30 -12.03
C SER A 1010 13.20 -34.77 -13.43
N LEU A 1011 11.96 -34.53 -13.85
CA LEU A 1011 11.56 -34.92 -15.19
C LEU A 1011 12.15 -33.99 -16.25
N MET A 1012 12.62 -32.81 -15.84
CA MET A 1012 13.36 -31.95 -16.75
C MET A 1012 14.64 -32.62 -17.22
N SER A 1013 15.44 -33.13 -16.27
CA SER A 1013 16.68 -33.80 -16.64
C SER A 1013 16.40 -35.12 -17.33
N THR A 1014 15.39 -35.86 -16.86
CA THR A 1014 15.08 -37.16 -17.45
C THR A 1014 14.66 -37.01 -18.91
N THR A 1015 13.81 -36.01 -19.21
CA THR A 1015 13.34 -35.83 -20.57
C THR A 1015 14.44 -35.34 -21.49
N TYR A 1016 15.30 -34.43 -21.00
CA TYR A 1016 16.34 -33.86 -21.84
C TYR A 1016 17.34 -34.93 -22.28
N PHE A 1017 17.77 -35.78 -21.35
CA PHE A 1017 18.76 -36.79 -21.70
C PHE A 1017 18.18 -37.92 -22.54
N ASN A 1018 16.86 -38.11 -22.51
CA ASN A 1018 16.21 -39.14 -23.33
C ASN A 1018 14.75 -38.77 -23.51
N GLN A 1019 14.35 -38.45 -24.74
CA GLN A 1019 12.96 -38.16 -25.00
C GLN A 1019 12.07 -39.39 -24.84
N ASN A 1020 12.59 -40.56 -25.19
CA ASN A 1020 11.83 -41.80 -25.06
C ASN A 1020 11.48 -42.10 -23.61
N ALA A 1021 12.25 -41.58 -22.66
CA ALA A 1021 11.94 -41.81 -21.25
C ALA A 1021 10.60 -41.21 -20.87
N LEU A 1022 10.33 -39.98 -21.33
CA LEU A 1022 9.04 -39.34 -21.03
C LEU A 1022 7.90 -40.06 -21.73
N THR A 1023 8.14 -40.58 -22.93
CA THR A 1023 7.11 -41.32 -23.65
C THR A 1023 6.70 -42.57 -22.89
N LEU A 1024 7.68 -43.27 -22.29
CA LEU A 1024 7.37 -44.46 -21.52
C LEU A 1024 6.51 -44.14 -20.30
N ILE A 1025 6.81 -43.03 -19.62
CA ILE A 1025 6.03 -42.65 -18.45
C ILE A 1025 4.59 -42.34 -18.83
N ARG A 1026 4.41 -41.56 -19.90
CA ARG A 1026 3.07 -41.18 -20.32
C ARG A 1026 2.26 -42.40 -20.76
N SER A 1027 2.90 -43.34 -21.47
CA SER A 1027 2.21 -44.55 -21.88
C SER A 1027 1.98 -45.52 -20.74
N LEU A 1028 2.57 -45.28 -19.56
CA LEU A 1028 2.43 -46.16 -18.42
C LEU A 1028 1.43 -45.66 -17.38
N ILE A 1029 1.21 -44.35 -17.30
CA ILE A 1029 0.32 -43.80 -16.27
C ILE A 1029 -0.97 -43.24 -16.86
N THR A 1030 -0.97 -42.82 -18.12
CA THR A 1030 -2.18 -42.26 -18.71
C THR A 1030 -3.06 -43.32 -19.38
N GLY A 1031 -2.66 -44.59 -19.35
CA GLY A 1031 -3.39 -45.63 -20.02
C GLY A 1031 -3.18 -45.68 -21.51
N GLY A 1032 -2.27 -44.89 -22.05
CA GLY A 1032 -2.02 -44.86 -23.48
C GLY A 1032 -2.64 -43.65 -24.15
N ALA A 1033 -1.81 -42.64 -24.45
CA ALA A 1033 -2.28 -41.41 -25.09
C ALA A 1033 -1.41 -41.16 -26.31
N THR A 1034 -1.83 -41.69 -27.46
CA THR A 1034 -1.09 -41.55 -28.70
C THR A 1034 -1.18 -40.10 -29.21
N PRO A 1035 -0.21 -39.68 -30.02
CA PRO A 1035 -0.22 -38.28 -30.52
C PRO A 1035 -1.46 -37.94 -31.35
N GLU A 1036 -2.14 -38.94 -31.93
CA GLU A 1036 -3.40 -38.65 -32.60
C GLU A 1036 -4.47 -38.21 -31.61
N LEU A 1037 -4.45 -38.76 -30.40
CA LEU A 1037 -5.43 -38.34 -29.40
C LEU A 1037 -5.19 -36.90 -28.95
N GLU A 1038 -3.96 -36.41 -29.12
CA GLU A 1038 -3.65 -35.03 -28.77
C GLU A 1038 -4.40 -34.05 -29.65
N LEU A 1039 -4.40 -34.30 -30.97
CA LEU A 1039 -5.04 -33.37 -31.90
C LEU A 1039 -6.56 -33.43 -31.81
N ILE A 1040 -7.11 -34.61 -31.57
CA ILE A 1040 -8.57 -34.74 -31.45
C ILE A 1040 -9.08 -33.93 -30.26
N LEU A 1041 -8.38 -34.01 -29.14
CA LEU A 1041 -8.82 -33.30 -27.94
C LEU A 1041 -8.55 -31.81 -28.04
N ALA A 1042 -7.51 -31.41 -28.78
CA ALA A 1042 -7.16 -30.00 -28.89
C ALA A 1042 -8.13 -29.23 -29.78
N GLU A 1043 -8.94 -29.92 -30.60
CA GLU A 1043 -9.88 -29.23 -31.47
C GLU A 1043 -10.93 -28.49 -30.65
N GLY A 1044 -11.41 -29.09 -29.57
CA GLY A 1044 -12.42 -28.48 -28.72
C GLY A 1044 -13.78 -29.17 -28.75
N ALA A 1045 -13.93 -30.28 -29.47
CA ALA A 1045 -15.19 -31.00 -29.52
C ALA A 1045 -15.29 -32.11 -28.48
N GLY A 1046 -14.28 -32.25 -27.63
CA GLY A 1046 -14.28 -33.30 -26.63
C GLY A 1046 -13.86 -34.64 -27.20
N LEU A 1047 -14.00 -35.67 -26.37
CA LEU A 1047 -13.67 -37.02 -26.80
C LEU A 1047 -14.64 -37.49 -27.88
N ARG A 1048 -14.09 -38.02 -28.96
CA ARG A 1048 -14.88 -38.48 -30.10
C ARG A 1048 -14.81 -39.99 -30.18
N GLY A 1049 -15.98 -40.63 -30.27
CA GLY A 1049 -16.02 -42.08 -30.37
C GLY A 1049 -15.73 -42.57 -31.78
N GLY A 1050 -15.66 -43.90 -31.89
CA GLY A 1050 -15.41 -44.52 -33.18
C GLY A 1050 -16.01 -45.91 -33.21
N TYR A 1051 -16.37 -46.34 -34.41
CA TYR A 1051 -16.97 -47.66 -34.60
C TYR A 1051 -15.92 -48.74 -34.49
N SER A 1052 -16.21 -49.77 -33.72
CA SER A 1052 -15.26 -50.85 -33.48
C SER A 1052 -15.04 -51.66 -34.76
N THR A 1053 -13.77 -51.87 -35.08
CA THR A 1053 -13.38 -52.63 -36.27
C THR A 1053 -12.27 -53.60 -35.88
N VAL A 1054 -11.68 -54.23 -36.90
CA VAL A 1054 -10.62 -55.21 -36.66
C VAL A 1054 -9.34 -54.53 -36.19
N GLU A 1055 -9.00 -53.37 -36.78
CA GLU A 1055 -7.74 -52.74 -36.43
C GLU A 1055 -7.80 -52.09 -35.05
N SER A 1056 -8.98 -51.63 -34.63
CA SER A 1056 -9.10 -50.97 -33.34
C SER A 1056 -9.02 -51.97 -32.19
N LEU A 1057 -9.68 -53.12 -32.34
CA LEU A 1057 -9.69 -54.10 -31.25
C LEU A 1057 -8.31 -54.68 -30.97
N SER A 1058 -7.39 -54.61 -31.93
CA SER A 1058 -6.02 -55.06 -31.68
C SER A 1058 -5.28 -54.12 -30.73
N ASN A 1059 -5.74 -52.87 -30.59
CA ASN A 1059 -5.09 -51.93 -29.69
C ASN A 1059 -5.33 -52.27 -28.23
N ARG A 1060 -6.40 -53.00 -27.92
CA ARG A 1060 -6.70 -53.36 -26.54
C ARG A 1060 -5.70 -54.35 -25.95
N ASP A 1061 -4.89 -55.00 -26.79
CA ASP A 1061 -3.94 -56.01 -26.32
C ASP A 1061 -2.64 -55.30 -25.91
N ARG A 1062 -2.59 -54.86 -24.65
CA ARG A 1062 -1.40 -54.24 -24.10
C ARG A 1062 -1.37 -54.49 -22.61
N CYS A 1063 -0.17 -54.38 -22.04
CA CYS A 1063 0.00 -54.63 -20.61
C CYS A 1063 -0.61 -53.51 -19.77
N ARG A 1064 -0.95 -53.86 -18.53
CA ARG A 1064 -1.58 -52.93 -17.61
C ARG A 1064 -0.98 -53.11 -16.22
N VAL A 1065 -1.12 -52.10 -15.39
CA VAL A 1065 -0.56 -52.08 -14.05
C VAL A 1065 -1.58 -52.66 -13.09
N GLY A 1066 -1.15 -53.63 -12.28
CA GLY A 1066 -2.03 -54.25 -11.30
C GLY A 1066 -1.21 -54.83 -10.16
N GLN A 1067 -1.93 -55.34 -9.18
CA GLN A 1067 -1.33 -55.96 -8.00
C GLN A 1067 -1.88 -57.37 -7.82
N ILE A 1068 -1.02 -58.25 -7.30
CA ILE A 1068 -1.41 -59.62 -6.98
C ILE A 1068 -0.99 -59.90 -5.54
N SER A 1069 -1.67 -60.87 -4.93
CA SER A 1069 -1.41 -61.24 -3.54
C SER A 1069 -1.05 -62.71 -3.48
N LEU A 1070 -0.09 -63.04 -2.61
CA LEU A 1070 0.34 -64.42 -2.41
C LEU A 1070 -0.52 -65.17 -1.41
N TYR A 1071 -1.70 -64.63 -1.05
CA TYR A 1071 -2.58 -65.31 -0.11
C TYR A 1071 -3.07 -66.64 -0.66
N ASP A 1072 -3.48 -66.66 -1.93
CA ASP A 1072 -4.05 -67.86 -2.53
C ASP A 1072 -3.77 -67.83 -4.03
N GLY A 1073 -3.83 -69.02 -4.64
CA GLY A 1073 -3.59 -69.16 -6.05
C GLY A 1073 -2.37 -70.00 -6.35
N PRO A 1074 -2.10 -70.22 -7.65
CA PRO A 1074 -0.89 -70.99 -8.01
C PRO A 1074 0.40 -70.35 -7.56
N LEU A 1075 0.45 -69.01 -7.50
CA LEU A 1075 1.66 -68.31 -7.08
C LEU A 1075 1.77 -68.18 -5.57
N ALA A 1076 0.77 -68.66 -4.82
CA ALA A 1076 0.79 -68.53 -3.36
C ALA A 1076 1.89 -69.35 -2.71
N GLN A 1077 2.31 -70.45 -3.34
CA GLN A 1077 3.33 -71.31 -2.74
C GLN A 1077 4.70 -70.65 -2.69
N PHE A 1078 4.91 -69.56 -3.44
CA PHE A 1078 6.18 -68.83 -3.36
C PHE A 1078 6.25 -67.91 -2.15
N GLY A 1079 5.11 -67.63 -1.50
CA GLY A 1079 5.10 -66.79 -0.33
C GLY A 1079 5.57 -67.47 0.94
N GLU A 1080 5.64 -68.81 0.95
CA GLU A 1080 6.05 -69.55 2.14
C GLU A 1080 7.59 -69.56 2.21
N CYS A 1081 8.13 -68.42 2.63
CA CYS A 1081 9.57 -68.21 2.77
C CYS A 1081 10.31 -68.50 1.48
N GLY A 1082 9.74 -68.12 0.34
CA GLY A 1082 10.35 -68.33 -0.95
C GLY A 1082 11.31 -67.23 -1.32
N LYS A 1083 11.76 -67.28 -2.56
CA LYS A 1083 12.70 -66.30 -3.12
C LYS A 1083 12.02 -65.46 -4.18
N TYR A 1084 12.38 -64.18 -4.24
CA TYR A 1084 11.79 -63.28 -5.23
C TYR A 1084 12.15 -63.71 -6.64
N GLY A 1085 13.39 -64.18 -6.85
CA GLY A 1085 13.79 -64.62 -8.18
C GLY A 1085 12.97 -65.80 -8.67
N ASP A 1086 12.65 -66.73 -7.77
CA ASP A 1086 11.83 -67.88 -8.16
C ASP A 1086 10.44 -67.45 -8.57
N LEU A 1087 9.84 -66.50 -7.86
CA LEU A 1087 8.52 -66.00 -8.22
C LEU A 1087 8.54 -65.26 -9.55
N PHE A 1088 9.61 -64.48 -9.80
CA PHE A 1088 9.68 -63.71 -11.03
C PHE A 1088 9.72 -64.60 -12.25
N VAL A 1089 10.50 -65.69 -12.21
CA VAL A 1089 10.65 -66.55 -13.37
C VAL A 1089 9.36 -67.33 -13.63
N ALA A 1090 8.76 -67.87 -12.58
CA ALA A 1090 7.56 -68.69 -12.76
C ALA A 1090 6.39 -67.88 -13.27
N ALA A 1091 6.19 -66.67 -12.71
CA ALA A 1091 5.09 -65.83 -13.15
C ALA A 1091 5.28 -65.37 -14.60
N LEU A 1092 6.53 -65.09 -14.98
CA LEU A 1092 6.81 -64.64 -16.34
C LEU A 1092 6.50 -65.72 -17.36
N LYS A 1093 6.88 -66.97 -17.06
CA LYS A 1093 6.72 -68.04 -18.03
C LYS A 1093 5.27 -68.48 -18.15
N SER A 1094 4.54 -68.52 -17.03
CA SER A 1094 3.18 -69.06 -17.04
C SER A 1094 2.16 -68.02 -17.50
N TYR A 1095 2.01 -66.94 -16.74
CA TYR A 1095 1.03 -65.91 -17.03
C TYR A 1095 1.59 -64.70 -17.76
N GLY A 1096 2.89 -64.69 -18.07
CA GLY A 1096 3.48 -63.54 -18.72
C GLY A 1096 3.44 -62.29 -17.88
N MET A 1097 3.63 -62.42 -16.56
CA MET A 1097 3.59 -61.30 -15.64
C MET A 1097 5.01 -60.85 -15.31
N LEU A 1098 5.21 -59.54 -15.28
CA LEU A 1098 6.52 -58.97 -14.96
C LEU A 1098 6.44 -58.32 -13.60
N CYS A 1099 7.24 -58.82 -12.65
CA CYS A 1099 7.24 -58.33 -11.28
C CYS A 1099 8.19 -57.15 -11.17
N ILE A 1100 7.67 -56.01 -10.72
CA ILE A 1100 8.45 -54.79 -10.58
C ILE A 1100 8.95 -54.59 -9.16
N GLY A 1101 8.09 -54.83 -8.17
CA GLY A 1101 8.47 -54.62 -6.79
C GLY A 1101 7.51 -55.30 -5.84
N LEU A 1102 7.67 -54.99 -4.56
CA LEU A 1102 6.88 -55.58 -3.49
C LEU A 1102 6.21 -54.48 -2.68
N TYR A 1103 5.06 -54.81 -2.10
CA TYR A 1103 4.26 -53.91 -1.27
C TYR A 1103 4.02 -54.64 0.04
N ARG A 1104 4.94 -54.47 0.99
CA ARG A 1104 5.07 -55.33 2.15
C ARG A 1104 4.71 -54.59 3.43
N PHE A 1105 4.10 -55.31 4.38
CA PHE A 1105 3.75 -54.76 5.68
C PHE A 1105 4.97 -54.13 6.35
N ARG A 1106 4.76 -52.94 6.92
CA ARG A 1106 5.85 -52.26 7.63
C ARG A 1106 6.30 -53.07 8.83
N ASP A 1107 5.37 -53.62 9.60
CA ASP A 1107 5.67 -54.46 10.76
C ASP A 1107 4.98 -55.80 10.59
N THR A 1108 5.71 -56.88 10.88
CA THR A 1108 5.22 -58.25 10.73
C THR A 1108 5.03 -58.93 12.08
N SER A 1109 4.95 -58.15 13.16
CA SER A 1109 4.77 -58.71 14.49
C SER A 1109 3.97 -57.75 15.38
N ALA A 1114 -0.68 -54.90 15.52
CA ALA A 1114 0.21 -54.24 14.57
C ALA A 1114 -0.54 -53.18 13.77
N SER A 1115 0.12 -52.63 12.75
CA SER A 1115 -0.45 -51.61 11.90
C SER A 1115 -0.59 -52.14 10.48
N SER A 1116 -1.72 -51.82 9.84
CA SER A 1116 -1.97 -52.24 8.46
C SER A 1116 -1.40 -51.24 7.47
N LYS A 1117 -0.09 -51.01 7.60
CA LYS A 1117 0.63 -50.07 6.75
C LYS A 1117 1.69 -50.84 5.97
N ARG A 1118 1.71 -50.62 4.65
CA ARG A 1118 2.64 -51.30 3.76
C ARG A 1118 3.47 -50.28 2.99
N TYR A 1119 4.76 -50.54 2.88
CA TYR A 1119 5.70 -49.70 2.15
C TYR A 1119 6.07 -50.36 0.83
N VAL A 1120 6.83 -49.63 0.02
CA VAL A 1120 7.15 -50.03 -1.35
C VAL A 1120 8.63 -50.37 -1.45
N ILE A 1121 8.92 -51.55 -1.99
CA ILE A 1121 10.28 -51.98 -2.31
C ILE A 1121 10.35 -52.12 -3.82
N THR A 1122 11.28 -51.37 -4.44
CA THR A 1122 11.40 -51.34 -5.89
C THR A 1122 12.55 -52.25 -6.32
N ASN A 1123 12.22 -53.25 -7.15
CA ASN A 1123 13.20 -54.17 -7.71
C ASN A 1123 14.07 -54.83 -6.63
N PRO A 1124 13.48 -55.70 -5.80
CA PRO A 1124 14.28 -56.41 -4.81
C PRO A 1124 15.19 -57.43 -5.50
N PRO A 1125 16.30 -57.81 -4.87
CA PRO A 1125 17.21 -58.78 -5.48
C PRO A 1125 16.54 -60.14 -5.63
N ASP A 1126 17.11 -60.97 -6.51
CA ASP A 1126 16.56 -62.30 -6.75
C ASP A 1126 16.65 -63.19 -5.52
N ASP A 1127 17.55 -62.86 -4.58
CA ASP A 1127 17.69 -63.62 -3.35
C ASP A 1127 16.82 -63.09 -2.23
N PHE A 1128 15.95 -62.12 -2.51
CA PHE A 1128 15.07 -61.56 -1.49
C PHE A 1128 14.13 -62.63 -0.95
N SER A 1129 13.92 -62.62 0.36
CA SER A 1129 13.03 -63.57 1.01
C SER A 1129 11.61 -63.01 1.03
N LEU A 1130 10.65 -63.81 0.54
CA LEU A 1130 9.28 -63.39 0.44
C LEU A 1130 8.52 -63.74 1.73
N LEU A 1131 7.32 -63.17 1.87
CA LEU A 1131 6.44 -63.43 2.99
C LEU A 1131 5.05 -63.74 2.45
N PRO A 1132 4.26 -64.54 3.17
CA PRO A 1132 2.90 -64.84 2.70
C PRO A 1132 1.99 -63.64 2.59
N THR A 1133 2.29 -62.55 3.31
CA THR A 1133 1.47 -61.36 3.30
C THR A 1133 1.95 -60.31 2.31
N ASP A 1134 2.97 -60.60 1.51
CA ASP A 1134 3.51 -59.63 0.58
C ASP A 1134 2.63 -59.49 -0.65
N GLN A 1135 2.61 -58.29 -1.22
CA GLN A 1135 1.93 -58.01 -2.47
C GLN A 1135 2.95 -57.58 -3.51
N VAL A 1136 2.70 -57.94 -4.77
CA VAL A 1136 3.65 -57.78 -5.85
C VAL A 1136 3.06 -56.85 -6.90
N PHE A 1137 3.84 -55.84 -7.29
CA PHE A 1137 3.49 -55.01 -8.43
C PHE A 1137 3.81 -55.75 -9.71
N VAL A 1138 2.82 -55.91 -10.59
CA VAL A 1138 2.98 -56.71 -11.80
C VAL A 1138 2.42 -55.96 -13.00
N LEU A 1139 2.92 -56.35 -14.18
CA LEU A 1139 2.41 -55.86 -15.46
C LEU A 1139 1.70 -57.04 -16.12
N MET A 1140 0.38 -56.94 -16.18
CA MET A 1140 -0.45 -58.08 -16.55
C MET A 1140 -0.97 -57.92 -17.98
N GLN A 1141 -0.84 -58.98 -18.77
CA GLN A 1141 -1.28 -58.97 -20.15
C GLN A 1141 -2.80 -58.93 -20.25
N PHE A 1142 -3.28 -58.58 -21.43
CA PHE A 1142 -4.71 -58.48 -21.69
C PHE A 1142 -5.25 -59.85 -22.08
N ASP A 1143 -6.28 -60.31 -21.39
CA ASP A 1143 -6.91 -61.60 -21.67
C ASP A 1143 -8.27 -61.36 -22.30
N PRO A 1144 -8.45 -61.65 -23.60
CA PRO A 1144 -9.76 -61.45 -24.22
C PRO A 1144 -10.80 -62.44 -23.70
N GLY A 1145 -11.80 -61.93 -22.99
CA GLY A 1145 -12.85 -62.76 -22.43
C GLY A 1145 -12.84 -62.81 -20.92
N LEU B 44 56.91 2.07 46.68
CA LEU B 44 57.09 3.44 46.20
C LEU B 44 57.74 3.45 44.81
N LYS B 45 59.05 3.22 44.77
CA LYS B 45 59.76 3.18 43.49
C LYS B 45 59.26 2.04 42.63
N VAL B 46 59.08 0.85 43.22
CA VAL B 46 58.53 -0.29 42.51
C VAL B 46 57.02 -0.34 42.78
N ARG B 47 56.23 -0.44 41.71
CA ARG B 47 54.80 -0.45 41.87
C ARG B 47 54.28 -1.88 41.95
N LYS B 48 53.11 -2.02 42.58
CA LYS B 48 52.46 -3.31 42.76
C LYS B 48 51.12 -3.35 42.05
N TYR B 49 51.02 -2.67 40.90
CA TYR B 49 49.75 -2.65 40.16
C TYR B 49 49.37 -4.06 39.72
N TRP B 50 50.35 -4.91 39.46
CA TRP B 50 50.05 -6.29 39.11
C TRP B 50 49.40 -7.04 40.25
N CYS B 51 49.78 -6.73 41.49
CA CYS B 51 49.18 -7.41 42.64
C CYS B 51 47.68 -7.16 42.71
N PHE B 52 47.26 -5.91 42.51
CA PHE B 52 45.83 -5.62 42.46
C PHE B 52 45.18 -6.28 41.25
N LEU B 53 45.83 -6.20 40.09
CA LEU B 53 45.27 -6.79 38.87
C LEU B 53 45.28 -8.31 38.91
N LEU B 54 46.41 -8.91 39.28
CA LEU B 54 46.51 -10.36 39.24
C LEU B 54 45.61 -11.01 40.28
N SER B 55 45.32 -10.30 41.37
CA SER B 55 44.38 -10.81 42.37
C SER B 55 42.97 -10.86 41.81
N SER B 56 42.62 -9.88 40.96
CA SER B 56 41.26 -9.83 40.42
C SER B 56 40.95 -11.06 39.58
N ILE B 57 41.90 -11.48 38.76
CA ILE B 57 41.64 -12.63 37.88
C ILE B 57 41.82 -13.94 38.66
N PHE B 58 42.57 -13.91 39.77
CA PHE B 58 42.57 -15.06 40.67
C PHE B 58 41.17 -15.45 41.08
N THR B 59 40.35 -14.47 41.48
CA THR B 59 38.97 -14.77 41.85
C THR B 59 38.16 -15.20 40.65
N PHE B 60 38.68 -14.96 39.43
CA PHE B 60 37.93 -15.31 38.23
C PHE B 60 38.08 -16.79 37.88
N LEU B 61 39.31 -17.22 37.59
CA LEU B 61 39.49 -18.60 37.13
C LEU B 61 39.27 -19.59 38.28
N ALA B 62 39.71 -19.23 39.48
CA ALA B 62 39.48 -20.10 40.63
C ALA B 62 37.99 -20.26 40.90
N GLY B 63 37.25 -19.16 40.89
CA GLY B 63 35.80 -19.25 41.02
C GLY B 63 35.17 -20.00 39.85
N LEU B 64 35.74 -19.83 38.65
CA LEU B 64 35.23 -20.54 37.48
C LEU B 64 35.46 -22.04 37.61
N LEU B 65 36.63 -22.44 38.11
CA LEU B 65 36.95 -23.87 38.16
C LEU B 65 36.23 -24.58 39.29
N VAL B 66 36.03 -23.92 40.43
CA VAL B 66 35.38 -24.57 41.57
C VAL B 66 33.96 -24.99 41.20
N VAL B 67 33.20 -24.10 40.57
CA VAL B 67 31.86 -24.46 40.13
C VAL B 67 31.93 -25.46 38.97
N LEU B 68 32.97 -25.36 38.14
CA LEU B 68 33.13 -26.29 37.04
C LEU B 68 33.49 -27.69 37.54
N LEU B 69 34.40 -27.78 38.51
CA LEU B 69 34.81 -29.08 39.01
C LEU B 69 33.73 -29.75 39.84
N TRP B 70 32.91 -28.98 40.55
CA TRP B 70 31.89 -29.59 41.40
C TRP B 70 30.84 -30.29 40.54
N ARG B 71 30.53 -29.72 39.37
CA ARG B 71 29.62 -30.36 38.44
C ARG B 71 30.21 -31.65 37.92
N ALA B 72 31.53 -31.67 37.69
CA ALA B 72 32.20 -32.87 37.20
C ALA B 72 32.20 -33.98 38.24
N PHE B 73 32.31 -33.62 39.52
CA PHE B 73 32.27 -34.63 40.58
C PHE B 73 30.93 -35.34 40.62
N ALA B 74 29.83 -34.59 40.49
CA ALA B 74 28.51 -35.21 40.49
C ALA B 74 28.26 -36.03 39.24
N PHE B 75 29.06 -35.84 38.18
CA PHE B 75 28.87 -36.60 36.96
C PHE B 75 29.24 -38.07 37.16
N VAL B 76 30.24 -38.34 37.99
CA VAL B 76 30.67 -39.70 38.29
C VAL B 76 30.39 -40.07 39.74
N CYS B 77 30.04 -39.10 40.58
CA CYS B 77 29.76 -39.37 41.99
C CYS B 77 28.79 -38.34 42.56
N THR B 106 14.54 -31.16 49.32
CA THR B 106 15.83 -30.58 49.65
C THR B 106 15.74 -29.07 49.82
N PHE B 107 16.60 -28.51 50.67
CA PHE B 107 16.61 -27.07 50.90
C PHE B 107 17.24 -26.31 49.75
N MET B 108 18.08 -26.97 48.94
CA MET B 108 18.74 -26.28 47.83
C MET B 108 17.73 -25.76 46.82
N THR B 109 16.71 -26.57 46.50
CA THR B 109 15.68 -26.11 45.58
C THR B 109 14.88 -24.95 46.16
N GLU B 110 14.54 -25.04 47.45
CA GLU B 110 13.80 -23.97 48.10
C GLU B 110 14.64 -22.71 48.21
N ALA B 111 15.94 -22.85 48.50
CA ALA B 111 16.80 -21.68 48.63
C ALA B 111 16.94 -20.96 47.30
N LYS B 112 17.06 -21.70 46.20
CA LYS B 112 17.18 -21.08 44.89
C LYS B 112 15.91 -20.30 44.52
N ASP B 113 14.74 -20.89 44.79
CA ASP B 113 13.49 -20.19 44.52
C ASP B 113 13.37 -18.93 45.38
N TRP B 114 13.79 -19.02 46.65
CA TRP B 114 13.79 -17.85 47.53
C TRP B 114 14.72 -16.77 47.01
N ALA B 115 15.90 -17.17 46.52
CA ALA B 115 16.85 -16.19 46.00
C ALA B 115 16.34 -15.53 44.73
N GLY B 116 15.61 -16.26 43.90
CA GLY B 116 15.09 -15.69 42.66
C GLY B 116 14.12 -14.55 42.92
N GLU B 117 13.19 -14.74 43.86
CA GLU B 117 12.24 -13.69 44.19
C GLU B 117 12.85 -12.60 45.05
N LEU B 118 13.98 -12.87 45.72
CA LEU B 118 14.63 -11.85 46.53
C LEU B 118 15.26 -10.78 45.67
N ILE B 119 15.96 -11.19 44.60
CA ILE B 119 16.64 -10.22 43.73
C ILE B 119 15.72 -9.61 42.69
N SER B 120 14.51 -10.16 42.52
CA SER B 120 13.56 -9.63 41.55
C SER B 120 12.61 -8.61 42.16
N GLY B 121 12.68 -8.36 43.46
CA GLY B 121 11.80 -7.41 44.09
C GLY B 121 10.35 -7.86 44.16
N GLN B 122 10.10 -9.16 44.16
CA GLN B 122 8.72 -9.66 44.19
C GLN B 122 8.05 -9.29 45.51
N THR B 123 8.76 -9.43 46.61
CA THR B 123 8.24 -9.15 47.94
C THR B 123 8.95 -7.92 48.53
N THR B 124 8.38 -7.42 49.63
CA THR B 124 8.90 -6.19 50.24
C THR B 124 10.29 -6.40 50.83
N THR B 125 10.57 -7.62 51.32
CA THR B 125 11.91 -7.90 51.82
C THR B 125 12.94 -7.85 50.69
N GLY B 126 12.53 -8.21 49.48
CA GLY B 126 13.38 -8.02 48.32
C GLY B 126 13.20 -6.69 47.63
N ARG B 127 12.04 -6.05 47.81
CA ARG B 127 11.83 -4.72 47.25
C ARG B 127 12.77 -3.70 47.90
N ILE B 128 12.96 -3.79 49.22
CA ILE B 128 13.91 -2.91 49.88
C ILE B 128 15.33 -3.26 49.50
N LEU B 129 15.59 -4.52 49.12
CA LEU B 129 16.94 -4.92 48.75
C LEU B 129 17.34 -4.37 47.40
N VAL B 130 16.45 -4.44 46.41
CA VAL B 130 16.80 -4.00 45.07
C VAL B 130 17.00 -2.49 45.03
N VAL B 131 16.14 -1.75 45.75
CA VAL B 131 16.33 -0.30 45.83
C VAL B 131 17.57 0.02 46.65
N LEU B 132 17.89 -0.81 47.64
CA LEU B 132 19.11 -0.62 48.41
C LEU B 132 20.33 -0.75 47.52
N VAL B 133 20.32 -1.72 46.60
CA VAL B 133 21.38 -1.81 45.60
C VAL B 133 21.39 -0.55 44.73
N PHE B 134 20.21 -0.03 44.42
CA PHE B 134 20.12 1.20 43.63
C PHE B 134 20.75 2.39 44.36
N ILE B 135 20.44 2.54 45.64
CA ILE B 135 21.02 3.65 46.42
C ILE B 135 22.52 3.51 46.51
N LEU B 136 23.01 2.29 46.78
CA LEU B 136 24.43 2.09 46.98
C LEU B 136 25.20 2.06 45.66
N SER B 137 24.50 1.91 44.53
CA SER B 137 25.17 1.90 43.24
C SER B 137 25.74 3.27 42.90
N ILE B 138 24.90 4.31 42.98
CA ILE B 138 25.38 5.66 42.70
C ILE B 138 26.34 6.13 43.78
N ALA B 139 26.09 5.73 45.03
CA ALA B 139 26.92 6.16 46.13
C ALA B 139 28.37 5.72 45.95
N SER B 140 28.58 4.49 45.48
CA SER B 140 29.95 3.99 45.29
C SER B 140 30.71 4.80 44.27
N LEU B 141 30.01 5.40 43.30
CA LEU B 141 30.66 6.27 42.33
C LEU B 141 31.19 7.54 42.97
N ILE B 142 30.56 8.01 44.04
CA ILE B 142 30.97 9.24 44.68
C ILE B 142 32.38 9.10 45.26
N ILE B 143 32.69 7.91 45.80
CA ILE B 143 34.04 7.66 46.32
C ILE B 143 35.07 7.73 45.20
N TYR B 144 34.74 7.24 44.00
CA TYR B 144 35.67 7.29 42.88
C TYR B 144 36.02 8.71 42.50
N PHE B 145 35.02 9.60 42.47
CA PHE B 145 35.25 10.96 41.99
C PHE B 145 36.23 11.72 42.89
N VAL B 146 36.19 11.46 44.20
CA VAL B 146 37.13 12.12 45.10
C VAL B 146 38.47 11.40 45.07
N ASP B 147 38.48 10.11 44.71
CA ASP B 147 39.74 9.39 44.58
C ASP B 147 40.47 9.81 43.30
N ALA B 148 39.74 9.97 42.20
CA ALA B 148 40.33 10.37 40.93
C ALA B 148 40.79 11.82 40.94
N SER B 149 40.36 12.62 41.92
CA SER B 149 40.81 14.01 42.00
C SER B 149 42.31 14.10 42.28
N SER B 150 42.84 13.14 43.04
CA SER B 150 44.26 13.11 43.33
C SER B 150 45.07 12.84 42.07
N GLU B 151 46.20 13.54 41.96
CA GLU B 151 47.08 13.42 40.79
C GLU B 151 47.82 12.09 40.76
N GLU B 152 48.14 11.53 41.92
CA GLU B 152 48.87 10.27 41.98
C GLU B 152 47.91 9.10 41.81
N VAL B 153 48.14 8.28 40.79
CA VAL B 153 47.26 7.13 40.56
C VAL B 153 47.58 6.01 41.53
N GLU B 154 48.77 6.02 42.12
CA GLU B 154 49.16 5.04 43.13
C GLU B 154 49.56 5.78 44.40
N ARG B 155 49.10 5.26 45.54
CA ARG B 155 49.33 5.87 46.83
C ARG B 155 49.78 4.81 47.83
N CYS B 156 50.46 5.26 48.88
CA CYS B 156 50.94 4.37 49.94
C CYS B 156 50.53 4.99 51.29
N GLN B 157 49.45 4.48 51.86
CA GLN B 157 48.96 4.97 53.15
C GLN B 157 48.20 3.87 53.86
N LYS B 158 48.36 3.83 55.18
CA LYS B 158 47.69 2.84 56.01
C LYS B 158 46.18 3.09 56.06
N TRP B 159 45.43 2.04 56.36
CA TRP B 159 43.97 2.13 56.46
C TRP B 159 43.50 3.02 57.60
N SER B 160 44.21 3.03 58.73
CA SER B 160 43.68 3.67 59.94
C SER B 160 43.45 5.16 59.74
N ASN B 161 44.34 5.83 59.00
CA ASN B 161 44.19 7.27 58.80
C ASN B 161 43.30 7.57 57.61
N ASN B 162 43.24 6.67 56.64
CA ASN B 162 42.43 6.90 55.44
C ASN B 162 40.95 6.81 55.77
N ILE B 163 40.17 7.77 55.27
CA ILE B 163 38.73 7.80 55.52
C ILE B 163 37.97 7.11 54.40
N THR B 164 38.29 7.41 53.14
CA THR B 164 37.53 6.87 52.02
C THR B 164 37.66 5.35 51.93
N GLN B 165 38.82 4.82 52.32
CA GLN B 165 38.99 3.36 52.34
C GLN B 165 38.00 2.70 53.28
N GLN B 166 37.83 3.27 54.47
CA GLN B 166 36.98 2.66 55.49
C GLN B 166 35.55 2.58 55.01
N ILE B 167 35.07 3.64 54.37
CA ILE B 167 33.75 3.64 53.75
C ILE B 167 33.68 2.58 52.67
N ASP B 168 34.75 2.44 51.88
CA ASP B 168 34.78 1.47 50.79
C ASP B 168 34.67 0.04 51.30
N LEU B 169 35.22 -0.25 52.48
CA LEU B 169 35.02 -1.59 53.06
C LEU B 169 33.55 -1.88 53.32
N ALA B 170 32.79 -0.84 53.69
CA ALA B 170 31.37 -1.05 54.00
C ALA B 170 30.57 -1.39 52.75
N PHE B 171 30.96 -0.85 51.59
CA PHE B 171 30.21 -1.10 50.37
C PHE B 171 30.50 -2.48 49.79
N ASN B 172 31.78 -2.84 49.68
CA ASN B 172 32.17 -4.03 48.93
C ASN B 172 31.67 -5.30 49.61
N ILE B 173 31.65 -5.33 50.95
CA ILE B 173 31.18 -6.51 51.67
C ILE B 173 29.70 -6.74 51.40
N PHE B 174 28.92 -5.66 51.31
CA PHE B 174 27.51 -5.80 50.95
C PHE B 174 27.35 -6.31 49.53
N PHE B 175 28.15 -5.78 48.59
CA PHE B 175 28.09 -6.25 47.21
C PHE B 175 28.66 -7.65 47.07
N MET B 176 29.53 -8.08 47.99
CA MET B 176 30.03 -9.44 47.98
C MET B 176 28.94 -10.43 48.35
N VAL B 177 28.20 -10.15 49.42
CA VAL B 177 27.13 -11.05 49.83
C VAL B 177 25.96 -10.96 48.86
N TYR B 178 25.73 -9.77 48.28
CA TYR B 178 24.69 -9.64 47.26
C TYR B 178 25.05 -10.42 46.01
N PHE B 179 26.34 -10.50 45.68
CA PHE B 179 26.77 -11.31 44.55
C PHE B 179 26.50 -12.78 44.80
N PHE B 180 26.70 -13.25 46.03
CA PHE B 180 26.42 -14.63 46.37
C PHE B 180 24.94 -14.94 46.25
N ILE B 181 24.08 -14.00 46.65
CA ILE B 181 22.63 -14.20 46.52
C ILE B 181 22.24 -14.34 45.06
N ARG B 182 22.83 -13.51 44.18
CA ARG B 182 22.55 -13.63 42.75
C ARG B 182 23.02 -14.97 42.21
N PHE B 183 24.12 -15.50 42.75
CA PHE B 183 24.63 -16.79 42.28
C PHE B 183 23.65 -17.92 42.58
N ILE B 184 23.02 -17.89 43.75
CA ILE B 184 22.06 -18.93 44.12
C ILE B 184 20.87 -18.92 43.18
N ALA B 185 20.36 -17.73 42.85
CA ALA B 185 19.18 -17.62 42.00
C ALA B 185 19.46 -18.00 40.55
N ALA B 186 20.73 -18.06 40.15
CA ALA B 186 21.06 -18.37 38.76
C ALA B 186 20.85 -19.85 38.49
N SER B 187 20.13 -20.14 37.40
CA SER B 187 19.90 -21.54 37.02
C SER B 187 21.17 -22.18 36.46
N ASP B 188 21.90 -21.44 35.62
CA ASP B 188 23.14 -21.93 35.02
C ASP B 188 24.30 -21.22 35.73
N LYS B 189 25.06 -21.97 36.52
CA LYS B 189 26.16 -21.39 37.28
C LYS B 189 27.29 -20.95 36.37
N LEU B 190 27.57 -21.73 35.32
CA LEU B 190 28.68 -21.43 34.43
C LEU B 190 28.45 -20.11 33.69
N TRP B 191 27.27 -19.94 33.10
CA TRP B 191 26.98 -18.72 32.36
C TRP B 191 26.79 -17.52 33.28
N PHE B 192 26.43 -17.74 34.54
CA PHE B 192 26.36 -16.64 35.49
C PHE B 192 27.75 -16.10 35.81
N MET B 193 28.76 -16.98 35.82
CA MET B 193 30.13 -16.54 36.01
C MET B 193 30.59 -15.63 34.89
N LEU B 194 30.04 -15.78 33.69
CA LEU B 194 30.54 -15.11 32.49
C LEU B 194 29.65 -13.97 32.05
N GLU B 195 29.00 -13.30 33.00
CA GLU B 195 28.16 -12.15 32.73
C GLU B 195 28.91 -10.88 33.11
N MET B 196 28.47 -9.76 32.56
CA MET B 196 29.16 -8.50 32.78
C MET B 196 29.12 -8.11 34.26
N TYR B 197 27.97 -8.31 34.91
CA TYR B 197 27.84 -7.95 36.31
C TYR B 197 28.74 -8.81 37.19
N SER B 198 29.00 -10.05 36.77
CA SER B 198 29.97 -10.87 37.49
C SER B 198 31.38 -10.31 37.34
N PHE B 199 31.77 -9.93 36.11
CA PHE B 199 33.10 -9.39 35.87
C PHE B 199 33.35 -8.13 36.68
N VAL B 200 32.35 -7.26 36.80
CA VAL B 200 32.56 -5.97 37.44
C VAL B 200 32.92 -6.14 38.91
N ASP B 201 32.24 -7.06 39.60
CA ASP B 201 32.58 -7.33 41.00
C ASP B 201 33.92 -8.07 41.11
N TYR B 202 34.28 -8.84 40.09
CA TYR B 202 35.56 -9.54 40.11
C TYR B 202 36.73 -8.56 40.08
N PHE B 203 36.49 -7.34 39.60
CA PHE B 203 37.55 -6.34 39.47
C PHE B 203 37.47 -5.24 40.53
N THR B 204 36.53 -5.32 41.46
CA THR B 204 36.40 -4.28 42.47
C THR B 204 36.33 -4.82 43.89
N ILE B 205 35.85 -6.05 44.08
CA ILE B 205 35.77 -6.64 45.41
C ILE B 205 37.13 -7.20 45.83
N PRO B 206 37.85 -7.96 45.00
CA PRO B 206 39.18 -8.44 45.40
C PRO B 206 40.16 -7.31 45.68
N PRO B 207 40.36 -6.35 44.77
CA PRO B 207 41.42 -5.36 45.00
C PRO B 207 41.22 -4.53 46.27
N SER B 208 39.98 -4.28 46.67
CA SER B 208 39.75 -3.53 47.90
C SER B 208 40.28 -4.28 49.11
N PHE B 209 40.06 -5.61 49.15
CA PHE B 209 40.60 -6.41 50.24
C PHE B 209 42.12 -6.45 50.19
N VAL B 210 42.69 -6.50 48.98
CA VAL B 210 44.14 -6.51 48.83
C VAL B 210 44.74 -5.19 49.31
N SER B 211 44.03 -4.08 49.12
CA SER B 211 44.53 -2.78 49.57
C SER B 211 44.80 -2.77 51.06
N ILE B 212 44.06 -3.58 51.82
CA ILE B 212 44.35 -3.73 53.25
C ILE B 212 45.69 -4.42 53.44
N TYR B 213 45.90 -5.52 52.72
CA TYR B 213 47.16 -6.26 52.82
C TYR B 213 48.31 -5.42 52.28
N LEU B 214 48.16 -4.88 51.06
CA LEU B 214 49.26 -4.17 50.42
C LEU B 214 49.51 -2.80 51.03
N ASP B 215 48.56 -2.28 51.82
CA ASP B 215 48.70 -0.97 52.45
C ASP B 215 48.86 0.14 51.41
N ARG B 216 48.35 -0.07 50.20
CA ARG B 216 48.48 0.85 49.09
C ARG B 216 47.10 1.18 48.52
N THR B 217 47.06 2.28 47.78
CA THR B 217 45.83 2.72 47.12
C THR B 217 46.13 2.96 45.65
N TRP B 218 45.45 2.21 44.78
CA TRP B 218 45.63 2.35 43.33
C TRP B 218 44.26 2.47 42.69
N ILE B 219 44.16 3.31 41.67
CA ILE B 219 42.89 3.49 40.97
C ILE B 219 42.46 2.20 40.31
N GLY B 220 43.38 1.58 39.55
CA GLY B 220 43.08 0.30 38.92
C GLY B 220 41.90 0.39 37.97
N LEU B 221 41.00 -0.60 38.08
CA LEU B 221 39.82 -0.70 37.23
C LEU B 221 38.56 -0.24 37.97
N ARG B 222 38.69 0.77 38.82
CA ARG B 222 37.60 1.19 39.70
C ARG B 222 36.47 1.89 38.95
N PHE B 223 36.70 2.32 37.71
CA PHE B 223 35.67 2.97 36.92
C PHE B 223 34.52 2.04 36.56
N LEU B 224 34.69 0.73 36.75
CA LEU B 224 33.64 -0.23 36.43
C LEU B 224 32.39 -0.06 37.30
N ARG B 225 32.48 0.67 38.40
CA ARG B 225 31.29 0.91 39.22
C ARG B 225 30.27 1.75 38.48
N ALA B 226 30.68 2.43 37.41
CA ALA B 226 29.71 3.16 36.59
C ALA B 226 28.80 2.21 35.82
N LEU B 227 29.17 0.93 35.74
CA LEU B 227 28.32 -0.04 35.07
C LEU B 227 27.11 -0.43 35.91
N ARG B 228 27.08 -0.06 37.19
CA ARG B 228 25.85 -0.20 37.97
C ARG B 228 24.70 0.61 37.38
N LEU B 229 24.98 1.78 36.78
CA LEU B 229 23.92 2.69 36.36
C LEU B 229 23.05 2.14 35.26
N MET B 230 23.47 1.05 34.61
CA MET B 230 22.64 0.44 33.58
C MET B 230 21.58 -0.48 34.17
N THR B 231 21.55 -0.64 35.50
CA THR B 231 20.46 -1.34 36.17
C THR B 231 19.25 -0.44 36.40
N VAL B 232 19.40 0.88 36.25
CA VAL B 232 18.30 1.79 36.53
C VAL B 232 17.04 1.47 35.73
N PRO B 233 17.11 1.25 34.41
CA PRO B 233 15.87 0.85 33.71
C PRO B 233 15.39 -0.54 34.09
N ASP B 234 16.24 -1.35 34.70
CA ASP B 234 15.84 -2.70 35.10
C ASP B 234 15.37 -2.72 36.55
N ILE B 235 16.12 -2.07 37.45
CA ILE B 235 15.73 -2.04 38.86
C ILE B 235 14.43 -1.27 39.04
N LEU B 236 14.32 -0.11 38.39
CA LEU B 236 13.10 0.69 38.51
C LEU B 236 11.92 0.01 37.81
N GLN B 237 12.19 -0.86 36.83
CA GLN B 237 11.13 -1.62 36.21
C GLN B 237 10.51 -2.60 37.19
N TYR B 238 11.30 -3.18 38.09
CA TYR B 238 10.77 -4.04 39.13
C TYR B 238 9.90 -3.26 40.11
N LEU B 239 10.11 -1.96 40.21
CA LEU B 239 9.35 -1.12 41.13
C LEU B 239 8.08 -0.55 40.52
N ASN B 240 7.76 -0.93 39.28
CA ASN B 240 6.53 -0.56 38.57
C ASN B 240 6.42 0.92 38.28
N VAL B 241 7.52 1.66 38.28
CA VAL B 241 7.44 3.09 37.95
C VAL B 241 7.54 3.28 36.43
N LEU B 242 8.09 2.30 35.73
CA LEU B 242 8.21 2.35 34.27
C LEU B 242 7.04 1.59 33.67
N LYS B 243 5.95 2.31 33.39
CA LYS B 243 4.74 1.68 32.87
C LYS B 243 4.66 1.71 31.35
N THR B 244 4.68 2.92 30.77
CA THR B 244 4.55 3.05 29.33
C THR B 244 5.85 2.64 28.63
N SER B 245 5.71 2.18 27.39
CA SER B 245 6.87 1.69 26.63
C SER B 245 7.85 2.82 26.33
N SER B 246 7.34 4.03 26.11
CA SER B 246 8.21 5.16 25.80
C SER B 246 9.16 5.46 26.95
N SER B 247 8.66 5.40 28.19
CA SER B 247 9.51 5.67 29.35
C SER B 247 10.59 4.61 29.50
N ILE B 248 10.25 3.34 29.27
CA ILE B 248 11.22 2.26 29.44
C ILE B 248 12.34 2.39 28.43
N ARG B 249 11.99 2.67 27.17
CA ARG B 249 13.01 2.74 26.12
C ARG B 249 13.94 3.93 26.34
N LEU B 250 13.38 5.10 26.64
CA LEU B 250 14.22 6.28 26.81
C LEU B 250 15.10 6.15 28.05
N ALA B 251 14.58 5.53 29.12
CA ALA B 251 15.40 5.25 30.29
C ALA B 251 16.54 4.31 29.96
N GLN B 252 16.30 3.31 29.12
CA GLN B 252 17.36 2.41 28.71
C GLN B 252 18.43 3.15 27.91
N LEU B 253 18.01 3.97 26.95
CA LEU B 253 18.96 4.64 26.07
C LEU B 253 19.81 5.65 26.84
N VAL B 254 19.19 6.42 27.74
CA VAL B 254 19.92 7.41 28.50
C VAL B 254 20.93 6.76 29.44
N SER B 255 20.52 5.69 30.11
CA SER B 255 21.40 5.05 31.10
C SER B 255 22.64 4.46 30.44
N ILE B 256 22.49 3.83 29.28
CA ILE B 256 23.64 3.24 28.60
C ILE B 256 24.62 4.34 28.17
N PHE B 257 24.10 5.44 27.63
CA PHE B 257 24.97 6.52 27.19
C PHE B 257 25.77 7.12 28.34
N ILE B 258 25.11 7.34 29.49
CA ILE B 258 25.80 7.90 30.64
C ILE B 258 26.86 6.94 31.16
N SER B 259 26.50 5.66 31.28
CA SER B 259 27.45 4.67 31.81
C SER B 259 28.64 4.49 30.88
N VAL B 260 28.40 4.40 29.57
CA VAL B 260 29.49 4.28 28.62
C VAL B 260 30.38 5.52 28.66
N TRP B 261 29.75 6.70 28.74
CA TRP B 261 30.52 7.95 28.83
C TRP B 261 31.40 7.97 30.07
N LEU B 262 30.83 7.57 31.22
CA LEU B 262 31.59 7.63 32.46
C LEU B 262 32.63 6.51 32.53
N THR B 263 32.27 5.30 32.11
CA THR B 263 33.20 4.18 32.21
C THR B 263 34.38 4.36 31.28
N ALA B 264 34.13 4.69 30.02
CA ALA B 264 35.22 4.85 29.05
C ALA B 264 36.11 6.03 29.40
N ALA B 265 35.55 7.06 30.04
CA ALA B 265 36.38 8.17 30.51
C ALA B 265 37.36 7.71 31.58
N GLY B 266 36.93 6.80 32.45
CA GLY B 266 37.84 6.26 33.45
C GLY B 266 38.96 5.45 32.85
N ILE B 267 38.68 4.74 31.76
CA ILE B 267 39.72 3.95 31.08
C ILE B 267 40.82 4.86 30.55
N ILE B 268 40.43 5.96 29.90
CA ILE B 268 41.41 6.89 29.37
C ILE B 268 42.16 7.59 30.49
N HIS B 269 41.45 7.94 31.57
CA HIS B 269 42.10 8.59 32.71
C HIS B 269 43.16 7.69 33.33
N LEU B 270 42.86 6.39 33.46
CA LEU B 270 43.83 5.45 33.99
C LEU B 270 44.99 5.24 33.01
N LEU B 271 44.66 5.04 31.73
CA LEU B 271 45.69 4.74 30.74
C LEU B 271 46.65 5.91 30.54
N GLU B 272 46.11 7.12 30.41
CA GLU B 272 46.95 8.29 30.13
C GLU B 272 47.85 8.61 31.31
N ASN B 273 47.30 8.56 32.53
CA ASN B 273 48.10 8.91 33.71
C ASN B 273 49.15 7.85 34.02
N SER B 274 48.81 6.57 33.85
CA SER B 274 49.76 5.51 34.19
C SER B 274 50.94 5.50 33.22
N GLY B 275 50.68 5.55 31.92
CA GLY B 275 51.73 5.51 30.93
C GLY B 275 51.95 4.13 30.35
N ASP B 276 53.01 4.03 29.55
CA ASP B 276 53.34 2.77 28.90
C ASP B 276 53.80 1.73 29.93
N PRO B 277 53.54 0.46 29.69
CA PRO B 277 53.88 -0.57 30.68
C PRO B 277 55.38 -0.76 30.81
N LEU B 278 55.82 -1.12 32.02
CA LEU B 278 57.17 -1.54 32.35
C LEU B 278 58.17 -0.38 32.36
N ASP B 279 57.74 0.79 31.91
CA ASP B 279 58.59 1.97 32.07
C ASP B 279 57.86 3.14 32.73
N PHE B 280 56.61 3.38 32.37
CA PHE B 280 55.77 4.38 33.03
C PHE B 280 56.45 5.75 33.09
N ASP B 281 57.12 6.12 32.00
CA ASP B 281 57.81 7.40 31.94
C ASP B 281 56.96 8.48 31.27
N ASN B 282 56.32 8.13 30.15
CA ASN B 282 55.46 9.07 29.42
C ASN B 282 54.09 9.06 30.08
N ALA B 283 53.91 9.91 31.09
CA ALA B 283 52.66 10.00 31.83
C ALA B 283 51.98 11.32 31.50
N HIS B 284 50.90 11.25 30.73
CA HIS B 284 50.11 12.43 30.37
C HIS B 284 49.14 12.69 31.52
N ARG B 285 49.56 13.55 32.45
CA ARG B 285 48.75 13.87 33.62
C ARG B 285 47.50 14.61 33.16
N LEU B 286 46.34 13.97 33.29
CA LEU B 286 45.07 14.52 32.85
C LEU B 286 44.04 14.35 33.95
N SER B 287 43.24 15.40 34.17
CA SER B 287 42.16 15.33 35.13
C SER B 287 41.04 14.42 34.62
N TYR B 288 40.31 13.81 35.56
CA TYR B 288 39.22 12.91 35.17
C TYR B 288 38.13 13.65 34.42
N TRP B 289 37.77 14.85 34.88
CA TRP B 289 36.74 15.62 34.20
C TRP B 289 37.22 16.14 32.86
N THR B 290 38.53 16.37 32.70
CA THR B 290 39.07 16.70 31.39
C THR B 290 38.87 15.54 30.42
N CYS B 291 39.08 14.31 30.90
CA CYS B 291 38.80 13.14 30.07
C CYS B 291 37.33 13.06 29.71
N VAL B 292 36.45 13.37 30.66
CA VAL B 292 35.01 13.37 30.39
C VAL B 292 34.69 14.38 29.29
N TYR B 293 35.30 15.56 29.36
CA TYR B 293 35.14 16.54 28.29
C TYR B 293 35.80 16.07 27.00
N PHE B 294 36.83 15.22 27.10
CA PHE B 294 37.51 14.73 25.91
C PHE B 294 36.63 13.78 25.10
N LEU B 295 35.90 12.89 25.79
CA LEU B 295 35.07 11.92 25.08
C LEU B 295 33.87 12.57 24.41
N ILE B 296 33.23 13.53 25.09
CA ILE B 296 32.05 14.17 24.51
C ILE B 296 32.42 14.92 23.24
N VAL B 297 33.63 15.48 23.20
CA VAL B 297 34.14 16.07 21.96
C VAL B 297 34.39 14.97 20.93
N THR B 298 34.89 13.81 21.38
CA THR B 298 35.16 12.71 20.47
C THR B 298 33.87 12.10 19.93
N MET B 299 32.88 11.87 20.81
CA MET B 299 31.63 11.27 20.35
C MET B 299 30.91 12.18 19.36
N SER B 300 30.89 13.49 19.63
CA SER B 300 30.25 14.42 18.73
C SER B 300 31.05 14.64 17.45
N THR B 301 32.20 13.97 17.30
CA THR B 301 33.08 14.07 16.13
C THR B 301 33.55 15.49 15.88
N VAL B 302 33.63 16.32 16.92
CA VAL B 302 34.16 17.66 16.75
C VAL B 302 35.68 17.64 16.68
N GLY B 303 36.32 16.98 17.65
CA GLY B 303 37.76 16.81 17.64
C GLY B 303 38.56 18.10 17.62
N TYR B 304 38.49 18.86 18.71
CA TYR B 304 39.26 20.11 18.78
C TYR B 304 40.76 19.84 18.73
N GLY B 305 41.22 18.81 19.44
CA GLY B 305 42.63 18.50 19.49
C GLY B 305 43.40 19.16 20.60
N ASP B 306 42.76 20.04 21.38
CA ASP B 306 43.43 20.64 22.54
C ASP B 306 43.77 19.56 23.57
N VAL B 307 42.88 18.60 23.77
CA VAL B 307 43.10 17.46 24.63
C VAL B 307 43.08 16.21 23.78
N TYR B 308 44.14 15.40 23.87
CA TYR B 308 44.24 14.20 23.07
C TYR B 308 45.10 13.17 23.81
N CYS B 309 44.95 11.91 23.42
CA CYS B 309 45.70 10.82 24.02
C CYS B 309 47.09 10.75 23.40
N GLU B 310 48.11 10.66 24.25
CA GLU B 310 49.49 10.59 23.81
C GLU B 310 50.14 9.23 24.04
N THR B 311 49.69 8.49 25.04
CA THR B 311 50.27 7.18 25.32
C THR B 311 49.83 6.16 24.26
N VAL B 312 50.65 5.13 24.08
CA VAL B 312 50.34 4.08 23.12
C VAL B 312 49.09 3.32 23.55
N LEU B 313 48.99 2.98 24.83
CA LEU B 313 47.83 2.26 25.33
C LEU B 313 46.57 3.11 25.22
N GLY B 314 46.67 4.41 25.53
CA GLY B 314 45.51 5.28 25.42
C GLY B 314 44.99 5.39 24.00
N ARG B 315 45.90 5.50 23.03
CA ARG B 315 45.48 5.54 21.63
C ARG B 315 44.88 4.21 21.18
N THR B 316 45.43 3.09 21.68
CA THR B 316 44.92 1.79 21.29
C THR B 316 43.48 1.60 21.75
N PHE B 317 43.17 1.99 22.99
CA PHE B 317 41.79 1.92 23.46
C PHE B 317 40.89 2.87 22.70
N LEU B 318 41.40 4.05 22.34
CA LEU B 318 40.61 5.02 21.60
C LEU B 318 40.19 4.47 20.25
N VAL B 319 41.07 3.68 19.62
CA VAL B 319 40.71 3.05 18.35
C VAL B 319 39.54 2.09 18.53
N PHE B 320 39.59 1.27 19.58
CA PHE B 320 38.47 0.36 19.86
C PHE B 320 37.22 1.13 20.24
N PHE B 321 37.37 2.23 20.99
CA PHE B 321 36.21 3.01 21.39
C PHE B 321 35.50 3.62 20.18
N LEU B 322 36.26 4.08 19.20
CA LEU B 322 35.66 4.62 17.98
C LEU B 322 34.88 3.54 17.22
N LEU B 323 35.46 2.34 17.11
CA LEU B 323 34.78 1.27 16.39
C LEU B 323 33.58 0.75 17.17
N VAL B 324 33.76 0.51 18.48
CA VAL B 324 32.67 -0.01 19.30
C VAL B 324 31.56 1.02 19.42
N GLY B 325 31.92 2.29 19.58
CA GLY B 325 30.92 3.33 19.78
C GLY B 325 29.96 3.46 18.60
N LEU B 326 30.48 3.42 17.38
CA LEU B 326 29.62 3.44 16.20
C LEU B 326 28.77 2.18 16.13
N ALA B 327 29.34 1.04 16.49
CA ALA B 327 28.56 -0.20 16.50
C ALA B 327 27.43 -0.13 17.53
N ILE B 328 27.70 0.43 18.71
CA ILE B 328 26.66 0.65 19.69
C ILE B 328 25.62 1.63 19.15
N PHE B 329 26.10 2.72 18.53
CA PHE B 329 25.18 3.68 17.93
C PHE B 329 24.35 3.06 16.81
N ALA B 330 24.98 2.20 16.00
CA ALA B 330 24.28 1.58 14.88
C ALA B 330 23.13 0.71 15.36
N SER B 331 23.33 -0.03 16.45
CA SER B 331 22.27 -0.90 16.96
C SER B 331 21.12 -0.09 17.53
N CYS B 332 21.34 1.17 17.89
CA CYS B 332 20.32 2.01 18.49
C CYS B 332 19.67 2.97 17.50
N ILE B 333 20.10 2.98 16.24
CA ILE B 333 19.50 3.88 15.26
C ILE B 333 18.01 3.62 15.06
N PRO B 334 17.54 2.38 14.85
CA PRO B 334 16.10 2.19 14.61
C PRO B 334 15.22 2.63 15.76
N GLU B 335 15.74 2.63 16.99
CA GLU B 335 14.89 2.91 18.14
C GLU B 335 14.93 4.39 18.53
N ILE B 336 16.03 5.08 18.21
CA ILE B 336 16.06 6.52 18.46
C ILE B 336 15.24 7.26 17.42
N ILE B 337 15.02 6.65 16.25
CA ILE B 337 14.29 7.33 15.18
C ILE B 337 12.81 7.48 15.55
N ASP B 338 12.21 6.40 16.06
CA ASP B 338 10.77 6.39 16.31
C ASP B 338 10.40 6.80 17.73
N LEU B 339 11.37 7.12 18.58
CA LEU B 339 11.11 7.52 19.95
C LEU B 339 11.14 9.02 20.16
N ILE B 340 12.10 9.73 19.54
CA ILE B 340 12.22 11.16 19.75
C ILE B 340 11.24 11.95 18.89
N GLY B 341 10.67 11.36 17.85
CA GLY B 341 9.77 12.06 16.96
C GLY B 341 8.33 12.07 17.43
N THR B 342 8.11 12.42 18.71
CA THR B 342 6.77 12.49 19.27
C THR B 342 6.63 13.78 20.05
N ARG B 343 5.39 14.26 20.15
CA ARG B 343 5.10 15.49 20.88
C ARG B 343 3.63 15.52 21.24
N ALA B 344 3.33 16.03 22.43
CA ALA B 344 1.97 16.24 22.91
C ALA B 344 1.79 17.73 23.15
N LYS B 345 1.32 18.43 22.12
CA LYS B 345 1.26 19.89 22.18
C LYS B 345 0.04 20.39 22.96
N TYR B 346 -1.13 19.82 22.70
CA TYR B 346 -2.39 20.34 23.24
C TYR B 346 -2.92 19.43 24.33
N GLY B 347 -3.39 20.04 25.42
CA GLY B 347 -3.93 19.29 26.53
C GLY B 347 -4.34 20.23 27.65
N GLY B 348 -4.78 19.64 28.74
CA GLY B 348 -5.20 20.39 29.90
C GLY B 348 -6.69 20.68 29.90
N THR B 349 -7.21 20.98 31.09
CA THR B 349 -8.63 21.25 31.25
C THR B 349 -8.93 22.73 31.08
N LEU B 350 -10.16 23.03 30.66
CA LEU B 350 -10.62 24.39 30.45
C LEU B 350 -10.95 25.00 31.81
N LYS B 351 -10.15 25.97 32.25
CA LYS B 351 -10.38 26.68 33.49
C LYS B 351 -10.36 28.18 33.22
N ASN B 352 -11.47 28.86 33.52
CA ASN B 352 -11.59 30.29 33.33
C ASN B 352 -12.48 30.86 34.43
N GLU B 353 -12.80 32.14 34.30
CA GLU B 353 -13.61 32.82 35.30
C GLU B 353 -15.07 32.41 35.17
N LYS B 354 -15.86 32.76 36.18
CA LYS B 354 -17.30 32.54 36.17
C LYS B 354 -18.01 33.76 35.61
N GLY B 355 -19.20 33.53 35.06
CA GLY B 355 -20.06 34.58 34.54
C GLY B 355 -20.24 34.54 33.03
N ARG B 356 -19.17 34.29 32.29
CA ARG B 356 -19.24 34.23 30.83
C ARG B 356 -19.73 32.87 30.38
N ARG B 357 -20.11 32.79 29.10
CA ARG B 357 -20.70 31.60 28.53
C ARG B 357 -19.91 31.16 27.31
N HIS B 358 -19.87 29.85 27.08
CA HIS B 358 -19.08 29.27 26.00
C HIS B 358 -19.82 28.10 25.37
N ILE B 359 -19.38 27.72 24.18
CA ILE B 359 -19.94 26.59 23.44
C ILE B 359 -18.81 25.68 23.02
N VAL B 360 -19.14 24.43 22.71
CA VAL B 360 -18.17 23.42 22.29
C VAL B 360 -18.49 23.00 20.86
N VAL B 361 -17.47 23.01 20.00
CA VAL B 361 -17.61 22.63 18.60
C VAL B 361 -16.75 21.39 18.35
N CYS B 362 -17.35 20.37 17.76
CA CYS B 362 -16.66 19.12 17.48
C CYS B 362 -17.07 18.62 16.11
N GLY B 363 -16.58 17.43 15.75
CA GLY B 363 -16.91 16.83 14.48
C GLY B 363 -15.82 16.98 13.43
N HIS B 364 -16.15 17.64 12.32
CA HIS B 364 -15.21 17.87 11.23
C HIS B 364 -14.54 19.22 11.46
N ILE B 365 -13.30 19.18 11.92
CA ILE B 365 -12.54 20.38 12.26
C ILE B 365 -11.36 20.45 11.30
N THR B 366 -11.48 21.29 10.27
CA THR B 366 -10.39 21.56 9.34
C THR B 366 -10.12 23.07 9.28
N TYR B 367 -9.22 23.49 8.39
CA TYR B 367 -8.91 24.91 8.29
C TYR B 367 -10.12 25.70 7.76
N GLU B 368 -10.70 25.24 6.66
CA GLU B 368 -11.86 25.91 6.09
C GLU B 368 -13.14 25.66 6.86
N SER B 369 -13.22 24.59 7.65
CA SER B 369 -14.39 24.37 8.48
C SER B 369 -14.45 25.35 9.64
N VAL B 370 -13.29 25.72 10.19
CA VAL B 370 -13.25 26.65 11.31
C VAL B 370 -13.33 28.10 10.82
N SER B 371 -12.59 28.42 9.76
CA SER B 371 -12.57 29.78 9.26
C SER B 371 -13.95 30.22 8.76
N HIS B 372 -14.64 29.33 8.03
CA HIS B 372 -15.99 29.65 7.59
C HIS B 372 -16.94 29.80 8.78
N PHE B 373 -16.80 28.91 9.77
CA PHE B 373 -17.64 28.99 10.97
C PHE B 373 -17.37 30.26 11.76
N LEU B 374 -16.10 30.62 11.92
CA LEU B 374 -15.75 31.77 12.75
C LEU B 374 -16.16 33.08 12.09
N LYS B 375 -16.07 33.15 10.75
CA LYS B 375 -16.46 34.38 10.05
C LYS B 375 -17.95 34.67 10.26
N ASP B 376 -18.79 33.64 10.19
CA ASP B 376 -20.23 33.86 10.39
C ASP B 376 -20.55 34.03 11.87
N PHE B 377 -19.86 33.31 12.75
CA PHE B 377 -20.13 33.41 14.18
C PHE B 377 -19.74 34.78 14.73
N LEU B 378 -18.55 35.25 14.38
CA LEU B 378 -18.06 36.55 14.84
C LEU B 378 -18.17 37.54 13.69
N HIS B 379 -19.34 38.17 13.59
CA HIS B 379 -19.63 39.12 12.53
C HIS B 379 -20.13 40.43 13.12
N GLU B 380 -19.89 41.51 12.38
CA GLU B 380 -20.27 42.84 12.84
C GLU B 380 -21.80 42.97 12.92
N ASP B 381 -22.50 42.41 11.93
CA ASP B 381 -23.96 42.55 11.90
C ASP B 381 -24.63 41.81 13.06
N ARG B 382 -24.01 40.75 13.55
CA ARG B 382 -24.57 40.01 14.67
C ARG B 382 -24.54 40.86 15.94
N GLU B 383 -25.55 40.67 16.78
CA GLU B 383 -25.60 41.38 18.06
C GLU B 383 -24.39 41.00 18.91
N ASP B 384 -23.77 42.01 19.53
CA ASP B 384 -22.53 41.80 20.27
C ASP B 384 -22.82 41.07 21.58
N VAL B 385 -22.49 39.77 21.62
CA VAL B 385 -22.61 38.97 22.83
C VAL B 385 -21.31 38.20 23.00
N ASP B 386 -20.79 38.18 24.23
CA ASP B 386 -19.51 37.56 24.52
C ASP B 386 -19.72 36.07 24.74
N VAL B 387 -19.49 35.29 23.68
CA VAL B 387 -19.58 33.83 23.73
C VAL B 387 -18.25 33.26 23.25
N GLU B 388 -17.67 32.37 24.05
CA GLU B 388 -16.39 31.74 23.73
C GLU B 388 -16.62 30.47 22.94
N VAL B 389 -15.74 30.21 21.96
CA VAL B 389 -15.83 29.04 21.10
C VAL B 389 -14.69 28.09 21.47
N VAL B 390 -15.05 26.84 21.77
CA VAL B 390 -14.08 25.82 22.16
C VAL B 390 -14.14 24.70 21.13
N PHE B 391 -12.99 24.34 20.58
CA PHE B 391 -12.88 23.26 19.61
C PHE B 391 -12.23 22.05 20.23
N LEU B 392 -12.73 20.87 19.87
CA LEU B 392 -12.23 19.60 20.42
C LEU B 392 -12.13 18.59 19.28
N HIS B 393 -10.90 18.32 18.83
CA HIS B 393 -10.66 17.36 17.77
C HIS B 393 -9.49 16.46 18.16
N ARG B 394 -9.56 15.21 17.71
CA ARG B 394 -8.57 14.22 18.09
C ARG B 394 -7.26 14.34 17.32
N LYS B 395 -7.20 15.19 16.31
CA LYS B 395 -6.00 15.36 15.51
C LYS B 395 -5.33 16.70 15.84
N PRO B 396 -4.01 16.75 15.81
CA PRO B 396 -3.31 18.02 16.05
C PRO B 396 -3.47 18.95 14.86
N PRO B 397 -3.80 20.22 15.11
CA PRO B 397 -3.98 21.16 13.99
C PRO B 397 -2.66 21.43 13.28
N ASP B 398 -2.75 21.73 11.99
CA ASP B 398 -1.57 22.06 11.20
C ASP B 398 -1.15 23.49 11.46
N LEU B 399 -0.13 23.95 10.72
CA LEU B 399 0.43 25.27 10.95
C LEU B 399 -0.59 26.36 10.66
N GLU B 400 -1.35 26.22 9.57
CA GLU B 400 -2.30 27.26 9.21
C GLU B 400 -3.44 27.37 10.23
N LEU B 401 -3.92 26.23 10.74
CA LEU B 401 -5.00 26.27 11.72
C LEU B 401 -4.54 26.89 13.03
N GLU B 402 -3.30 26.61 13.44
CA GLU B 402 -2.78 27.19 14.68
C GLU B 402 -2.68 28.70 14.58
N GLY B 403 -2.27 29.22 13.42
CA GLY B 403 -2.25 30.66 13.23
C GLY B 403 -3.63 31.29 13.30
N LEU B 404 -4.64 30.58 12.80
CA LEU B 404 -6.01 31.07 12.91
C LEU B 404 -6.45 31.15 14.36
N PHE B 405 -6.08 30.17 15.17
CA PHE B 405 -6.43 30.21 16.59
C PHE B 405 -5.73 31.37 17.30
N LYS B 406 -4.49 31.67 16.91
CA LYS B 406 -3.76 32.78 17.52
C LYS B 406 -4.45 34.11 17.23
N ARG B 407 -4.96 34.29 16.01
CA ARG B 407 -5.66 35.52 15.67
C ARG B 407 -6.98 35.67 16.43
N HIS B 408 -7.49 34.58 17.01
CA HIS B 408 -8.68 34.61 17.85
C HIS B 408 -8.36 34.08 19.24
N PHE B 409 -7.23 34.54 19.80
CA PHE B 409 -6.77 34.01 21.09
C PHE B 409 -7.75 34.33 22.22
N THR B 410 -8.32 35.54 22.21
CA THR B 410 -9.22 35.97 23.26
C THR B 410 -10.63 35.43 23.12
N THR B 411 -10.93 34.74 22.01
CA THR B 411 -12.27 34.22 21.76
C THR B 411 -12.30 32.73 21.45
N VAL B 412 -11.25 32.17 20.86
CA VAL B 412 -11.27 30.78 20.40
C VAL B 412 -10.13 30.03 21.06
N GLU B 413 -10.44 28.85 21.60
CA GLU B 413 -9.45 27.97 22.20
C GLU B 413 -9.63 26.56 21.65
N PHE B 414 -8.53 25.81 21.61
CA PHE B 414 -8.51 24.47 21.04
C PHE B 414 -7.98 23.48 22.07
N PHE B 415 -8.56 22.28 22.07
CA PHE B 415 -8.11 21.17 22.91
C PHE B 415 -8.06 19.90 22.08
N GLN B 416 -7.13 19.01 22.43
CA GLN B 416 -6.97 17.75 21.73
C GLN B 416 -7.69 16.65 22.51
N GLY B 417 -8.62 15.99 21.85
CA GLY B 417 -9.38 14.93 22.49
C GLY B 417 -10.53 14.50 21.61
N THR B 418 -11.35 13.61 22.14
CA THR B 418 -12.50 13.08 21.41
C THR B 418 -13.75 13.17 22.28
N ILE B 419 -14.90 13.32 21.61
CA ILE B 419 -16.18 13.40 22.31
C ILE B 419 -16.51 12.09 23.02
N MET B 420 -16.17 10.96 22.39
CA MET B 420 -16.51 9.64 22.93
C MET B 420 -15.81 9.34 24.25
N ASN B 421 -14.78 10.09 24.62
CA ASN B 421 -14.08 9.89 25.88
C ASN B 421 -14.69 10.78 26.94
N PRO B 422 -15.26 10.22 28.01
CA PRO B 422 -15.82 11.07 29.07
C PRO B 422 -14.78 11.94 29.76
N ILE B 423 -13.51 11.53 29.76
CA ILE B 423 -12.47 12.35 30.37
C ILE B 423 -12.30 13.66 29.60
N ASP B 424 -12.29 13.58 28.27
CA ASP B 424 -12.15 14.79 27.46
C ASP B 424 -13.38 15.68 27.56
N LEU B 425 -14.55 15.10 27.80
CA LEU B 425 -15.76 15.91 27.96
C LEU B 425 -15.68 16.79 29.19
N GLN B 426 -15.12 16.26 30.29
CA GLN B 426 -14.96 17.05 31.50
C GLN B 426 -13.90 18.14 31.33
N ARG B 427 -12.89 17.91 30.49
CA ARG B 427 -11.83 18.88 30.31
C ARG B 427 -12.35 20.17 29.68
N VAL B 428 -13.25 20.06 28.70
CA VAL B 428 -13.75 21.21 27.97
C VAL B 428 -15.01 21.75 28.63
N LYS B 429 -15.39 21.15 29.77
CA LYS B 429 -16.54 21.60 30.56
C LYS B 429 -17.83 21.58 29.74
N VAL B 430 -18.21 20.37 29.32
CA VAL B 430 -19.41 20.21 28.52
C VAL B 430 -20.65 20.53 29.35
N HIS B 431 -20.64 20.15 30.64
CA HIS B 431 -21.82 20.31 31.48
C HIS B 431 -22.17 21.77 31.73
N GLU B 432 -21.24 22.70 31.49
CA GLU B 432 -21.50 24.12 31.68
C GLU B 432 -21.63 24.89 30.37
N ALA B 433 -21.40 24.25 29.22
CA ALA B 433 -21.50 24.94 27.95
C ALA B 433 -22.96 25.21 27.59
N ASP B 434 -23.17 26.24 26.78
CA ASP B 434 -24.52 26.55 26.31
C ASP B 434 -25.03 25.45 25.38
N ALA B 435 -24.22 25.10 24.39
CA ALA B 435 -24.61 24.09 23.40
C ALA B 435 -23.36 23.44 22.85
N CYS B 436 -23.54 22.25 22.29
CA CYS B 436 -22.47 21.51 21.63
C CYS B 436 -22.81 21.40 20.14
N LEU B 437 -21.91 21.88 19.29
CA LEU B 437 -22.14 21.88 17.85
C LEU B 437 -21.31 20.79 17.20
N VAL B 438 -21.97 19.92 16.45
CA VAL B 438 -21.32 18.80 15.76
C VAL B 438 -21.31 19.13 14.27
N LEU B 439 -20.12 19.30 13.71
CA LEU B 439 -19.96 19.59 12.29
C LEU B 439 -19.77 18.30 11.51
N ALA B 440 -20.43 18.21 10.36
CA ALA B 440 -20.38 17.03 9.51
C ALA B 440 -19.45 17.26 8.33
N ASN B 441 -18.86 16.18 7.85
CA ASN B 441 -18.03 16.20 6.65
C ASN B 441 -18.95 16.06 5.45
N LYS B 442 -19.27 17.20 4.82
CA LYS B 442 -20.19 17.19 3.68
C LYS B 442 -19.63 16.41 2.51
N TYR B 443 -18.34 16.54 2.24
CA TYR B 443 -17.70 15.85 1.12
C TYR B 443 -17.09 14.52 1.58
N CYS B 444 -17.97 13.60 1.94
CA CYS B 444 -17.58 12.28 2.44
C CYS B 444 -17.97 11.21 1.41
N GLN B 445 -17.12 10.20 1.28
CA GLN B 445 -17.40 9.12 0.34
C GLN B 445 -18.66 8.36 0.72
N ASP B 446 -18.82 8.07 2.01
CA ASP B 446 -19.97 7.34 2.51
C ASP B 446 -20.78 8.21 3.46
N PRO B 447 -21.88 8.80 3.01
CA PRO B 447 -22.72 9.58 3.95
C PRO B 447 -23.27 8.77 5.10
N ASP B 448 -23.55 7.48 4.88
CA ASP B 448 -24.05 6.63 5.97
C ASP B 448 -23.02 6.51 7.09
N ALA B 449 -21.75 6.33 6.73
CA ALA B 449 -20.70 6.23 7.75
C ALA B 449 -20.54 7.54 8.50
N GLU B 450 -20.59 8.67 7.78
CA GLU B 450 -20.44 9.97 8.44
C GLU B 450 -21.60 10.24 9.41
N ASP B 451 -22.83 9.92 8.99
CA ASP B 451 -23.98 10.16 9.86
C ASP B 451 -23.93 9.29 11.11
N ALA B 452 -23.51 8.03 10.96
CA ALA B 452 -23.44 7.13 12.11
C ALA B 452 -22.45 7.63 13.15
N ALA B 453 -21.29 8.12 12.70
CA ALA B 453 -20.30 8.65 13.63
C ALA B 453 -20.82 9.88 14.35
N ASN B 454 -21.51 10.77 13.64
CA ASN B 454 -22.04 11.99 14.24
C ASN B 454 -23.13 11.67 15.26
N ILE B 455 -23.97 10.67 14.96
CA ILE B 455 -25.04 10.29 15.89
C ILE B 455 -24.44 9.75 17.18
N MET B 456 -23.37 8.96 17.07
CA MET B 456 -22.73 8.42 18.26
C MET B 456 -22.13 9.52 19.13
N ARG B 457 -21.70 10.62 18.53
CA ARG B 457 -21.21 11.76 19.32
C ARG B 457 -22.31 12.35 20.17
N VAL B 458 -23.53 12.47 19.61
CA VAL B 458 -24.65 12.99 20.38
C VAL B 458 -24.98 12.07 21.54
N ILE B 459 -24.91 10.76 21.32
CA ILE B 459 -25.16 9.81 22.39
C ILE B 459 -24.14 9.99 23.51
N SER B 460 -22.86 10.16 23.14
CA SER B 460 -21.83 10.38 24.15
C SER B 460 -22.04 11.68 24.90
N ILE B 461 -22.43 12.75 24.19
CA ILE B 461 -22.68 14.03 24.84
C ILE B 461 -23.88 13.92 25.78
N LYS B 462 -24.95 13.29 25.33
CA LYS B 462 -26.13 13.13 26.17
C LYS B 462 -25.87 12.18 27.33
N ASN B 463 -24.98 11.20 27.14
CA ASN B 463 -24.63 10.30 28.24
C ASN B 463 -23.95 11.06 29.38
N TYR B 464 -23.04 11.98 29.03
CA TYR B 464 -22.39 12.78 30.06
C TYR B 464 -23.36 13.68 30.79
N SER B 465 -24.27 14.31 30.06
CA SER B 465 -25.27 15.21 30.65
C SER B 465 -26.52 15.19 29.79
N ASP B 466 -27.66 14.88 30.41
CA ASP B 466 -28.91 14.81 29.67
C ASP B 466 -29.46 16.20 29.32
N ASP B 467 -29.14 17.21 30.10
CA ASP B 467 -29.62 18.58 29.88
C ASP B 467 -28.53 19.41 29.21
N ILE B 468 -28.40 19.22 27.90
CA ILE B 468 -27.45 19.99 27.10
C ILE B 468 -27.99 20.19 25.70
N ARG B 469 -27.83 21.39 25.16
CA ARG B 469 -28.28 21.68 23.81
C ARG B 469 -27.30 21.11 22.79
N VAL B 470 -27.82 20.42 21.79
CA VAL B 470 -27.00 19.79 20.75
C VAL B 470 -27.54 20.20 19.39
N ILE B 471 -26.66 20.72 18.54
CA ILE B 471 -26.98 21.05 17.16
C ILE B 471 -26.05 20.23 16.27
N ILE B 472 -26.62 19.46 15.36
CA ILE B 472 -25.88 18.48 14.58
C ILE B 472 -26.30 18.56 13.11
N GLN B 473 -25.33 18.39 12.22
CA GLN B 473 -25.57 18.30 10.79
C GLN B 473 -25.74 16.83 10.42
N LEU B 474 -26.81 16.53 9.69
CA LEU B 474 -27.08 15.18 9.21
C LEU B 474 -27.11 15.17 7.69
N MET B 475 -26.39 14.20 7.11
CA MET B 475 -26.28 14.11 5.66
C MET B 475 -27.53 13.54 5.00
N GLN B 476 -28.27 12.67 5.69
CA GLN B 476 -29.43 12.00 5.13
C GLN B 476 -30.61 12.10 6.09
N TYR B 477 -31.81 12.15 5.52
CA TYR B 477 -33.00 12.39 6.34
C TYR B 477 -33.42 11.14 7.11
N HIS B 478 -33.22 9.95 6.53
CA HIS B 478 -33.66 8.74 7.20
C HIS B 478 -32.88 8.46 8.48
N ASN B 479 -31.72 9.09 8.65
CA ASN B 479 -30.96 8.95 9.89
C ASN B 479 -31.47 9.88 10.99
N LYS B 480 -32.38 10.79 10.66
CA LYS B 480 -32.95 11.66 11.68
C LYS B 480 -33.83 10.89 12.65
N ALA B 481 -34.38 9.74 12.21
CA ALA B 481 -35.23 8.94 13.08
C ALA B 481 -34.46 8.40 14.28
N TYR B 482 -33.19 8.03 14.07
CA TYR B 482 -32.39 7.51 15.17
C TYR B 482 -32.20 8.53 16.27
N LEU B 483 -31.95 9.79 15.90
CA LEU B 483 -31.77 10.84 16.89
C LEU B 483 -33.06 11.09 17.68
N LEU B 484 -34.20 11.05 16.99
CA LEU B 484 -35.48 11.29 17.67
C LEU B 484 -35.81 10.19 18.65
N ASN B 485 -35.27 8.99 18.45
CA ASN B 485 -35.52 7.87 19.35
C ASN B 485 -34.66 7.92 20.61
N ILE B 486 -33.73 8.86 20.70
CA ILE B 486 -32.93 8.99 21.92
C ILE B 486 -33.81 9.49 23.05
N PRO B 487 -33.82 8.83 24.22
CA PRO B 487 -34.70 9.29 25.30
C PRO B 487 -34.41 10.71 25.79
N SER B 488 -33.14 11.13 25.76
CA SER B 488 -32.76 12.45 26.25
C SER B 488 -32.90 13.54 25.20
N TRP B 489 -33.17 13.19 23.94
CA TRP B 489 -33.36 14.19 22.90
C TRP B 489 -34.69 14.90 23.10
N ASP B 490 -34.67 16.23 23.02
CA ASP B 490 -35.88 17.02 23.21
C ASP B 490 -35.76 18.30 22.40
N TRP B 491 -36.55 18.39 21.32
CA TRP B 491 -36.53 19.59 20.49
C TRP B 491 -37.07 20.80 21.24
N LYS B 492 -37.99 20.59 22.19
CA LYS B 492 -38.56 21.70 22.93
C LYS B 492 -37.53 22.39 23.82
N GLN B 493 -36.43 21.73 24.14
CA GLN B 493 -35.40 22.28 25.02
C GLN B 493 -34.23 22.87 24.25
N GLY B 494 -34.32 22.97 22.93
CA GLY B 494 -33.28 23.58 22.12
C GLY B 494 -32.55 22.62 21.20
N ASP B 495 -32.74 21.31 21.33
CA ASP B 495 -32.07 20.37 20.44
C ASP B 495 -32.58 20.54 19.02
N ASP B 496 -31.66 20.63 18.07
CA ASP B 496 -32.01 20.88 16.67
C ASP B 496 -31.21 19.96 15.77
N VAL B 497 -31.85 19.53 14.68
CA VAL B 497 -31.20 18.74 13.64
C VAL B 497 -31.28 19.54 12.34
N ILE B 498 -30.12 19.81 11.74
CA ILE B 498 -30.07 20.48 10.46
C ILE B 498 -29.67 19.47 9.40
N CYS B 499 -30.65 18.94 8.68
CA CYS B 499 -30.42 17.92 7.67
C CYS B 499 -30.11 18.61 6.34
N LEU B 500 -28.89 18.39 5.83
CA LEU B 500 -28.51 19.05 4.58
C LEU B 500 -29.32 18.52 3.40
N ALA B 501 -29.59 17.22 3.38
CA ALA B 501 -30.37 16.65 2.28
C ALA B 501 -31.78 17.22 2.24
N GLU B 502 -32.42 17.35 3.39
CA GLU B 502 -33.77 17.92 3.44
C GLU B 502 -33.76 19.38 3.02
N LEU B 503 -32.76 20.14 3.49
CA LEU B 503 -32.73 21.57 3.19
C LEU B 503 -32.30 21.84 1.75
N LYS B 504 -31.33 21.07 1.24
CA LYS B 504 -30.86 21.29 -0.12
C LYS B 504 -31.97 21.04 -1.13
N LEU B 505 -32.63 19.89 -1.04
CA LEU B 505 -33.70 19.59 -1.99
C LEU B 505 -34.95 20.42 -1.72
N GLY B 506 -35.12 20.89 -0.48
CA GLY B 506 -36.21 21.81 -0.20
C GLY B 506 -36.00 23.15 -0.91
N PHE B 507 -34.75 23.61 -0.98
CA PHE B 507 -34.46 24.83 -1.73
C PHE B 507 -34.72 24.63 -3.22
N ILE B 508 -34.36 23.46 -3.75
CA ILE B 508 -34.59 23.19 -5.17
C ILE B 508 -36.08 23.12 -5.46
N ALA B 509 -36.85 22.47 -4.59
CA ALA B 509 -38.30 22.33 -4.82
C ALA B 509 -38.98 23.68 -4.85
N GLN B 510 -38.61 24.58 -3.95
CA GLN B 510 -39.21 25.92 -3.93
C GLN B 510 -38.83 26.70 -5.18
N SER B 511 -37.66 26.42 -5.76
CA SER B 511 -37.25 27.09 -6.99
C SER B 511 -38.14 26.70 -8.16
N CYS B 512 -38.72 25.50 -8.13
CA CYS B 512 -39.65 25.10 -9.18
C CYS B 512 -40.89 25.98 -9.18
N LEU B 513 -41.40 26.30 -7.99
CA LEU B 513 -42.57 27.17 -7.88
C LEU B 513 -42.23 28.62 -8.16
N ALA B 514 -40.99 29.03 -7.90
CA ALA B 514 -40.54 30.40 -8.14
C ALA B 514 -39.05 30.36 -8.44
N PRO B 515 -38.67 30.52 -9.72
CA PRO B 515 -37.25 30.45 -10.07
C PRO B 515 -36.44 31.54 -9.36
N GLY B 516 -35.22 31.19 -8.98
CA GLY B 516 -34.36 32.10 -8.26
C GLY B 516 -34.63 32.20 -6.77
N PHE B 517 -35.55 31.39 -6.25
CA PHE B 517 -35.88 31.48 -4.83
C PHE B 517 -34.76 30.92 -3.95
N SER B 518 -34.04 29.93 -4.46
CA SER B 518 -32.96 29.32 -3.67
C SER B 518 -31.84 30.32 -3.39
N THR B 519 -31.51 31.16 -4.38
CA THR B 519 -30.47 32.17 -4.17
C THR B 519 -30.88 33.17 -3.10
N MET B 520 -32.14 33.61 -3.12
CA MET B 520 -32.61 34.58 -2.14
C MET B 520 -32.59 33.99 -0.74
N MET B 521 -33.05 32.74 -0.60
CA MET B 521 -33.03 32.08 0.71
C MET B 521 -31.60 31.86 1.21
N ALA B 522 -30.69 31.46 0.31
CA ALA B 522 -29.32 31.20 0.74
C ALA B 522 -28.64 32.47 1.23
N ASN B 523 -28.87 33.59 0.56
CA ASN B 523 -28.21 34.84 0.94
C ASN B 523 -28.81 35.46 2.21
N LEU B 524 -30.04 35.08 2.58
CA LEU B 524 -30.69 35.69 3.72
C LEU B 524 -30.14 35.18 5.05
N PHE B 525 -29.40 34.08 5.05
CA PHE B 525 -28.88 33.48 6.28
C PHE B 525 -27.37 33.37 6.25
N ALA B 526 -26.70 34.26 5.53
CA ALA B 526 -25.25 34.37 5.53
C ALA B 526 -24.88 35.80 5.89
N MET B 527 -24.08 35.96 6.94
CA MET B 527 -23.72 37.30 7.39
C MET B 527 -22.82 37.98 6.37
N ARG B 528 -23.35 39.03 5.73
CA ARG B 528 -22.62 39.73 4.69
C ARG B 528 -22.70 41.23 4.93
N SER B 529 -21.56 41.90 4.88
CA SER B 529 -21.50 43.36 4.97
C SER B 529 -21.43 43.94 3.57
N PHE B 530 -22.34 44.86 3.27
CA PHE B 530 -22.49 45.41 1.93
C PHE B 530 -21.81 46.78 1.87
N LYS B 531 -20.86 46.91 0.94
CA LYS B 531 -20.18 48.18 0.68
C LYS B 531 -20.41 48.54 -0.78
N THR B 532 -20.92 49.75 -1.02
CA THR B 532 -21.20 50.18 -2.38
C THR B 532 -19.91 50.45 -3.14
N SER B 533 -19.91 50.12 -4.44
CA SER B 533 -18.76 50.32 -5.30
C SER B 533 -19.26 50.87 -6.64
N PRO B 534 -18.71 51.99 -7.11
CA PRO B 534 -19.18 52.57 -8.37
C PRO B 534 -18.54 51.95 -9.61
N ASP B 535 -17.36 51.36 -9.44
CA ASP B 535 -16.59 50.83 -10.57
C ASP B 535 -17.01 49.38 -10.85
N MET B 536 -18.30 49.20 -11.10
CA MET B 536 -18.87 47.90 -11.41
C MET B 536 -20.28 48.12 -11.94
N GLN B 537 -20.84 47.06 -12.52
CA GLN B 537 -22.12 47.17 -13.21
C GLN B 537 -23.25 47.49 -12.23
N SER B 538 -24.29 48.15 -12.76
CA SER B 538 -25.43 48.52 -11.94
C SER B 538 -26.14 47.28 -11.39
N TRP B 539 -26.30 46.25 -12.23
CA TRP B 539 -26.95 45.02 -11.77
C TRP B 539 -26.12 44.34 -10.68
N THR B 540 -24.78 44.42 -10.80
CA THR B 540 -23.93 43.88 -9.75
C THR B 540 -24.12 44.63 -8.43
N ASN B 541 -24.21 45.96 -8.50
CA ASN B 541 -24.43 46.75 -7.30
C ASN B 541 -25.79 46.45 -6.68
N ASP B 542 -26.82 46.33 -7.52
CA ASP B 542 -28.16 46.02 -7.01
C ASP B 542 -28.19 44.64 -6.37
N TYR B 543 -27.53 43.66 -6.98
CA TYR B 543 -27.48 42.32 -6.41
C TYR B 543 -26.73 42.30 -5.09
N LEU B 544 -25.61 43.02 -5.00
CA LEU B 544 -24.83 43.02 -3.77
C LEU B 544 -25.57 43.67 -2.62
N ARG B 545 -26.45 44.63 -2.92
CA ARG B 545 -27.28 45.23 -1.88
C ARG B 545 -28.21 44.19 -1.26
N GLY B 546 -28.78 43.32 -2.08
CA GLY B 546 -29.65 42.28 -1.56
C GLY B 546 -28.90 41.26 -0.70
N THR B 547 -27.66 40.95 -1.07
CA THR B 547 -26.88 39.98 -0.30
C THR B 547 -26.58 40.49 1.11
N GLY B 548 -26.59 41.81 1.30
CA GLY B 548 -26.37 42.37 2.62
C GLY B 548 -27.53 42.16 3.57
N MET B 549 -28.72 41.90 3.04
CA MET B 549 -29.87 41.63 3.88
C MET B 549 -29.71 40.29 4.59
N GLU B 550 -29.99 40.27 5.89
CA GLU B 550 -29.99 39.07 6.70
C GLU B 550 -31.32 38.93 7.42
N MET B 551 -31.37 37.97 8.34
CA MET B 551 -32.60 37.60 9.02
C MET B 551 -32.45 37.89 10.50
N TYR B 552 -33.39 38.65 11.07
CA TYR B 552 -33.30 39.07 12.46
C TYR B 552 -34.66 38.97 13.14
N THR B 553 -34.63 38.80 14.45
CA THR B 553 -35.82 38.69 15.28
C THR B 553 -35.84 39.81 16.32
N GLU B 554 -36.98 40.49 16.42
CA GLU B 554 -37.12 41.59 17.37
C GLU B 554 -38.53 41.58 17.93
N THR B 555 -38.67 42.09 19.15
CA THR B 555 -39.95 42.21 19.83
C THR B 555 -40.65 43.48 19.34
N LEU B 556 -41.92 43.34 18.94
CA LEU B 556 -42.66 44.47 18.42
C LEU B 556 -42.93 45.50 19.54
N SER B 557 -43.00 46.76 19.14
CA SER B 557 -43.29 47.83 20.08
C SER B 557 -44.72 47.71 20.59
N PRO B 558 -44.98 48.18 21.82
CA PRO B 558 -46.37 48.17 22.32
C PRO B 558 -47.33 49.00 21.49
N THR B 559 -46.82 49.92 20.67
CA THR B 559 -47.68 50.67 19.76
C THR B 559 -48.37 49.76 18.75
N PHE B 560 -47.75 48.63 18.40
CA PHE B 560 -48.31 47.71 17.42
C PHE B 560 -49.42 46.84 17.99
N ILE B 561 -49.67 46.88 19.29
CA ILE B 561 -50.67 46.02 19.91
C ILE B 561 -52.06 46.44 19.44
N GLY B 562 -52.83 45.46 18.95
CA GLY B 562 -54.20 45.71 18.55
C GLY B 562 -54.41 45.70 17.04
N ILE B 563 -53.50 46.30 16.29
CA ILE B 563 -53.63 46.40 14.85
C ILE B 563 -53.36 45.02 14.23
N PRO B 564 -53.95 44.71 13.08
CA PRO B 564 -53.67 43.42 12.43
C PRO B 564 -52.27 43.39 11.84
N PHE B 565 -51.89 42.20 11.37
CA PHE B 565 -50.56 42.04 10.79
C PHE B 565 -50.38 42.87 9.53
N ALA B 566 -51.42 42.93 8.68
CA ALA B 566 -51.31 43.64 7.41
C ALA B 566 -51.01 45.11 7.63
N GLN B 567 -51.68 45.73 8.60
CA GLN B 567 -51.37 47.12 8.92
C GLN B 567 -50.00 47.24 9.59
N ALA B 568 -49.60 46.22 10.35
CA ALA B 568 -48.32 46.28 11.06
C ALA B 568 -47.15 46.23 10.10
N THR B 569 -47.17 45.27 9.16
CA THR B 569 -46.04 45.12 8.24
C THR B 569 -45.96 46.29 7.27
N GLU B 570 -47.10 46.86 6.89
CA GLU B 570 -47.09 48.04 6.04
C GLU B 570 -46.47 49.23 6.74
N LEU B 571 -46.76 49.41 8.03
CA LEU B 571 -46.20 50.52 8.78
C LEU B 571 -44.68 50.39 8.91
N CYS B 572 -44.20 49.16 9.16
CA CYS B 572 -42.76 48.95 9.30
C CYS B 572 -42.03 49.23 7.99
N PHE B 573 -42.62 48.82 6.86
CA PHE B 573 -41.98 49.06 5.57
C PHE B 573 -41.88 50.55 5.27
N SER B 574 -42.92 51.32 5.57
CA SER B 574 -42.92 52.74 5.23
C SER B 574 -42.18 53.56 6.29
N LYS B 575 -42.67 53.54 7.53
CA LYS B 575 -42.08 54.39 8.56
C LYS B 575 -40.71 53.88 9.01
N LEU B 576 -40.59 52.58 9.26
CA LEU B 576 -39.38 52.02 9.82
C LEU B 576 -38.42 51.47 8.78
N LYS B 577 -38.82 51.40 7.52
CA LYS B 577 -37.99 50.86 6.44
C LYS B 577 -37.52 49.45 6.76
N LEU B 578 -38.41 48.63 7.32
CA LEU B 578 -38.10 47.26 7.67
C LEU B 578 -39.19 46.34 7.15
N LEU B 579 -38.79 45.15 6.73
CA LEU B 579 -39.71 44.16 6.17
C LEU B 579 -40.07 43.14 7.24
N LEU B 580 -41.35 43.08 7.61
CA LEU B 580 -41.86 42.14 8.58
C LEU B 580 -42.66 41.07 7.84
N LEU B 581 -42.23 39.82 7.93
CA LEU B 581 -42.84 38.74 7.19
C LEU B 581 -43.43 37.63 8.05
N ALA B 582 -43.01 37.49 9.31
CA ALA B 582 -43.52 36.44 10.16
C ALA B 582 -43.56 36.94 11.60
N ILE B 583 -44.51 36.38 12.36
CA ILE B 583 -44.66 36.67 13.78
C ILE B 583 -44.85 35.37 14.54
N GLU B 584 -44.60 35.42 15.84
CA GLU B 584 -44.78 34.26 16.71
C GLU B 584 -46.05 34.44 17.51
N ILE B 585 -46.96 33.48 17.40
CA ILE B 585 -48.25 33.51 18.09
C ILE B 585 -48.22 32.48 19.22
N LYS B 586 -48.74 32.87 20.37
CA LYS B 586 -48.76 31.99 21.54
C LYS B 586 -49.89 30.97 21.44
N SER B 594 -45.95 27.66 21.31
CA SER B 594 -46.21 28.76 20.39
C SER B 594 -46.12 28.28 18.94
N LYS B 595 -46.49 29.16 18.01
CA LYS B 595 -46.48 28.84 16.59
C LYS B 595 -45.93 30.03 15.82
N ILE B 596 -45.33 29.74 14.66
CA ILE B 596 -44.79 30.75 13.77
C ILE B 596 -45.66 30.79 12.53
N SER B 597 -46.22 31.97 12.23
CA SER B 597 -47.08 32.17 11.09
C SER B 597 -46.43 33.15 10.12
N ILE B 598 -46.40 32.79 8.84
CA ILE B 598 -45.76 33.59 7.81
C ILE B 598 -46.85 34.39 7.09
N ASN B 599 -46.77 35.71 7.21
CA ASN B 599 -47.74 36.63 6.60
C ASN B 599 -49.19 36.23 6.94
N PRO B 600 -49.56 36.24 8.22
CA PRO B 600 -50.93 35.84 8.58
C PRO B 600 -51.92 36.96 8.30
N ARG B 601 -53.10 36.59 7.78
CA ARG B 601 -54.17 37.54 7.53
C ARG B 601 -55.15 37.53 8.70
N GLY B 602 -55.59 38.71 9.12
CA GLY B 602 -56.50 38.82 10.24
C GLY B 602 -55.91 38.30 11.54
N ALA B 603 -54.63 38.59 11.78
CA ALA B 603 -53.94 38.16 13.00
C ALA B 603 -53.53 39.41 13.77
N LYS B 604 -54.26 39.70 14.84
CA LYS B 604 -53.98 40.88 15.63
C LYS B 604 -52.66 40.72 16.40
N ILE B 605 -51.90 41.80 16.46
CA ILE B 605 -50.62 41.76 17.18
C ILE B 605 -50.88 41.80 18.68
N GLN B 606 -50.28 40.87 19.40
CA GLN B 606 -50.44 40.76 20.84
C GLN B 606 -49.23 41.36 21.55
N ALA B 607 -49.34 41.43 22.88
CA ALA B 607 -48.26 41.99 23.69
C ALA B 607 -47.04 41.08 23.67
N ASN B 608 -45.86 41.70 23.61
CA ASN B 608 -44.58 40.98 23.60
C ASN B 608 -44.51 39.97 22.47
N THR B 609 -45.01 40.36 21.30
CA THR B 609 -44.98 39.50 20.13
C THR B 609 -43.61 39.57 19.46
N GLN B 610 -43.02 38.40 19.22
CA GLN B 610 -41.73 38.31 18.54
C GLN B 610 -41.94 38.43 17.04
N GLY B 611 -41.26 39.39 16.44
CA GLY B 611 -41.39 39.66 15.01
C GLY B 611 -40.14 39.25 14.25
N PHE B 612 -40.32 38.76 13.03
CA PHE B 612 -39.23 38.36 12.17
C PHE B 612 -39.03 39.42 11.09
N PHE B 613 -37.81 39.94 10.98
CA PHE B 613 -37.50 41.06 10.12
C PHE B 613 -36.36 40.74 9.17
N ILE B 614 -36.33 41.46 8.05
CA ILE B 614 -35.24 41.41 7.09
C ILE B 614 -34.61 42.80 7.04
N ALA B 615 -33.32 42.88 7.33
CA ALA B 615 -32.64 44.17 7.41
C ALA B 615 -31.15 43.99 7.14
N GLN B 616 -30.48 45.11 6.88
CA GLN B 616 -29.05 45.08 6.62
C GLN B 616 -28.27 44.59 7.83
N SER B 617 -28.65 45.02 9.03
CA SER B 617 -27.94 44.63 10.24
C SER B 617 -28.91 44.65 11.41
N ALA B 618 -28.44 44.12 12.55
CA ALA B 618 -29.26 44.07 13.75
C ALA B 618 -29.53 45.46 14.34
N ASP B 619 -28.74 46.46 13.96
CA ASP B 619 -29.01 47.82 14.43
C ASP B 619 -30.27 48.39 13.80
N GLU B 620 -30.56 48.01 12.56
CA GLU B 620 -31.74 48.52 11.87
C GLU B 620 -33.03 48.04 12.52
N VAL B 621 -33.08 46.77 12.93
CA VAL B 621 -34.31 46.23 13.53
C VAL B 621 -34.55 46.73 14.94
N LYS B 622 -33.58 47.43 15.55
CA LYS B 622 -33.81 48.01 16.86
C LYS B 622 -34.89 49.07 16.83
N ARG B 623 -35.10 49.71 15.68
CA ARG B 623 -36.14 50.73 15.55
C ARG B 623 -37.54 50.15 15.73
N ALA B 624 -37.71 48.84 15.56
CA ALA B 624 -39.01 48.21 15.73
C ALA B 624 -39.36 47.97 17.19
N TRP B 625 -38.39 48.06 18.10
CA TRP B 625 -38.67 47.84 19.52
C TRP B 625 -39.16 49.11 20.19
N PHE B 626 -38.45 50.23 20.00
CA PHE B 626 -38.86 51.51 20.55
C PHE B 626 -39.48 52.33 19.43
N TYR B 627 -40.75 52.68 19.58
CA TYR B 627 -41.50 53.41 18.58
C TYR B 627 -42.86 53.78 19.15
N CYS B 628 -43.36 54.94 18.76
CA CYS B 628 -44.66 55.42 19.19
C CYS B 628 -45.17 56.42 18.17
N LYS B 629 -46.29 57.06 18.51
CA LYS B 629 -46.88 58.06 17.62
C LYS B 629 -45.93 59.25 17.42
N ALA B 630 -45.29 59.71 18.48
CA ALA B 630 -44.37 60.84 18.39
C ALA B 630 -43.08 60.45 17.68
N MET B 778 -59.55 9.24 1.99
CA MET B 778 -58.34 9.93 2.40
C MET B 778 -57.72 10.72 1.25
N LYS B 779 -57.89 12.04 1.28
CA LYS B 779 -57.30 12.91 0.28
C LYS B 779 -56.01 13.57 0.74
N TYR B 780 -55.75 13.63 2.04
CA TYR B 780 -54.57 14.26 2.60
C TYR B 780 -53.96 13.33 3.64
N ASP B 781 -52.89 13.81 4.27
CA ASP B 781 -52.19 13.03 5.28
C ASP B 781 -52.85 13.22 6.65
N SER B 782 -52.23 12.68 7.68
CA SER B 782 -52.78 12.79 9.03
C SER B 782 -52.84 14.23 9.49
N THR B 783 -51.78 15.01 9.22
CA THR B 783 -51.75 16.42 9.59
C THR B 783 -52.57 17.28 8.63
N GLY B 784 -52.99 16.75 7.49
CA GLY B 784 -53.75 17.52 6.53
C GLY B 784 -52.98 18.67 5.92
N MET B 785 -51.69 18.47 5.65
CA MET B 785 -50.85 19.50 5.06
C MET B 785 -50.17 19.05 3.78
N PHE B 786 -50.42 17.83 3.32
CA PHE B 786 -49.90 17.34 2.05
C PHE B 786 -50.96 16.47 1.38
N HIS B 787 -50.97 16.50 0.06
CA HIS B 787 -51.89 15.64 -0.70
C HIS B 787 -51.46 14.18 -0.57
N TRP B 788 -52.44 13.29 -0.69
CA TRP B 788 -52.23 11.87 -0.45
C TRP B 788 -52.79 11.04 -1.59
N SER B 789 -52.18 9.88 -1.80
CA SER B 789 -52.58 8.91 -2.82
C SER B 789 -52.61 7.53 -2.20
N PRO B 790 -53.44 6.61 -2.73
CA PRO B 790 -53.60 5.27 -2.16
C PRO B 790 -52.46 4.30 -2.51
N ALA B 791 -51.22 4.76 -2.34
CA ALA B 791 -50.02 3.93 -2.43
C ALA B 791 -49.93 3.22 -3.79
N LYS B 792 -49.77 4.05 -4.83
CA LYS B 792 -49.56 3.52 -6.16
C LYS B 792 -48.21 2.81 -6.27
N SER B 793 -48.18 1.74 -7.05
CA SER B 793 -46.98 0.95 -7.26
C SER B 793 -46.05 1.62 -8.26
N LEU B 794 -44.78 1.20 -8.22
CA LEU B 794 -43.78 1.77 -9.11
C LEU B 794 -44.07 1.44 -10.57
N GLU B 795 -44.45 0.19 -10.84
CA GLU B 795 -44.68 -0.24 -12.22
C GLU B 795 -45.82 0.53 -12.87
N ASP B 796 -46.78 1.01 -12.08
CA ASP B 796 -47.86 1.82 -12.61
C ASP B 796 -47.41 3.22 -13.03
N CYS B 797 -46.19 3.62 -12.64
CA CYS B 797 -45.69 4.94 -12.99
C CYS B 797 -44.53 4.91 -13.98
N ILE B 798 -43.94 3.74 -14.24
CA ILE B 798 -42.84 3.67 -15.19
C ILE B 798 -43.36 3.95 -16.59
N LEU B 799 -42.68 4.85 -17.29
CA LEU B 799 -43.09 5.27 -18.63
C LEU B 799 -42.01 4.91 -19.64
N ASP B 800 -42.45 4.59 -20.85
CA ASP B 800 -41.58 4.29 -21.98
C ASP B 800 -41.57 5.47 -22.93
N ARG B 801 -40.66 5.42 -23.91
CA ARG B 801 -40.56 6.52 -24.88
C ARG B 801 -41.85 6.67 -25.68
N ASN B 802 -42.45 5.54 -26.09
CA ASN B 802 -43.65 5.59 -26.91
C ASN B 802 -44.83 6.19 -26.13
N GLN B 803 -44.97 5.81 -24.86
CA GLN B 803 -46.13 6.28 -24.10
C GLN B 803 -45.86 7.58 -23.36
N ALA B 804 -44.59 7.97 -23.19
CA ALA B 804 -44.32 9.29 -22.64
C ALA B 804 -44.56 10.37 -23.69
N ALA B 805 -44.43 10.01 -24.97
CA ALA B 805 -44.65 10.97 -26.05
C ALA B 805 -46.13 11.33 -26.18
N MET B 806 -47.02 10.35 -26.09
CA MET B 806 -48.45 10.63 -26.23
C MET B 806 -48.98 11.44 -25.06
N THR B 807 -48.38 11.24 -23.88
CA THR B 807 -48.77 12.03 -22.71
C THR B 807 -48.31 13.47 -22.90
N VAL B 808 -49.23 14.41 -22.71
CA VAL B 808 -48.93 15.84 -22.87
C VAL B 808 -48.53 16.35 -21.50
N LEU B 809 -47.25 16.69 -21.37
CA LEU B 809 -46.70 17.23 -20.13
C LEU B 809 -46.41 18.71 -20.33
N ASN B 810 -47.25 19.56 -19.73
CA ASN B 810 -47.11 21.01 -19.85
C ASN B 810 -47.02 21.62 -18.46
N GLY B 811 -46.02 22.49 -18.28
CA GLY B 811 -45.82 23.10 -16.98
C GLY B 811 -45.40 22.13 -15.90
N HIS B 812 -44.85 20.98 -16.27
CA HIS B 812 -44.45 19.97 -15.32
C HIS B 812 -43.02 20.24 -14.82
N VAL B 813 -42.52 19.35 -13.97
CA VAL B 813 -41.18 19.43 -13.41
C VAL B 813 -40.42 18.17 -13.80
N VAL B 814 -39.25 18.36 -14.40
CA VAL B 814 -38.39 17.26 -14.84
C VAL B 814 -37.21 17.16 -13.89
N VAL B 815 -37.00 15.98 -13.31
CA VAL B 815 -35.92 15.73 -12.37
C VAL B 815 -34.91 14.85 -13.08
N CYS B 816 -33.78 15.43 -13.48
CA CYS B 816 -32.71 14.68 -14.11
C CYS B 816 -31.79 14.12 -13.03
N LEU B 817 -31.77 12.80 -12.90
CA LEU B 817 -31.07 12.13 -11.81
C LEU B 817 -29.93 11.29 -12.37
N PHE B 818 -28.71 11.52 -11.86
CA PHE B 818 -27.56 10.70 -12.17
C PHE B 818 -27.27 9.83 -10.94
N ALA B 819 -27.47 8.53 -11.07
CA ALA B 819 -27.26 7.64 -9.93
C ALA B 819 -27.04 6.21 -10.42
N ASP B 820 -26.04 5.56 -9.84
CA ASP B 820 -25.82 4.14 -10.04
C ASP B 820 -26.82 3.33 -9.22
N PRO B 821 -27.03 2.06 -9.56
CA PRO B 821 -27.97 1.25 -8.76
C PRO B 821 -27.57 1.10 -7.31
N ASP B 822 -26.29 1.23 -6.97
CA ASP B 822 -25.82 1.14 -5.60
C ASP B 822 -25.43 2.49 -5.01
N SER B 823 -25.84 3.59 -5.63
CA SER B 823 -25.52 4.91 -5.12
C SER B 823 -26.23 5.14 -3.78
N PRO B 824 -25.62 5.93 -2.89
CA PRO B 824 -26.28 6.22 -1.61
C PRO B 824 -27.60 6.94 -1.83
N LEU B 825 -28.58 6.60 -1.00
CA LEU B 825 -29.92 7.13 -1.17
C LEU B 825 -29.96 8.62 -0.87
N ILE B 826 -30.66 9.37 -1.71
CA ILE B 826 -30.89 10.80 -1.49
C ILE B 826 -32.38 10.99 -1.24
N GLY B 827 -32.70 12.05 -0.51
CA GLY B 827 -34.08 12.29 -0.11
C GLY B 827 -34.95 12.86 -1.20
N LEU B 828 -35.24 12.07 -2.23
CA LEU B 828 -36.17 12.51 -3.27
C LEU B 828 -37.54 12.83 -2.69
N ARG B 829 -37.89 12.22 -1.55
CA ARG B 829 -39.10 12.58 -0.85
C ARG B 829 -39.08 14.04 -0.41
N ASN B 830 -37.92 14.55 0.02
CA ASN B 830 -37.80 15.94 0.43
C ASN B 830 -37.95 16.90 -0.74
N LEU B 831 -37.91 16.40 -1.97
CA LEU B 831 -38.07 17.24 -3.15
C LEU B 831 -39.50 17.26 -3.68
N VAL B 832 -40.26 16.19 -3.47
CA VAL B 832 -41.60 16.08 -4.02
C VAL B 832 -42.66 16.62 -3.05
N MET B 833 -42.52 16.33 -1.77
CA MET B 833 -43.52 16.81 -0.80
C MET B 833 -43.70 18.33 -0.79
N PRO B 834 -42.66 19.17 -0.86
CA PRO B 834 -42.91 20.60 -0.97
C PRO B 834 -43.74 20.97 -2.19
N LEU B 835 -43.67 20.19 -3.26
CA LEU B 835 -44.52 20.40 -4.42
C LEU B 835 -45.90 19.77 -4.26
N ARG B 836 -46.13 19.00 -3.19
CA ARG B 836 -47.40 18.35 -2.95
C ARG B 836 -48.10 18.86 -1.69
N ALA B 837 -47.78 20.09 -1.27
CA ALA B 837 -48.39 20.64 -0.07
C ALA B 837 -49.88 20.89 -0.30
N SER B 838 -50.66 20.77 0.78
CA SER B 838 -52.09 21.00 0.72
C SER B 838 -52.46 22.45 0.41
N ASN B 839 -51.50 23.37 0.52
CA ASN B 839 -51.75 24.76 0.19
C ASN B 839 -51.99 24.98 -1.30
N PHE B 840 -51.67 23.98 -2.13
CA PHE B 840 -51.92 24.03 -3.56
C PHE B 840 -53.18 23.25 -3.88
N HIS B 841 -53.99 23.80 -4.78
CA HIS B 841 -55.16 23.06 -5.28
C HIS B 841 -54.70 21.87 -6.10
N TYR B 842 -55.55 20.84 -6.16
CA TYR B 842 -55.18 19.62 -6.87
C TYR B 842 -55.02 19.88 -8.36
N HIS B 843 -55.82 20.78 -8.93
CA HIS B 843 -55.72 21.08 -10.36
C HIS B 843 -54.46 21.86 -10.68
N GLU B 844 -53.95 22.64 -9.73
CA GLU B 844 -52.76 23.46 -9.95
C GLU B 844 -51.47 22.74 -9.58
N LEU B 845 -51.54 21.46 -9.19
CA LEU B 845 -50.35 20.69 -8.91
C LEU B 845 -49.51 20.51 -10.17
N LYS B 846 -48.20 20.37 -9.97
CA LYS B 846 -47.24 20.21 -11.06
C LYS B 846 -46.83 18.75 -11.16
N HIS B 847 -46.99 18.17 -12.35
CA HIS B 847 -46.56 16.79 -12.55
C HIS B 847 -45.06 16.67 -12.43
N VAL B 848 -44.61 15.60 -11.78
CA VAL B 848 -43.19 15.35 -11.54
C VAL B 848 -42.77 14.15 -12.38
N VAL B 849 -41.77 14.35 -13.23
CA VAL B 849 -41.21 13.29 -14.05
C VAL B 849 -39.75 13.11 -13.65
N ILE B 850 -39.38 11.88 -13.28
CA ILE B 850 -38.03 11.57 -12.85
C ILE B 850 -37.37 10.73 -13.94
N VAL B 851 -36.29 11.24 -14.51
CA VAL B 851 -35.54 10.55 -15.55
C VAL B 851 -34.29 9.97 -14.90
N GLY B 852 -34.21 8.65 -14.85
CA GLY B 852 -33.09 7.99 -14.22
C GLY B 852 -33.30 6.49 -14.19
N SER B 853 -32.36 5.82 -13.53
CA SER B 853 -32.40 4.38 -13.42
C SER B 853 -33.42 3.95 -12.35
N VAL B 854 -34.40 3.15 -12.76
CA VAL B 854 -35.38 2.63 -11.80
C VAL B 854 -34.72 1.70 -10.80
N ASP B 855 -33.60 1.06 -11.15
CA ASP B 855 -32.88 0.26 -10.17
C ASP B 855 -32.47 1.07 -8.96
N TYR B 856 -32.29 2.39 -9.14
CA TYR B 856 -32.04 3.27 -8.01
C TYR B 856 -33.34 3.85 -7.46
N ILE B 857 -34.27 4.23 -8.35
CA ILE B 857 -35.55 4.80 -7.90
C ILE B 857 -36.39 3.76 -7.17
N ARG B 858 -36.19 2.48 -7.47
CA ARG B 858 -36.93 1.43 -6.77
C ARG B 858 -36.63 1.45 -5.29
N ARG B 859 -35.37 1.68 -4.92
CA ARG B 859 -34.99 1.75 -3.51
C ARG B 859 -35.64 2.92 -2.79
N GLU B 860 -35.97 3.99 -3.51
CA GLU B 860 -36.58 5.18 -2.91
C GLU B 860 -38.06 5.30 -3.18
N TRP B 861 -38.70 4.30 -3.79
CA TRP B 861 -40.12 4.39 -4.08
C TRP B 861 -40.98 4.22 -2.84
N LYS B 862 -40.44 3.67 -1.76
CA LYS B 862 -41.23 3.46 -0.55
C LYS B 862 -41.81 4.76 -0.03
N MET B 863 -41.05 5.84 -0.13
CA MET B 863 -41.47 7.14 0.38
C MET B 863 -42.25 7.96 -0.65
N LEU B 864 -42.44 7.44 -1.86
CA LEU B 864 -43.13 8.14 -2.93
C LEU B 864 -44.43 7.48 -3.37
N GLN B 865 -44.86 6.41 -2.70
CA GLN B 865 -46.08 5.72 -3.11
C GLN B 865 -47.31 6.61 -2.96
N ASN B 866 -47.39 7.36 -1.87
CA ASN B 866 -48.59 8.12 -1.52
C ASN B 866 -48.54 9.57 -2.00
N LEU B 867 -47.76 9.85 -3.05
CA LEU B 867 -47.68 11.21 -3.59
C LEU B 867 -48.24 11.23 -5.00
N PRO B 868 -49.28 12.01 -5.26
CA PRO B 868 -49.92 11.99 -6.58
C PRO B 868 -49.06 12.61 -7.66
N LYS B 869 -49.33 12.19 -8.90
CA LYS B 869 -48.73 12.75 -10.10
C LYS B 869 -47.20 12.65 -10.09
N ILE B 870 -46.72 11.42 -10.07
CA ILE B 870 -45.30 11.12 -10.16
C ILE B 870 -45.09 10.13 -11.30
N SER B 871 -44.15 10.44 -12.19
CA SER B 871 -43.85 9.61 -13.35
C SER B 871 -42.37 9.24 -13.34
N VAL B 872 -42.08 8.04 -13.83
CA VAL B 872 -40.72 7.50 -13.88
C VAL B 872 -40.41 7.06 -15.29
N LEU B 873 -39.22 7.41 -15.77
CA LEU B 873 -38.77 7.03 -17.11
C LEU B 873 -37.38 6.43 -16.99
N ASN B 874 -37.23 5.17 -17.42
CA ASN B 874 -35.92 4.53 -17.46
C ASN B 874 -35.09 5.10 -18.59
N GLY B 875 -33.91 5.63 -18.26
CA GLY B 875 -33.03 6.17 -19.27
C GLY B 875 -31.89 6.99 -18.71
N SER B 876 -31.38 7.92 -19.50
CA SER B 876 -30.29 8.79 -19.09
C SER B 876 -30.66 10.22 -19.46
N PRO B 877 -30.53 11.18 -18.54
CA PRO B 877 -30.82 12.57 -18.87
C PRO B 877 -29.89 13.15 -19.94
N LEU B 878 -28.74 12.53 -20.18
CA LEU B 878 -27.83 12.99 -21.22
C LEU B 878 -28.31 12.64 -22.63
N SER B 879 -29.34 11.81 -22.75
CA SER B 879 -29.86 11.42 -24.06
C SER B 879 -30.90 12.43 -24.53
N ARG B 880 -30.73 12.91 -25.77
CA ARG B 880 -31.68 13.87 -26.32
C ARG B 880 -33.05 13.24 -26.57
N ALA B 881 -33.09 11.94 -26.86
CA ALA B 881 -34.37 11.29 -27.11
C ALA B 881 -35.24 11.27 -25.85
N ASP B 882 -34.65 10.98 -24.69
CA ASP B 882 -35.41 10.96 -23.45
C ASP B 882 -35.91 12.37 -23.10
N LEU B 883 -35.06 13.38 -23.30
CA LEU B 883 -35.46 14.75 -22.98
C LEU B 883 -36.59 15.21 -23.88
N ARG B 884 -36.55 14.85 -25.17
CA ARG B 884 -37.64 15.21 -26.07
C ARG B 884 -38.91 14.44 -25.75
N ALA B 885 -38.80 13.25 -25.17
CA ALA B 885 -39.96 12.45 -24.83
C ALA B 885 -40.71 12.98 -23.61
N VAL B 886 -40.11 13.87 -22.83
CA VAL B 886 -40.75 14.44 -21.65
C VAL B 886 -41.03 15.92 -21.81
N ASN B 887 -40.75 16.48 -22.99
CA ASN B 887 -41.03 17.88 -23.30
C ASN B 887 -40.32 18.82 -22.32
N VAL B 888 -38.98 18.77 -22.35
CA VAL B 888 -38.18 19.64 -21.50
C VAL B 888 -38.39 21.10 -21.88
N ASN B 889 -38.75 21.38 -23.12
CA ASN B 889 -39.01 22.75 -23.54
C ASN B 889 -40.29 23.31 -22.91
N LEU B 890 -41.18 22.46 -22.42
CA LEU B 890 -42.43 22.88 -21.82
C LEU B 890 -42.44 22.78 -20.30
N CYS B 891 -41.38 22.25 -19.70
CA CYS B 891 -41.35 22.10 -18.25
C CYS B 891 -41.16 23.45 -17.56
N ASP B 892 -41.62 23.52 -16.30
CA ASP B 892 -41.48 24.74 -15.52
C ASP B 892 -40.12 24.85 -14.84
N MET B 893 -39.43 23.73 -14.62
CA MET B 893 -38.11 23.73 -14.02
C MET B 893 -37.47 22.36 -14.22
N CYS B 894 -36.20 22.36 -14.63
CA CYS B 894 -35.43 21.15 -14.82
C CYS B 894 -34.36 21.08 -13.74
N CYS B 895 -34.33 19.99 -12.99
CA CYS B 895 -33.39 19.81 -11.88
C CYS B 895 -32.40 18.71 -12.26
N ILE B 896 -31.12 19.04 -12.21
CA ILE B 896 -30.05 18.09 -12.50
C ILE B 896 -29.45 17.70 -11.15
N LEU B 897 -29.76 16.49 -10.70
CA LEU B 897 -29.28 15.96 -9.43
C LEU B 897 -28.37 14.76 -9.68
N SER B 898 -27.31 14.66 -8.89
CA SER B 898 -26.35 13.57 -9.00
C SER B 898 -26.20 12.90 -7.64
N ALA B 899 -26.48 11.60 -7.58
CA ALA B 899 -26.32 10.82 -6.37
C ALA B 899 -25.08 9.94 -6.40
N LYS B 900 -24.29 9.99 -7.48
CA LYS B 900 -23.09 9.18 -7.58
C LYS B 900 -22.02 9.69 -6.63
N VAL B 901 -21.27 8.76 -6.04
CA VAL B 901 -20.18 9.11 -5.13
C VAL B 901 -19.04 9.71 -5.94
N PRO B 902 -18.46 10.82 -5.51
CA PRO B 902 -17.28 11.36 -6.20
C PRO B 902 -16.11 10.39 -6.11
N SER B 903 -15.34 10.31 -7.20
CA SER B 903 -14.18 9.42 -7.22
C SER B 903 -12.97 10.02 -6.54
N ASN B 904 -13.00 11.32 -6.22
CA ASN B 904 -11.93 12.06 -5.57
C ASN B 904 -10.65 12.08 -6.39
N ASP B 905 -10.70 11.62 -7.65
CA ASP B 905 -9.51 11.66 -8.49
C ASP B 905 -9.10 13.08 -8.82
N ASP B 906 -10.09 13.95 -9.10
CA ASP B 906 -9.82 15.34 -9.43
C ASP B 906 -11.09 16.14 -9.13
N PRO B 907 -10.99 17.25 -8.39
CA PRO B 907 -12.20 18.04 -8.11
C PRO B 907 -12.88 18.57 -9.36
N THR B 908 -12.11 18.88 -10.42
CA THR B 908 -12.71 19.38 -11.65
C THR B 908 -13.48 18.31 -12.40
N LEU B 909 -13.25 17.03 -12.09
CA LEU B 909 -13.96 15.93 -12.72
C LEU B 909 -15.13 15.42 -11.88
N ALA B 910 -15.48 16.13 -10.80
CA ALA B 910 -16.56 15.66 -9.95
C ALA B 910 -17.93 15.90 -10.55
N ASP B 911 -18.07 16.93 -11.38
CA ASP B 911 -19.35 17.32 -11.95
C ASP B 911 -19.34 17.26 -13.47
N LYS B 912 -18.74 16.21 -14.03
CA LYS B 912 -18.72 16.04 -15.49
C LYS B 912 -20.12 15.83 -16.03
N GLU B 913 -20.88 14.93 -15.41
CA GLU B 913 -22.23 14.64 -15.90
C GLU B 913 -23.16 15.82 -15.71
N ALA B 914 -23.06 16.51 -14.56
CA ALA B 914 -23.94 17.65 -14.31
C ALA B 914 -23.68 18.79 -15.29
N ILE B 915 -22.40 19.07 -15.57
CA ILE B 915 -22.07 20.13 -16.52
C ILE B 915 -22.47 19.73 -17.93
N LEU B 916 -22.21 18.48 -18.31
CA LEU B 916 -22.56 18.03 -19.64
C LEU B 916 -24.06 18.06 -19.87
N ALA B 917 -24.84 17.65 -18.86
CA ALA B 917 -26.29 17.67 -18.99
C ALA B 917 -26.81 19.10 -19.16
N SER B 918 -26.25 20.05 -18.40
CA SER B 918 -26.66 21.44 -18.54
C SER B 918 -26.33 21.98 -19.92
N LEU B 919 -25.14 21.67 -20.42
CA LEU B 919 -24.76 22.12 -21.75
C LEU B 919 -25.56 21.43 -22.84
N ASN B 920 -25.90 20.15 -22.63
CA ASN B 920 -26.68 19.42 -23.62
C ASN B 920 -28.05 20.06 -23.83
N ILE B 921 -28.76 20.34 -22.73
CA ILE B 921 -30.09 20.94 -22.83
C ILE B 921 -30.01 22.35 -23.39
N LYS B 922 -28.95 23.09 -23.03
CA LYS B 922 -28.84 24.49 -23.43
C LYS B 922 -28.68 24.63 -24.94
N ALA B 923 -28.18 23.58 -25.61
CA ALA B 923 -27.97 23.64 -27.04
C ALA B 923 -29.07 22.94 -27.84
N MET B 924 -30.06 22.35 -27.18
CA MET B 924 -31.13 21.67 -27.88
C MET B 924 -32.06 22.67 -28.57
N THR B 925 -32.64 22.23 -29.69
CA THR B 925 -33.62 23.01 -30.43
C THR B 925 -34.86 22.18 -30.66
N PHE B 926 -36.02 22.85 -30.66
CA PHE B 926 -37.30 22.18 -30.77
C PHE B 926 -38.12 22.80 -31.90
N ASP B 927 -39.01 21.99 -32.47
CA ASP B 927 -39.85 22.43 -33.56
C ASP B 927 -40.88 23.46 -33.08
N VAL B 959 -38.82 26.53 -27.80
CA VAL B 959 -38.21 26.46 -29.12
C VAL B 959 -36.70 26.65 -29.02
N TYR B 960 -36.27 27.26 -27.92
CA TYR B 960 -34.86 27.53 -27.67
C TYR B 960 -34.41 26.77 -26.43
N GLY B 961 -33.29 26.06 -26.55
CA GLY B 961 -32.78 25.30 -25.41
C GLY B 961 -32.33 26.18 -24.26
N ALA B 962 -31.76 27.35 -24.57
CA ALA B 962 -31.33 28.28 -23.54
C ALA B 962 -32.48 28.87 -22.75
N ASN B 963 -33.70 28.79 -23.26
CA ASN B 963 -34.88 29.29 -22.56
C ASN B 963 -35.45 28.30 -21.55
N VAL B 964 -34.91 27.08 -21.50
CA VAL B 964 -35.38 26.07 -20.56
C VAL B 964 -34.87 26.44 -19.17
N PRO B 965 -35.76 26.64 -18.19
CA PRO B 965 -35.31 26.97 -16.83
C PRO B 965 -34.72 25.74 -16.15
N MET B 966 -33.44 25.85 -15.75
CA MET B 966 -32.75 24.76 -15.08
C MET B 966 -32.06 25.27 -13.83
N ILE B 967 -31.95 24.39 -12.84
CA ILE B 967 -31.15 24.63 -11.64
C ILE B 967 -30.30 23.38 -11.41
N THR B 968 -29.02 23.57 -11.20
CA THR B 968 -28.07 22.47 -11.06
C THR B 968 -27.36 22.57 -9.71
N GLU B 969 -27.38 21.49 -8.95
CA GLU B 969 -26.66 21.41 -7.69
C GLU B 969 -25.25 20.86 -7.97
N LEU B 970 -24.25 21.54 -7.42
CA LEU B 970 -22.85 21.22 -7.71
C LEU B 970 -22.19 20.59 -6.50
N VAL B 971 -21.49 19.48 -6.74
CA VAL B 971 -20.70 18.86 -5.68
C VAL B 971 -19.52 19.74 -5.31
N ASN B 972 -18.87 20.35 -6.30
CA ASN B 972 -17.73 21.21 -6.09
C ASN B 972 -18.11 22.66 -6.40
N ASP B 973 -17.68 23.59 -5.54
CA ASP B 973 -17.97 25.00 -5.76
C ASP B 973 -17.21 25.56 -6.96
N GLY B 974 -16.01 25.03 -7.23
CA GLY B 974 -15.19 25.56 -8.30
C GLY B 974 -15.67 25.20 -9.69
N ASN B 975 -16.64 24.30 -9.81
CA ASN B 975 -17.17 23.90 -11.11
C ASN B 975 -18.27 24.84 -11.61
N VAL B 976 -18.64 25.86 -10.82
CA VAL B 976 -19.66 26.81 -11.24
C VAL B 976 -19.19 27.65 -12.42
N GLN B 977 -17.88 27.71 -12.66
CA GLN B 977 -17.36 28.52 -13.75
C GLN B 977 -17.78 27.97 -15.11
N PHE B 978 -17.98 26.66 -15.21
CA PHE B 978 -18.33 26.04 -16.49
C PHE B 978 -19.81 26.08 -16.79
N LEU B 979 -20.66 26.46 -15.82
CA LEU B 979 -22.09 26.47 -16.05
C LEU B 979 -22.48 27.53 -17.08
N ASP B 980 -21.86 28.71 -17.01
CA ASP B 980 -22.16 29.81 -17.92
C ASP B 980 -20.92 30.20 -18.70
N GLN B 981 -21.13 30.67 -19.93
CA GLN B 981 -20.03 31.01 -20.82
C GLN B 981 -19.82 32.51 -20.97
N ASP B 982 -20.86 33.33 -20.80
CA ASP B 982 -20.75 34.77 -21.01
C ASP B 982 -20.43 35.48 -19.69
N ASP B 983 -19.34 35.05 -19.05
CA ASP B 983 -18.87 35.66 -17.82
C ASP B 983 -17.38 35.42 -17.67
N ASP B 984 -16.76 36.23 -16.80
CA ASP B 984 -15.34 36.11 -16.51
C ASP B 984 -15.18 35.28 -15.24
N ASP B 985 -14.47 34.16 -15.35
CA ASP B 985 -14.33 33.24 -14.23
C ASP B 985 -13.05 33.52 -13.45
N ASP B 986 -13.17 33.55 -12.13
CA ASP B 986 -12.04 33.74 -11.23
C ASP B 986 -12.12 32.65 -10.17
N PRO B 987 -11.12 31.78 -10.06
CA PRO B 987 -11.22 30.64 -9.13
C PRO B 987 -11.32 31.02 -7.66
N ASP B 988 -10.87 32.22 -7.28
CA ASP B 988 -10.88 32.63 -5.88
C ASP B 988 -12.17 33.34 -5.47
N THR B 989 -13.09 33.57 -6.40
CA THR B 989 -14.33 34.27 -6.05
C THR B 989 -15.25 33.38 -5.24
N GLU B 990 -15.97 33.99 -4.31
CA GLU B 990 -16.95 33.24 -3.51
C GLU B 990 -18.10 32.78 -4.40
N LEU B 991 -18.73 31.67 -4.01
CA LEU B 991 -19.78 31.09 -4.84
C LEU B 991 -20.96 32.02 -4.98
N TYR B 992 -21.34 32.71 -3.89
CA TYR B 992 -22.48 33.61 -3.95
C TYR B 992 -22.24 34.81 -4.84
N LEU B 993 -20.99 35.12 -5.16
CA LEU B 993 -20.65 36.23 -6.04
C LEU B 993 -20.68 35.85 -7.51
N THR B 994 -20.77 34.57 -7.85
CA THR B 994 -20.73 34.14 -9.24
C THR B 994 -22.04 34.44 -9.95
N GLN B 995 -21.95 34.63 -11.27
CA GLN B 995 -23.14 34.88 -12.07
C GLN B 995 -24.14 33.72 -12.04
N PRO B 996 -23.74 32.45 -12.21
CA PRO B 996 -24.76 31.38 -12.17
C PRO B 996 -25.52 31.31 -10.86
N PHE B 997 -24.87 31.60 -9.74
CA PHE B 997 -25.58 31.59 -8.46
C PHE B 997 -26.50 32.81 -8.34
N ALA B 998 -26.06 33.96 -8.83
CA ALA B 998 -26.88 35.16 -8.76
C ALA B 998 -28.14 35.03 -9.59
N CYS B 999 -28.10 34.23 -10.65
CA CYS B 999 -29.26 34.01 -11.52
C CYS B 999 -30.15 32.88 -11.03
N GLY B 1000 -29.76 32.17 -9.98
CA GLY B 1000 -30.57 31.10 -9.45
C GLY B 1000 -30.46 29.77 -10.18
N THR B 1001 -29.52 29.65 -11.11
CA THR B 1001 -29.34 28.42 -11.87
C THR B 1001 -28.30 27.48 -11.26
N ALA B 1002 -27.71 27.84 -10.12
CA ALA B 1002 -26.72 27.01 -9.47
C ALA B 1002 -27.01 26.93 -7.98
N PHE B 1003 -26.57 25.82 -7.36
CA PHE B 1003 -26.76 25.61 -5.94
C PHE B 1003 -25.69 24.67 -5.43
N ALA B 1004 -25.43 24.73 -4.13
CA ALA B 1004 -24.46 23.85 -3.48
C ALA B 1004 -24.74 23.80 -2.00
N VAL B 1005 -24.25 22.75 -1.34
CA VAL B 1005 -24.42 22.62 0.10
C VAL B 1005 -23.45 23.50 0.86
N SER B 1006 -22.46 24.08 0.18
CA SER B 1006 -21.47 24.91 0.85
C SER B 1006 -22.02 26.26 1.28
N VAL B 1007 -23.25 26.59 0.87
CA VAL B 1007 -23.88 27.84 1.29
C VAL B 1007 -24.70 27.68 2.56
N LEU B 1008 -24.73 26.48 3.14
CA LEU B 1008 -25.58 26.19 4.29
C LEU B 1008 -24.78 25.99 5.58
N ASP B 1009 -23.48 26.28 5.58
CA ASP B 1009 -22.70 26.18 6.81
C ASP B 1009 -23.14 27.20 7.85
N SER B 1010 -23.55 28.40 7.40
CA SER B 1010 -23.93 29.46 8.32
C SER B 1010 -25.19 29.15 9.10
N LEU B 1011 -25.85 28.03 8.83
CA LEU B 1011 -27.05 27.67 9.60
C LEU B 1011 -26.68 27.18 10.99
N MET B 1012 -25.41 26.81 11.22
CA MET B 1012 -24.95 26.52 12.57
C MET B 1012 -25.05 27.75 13.47
N SER B 1013 -24.52 28.88 13.00
CA SER B 1013 -24.59 30.11 13.80
C SER B 1013 -26.02 30.63 13.87
N THR B 1014 -26.76 30.54 12.76
CA THR B 1014 -28.13 31.04 12.74
C THR B 1014 -29.01 30.29 13.72
N THR B 1015 -28.88 28.96 13.76
CA THR B 1015 -29.71 28.16 14.66
C THR B 1015 -29.34 28.36 16.11
N TYR B 1016 -28.04 28.47 16.41
CA TYR B 1016 -27.60 28.60 17.79
C TYR B 1016 -28.10 29.90 18.40
N PHE B 1017 -27.99 31.01 17.68
CA PHE B 1017 -28.40 32.30 18.23
C PHE B 1017 -29.92 32.43 18.30
N ASN B 1018 -30.66 31.65 17.53
CA ASN B 1018 -32.13 31.68 17.58
C ASN B 1018 -32.65 30.37 17.02
N GLN B 1019 -33.29 29.57 17.88
CA GLN B 1019 -33.89 28.32 17.43
C GLN B 1019 -35.08 28.58 16.51
N ASN B 1020 -35.84 29.64 16.78
CA ASN B 1020 -37.00 29.96 15.95
C ASN B 1020 -36.60 30.31 14.51
N ALA B 1021 -35.35 30.72 14.30
CA ALA B 1021 -34.90 31.02 12.93
C ALA B 1021 -34.93 29.77 12.07
N LEU B 1022 -34.44 28.65 12.60
CA LEU B 1022 -34.45 27.40 11.84
C LEU B 1022 -35.88 26.92 11.59
N THR B 1023 -36.77 27.13 12.57
CA THR B 1023 -38.16 26.72 12.40
C THR B 1023 -38.82 27.47 11.25
N LEU B 1024 -38.51 28.77 11.12
CA LEU B 1024 -39.07 29.55 10.03
C LEU B 1024 -38.61 29.05 8.67
N ILE B 1025 -37.33 28.68 8.55
CA ILE B 1025 -36.80 28.18 7.29
C ILE B 1025 -37.48 26.87 6.91
N ARG B 1026 -37.60 25.96 7.87
CA ARG B 1026 -38.21 24.65 7.58
C ARG B 1026 -39.67 24.80 7.20
N SER B 1027 -40.40 25.69 7.87
CA SER B 1027 -41.80 25.93 7.53
C SER B 1027 -41.97 26.72 6.23
N LEU B 1028 -40.88 27.25 5.67
CA LEU B 1028 -40.95 28.04 4.46
C LEU B 1028 -40.53 27.27 3.21
N ILE B 1029 -39.67 26.26 3.34
CA ILE B 1029 -39.15 25.53 2.20
C ILE B 1029 -39.70 24.11 2.10
N THR B 1030 -40.08 23.50 3.22
CA THR B 1030 -40.60 22.14 3.20
C THR B 1030 -42.11 22.07 2.99
N GLY B 1031 -42.78 23.21 2.86
CA GLY B 1031 -44.22 23.23 2.75
C GLY B 1031 -44.96 23.03 4.05
N GLY B 1032 -44.26 22.99 5.18
CA GLY B 1032 -44.88 22.78 6.47
C GLY B 1032 -44.71 21.37 6.99
N ALA B 1033 -43.77 21.19 7.92
CA ALA B 1033 -43.46 19.88 8.49
C ALA B 1033 -43.54 20.01 10.02
N THR B 1034 -44.72 19.78 10.57
CA THR B 1034 -44.93 19.88 12.01
C THR B 1034 -44.23 18.73 12.73
N PRO B 1035 -43.92 18.91 14.02
CA PRO B 1035 -43.23 17.84 14.76
C PRO B 1035 -44.02 16.54 14.85
N GLU B 1036 -45.35 16.59 14.70
CA GLU B 1036 -46.11 15.35 14.63
C GLU B 1036 -45.77 14.55 13.39
N LEU B 1037 -45.51 15.24 12.27
CA LEU B 1037 -45.14 14.54 11.04
C LEU B 1037 -43.79 13.85 11.18
N GLU B 1038 -42.95 14.34 12.10
CA GLU B 1038 -41.65 13.71 12.33
C GLU B 1038 -41.81 12.30 12.90
N LEU B 1039 -42.68 12.13 13.89
CA LEU B 1039 -42.83 10.84 14.53
C LEU B 1039 -43.55 9.84 13.63
N ILE B 1040 -44.51 10.31 12.84
CA ILE B 1040 -45.23 9.42 11.92
C ILE B 1040 -44.28 8.82 10.91
N LEU B 1041 -43.39 9.65 10.34
CA LEU B 1041 -42.47 9.17 9.33
C LEU B 1041 -41.35 8.32 9.93
N ALA B 1042 -40.98 8.59 11.18
CA ALA B 1042 -39.89 7.85 11.81
C ALA B 1042 -40.29 6.44 12.22
N GLU B 1043 -41.59 6.13 12.26
CA GLU B 1043 -42.03 4.79 12.63
C GLU B 1043 -41.57 3.77 11.59
N GLY B 1044 -41.64 4.11 10.31
CA GLY B 1044 -41.25 3.23 9.24
C GLY B 1044 -42.39 2.73 8.37
N ALA B 1045 -43.62 3.18 8.58
CA ALA B 1045 -44.76 2.78 7.76
C ALA B 1045 -45.01 3.72 6.59
N GLY B 1046 -44.17 4.74 6.42
CA GLY B 1046 -44.37 5.69 5.34
C GLY B 1046 -45.41 6.74 5.69
N LEU B 1047 -45.74 7.54 4.69
CA LEU B 1047 -46.76 8.57 4.86
C LEU B 1047 -48.12 7.94 5.09
N ARG B 1048 -48.81 8.40 6.13
CA ARG B 1048 -50.12 7.88 6.50
C ARG B 1048 -51.19 8.92 6.23
N GLY B 1049 -52.24 8.51 5.51
CA GLY B 1049 -53.31 9.42 5.20
C GLY B 1049 -54.28 9.61 6.36
N GLY B 1050 -55.23 10.52 6.16
CA GLY B 1050 -56.23 10.79 7.17
C GLY B 1050 -57.49 11.29 6.53
N TYR B 1051 -58.62 11.02 7.19
CA TYR B 1051 -59.92 11.44 6.68
C TYR B 1051 -60.12 12.93 6.90
N SER B 1052 -60.56 13.61 5.84
CA SER B 1052 -60.74 15.06 5.90
C SER B 1052 -61.87 15.43 6.84
N THR B 1053 -61.59 16.38 7.73
CA THR B 1053 -62.57 16.86 8.70
C THR B 1053 -62.50 18.38 8.74
N VAL B 1054 -63.21 18.96 9.72
CA VAL B 1054 -63.26 20.41 9.84
C VAL B 1054 -61.92 20.97 10.33
N GLU B 1055 -61.28 20.28 11.27
CA GLU B 1055 -60.04 20.82 11.84
C GLU B 1055 -58.87 20.69 10.85
N SER B 1056 -58.90 19.66 10.00
CA SER B 1056 -57.80 19.46 9.06
C SER B 1056 -57.84 20.48 7.93
N LEU B 1057 -59.03 20.76 7.40
CA LEU B 1057 -59.14 21.69 6.27
C LEU B 1057 -58.73 23.11 6.63
N SER B 1058 -58.77 23.46 7.93
CA SER B 1058 -58.29 24.78 8.34
C SER B 1058 -56.78 24.91 8.21
N ASN B 1059 -56.06 23.78 8.18
CA ASN B 1059 -54.61 23.82 8.03
C ASN B 1059 -54.16 24.26 6.64
N ARG B 1060 -55.02 24.09 5.64
CA ARG B 1060 -54.67 24.47 4.26
C ARG B 1060 -54.57 25.98 4.08
N ASP B 1061 -55.08 26.77 5.02
CA ASP B 1061 -55.09 28.23 4.91
C ASP B 1061 -53.76 28.75 5.44
N ARG B 1062 -52.75 28.81 4.58
CA ARG B 1062 -51.45 29.37 4.93
C ARG B 1062 -50.82 29.94 3.67
N CYS B 1063 -49.85 30.84 3.88
CA CYS B 1063 -49.19 31.49 2.77
C CYS B 1063 -48.25 30.52 2.06
N ARG B 1064 -47.99 30.83 0.78
CA ARG B 1064 -47.13 30.01 -0.05
C ARG B 1064 -46.24 30.90 -0.89
N VAL B 1065 -45.16 30.31 -1.39
CA VAL B 1065 -44.16 31.05 -2.16
C VAL B 1065 -44.54 30.97 -3.64
N GLY B 1066 -44.57 32.13 -4.29
CA GLY B 1066 -44.89 32.18 -5.71
C GLY B 1066 -44.29 33.42 -6.35
N GLN B 1067 -44.46 33.52 -7.65
CA GLN B 1067 -43.98 34.64 -8.43
C GLN B 1067 -45.12 35.26 -9.23
N ILE B 1068 -45.05 36.58 -9.41
CA ILE B 1068 -46.01 37.30 -10.23
C ILE B 1068 -45.25 38.15 -11.22
N SER B 1069 -45.90 38.49 -12.33
CA SER B 1069 -45.30 39.26 -13.41
C SER B 1069 -46.11 40.53 -13.63
N LEU B 1070 -45.43 41.63 -13.90
CA LEU B 1070 -46.08 42.91 -14.17
C LEU B 1070 -46.47 43.07 -15.64
N TYR B 1071 -46.47 41.98 -16.41
CA TYR B 1071 -46.85 42.06 -17.81
C TYR B 1071 -48.31 42.47 -17.96
N ASP B 1072 -49.20 41.86 -17.18
CA ASP B 1072 -50.62 42.14 -17.30
C ASP B 1072 -51.27 41.93 -15.93
N GLY B 1073 -52.45 42.53 -15.77
CA GLY B 1073 -53.20 42.43 -14.55
C GLY B 1073 -53.37 43.77 -13.86
N PRO B 1074 -54.08 43.78 -12.74
CA PRO B 1074 -54.24 45.04 -11.99
C PRO B 1074 -52.94 45.62 -11.50
N LEU B 1075 -51.95 44.78 -11.17
CA LEU B 1075 -50.66 45.26 -10.69
C LEU B 1075 -49.71 45.63 -11.82
N ALA B 1076 -50.10 45.44 -13.08
CA ALA B 1076 -49.23 45.73 -14.20
C ALA B 1076 -48.93 47.22 -14.34
N GLN B 1077 -49.83 48.09 -13.89
CA GLN B 1077 -49.62 49.53 -14.04
C GLN B 1077 -48.48 50.05 -13.18
N PHE B 1078 -48.03 49.28 -12.18
CA PHE B 1078 -46.87 49.68 -11.38
C PHE B 1078 -45.55 49.43 -12.10
N GLY B 1079 -45.55 48.61 -13.15
CA GLY B 1079 -44.33 48.34 -13.89
C GLY B 1079 -43.91 49.44 -14.84
N GLU B 1080 -44.80 50.39 -15.14
CA GLU B 1080 -44.48 51.49 -16.06
C GLU B 1080 -43.72 52.58 -15.31
N CYS B 1081 -42.44 52.29 -15.06
CA CYS B 1081 -41.53 53.19 -14.34
C CYS B 1081 -42.08 53.57 -12.97
N GLY B 1082 -42.69 52.63 -12.28
CA GLY B 1082 -43.24 52.87 -10.97
C GLY B 1082 -42.21 52.71 -9.86
N LYS B 1083 -42.70 52.73 -8.64
CA LYS B 1083 -41.86 52.60 -7.45
C LYS B 1083 -42.18 51.28 -6.74
N TYR B 1084 -41.14 50.66 -6.18
CA TYR B 1084 -41.34 49.40 -5.47
C TYR B 1084 -42.23 49.58 -4.25
N GLY B 1085 -42.07 50.70 -3.54
CA GLY B 1085 -42.90 50.94 -2.37
C GLY B 1085 -44.37 51.05 -2.70
N ASP B 1086 -44.69 51.67 -3.83
CA ASP B 1086 -46.09 51.77 -4.25
C ASP B 1086 -46.68 50.40 -4.55
N LEU B 1087 -45.92 49.54 -5.21
CA LEU B 1087 -46.39 48.19 -5.51
C LEU B 1087 -46.58 47.38 -4.23
N PHE B 1088 -45.67 47.53 -3.27
CA PHE B 1088 -45.75 46.75 -2.03
C PHE B 1088 -47.01 47.07 -1.25
N VAL B 1089 -47.36 48.35 -1.15
CA VAL B 1089 -48.52 48.74 -0.35
C VAL B 1089 -49.81 48.30 -1.03
N ALA B 1090 -49.92 48.51 -2.34
CA ALA B 1090 -51.16 48.19 -3.04
C ALA B 1090 -51.42 46.68 -3.06
N ALA B 1091 -50.38 45.88 -3.31
CA ALA B 1091 -50.55 44.44 -3.33
C ALA B 1091 -50.92 43.91 -1.95
N LEU B 1092 -50.34 44.48 -0.90
CA LEU B 1092 -50.61 44.02 0.46
C LEU B 1092 -52.07 44.29 0.85
N LYS B 1093 -52.59 45.46 0.49
CA LYS B 1093 -53.94 45.82 0.91
C LYS B 1093 -55.00 45.07 0.12
N SER B 1094 -54.78 44.88 -1.18
CA SER B 1094 -55.79 44.30 -2.05
C SER B 1094 -55.82 42.78 -1.96
N TYR B 1095 -54.73 42.14 -2.36
CA TYR B 1095 -54.63 40.68 -2.41
C TYR B 1095 -53.91 40.09 -1.21
N GLY B 1096 -53.46 40.90 -0.27
CA GLY B 1096 -52.71 40.38 0.86
C GLY B 1096 -51.40 39.71 0.48
N MET B 1097 -50.71 40.27 -0.50
CA MET B 1097 -49.45 39.72 -0.99
C MET B 1097 -48.29 40.49 -0.38
N LEU B 1098 -47.26 39.77 0.04
CA LEU B 1098 -46.07 40.36 0.63
C LEU B 1098 -44.91 40.22 -0.35
N CYS B 1099 -44.39 41.35 -0.81
CA CYS B 1099 -43.30 41.37 -1.79
C CYS B 1099 -41.97 41.26 -1.07
N ILE B 1100 -41.19 40.26 -1.43
CA ILE B 1100 -39.89 40.02 -0.80
C ILE B 1100 -38.75 40.60 -1.64
N GLY B 1101 -38.79 40.40 -2.95
CA GLY B 1101 -37.73 40.88 -3.81
C GLY B 1101 -38.14 40.89 -5.25
N LEU B 1102 -37.15 41.13 -6.12
CA LEU B 1102 -37.38 41.24 -7.56
C LEU B 1102 -36.49 40.25 -8.30
N TYR B 1103 -36.98 39.82 -9.46
CA TYR B 1103 -36.27 38.87 -10.32
C TYR B 1103 -36.19 39.52 -11.70
N ARG B 1104 -35.13 40.29 -11.92
CA ARG B 1104 -35.04 41.25 -13.01
C ARG B 1104 -34.01 40.82 -14.04
N PHE B 1105 -34.30 41.13 -15.31
CA PHE B 1105 -33.37 40.84 -16.40
C PHE B 1105 -32.00 41.43 -16.14
N ARG B 1106 -30.96 40.64 -16.40
CA ARG B 1106 -29.60 41.12 -16.23
C ARG B 1106 -29.29 42.29 -17.15
N ASP B 1107 -29.72 42.20 -18.41
CA ASP B 1107 -29.53 43.27 -19.38
C ASP B 1107 -30.88 43.65 -19.97
N THR B 1108 -31.13 44.96 -20.08
CA THR B 1108 -32.39 45.48 -20.57
C THR B 1108 -32.24 46.15 -21.94
N SER B 1109 -31.15 45.86 -22.64
CA SER B 1109 -30.91 46.44 -23.95
C SER B 1109 -30.15 45.47 -24.86
N ALA B 1114 -30.31 40.34 -26.75
CA ALA B 1114 -29.93 40.28 -25.33
C ALA B 1114 -29.98 38.84 -24.82
N SER B 1115 -29.83 38.68 -23.51
CA SER B 1115 -29.85 37.37 -22.87
C SER B 1115 -31.05 37.28 -21.94
N SER B 1116 -31.70 36.11 -21.94
CA SER B 1116 -32.86 35.87 -21.09
C SER B 1116 -32.42 35.34 -19.73
N LYS B 1117 -31.56 36.13 -19.07
CA LYS B 1117 -31.02 35.80 -17.76
C LYS B 1117 -31.48 36.84 -16.75
N ARG B 1118 -32.02 36.38 -15.62
CA ARG B 1118 -32.54 37.26 -14.58
C ARG B 1118 -31.84 36.95 -13.27
N TYR B 1119 -31.46 38.01 -12.55
CA TYR B 1119 -30.82 37.90 -11.25
C TYR B 1119 -31.81 38.27 -10.15
N VAL B 1120 -31.37 38.11 -8.90
CA VAL B 1120 -32.23 38.25 -7.73
C VAL B 1120 -31.82 39.49 -6.95
N ILE B 1121 -32.79 40.35 -6.66
CA ILE B 1121 -32.62 41.49 -5.77
C ILE B 1121 -33.49 41.26 -4.55
N THR B 1122 -32.87 41.24 -3.37
CA THR B 1122 -33.56 40.94 -2.12
C THR B 1122 -33.88 42.24 -1.40
N ASN B 1123 -35.17 42.47 -1.14
CA ASN B 1123 -35.64 43.64 -0.41
C ASN B 1123 -35.12 44.95 -0.98
N PRO B 1124 -35.56 45.34 -2.19
CA PRO B 1124 -35.14 46.63 -2.72
C PRO B 1124 -35.78 47.77 -1.95
N PRO B 1125 -35.18 48.95 -1.96
CA PRO B 1125 -35.76 50.08 -1.22
C PRO B 1125 -37.10 50.50 -1.81
N ASP B 1126 -37.87 51.23 -1.00
CA ASP B 1126 -39.19 51.68 -1.44
C ASP B 1126 -39.11 52.66 -2.60
N ASP B 1127 -37.95 53.29 -2.79
CA ASP B 1127 -37.75 54.21 -3.90
C ASP B 1127 -37.19 53.53 -5.14
N PHE B 1128 -37.08 52.20 -5.13
CA PHE B 1128 -36.56 51.48 -6.29
C PHE B 1128 -37.47 51.67 -7.50
N SER B 1129 -36.86 51.85 -8.66
CA SER B 1129 -37.60 52.03 -9.90
C SER B 1129 -37.88 50.68 -10.54
N LEU B 1130 -39.15 50.42 -10.85
CA LEU B 1130 -39.57 49.16 -11.42
C LEU B 1130 -39.49 49.19 -12.94
N LEU B 1131 -39.58 48.01 -13.55
CA LEU B 1131 -39.59 47.85 -14.99
C LEU B 1131 -40.75 46.96 -15.38
N PRO B 1132 -41.29 47.12 -16.59
CA PRO B 1132 -42.41 46.27 -17.01
C PRO B 1132 -42.05 44.80 -17.12
N THR B 1133 -40.77 44.47 -17.25
CA THR B 1133 -40.33 43.08 -17.39
C THR B 1133 -39.91 42.46 -16.07
N ASP B 1134 -40.06 43.17 -14.95
CA ASP B 1134 -39.62 42.65 -13.67
C ASP B 1134 -40.61 41.63 -13.12
N GLN B 1135 -40.08 40.67 -12.36
CA GLN B 1135 -40.88 39.69 -11.65
C GLN B 1135 -40.65 39.86 -10.15
N VAL B 1136 -41.70 39.60 -9.37
CA VAL B 1136 -41.71 39.88 -7.94
C VAL B 1136 -41.92 38.58 -7.18
N PHE B 1137 -41.05 38.33 -6.20
CA PHE B 1137 -41.25 37.25 -5.25
C PHE B 1137 -42.30 37.65 -4.24
N VAL B 1138 -43.35 36.84 -4.10
CA VAL B 1138 -44.47 37.18 -3.24
C VAL B 1138 -44.87 36.00 -2.38
N LEU B 1139 -45.54 36.30 -1.27
CA LEU B 1139 -46.13 35.30 -0.39
C LEU B 1139 -47.64 35.42 -0.54
N MET B 1140 -48.24 34.43 -1.18
CA MET B 1140 -49.63 34.51 -1.61
C MET B 1140 -50.52 33.68 -0.69
N GLN B 1141 -51.63 34.29 -0.27
CA GLN B 1141 -52.58 33.64 0.62
C GLN B 1141 -53.32 32.52 -0.11
N PHE B 1142 -53.93 31.64 0.68
CA PHE B 1142 -54.70 30.52 0.14
C PHE B 1142 -56.12 30.96 -0.18
N ASP B 1143 -56.55 30.72 -1.42
CA ASP B 1143 -57.89 31.09 -1.84
C ASP B 1143 -58.72 29.82 -2.01
N PRO B 1144 -59.70 29.57 -1.13
CA PRO B 1144 -60.53 28.35 -1.29
C PRO B 1144 -61.42 28.43 -2.51
N GLY B 1145 -61.16 27.57 -3.49
CA GLY B 1145 -61.95 27.54 -4.72
C GLY B 1145 -61.16 27.96 -5.94
N LEU C 44 73.35 3.88 -1.62
CA LEU C 44 73.21 4.59 -0.36
C LEU C 44 72.74 6.03 -0.57
N LYS C 45 73.68 6.89 -1.00
CA LYS C 45 73.32 8.29 -1.26
C LYS C 45 72.33 8.39 -2.40
N VAL C 46 72.55 7.64 -3.48
CA VAL C 46 71.62 7.58 -4.60
C VAL C 46 70.70 6.38 -4.41
N ARG C 47 69.39 6.63 -4.49
CA ARG C 47 68.43 5.55 -4.28
C ARG C 47 68.06 4.90 -5.61
N LYS C 48 67.62 3.65 -5.51
CA LYS C 48 67.22 2.87 -6.67
C LYS C 48 65.74 2.48 -6.59
N TYR C 49 64.92 3.36 -6.01
CA TYR C 49 63.49 3.08 -5.89
C TYR C 49 62.85 2.89 -7.26
N TRP C 50 63.37 3.59 -8.27
CA TRP C 50 62.85 3.42 -9.63
C TRP C 50 63.12 2.01 -10.14
N CYS C 51 64.26 1.41 -9.77
CA CYS C 51 64.56 0.07 -10.24
C CYS C 51 63.53 -0.94 -9.77
N PHE C 52 63.14 -0.86 -8.50
CA PHE C 52 62.05 -1.72 -8.02
C PHE C 52 60.74 -1.38 -8.69
N LEU C 53 60.43 -0.08 -8.82
CA LEU C 53 59.17 0.33 -9.44
C LEU C 53 59.14 0.03 -10.93
N LEU C 54 60.19 0.42 -11.66
CA LEU C 54 60.19 0.27 -13.10
C LEU C 54 60.20 -1.21 -13.50
N SER C 55 60.77 -2.07 -12.65
CA SER C 55 60.72 -3.50 -12.91
C SER C 55 59.30 -4.05 -12.81
N SER C 56 58.51 -3.50 -11.90
CA SER C 56 57.15 -3.98 -11.69
C SER C 56 56.30 -3.79 -12.93
N ILE C 57 56.42 -2.64 -13.59
CA ILE C 57 55.61 -2.37 -14.77
C ILE C 57 56.21 -3.04 -15.99
N PHE C 58 57.51 -3.35 -15.97
CA PHE C 58 58.08 -4.20 -17.01
C PHE C 58 57.31 -5.50 -17.15
N THR C 59 57.02 -6.16 -16.03
CA THR C 59 56.25 -7.40 -16.08
C THR C 59 54.82 -7.13 -16.51
N PHE C 60 54.39 -5.87 -16.48
CA PHE C 60 53.02 -5.54 -16.83
C PHE C 60 52.83 -5.44 -18.35
N LEU C 61 53.51 -4.49 -18.98
CA LEU C 61 53.28 -4.28 -20.41
C LEU C 61 53.86 -5.43 -21.23
N ALA C 62 55.02 -5.96 -20.82
CA ALA C 62 55.59 -7.10 -21.53
C ALA C 62 54.68 -8.31 -21.44
N GLY C 63 54.16 -8.60 -20.25
CA GLY C 63 53.18 -9.66 -20.12
C GLY C 63 51.90 -9.35 -20.88
N LEU C 64 51.50 -8.08 -20.91
CA LEU C 64 50.32 -7.69 -21.65
C LEU C 64 50.51 -7.89 -23.16
N LEU C 65 51.70 -7.55 -23.67
CA LEU C 65 51.91 -7.61 -25.12
C LEU C 65 52.12 -9.05 -25.60
N VAL C 66 52.77 -9.90 -24.80
CA VAL C 66 53.04 -11.27 -25.23
C VAL C 66 51.73 -12.02 -25.48
N VAL C 67 50.79 -11.90 -24.56
CA VAL C 67 49.49 -12.53 -24.77
C VAL C 67 48.72 -11.81 -25.87
N LEU C 68 48.92 -10.49 -26.01
CA LEU C 68 48.25 -9.76 -27.07
C LEU C 68 48.80 -10.12 -28.44
N LEU C 69 50.13 -10.23 -28.56
CA LEU C 69 50.73 -10.55 -29.85
C LEU C 69 50.46 -12.00 -30.27
N TRP C 70 50.36 -12.92 -29.32
CA TRP C 70 50.16 -14.32 -29.69
C TRP C 70 48.78 -14.50 -30.32
N ARG C 71 47.79 -13.77 -29.81
CA ARG C 71 46.46 -13.80 -30.41
C ARG C 71 46.49 -13.24 -31.83
N ALA C 72 47.32 -12.22 -32.06
CA ALA C 72 47.42 -11.63 -33.38
C ALA C 72 48.09 -12.58 -34.37
N PHE C 73 49.05 -13.38 -33.90
CA PHE C 73 49.71 -14.33 -34.78
C PHE C 73 48.72 -15.38 -35.29
N ALA C 74 47.85 -15.88 -34.41
CA ALA C 74 46.86 -16.87 -34.82
C ALA C 74 45.78 -16.26 -35.72
N PHE C 75 45.67 -14.93 -35.75
CA PHE C 75 44.67 -14.29 -36.60
C PHE C 75 45.02 -14.45 -38.08
N VAL C 76 46.30 -14.43 -38.41
CA VAL C 76 46.77 -14.60 -39.77
C VAL C 76 47.54 -15.91 -39.96
N CYS C 77 47.87 -16.59 -38.87
CA CYS C 77 48.62 -17.85 -38.95
C CYS C 77 48.34 -18.73 -37.73
N THR C 106 42.73 -31.87 -27.91
CA THR C 106 43.93 -31.15 -27.51
C THR C 106 44.03 -31.06 -25.98
N PHE C 107 45.27 -31.02 -25.47
CA PHE C 107 45.48 -30.93 -24.04
C PHE C 107 45.20 -29.54 -23.49
N MET C 108 45.23 -28.52 -24.35
CA MET C 108 45.00 -27.15 -23.88
C MET C 108 43.59 -27.00 -23.32
N THR C 109 42.59 -27.57 -24.00
CA THR C 109 41.22 -27.50 -23.49
C THR C 109 41.08 -28.27 -22.17
N GLU C 110 41.70 -29.45 -22.09
CA GLU C 110 41.65 -30.23 -20.86
C GLU C 110 42.38 -29.53 -19.71
N ALA C 111 43.53 -28.91 -20.02
CA ALA C 111 44.29 -28.22 -18.99
C ALA C 111 43.52 -27.04 -18.42
N LYS C 112 42.83 -26.28 -19.28
CA LYS C 112 42.05 -25.14 -18.81
C LYS C 112 40.91 -25.58 -17.91
N ASP C 113 40.21 -26.66 -18.29
CA ASP C 113 39.13 -27.17 -17.44
C ASP C 113 39.67 -27.67 -16.11
N TRP C 114 40.83 -28.31 -16.12
CA TRP C 114 41.48 -28.76 -14.89
C TRP C 114 41.86 -27.57 -14.01
N ALA C 115 42.38 -26.50 -14.62
CA ALA C 115 42.76 -25.32 -13.85
C ALA C 115 41.55 -24.63 -13.25
N GLY C 116 40.42 -24.64 -13.96
CA GLY C 116 39.23 -23.98 -13.44
C GLY C 116 38.73 -24.62 -12.15
N GLU C 117 38.68 -25.94 -12.12
CA GLU C 117 38.24 -26.64 -10.91
C GLU C 117 39.32 -26.66 -9.83
N LEU C 118 40.59 -26.45 -10.20
CA LEU C 118 41.66 -26.45 -9.21
C LEU C 118 41.58 -25.21 -8.33
N ILE C 119 41.35 -24.04 -8.94
CA ILE C 119 41.30 -22.79 -8.18
C ILE C 119 39.94 -22.53 -7.55
N SER C 120 38.93 -23.30 -7.92
CA SER C 120 37.59 -23.14 -7.37
C SER C 120 37.33 -24.04 -6.16
N GLY C 121 38.28 -24.89 -5.80
CA GLY C 121 38.09 -25.78 -4.67
C GLY C 121 37.07 -26.86 -4.89
N GLN C 122 36.82 -27.26 -6.15
CA GLN C 122 35.83 -28.27 -6.43
C GLN C 122 36.23 -29.62 -5.83
N THR C 123 37.50 -29.97 -5.97
CA THR C 123 38.03 -31.24 -5.47
C THR C 123 38.99 -30.99 -4.32
N THR C 124 39.33 -32.08 -3.61
CA THR C 124 40.17 -31.96 -2.42
C THR C 124 41.59 -31.51 -2.77
N THR C 125 42.08 -31.89 -3.96
CA THR C 125 43.39 -31.42 -4.38
C THR C 125 43.38 -29.90 -4.60
N GLY C 126 42.25 -29.35 -5.02
CA GLY C 126 42.09 -27.91 -5.08
C GLY C 126 41.55 -27.30 -3.81
N ARG C 127 40.85 -28.10 -2.99
CA ARG C 127 40.37 -27.59 -1.71
C ARG C 127 41.53 -27.27 -0.77
N ILE C 128 42.56 -28.12 -0.76
CA ILE C 128 43.74 -27.82 0.04
C ILE C 128 44.51 -26.65 -0.55
N LEU C 129 44.40 -26.43 -1.87
CA LEU C 129 45.13 -25.33 -2.50
C LEU C 129 44.53 -23.99 -2.15
N VAL C 130 43.20 -23.87 -2.20
CA VAL C 130 42.56 -22.58 -1.94
C VAL C 130 42.74 -22.16 -0.49
N VAL C 131 42.62 -23.12 0.44
CA VAL C 131 42.88 -22.82 1.84
C VAL C 131 44.36 -22.53 2.07
N LEU C 132 45.23 -23.19 1.30
CA LEU C 132 46.66 -22.90 1.39
C LEU C 132 46.94 -21.46 0.99
N VAL C 133 46.28 -20.98 -0.05
CA VAL C 133 46.37 -19.55 -0.40
C VAL C 133 45.84 -18.70 0.75
N PHE C 134 44.79 -19.17 1.41
CA PHE C 134 44.22 -18.43 2.55
C PHE C 134 45.23 -18.35 3.70
N ILE C 135 45.89 -19.46 4.03
CA ILE C 135 46.86 -19.45 5.11
C ILE C 135 48.04 -18.54 4.77
N LEU C 136 48.52 -18.62 3.53
CA LEU C 136 49.70 -17.86 3.14
C LEU C 136 49.36 -16.40 2.87
N SER C 137 48.08 -16.07 2.71
CA SER C 137 47.70 -14.69 2.47
C SER C 137 47.93 -13.82 3.70
N ILE C 138 47.42 -14.25 4.85
CA ILE C 138 47.63 -13.50 6.09
C ILE C 138 49.08 -13.58 6.52
N ALA C 139 49.73 -14.72 6.28
CA ALA C 139 51.12 -14.89 6.70
C ALA C 139 52.04 -13.88 6.04
N SER C 140 51.82 -13.61 4.75
CA SER C 140 52.68 -12.66 4.04
C SER C 140 52.58 -11.26 4.63
N LEU C 141 51.43 -10.92 5.22
CA LEU C 141 51.28 -9.62 5.87
C LEU C 141 52.15 -9.52 7.12
N ILE C 142 52.44 -10.65 7.77
CA ILE C 142 53.23 -10.61 9.00
C ILE C 142 54.65 -10.14 8.71
N ILE C 143 55.19 -10.52 7.54
CA ILE C 143 56.52 -10.05 7.16
C ILE C 143 56.52 -8.54 6.97
N TYR C 144 55.45 -7.98 6.41
CA TYR C 144 55.38 -6.53 6.20
C TYR C 144 55.43 -5.78 7.53
N PHE C 145 54.71 -6.26 8.54
CA PHE C 145 54.61 -5.53 9.79
C PHE C 145 55.96 -5.41 10.48
N VAL C 146 56.81 -6.43 10.38
CA VAL C 146 58.14 -6.34 10.98
C VAL C 146 59.08 -5.55 10.08
N ASP C 147 58.79 -5.51 8.77
CA ASP C 147 59.60 -4.70 7.87
C ASP C 147 59.28 -3.22 8.03
N ALA C 148 58.00 -2.88 8.19
CA ALA C 148 57.59 -1.50 8.38
C ALA C 148 58.00 -0.94 9.74
N SER C 149 58.38 -1.79 10.68
CA SER C 149 58.81 -1.32 12.00
C SER C 149 60.10 -0.52 11.88
N SER C 150 60.96 -0.88 10.93
CA SER C 150 62.22 -0.16 10.74
C SER C 150 61.94 1.26 10.23
N GLU C 151 62.73 2.20 10.74
CA GLU C 151 62.57 3.60 10.38
C GLU C 151 63.05 3.90 8.96
N GLU C 152 64.05 3.16 8.48
CA GLU C 152 64.57 3.39 7.14
C GLU C 152 63.71 2.67 6.12
N VAL C 153 63.15 3.43 5.17
CA VAL C 153 62.31 2.82 4.14
C VAL C 153 63.16 2.13 3.09
N GLU C 154 64.44 2.48 2.99
CA GLU C 154 65.36 1.85 2.06
C GLU C 154 66.55 1.31 2.86
N ARG C 155 66.97 0.09 2.53
CA ARG C 155 68.04 -0.60 3.24
C ARG C 155 69.00 -1.21 2.23
N CYS C 156 70.23 -1.45 2.68
CA CYS C 156 71.27 -2.05 1.85
C CYS C 156 71.89 -3.19 2.64
N GLN C 157 71.47 -4.42 2.35
CA GLN C 157 72.00 -5.60 3.05
C GLN C 157 71.88 -6.82 2.13
N LYS C 158 72.90 -7.67 2.20
CA LYS C 158 72.93 -8.90 1.41
C LYS C 158 71.86 -9.88 1.88
N TRP C 159 71.47 -10.79 0.99
CA TRP C 159 70.47 -11.81 1.30
C TRP C 159 70.93 -12.81 2.36
N SER C 160 72.22 -13.16 2.38
CA SER C 160 72.68 -14.27 3.21
C SER C 160 72.43 -14.01 4.69
N ASN C 161 72.61 -12.78 5.14
CA ASN C 161 72.42 -12.48 6.56
C ASN C 161 70.97 -12.15 6.87
N ASN C 162 70.23 -11.63 5.89
CA ASN C 162 68.84 -11.26 6.12
C ASN C 162 67.96 -12.50 6.28
N ILE C 163 67.10 -12.48 7.28
CA ILE C 163 66.21 -13.61 7.54
C ILE C 163 64.86 -13.44 6.86
N THR C 164 64.25 -12.24 6.98
CA THR C 164 62.91 -12.03 6.45
C THR C 164 62.90 -12.14 4.93
N GLN C 165 63.99 -11.75 4.27
CA GLN C 165 64.07 -11.89 2.82
C GLN C 165 63.95 -13.35 2.41
N GLN C 166 64.67 -14.24 3.11
CA GLN C 166 64.71 -15.65 2.74
C GLN C 166 63.32 -16.25 2.81
N ILE C 167 62.58 -15.92 3.88
CA ILE C 167 61.19 -16.35 4.00
C ILE C 167 60.38 -15.79 2.85
N ASP C 168 60.62 -14.53 2.48
CA ASP C 168 59.86 -13.88 1.42
C ASP C 168 60.06 -14.58 0.07
N LEU C 169 61.25 -15.13 -0.18
CA LEU C 169 61.45 -15.90 -1.41
C LEU C 169 60.55 -17.12 -1.45
N ALA C 170 60.27 -17.72 -0.28
CA ALA C 170 59.43 -18.92 -0.25
C ALA C 170 57.98 -18.60 -0.60
N PHE C 171 57.51 -17.41 -0.24
CA PHE C 171 56.12 -17.05 -0.50
C PHE C 171 55.89 -16.68 -1.95
N ASN C 172 56.74 -15.82 -2.51
CA ASN C 172 56.46 -15.22 -3.81
C ASN C 172 56.52 -16.26 -4.92
N ILE C 173 57.40 -17.25 -4.80
CA ILE C 173 57.50 -18.29 -5.82
C ILE C 173 56.23 -19.12 -5.86
N PHE C 174 55.62 -19.38 -4.70
CA PHE C 174 54.34 -20.08 -4.66
C PHE C 174 53.24 -19.23 -5.29
N PHE C 175 53.21 -17.93 -4.98
CA PHE C 175 52.22 -17.05 -5.57
C PHE C 175 52.48 -16.80 -7.05
N MET C 176 53.74 -16.97 -7.50
CA MET C 176 54.04 -16.87 -8.92
C MET C 176 53.46 -18.04 -9.70
N VAL C 177 53.66 -19.25 -9.21
CA VAL C 177 53.11 -20.43 -9.89
C VAL C 177 51.59 -20.47 -9.73
N TYR C 178 51.07 -19.99 -8.59
CA TYR C 178 49.63 -19.92 -8.41
C TYR C 178 49.00 -18.90 -9.36
N PHE C 179 49.73 -17.82 -9.65
CA PHE C 179 49.25 -16.85 -10.63
C PHE C 179 49.16 -17.47 -12.02
N PHE C 180 50.13 -18.32 -12.37
CA PHE C 180 50.09 -18.99 -13.67
C PHE C 180 48.91 -19.93 -13.77
N ILE C 181 48.59 -20.63 -12.67
CA ILE C 181 47.44 -21.53 -12.67
C ILE C 181 46.15 -20.75 -12.91
N ARG C 182 46.02 -19.59 -12.27
CA ARG C 182 44.85 -18.75 -12.48
C ARG C 182 44.76 -18.27 -13.93
N PHE C 183 45.92 -18.02 -14.55
CA PHE C 183 45.93 -17.57 -15.95
C PHE C 183 45.36 -18.63 -16.88
N ILE C 184 45.70 -19.90 -16.65
CA ILE C 184 45.20 -20.97 -17.50
C ILE C 184 43.68 -21.08 -17.41
N ALA C 185 43.15 -20.97 -16.20
CA ALA C 185 41.70 -21.12 -16.00
C ALA C 185 40.92 -19.94 -16.56
N ALA C 186 41.57 -18.82 -16.85
CA ALA C 186 40.87 -17.64 -17.34
C ALA C 186 40.47 -17.84 -18.80
N SER C 187 39.19 -17.57 -19.09
CA SER C 187 38.70 -17.68 -20.46
C SER C 187 39.24 -16.55 -21.33
N ASP C 188 39.22 -15.33 -20.81
CA ASP C 188 39.72 -14.15 -21.52
C ASP C 188 41.07 -13.77 -20.93
N LYS C 189 42.14 -13.99 -21.69
CA LYS C 189 43.49 -13.70 -21.20
C LYS C 189 43.72 -12.21 -21.02
N LEU C 190 43.18 -11.40 -21.94
CA LEU C 190 43.41 -9.96 -21.88
C LEU C 190 42.78 -9.35 -20.64
N TRP C 191 41.52 -9.67 -20.36
CA TRP C 191 40.86 -9.11 -19.19
C TRP C 191 41.39 -9.71 -17.90
N PHE C 192 41.97 -10.91 -17.93
CA PHE C 192 42.60 -11.44 -16.73
C PHE C 192 43.86 -10.66 -16.37
N MET C 193 44.57 -10.16 -17.39
CA MET C 193 45.74 -9.31 -17.14
C MET C 193 45.35 -8.02 -16.41
N LEU C 194 44.12 -7.55 -16.60
CA LEU C 194 43.70 -6.22 -16.15
C LEU C 194 42.79 -6.29 -14.92
N GLU C 195 42.99 -7.31 -14.09
CA GLU C 195 42.23 -7.47 -12.86
C GLU C 195 43.09 -7.03 -11.68
N MET C 196 42.43 -6.73 -10.56
CA MET C 196 43.15 -6.21 -9.41
C MET C 196 44.13 -7.25 -8.86
N TYR C 197 43.71 -8.51 -8.84
CA TYR C 197 44.58 -9.57 -8.32
C TYR C 197 45.80 -9.77 -9.21
N SER C 198 45.67 -9.49 -10.51
CA SER C 198 46.83 -9.52 -11.38
C SER C 198 47.79 -8.38 -11.04
N PHE C 199 47.25 -7.16 -10.86
CA PHE C 199 48.09 -6.00 -10.54
C PHE C 199 48.87 -6.21 -9.25
N VAL C 200 48.25 -6.83 -8.24
CA VAL C 200 48.89 -6.91 -6.93
C VAL C 200 50.14 -7.79 -7.00
N ASP C 201 50.08 -8.90 -7.75
CA ASP C 201 51.28 -9.72 -7.92
C ASP C 201 52.30 -9.05 -8.82
N TYR C 202 51.83 -8.20 -9.75
CA TYR C 202 52.78 -7.49 -10.61
C TYR C 202 53.65 -6.51 -9.82
N PHE C 203 53.19 -6.11 -8.64
CA PHE C 203 53.92 -5.15 -7.81
C PHE C 203 54.61 -5.78 -6.62
N THR C 204 54.55 -7.10 -6.47
CA THR C 204 55.20 -7.74 -5.33
C THR C 204 56.07 -8.91 -5.70
N ILE C 205 55.80 -9.58 -6.82
CA ILE C 205 56.63 -10.71 -7.27
C ILE C 205 57.89 -10.21 -7.96
N PRO C 206 57.81 -9.26 -8.90
CA PRO C 206 59.06 -8.75 -9.53
C PRO C 206 60.01 -8.11 -8.52
N PRO C 207 59.57 -7.15 -7.69
CA PRO C 207 60.55 -6.44 -6.85
C PRO C 207 61.29 -7.35 -5.89
N SER C 208 60.66 -8.42 -5.41
CA SER C 208 61.35 -9.35 -4.52
C SER C 208 62.53 -10.01 -5.22
N PHE C 209 62.35 -10.41 -6.48
CA PHE C 209 63.46 -10.99 -7.25
C PHE C 209 64.54 -9.95 -7.51
N VAL C 210 64.13 -8.70 -7.76
CA VAL C 210 65.10 -7.63 -7.99
C VAL C 210 65.92 -7.36 -6.74
N SER C 211 65.31 -7.50 -5.56
CA SER C 211 66.02 -7.27 -4.31
C SER C 211 67.24 -8.17 -4.19
N ILE C 212 67.18 -9.36 -4.80
CA ILE C 212 68.35 -10.23 -4.84
C ILE C 212 69.44 -9.60 -5.70
N TYR C 213 69.06 -9.13 -6.89
CA TYR C 213 70.02 -8.49 -7.78
C TYR C 213 70.54 -7.18 -7.18
N LEU C 214 69.63 -6.32 -6.76
CA LEU C 214 70.01 -4.99 -6.28
C LEU C 214 70.67 -5.04 -4.91
N ASP C 215 70.54 -6.14 -4.18
CA ASP C 215 71.10 -6.29 -2.84
C ASP C 215 70.57 -5.23 -1.88
N ARG C 216 69.37 -4.73 -2.13
CA ARG C 216 68.74 -3.68 -1.35
C ARG C 216 67.36 -4.11 -0.90
N THR C 217 66.86 -3.42 0.13
CA THR C 217 65.53 -3.67 0.67
C THR C 217 64.77 -2.36 0.71
N TRP C 218 63.65 -2.30 -0.01
CA TRP C 218 62.81 -1.12 -0.06
C TRP C 218 61.37 -1.53 0.20
N ILE C 219 60.63 -0.70 0.95
CA ILE C 219 59.24 -1.01 1.23
C ILE C 219 58.42 -1.03 -0.05
N GLY C 220 58.55 0.01 -0.87
CA GLY C 220 57.86 0.06 -2.14
C GLY C 220 56.36 -0.02 -1.99
N LEU C 221 55.73 -0.86 -2.81
CA LEU C 221 54.29 -1.05 -2.82
C LEU C 221 53.88 -2.33 -2.11
N ARG C 222 54.59 -2.70 -1.04
CA ARG C 222 54.40 -3.99 -0.39
C ARG C 222 53.09 -4.07 0.38
N PHE C 223 52.44 -2.93 0.64
CA PHE C 223 51.17 -2.93 1.35
C PHE C 223 50.05 -3.59 0.58
N LEU C 224 50.24 -3.85 -0.72
CA LEU C 224 49.22 -4.48 -1.54
C LEU C 224 48.91 -5.91 -1.12
N ARG C 225 49.75 -6.53 -0.28
CA ARG C 225 49.44 -7.87 0.20
C ARG C 225 48.21 -7.87 1.10
N ALA C 226 47.81 -6.70 1.60
CA ALA C 226 46.58 -6.62 2.38
C ALA C 226 45.35 -6.82 1.50
N LEU C 227 45.52 -6.75 0.17
CA LEU C 227 44.40 -6.97 -0.73
C LEU C 227 44.07 -8.45 -0.86
N ARG C 228 44.93 -9.35 -0.36
CA ARG C 228 44.55 -10.76 -0.22
C ARG C 228 43.33 -10.95 0.67
N LEU C 229 43.18 -10.12 1.72
CA LEU C 229 42.16 -10.37 2.74
C LEU C 229 40.74 -10.24 2.20
N MET C 230 40.57 -9.66 1.01
CA MET C 230 39.24 -9.57 0.42
C MET C 230 38.83 -10.86 -0.28
N THR C 231 39.70 -11.88 -0.29
CA THR C 231 39.33 -13.21 -0.75
C THR C 231 38.64 -14.03 0.33
N VAL C 232 38.69 -13.59 1.59
CA VAL C 232 38.10 -14.37 2.68
C VAL C 232 36.62 -14.67 2.47
N PRO C 233 35.76 -13.71 2.10
CA PRO C 233 34.37 -14.08 1.82
C PRO C 233 34.22 -14.92 0.56
N ASP C 234 35.24 -14.93 -0.30
CA ASP C 234 35.16 -15.74 -1.52
C ASP C 234 35.79 -17.11 -1.33
N ILE C 235 36.97 -17.15 -0.71
CA ILE C 235 37.65 -18.43 -0.48
C ILE C 235 36.84 -19.29 0.49
N LEU C 236 36.37 -18.69 1.58
CA LEU C 236 35.58 -19.44 2.55
C LEU C 236 34.22 -19.84 1.98
N GLN C 237 33.72 -19.09 0.99
CA GLN C 237 32.49 -19.48 0.33
C GLN C 237 32.65 -20.77 -0.45
N TYR C 238 33.83 -21.00 -1.04
CA TYR C 238 34.10 -22.26 -1.71
C TYR C 238 34.16 -23.41 -0.72
N LEU C 239 34.44 -23.13 0.56
CA LEU C 239 34.54 -24.15 1.58
C LEU C 239 33.21 -24.45 2.27
N ASN C 240 32.11 -23.84 1.82
CA ASN C 240 30.75 -24.07 2.28
C ASN C 240 30.53 -23.67 3.73
N VAL C 241 31.37 -22.82 4.31
CA VAL C 241 31.14 -22.37 5.68
C VAL C 241 30.19 -21.18 5.71
N LEU C 242 30.08 -20.46 4.58
CA LEU C 242 29.18 -19.32 4.47
C LEU C 242 27.89 -19.79 3.83
N LYS C 243 26.92 -20.18 4.66
CA LYS C 243 25.66 -20.73 4.16
C LYS C 243 24.58 -19.65 4.06
N THR C 244 24.24 -19.01 5.18
CA THR C 244 23.18 -18.02 5.19
C THR C 244 23.65 -16.72 4.52
N SER C 245 22.68 -15.99 3.96
CA SER C 245 23.00 -14.76 3.24
C SER C 245 23.55 -13.69 4.18
N SER C 246 23.08 -13.66 5.43
CA SER C 246 23.56 -12.66 6.37
C SER C 246 25.05 -12.82 6.65
N SER C 247 25.51 -14.07 6.80
CA SER C 247 26.93 -14.30 7.05
C SER C 247 27.78 -13.87 5.87
N ILE C 248 27.34 -14.16 4.64
CA ILE C 248 28.12 -13.82 3.46
C ILE C 248 28.26 -12.31 3.32
N ARG C 249 27.16 -11.58 3.51
CA ARG C 249 27.20 -10.13 3.33
C ARG C 249 28.08 -9.47 4.38
N LEU C 250 27.92 -9.86 5.66
CA LEU C 250 28.70 -9.23 6.72
C LEU C 250 30.18 -9.57 6.58
N ALA C 251 30.50 -10.79 6.14
CA ALA C 251 31.88 -11.15 5.88
C ALA C 251 32.46 -10.31 4.75
N GLN C 252 31.67 -10.03 3.72
CA GLN C 252 32.14 -9.18 2.63
C GLN C 252 32.41 -7.77 3.12
N LEU C 253 31.49 -7.21 3.90
CA LEU C 253 31.61 -5.81 4.34
C LEU C 253 32.80 -5.64 5.28
N VAL C 254 32.99 -6.58 6.21
CA VAL C 254 34.08 -6.47 7.17
C VAL C 254 35.42 -6.59 6.48
N SER C 255 35.54 -7.55 5.54
CA SER C 255 36.82 -7.80 4.89
C SER C 255 37.27 -6.59 4.07
N ILE C 256 36.35 -5.96 3.35
CA ILE C 256 36.71 -4.80 2.53
C ILE C 256 37.17 -3.65 3.42
N PHE C 257 36.48 -3.42 4.53
CA PHE C 257 36.86 -2.33 5.42
C PHE C 257 38.25 -2.54 6.01
N ILE C 258 38.55 -3.77 6.44
CA ILE C 258 39.86 -4.05 7.01
C ILE C 258 40.94 -3.89 5.96
N SER C 259 40.73 -4.44 4.76
CA SER C 259 41.74 -4.37 3.71
C SER C 259 41.98 -2.93 3.26
N VAL C 260 40.91 -2.16 3.08
CA VAL C 260 41.05 -0.75 2.71
C VAL C 260 41.78 0.01 3.80
N TRP C 261 41.43 -0.25 5.07
CA TRP C 261 42.10 0.40 6.18
C TRP C 261 43.58 0.08 6.21
N LEU C 262 43.93 -1.19 6.01
CA LEU C 262 45.34 -1.59 6.09
C LEU C 262 46.10 -1.15 4.85
N THR C 263 45.50 -1.29 3.66
CA THR C 263 46.21 -0.93 2.43
C THR C 263 46.46 0.56 2.34
N ALA C 264 45.43 1.37 2.58
CA ALA C 264 45.58 2.83 2.48
C ALA C 264 46.52 3.37 3.55
N ALA C 265 46.59 2.71 4.71
CA ALA C 265 47.55 3.11 5.73
C ALA C 265 48.98 2.90 5.24
N GLY C 266 49.21 1.82 4.49
CA GLY C 266 50.54 1.60 3.94
C GLY C 266 50.93 2.65 2.91
N ILE C 267 49.96 3.13 2.13
CA ILE C 267 50.23 4.18 1.14
C ILE C 267 50.71 5.44 1.82
N ILE C 268 50.03 5.84 2.90
CA ILE C 268 50.42 7.05 3.63
C ILE C 268 51.76 6.85 4.32
N HIS C 269 51.99 5.65 4.88
CA HIS C 269 53.26 5.37 5.53
C HIS C 269 54.42 5.46 4.55
N LEU C 270 54.23 4.94 3.34
CA LEU C 270 55.28 5.05 2.32
C LEU C 270 55.45 6.48 1.84
N LEU C 271 54.34 7.16 1.57
CA LEU C 271 54.41 8.52 1.02
C LEU C 271 55.02 9.50 2.02
N GLU C 272 54.59 9.44 3.28
CA GLU C 272 55.06 10.41 4.27
C GLU C 272 56.53 10.20 4.59
N ASN C 273 56.96 8.94 4.73
CA ASN C 273 58.35 8.67 5.08
C ASN C 273 59.29 8.95 3.92
N SER C 274 58.89 8.64 2.69
CA SER C 274 59.76 8.84 1.54
C SER C 274 59.99 10.32 1.26
N GLY C 275 58.91 11.10 1.22
CA GLY C 275 59.01 12.52 0.92
C GLY C 275 58.72 12.85 -0.53
N ASP C 276 58.96 14.11 -0.86
CA ASP C 276 58.71 14.59 -2.21
C ASP C 276 59.70 13.97 -3.19
N PRO C 277 59.29 13.74 -4.43
CA PRO C 277 60.18 13.07 -5.40
C PRO C 277 61.36 13.95 -5.79
N LEU C 278 62.49 13.28 -6.09
CA LEU C 278 63.69 13.88 -6.66
C LEU C 278 64.46 14.73 -5.66
N ASP C 279 63.90 14.97 -4.49
CA ASP C 279 64.68 15.63 -3.44
C ASP C 279 64.65 14.86 -2.13
N PHE C 280 63.48 14.33 -1.73
CA PHE C 280 63.34 13.47 -0.56
C PHE C 280 63.94 14.12 0.69
N ASP C 281 63.71 15.42 0.84
CA ASP C 281 64.23 16.14 2.01
C ASP C 281 63.18 16.26 3.11
N ASN C 282 61.95 16.58 2.76
CA ASN C 282 60.86 16.70 3.73
C ASN C 282 60.30 15.31 3.99
N ALA C 283 60.88 14.61 4.96
CA ALA C 283 60.48 13.24 5.30
C ALA C 283 59.80 13.27 6.66
N HIS C 284 58.48 13.10 6.67
CA HIS C 284 57.71 13.03 7.91
C HIS C 284 57.78 11.61 8.42
N ARG C 285 58.75 11.36 9.30
CA ARG C 285 58.96 10.02 9.86
C ARG C 285 57.76 9.66 10.73
N LEU C 286 56.98 8.68 10.27
CA LEU C 286 55.77 8.25 10.96
C LEU C 286 55.74 6.74 11.06
N SER C 287 55.34 6.23 12.21
CA SER C 287 55.20 4.80 12.40
C SER C 287 54.00 4.28 11.61
N TYR C 288 54.07 3.01 11.22
CA TYR C 288 52.99 2.42 10.46
C TYR C 288 51.69 2.37 11.26
N TRP C 289 51.79 2.00 12.54
CA TRP C 289 50.60 1.94 13.38
C TRP C 289 50.06 3.32 13.69
N THR C 290 50.93 4.34 13.71
CA THR C 290 50.45 5.71 13.82
C THR C 290 49.62 6.10 12.61
N CYS C 291 50.03 5.67 11.42
CA CYS C 291 49.23 5.90 10.22
C CYS C 291 47.89 5.16 10.32
N VAL C 292 47.90 3.93 10.85
CA VAL C 292 46.66 3.19 11.04
C VAL C 292 45.72 3.95 11.96
N TYR C 293 46.26 4.51 13.05
CA TYR C 293 45.46 5.35 13.93
C TYR C 293 45.05 6.64 13.23
N PHE C 294 45.84 7.10 12.26
CA PHE C 294 45.51 8.34 11.56
C PHE C 294 44.29 8.17 10.67
N LEU C 295 44.18 7.03 9.97
CA LEU C 295 43.06 6.84 9.06
C LEU C 295 41.75 6.63 9.81
N ILE C 296 41.77 5.89 10.91
CA ILE C 296 40.53 5.64 11.65
C ILE C 296 39.98 6.94 12.22
N VAL C 297 40.86 7.87 12.59
CA VAL C 297 40.41 9.21 12.96
C VAL C 297 39.85 9.93 11.74
N THR C 298 40.49 9.74 10.58
CA THR C 298 40.03 10.38 9.36
C THR C 298 38.69 9.81 8.90
N MET C 299 38.55 8.49 8.90
CA MET C 299 37.30 7.89 8.44
C MET C 299 36.13 8.28 9.35
N SER C 300 36.35 8.29 10.66
CA SER C 300 35.31 8.70 11.59
C SER C 300 35.03 10.20 11.55
N THR C 301 35.76 10.95 10.71
CA THR C 301 35.61 12.40 10.56
C THR C 301 35.84 13.15 11.87
N VAL C 302 36.64 12.59 12.78
CA VAL C 302 36.96 13.29 14.01
C VAL C 302 38.04 14.35 13.75
N GLY C 303 39.14 13.96 13.12
CA GLY C 303 40.18 14.88 12.74
C GLY C 303 40.81 15.64 13.88
N TYR C 304 41.53 14.94 14.76
CA TYR C 304 42.19 15.61 15.88
C TYR C 304 43.23 16.61 15.39
N GLY C 305 44.02 16.23 14.39
CA GLY C 305 45.08 17.06 13.87
C GLY C 305 46.42 16.87 14.53
N ASP C 306 46.51 16.03 15.57
CA ASP C 306 47.81 15.74 16.17
C ASP C 306 48.71 15.03 15.17
N VAL C 307 48.15 14.12 14.37
CA VAL C 307 48.87 13.44 13.30
C VAL C 307 48.22 13.84 11.98
N TYR C 308 49.04 14.33 11.04
CA TYR C 308 48.52 14.78 9.76
C TYR C 308 49.61 14.63 8.70
N CYS C 309 49.18 14.59 7.45
CA CYS C 309 50.09 14.47 6.33
C CYS C 309 50.70 15.83 5.99
N GLU C 310 52.02 15.87 5.84
CA GLU C 310 52.74 17.10 5.53
C GLU C 310 53.32 17.13 4.12
N THR C 311 53.63 15.96 3.55
CA THR C 311 54.19 15.93 2.21
C THR C 311 53.11 16.22 1.16
N VAL C 312 53.57 16.72 0.01
CA VAL C 312 52.64 17.03 -1.08
C VAL C 312 51.98 15.76 -1.59
N LEU C 313 52.77 14.70 -1.79
CA LEU C 313 52.22 13.44 -2.28
C LEU C 313 51.25 12.84 -1.26
N GLY C 314 51.58 12.90 0.03
CA GLY C 314 50.70 12.37 1.04
C GLY C 314 49.36 13.08 1.08
N ARG C 315 49.36 14.41 0.95
CA ARG C 315 48.11 15.15 0.92
C ARG C 315 47.32 14.85 -0.34
N THR C 316 48.02 14.67 -1.47
CA THR C 316 47.33 14.38 -2.72
C THR C 316 46.57 13.06 -2.65
N PHE C 317 47.20 12.01 -2.10
CA PHE C 317 46.51 10.75 -1.92
C PHE C 317 45.36 10.87 -0.93
N LEU C 318 45.55 11.67 0.12
CA LEU C 318 44.50 11.85 1.12
C LEU C 318 43.26 12.47 0.50
N VAL C 319 43.44 13.37 -0.48
CA VAL C 319 42.30 13.96 -1.17
C VAL C 319 41.52 12.88 -1.93
N PHE C 320 42.23 12.00 -2.64
CA PHE C 320 41.57 10.91 -3.34
C PHE C 320 40.93 9.93 -2.36
N PHE C 321 41.60 9.67 -1.23
CA PHE C 321 41.04 8.74 -0.24
C PHE C 321 39.73 9.26 0.32
N LEU C 322 39.65 10.57 0.57
CA LEU C 322 38.39 11.14 1.07
C LEU C 322 37.28 10.98 0.05
N LEU C 323 37.57 11.26 -1.23
CA LEU C 323 36.54 11.14 -2.26
C LEU C 323 36.17 9.68 -2.52
N VAL C 324 37.17 8.82 -2.65
CA VAL C 324 36.91 7.40 -2.93
C VAL C 324 36.22 6.75 -1.72
N GLY C 325 36.64 7.10 -0.51
CA GLY C 325 36.07 6.47 0.67
C GLY C 325 34.59 6.71 0.82
N LEU C 326 34.14 7.94 0.58
CA LEU C 326 32.71 8.22 0.61
C LEU C 326 31.98 7.50 -0.51
N ALA C 327 32.60 7.42 -1.69
CA ALA C 327 31.99 6.68 -2.79
C ALA C 327 31.86 5.20 -2.45
N ILE C 328 32.89 4.63 -1.82
CA ILE C 328 32.79 3.25 -1.36
C ILE C 328 31.70 3.12 -0.28
N PHE C 329 31.66 4.08 0.64
CA PHE C 329 30.63 4.07 1.67
C PHE C 329 29.24 4.23 1.06
N ALA C 330 29.12 5.08 0.04
CA ALA C 330 27.82 5.33 -0.58
C ALA C 330 27.27 4.06 -1.22
N SER C 331 28.12 3.28 -1.88
CA SER C 331 27.66 2.05 -2.52
C SER C 331 27.22 1.01 -1.51
N CYS C 332 27.69 1.12 -0.26
CA CYS C 332 27.37 0.14 0.77
C CYS C 332 26.26 0.59 1.71
N ILE C 333 25.73 1.80 1.54
CA ILE C 333 24.65 2.28 2.42
C ILE C 333 23.41 1.39 2.36
N PRO C 334 22.88 1.03 1.18
CA PRO C 334 21.66 0.21 1.18
C PRO C 334 21.80 -1.14 1.86
N GLU C 335 23.01 -1.69 1.90
CA GLU C 335 23.19 -3.04 2.42
C GLU C 335 23.53 -3.03 3.90
N ILE C 336 24.14 -1.96 4.40
CA ILE C 336 24.40 -1.87 5.84
C ILE C 336 23.12 -1.53 6.58
N ILE C 337 22.15 -0.93 5.90
CA ILE C 337 20.90 -0.52 6.56
C ILE C 337 20.08 -1.75 6.95
N ASP C 338 19.93 -2.70 6.04
CA ASP C 338 19.05 -3.84 6.26
C ASP C 338 19.76 -5.05 6.86
N LEU C 339 21.06 -4.96 7.12
CA LEU C 339 21.81 -6.07 7.70
C LEU C 339 22.04 -5.94 9.19
N ILE C 340 22.35 -4.74 9.67
CA ILE C 340 22.63 -4.56 11.09
C ILE C 340 21.36 -4.45 11.93
N GLY C 341 20.22 -4.17 11.32
CA GLY C 341 18.98 -4.00 12.05
C GLY C 341 18.24 -5.30 12.31
N THR C 342 18.95 -6.31 12.82
CA THR C 342 18.35 -7.60 13.14
C THR C 342 18.83 -8.04 14.51
N ARG C 343 18.01 -8.85 15.18
CA ARG C 343 18.34 -9.35 16.50
C ARG C 343 17.50 -10.59 16.78
N ALA C 344 18.11 -11.56 17.45
CA ALA C 344 17.44 -12.79 17.88
C ALA C 344 17.53 -12.82 19.41
N LYS C 345 16.52 -12.27 20.07
CA LYS C 345 16.56 -12.10 21.51
C LYS C 345 16.21 -13.38 22.26
N TYR C 346 15.16 -14.07 21.85
CA TYR C 346 14.62 -15.20 22.60
C TYR C 346 14.93 -16.51 21.89
N GLY C 347 15.35 -17.51 22.66
CA GLY C 347 15.68 -18.80 22.12
C GLY C 347 16.17 -19.72 23.21
N GLY C 348 16.57 -20.92 22.80
CA GLY C 348 17.07 -21.91 23.72
C GLY C 348 15.98 -22.85 24.23
N THR C 349 16.42 -24.00 24.72
CA THR C 349 15.50 -25.02 25.20
C THR C 349 15.22 -24.84 26.70
N LEU C 350 14.05 -25.30 27.12
CA LEU C 350 13.62 -25.21 28.51
C LEU C 350 14.32 -26.33 29.29
N LYS C 351 15.25 -25.95 30.17
CA LYS C 351 15.95 -26.88 31.03
C LYS C 351 15.84 -26.41 32.47
N ASN C 352 15.26 -27.24 33.33
CA ASN C 352 15.09 -26.94 34.75
C ASN C 352 15.21 -28.23 35.54
N GLU C 353 14.93 -28.12 36.84
CA GLU C 353 15.03 -29.28 37.72
C GLU C 353 13.85 -30.23 37.53
N LYS C 354 13.98 -31.43 38.08
CA LYS C 354 12.90 -32.40 38.07
C LYS C 354 12.05 -32.26 39.32
N GLY C 355 10.79 -32.68 39.21
CA GLY C 355 9.85 -32.70 40.31
C GLY C 355 8.70 -31.73 40.16
N ARG C 356 8.96 -30.51 39.67
CA ARG C 356 7.92 -29.51 39.49
C ARG C 356 7.21 -29.74 38.16
N ARG C 357 6.06 -29.08 38.02
CA ARG C 357 5.19 -29.26 36.86
C ARG C 357 4.93 -27.92 36.20
N HIS C 358 4.76 -27.95 34.88
CA HIS C 358 4.58 -26.73 34.09
C HIS C 358 3.57 -26.98 32.98
N ILE C 359 3.07 -25.89 32.41
CA ILE C 359 2.12 -25.91 31.31
C ILE C 359 2.62 -25.00 30.21
N VAL C 360 2.12 -25.23 28.99
CA VAL C 360 2.51 -24.44 27.83
C VAL C 360 1.29 -23.68 27.32
N VAL C 361 1.46 -22.39 27.09
CA VAL C 361 0.39 -21.52 26.58
C VAL C 361 0.81 -20.98 25.23
N CYS C 362 -0.08 -21.12 24.24
CA CYS C 362 0.20 -20.68 22.88
C CYS C 362 -1.06 -20.03 22.31
N GLY C 363 -0.99 -19.66 21.04
CA GLY C 363 -2.12 -19.06 20.36
C GLY C 363 -2.02 -17.54 20.25
N HIS C 364 -2.99 -16.84 20.83
CA HIS C 364 -3.03 -15.38 20.81
C HIS C 364 -2.33 -14.87 22.07
N ILE C 365 -1.10 -14.39 21.89
CA ILE C 365 -0.27 -13.93 22.99
C ILE C 365 -0.05 -12.43 22.81
N THR C 366 -0.81 -11.62 23.55
CA THR C 366 -0.61 -10.17 23.56
C THR C 366 -0.42 -9.70 24.99
N TYR C 367 -0.33 -8.37 25.19
CA TYR C 367 -0.13 -7.85 26.53
C TYR C 367 -1.33 -8.12 27.42
N GLU C 368 -2.53 -7.79 26.95
CA GLU C 368 -3.73 -8.03 27.73
C GLU C 368 -4.17 -9.48 27.75
N SER C 369 -3.72 -10.30 26.78
CA SER C 369 -4.04 -11.72 26.81
C SER C 369 -3.26 -12.42 27.91
N VAL C 370 -2.02 -12.00 28.15
CA VAL C 370 -1.19 -12.63 29.17
C VAL C 370 -1.53 -12.08 30.56
N SER C 371 -1.69 -10.75 30.66
CA SER C 371 -1.96 -10.15 31.96
C SER C 371 -3.29 -10.62 32.53
N HIS C 372 -4.32 -10.70 31.69
CA HIS C 372 -5.60 -11.22 32.16
C HIS C 372 -5.50 -12.69 32.56
N PHE C 373 -4.76 -13.48 31.77
CA PHE C 373 -4.57 -14.89 32.09
C PHE C 373 -3.78 -15.06 33.38
N LEU C 374 -2.72 -14.27 33.57
CA LEU C 374 -1.86 -14.45 34.73
C LEU C 374 -2.55 -14.01 36.02
N LYS C 375 -3.39 -12.97 35.94
CA LYS C 375 -4.10 -12.51 37.12
C LYS C 375 -5.04 -13.60 37.65
N ASP C 376 -5.75 -14.28 36.75
CA ASP C 376 -6.65 -15.34 37.18
C ASP C 376 -5.89 -16.60 37.56
N PHE C 377 -4.81 -16.90 36.84
CA PHE C 377 -4.05 -18.12 37.12
C PHE C 377 -3.33 -18.02 38.46
N LEU C 378 -2.67 -16.89 38.72
CA LEU C 378 -1.94 -16.68 39.98
C LEU C 378 -2.77 -15.74 40.85
N HIS C 379 -3.68 -16.34 41.63
CA HIS C 379 -4.57 -15.59 42.50
C HIS C 379 -4.49 -16.12 43.92
N GLU C 380 -4.76 -15.24 44.88
CA GLU C 380 -4.69 -15.60 46.29
C GLU C 380 -5.74 -16.65 46.64
N ASP C 381 -6.96 -16.50 46.10
CA ASP C 381 -8.04 -17.42 46.44
C ASP C 381 -7.78 -18.82 45.93
N ARG C 382 -7.03 -18.97 44.84
CA ARG C 382 -6.71 -20.28 44.31
C ARG C 382 -5.80 -21.03 45.27
N GLU C 383 -5.97 -22.35 45.32
CA GLU C 383 -5.11 -23.19 46.15
C GLU C 383 -3.66 -23.07 45.69
N ASP C 384 -2.75 -22.94 46.65
CA ASP C 384 -1.35 -22.69 46.34
C ASP C 384 -0.71 -23.97 45.79
N VAL C 385 -0.48 -24.00 44.48
CA VAL C 385 0.22 -25.10 43.82
C VAL C 385 1.26 -24.49 42.90
N ASP C 386 2.47 -25.05 42.93
CA ASP C 386 3.59 -24.51 42.16
C ASP C 386 3.52 -25.07 40.74
N VAL C 387 2.94 -24.29 39.83
CA VAL C 387 2.86 -24.64 38.42
C VAL C 387 3.49 -23.50 37.62
N GLU C 388 4.42 -23.85 36.73
CA GLU C 388 5.12 -22.87 35.90
C GLU C 388 4.35 -22.67 34.59
N VAL C 389 4.33 -21.42 34.12
CA VAL C 389 3.64 -21.06 32.89
C VAL C 389 4.68 -20.74 31.83
N VAL C 390 4.58 -21.40 30.69
CA VAL C 390 5.51 -21.22 29.58
C VAL C 390 4.73 -20.71 28.38
N PHE C 391 5.20 -19.60 27.80
CA PHE C 391 4.56 -19.01 26.63
C PHE C 391 5.43 -19.24 25.40
N LEU C 392 4.77 -19.52 24.27
CA LEU C 392 5.45 -19.80 23.02
C LEU C 392 4.72 -19.09 21.89
N HIS C 393 5.30 -17.99 21.41
CA HIS C 393 4.73 -17.22 20.31
C HIS C 393 5.82 -16.89 19.30
N ARG C 394 5.42 -16.82 18.03
CA ARG C 394 6.36 -16.61 16.94
C ARG C 394 6.80 -15.16 16.79
N LYS C 395 6.19 -14.23 17.53
CA LYS C 395 6.53 -12.83 17.44
C LYS C 395 7.30 -12.39 18.69
N PRO C 396 8.26 -11.48 18.55
CA PRO C 396 8.98 -10.97 19.72
C PRO C 396 8.09 -10.06 20.54
N PRO C 397 8.07 -10.23 21.86
CA PRO C 397 7.22 -9.37 22.70
C PRO C 397 7.72 -7.94 22.70
N ASP C 398 6.78 -7.01 22.88
CA ASP C 398 7.13 -5.60 22.94
C ASP C 398 7.67 -5.25 24.34
N LEU C 399 7.94 -3.96 24.55
CA LEU C 399 8.56 -3.53 25.80
C LEU C 399 7.65 -3.81 26.99
N GLU C 400 6.36 -3.55 26.86
CA GLU C 400 5.45 -3.73 27.98
C GLU C 400 5.31 -5.21 28.35
N LEU C 401 5.26 -6.10 27.36
CA LEU C 401 5.13 -7.52 27.65
C LEU C 401 6.38 -8.06 28.32
N GLU C 402 7.55 -7.59 27.91
CA GLU C 402 8.80 -8.04 28.53
C GLU C 402 8.86 -7.65 30.00
N GLY C 403 8.39 -6.44 30.32
CA GLY C 403 8.35 -6.04 31.72
C GLY C 403 7.41 -6.90 32.55
N LEU C 404 6.29 -7.32 31.94
CA LEU C 404 5.37 -8.22 32.63
C LEU C 404 6.04 -9.56 32.93
N PHE C 405 6.82 -10.08 31.99
CA PHE C 405 7.53 -11.34 32.22
C PHE C 405 8.57 -11.19 33.34
N LYS C 406 9.23 -10.03 33.41
CA LYS C 406 10.21 -9.81 34.46
C LYS C 406 9.57 -9.83 35.84
N ARG C 407 8.37 -9.24 35.97
CA ARG C 407 7.67 -9.24 37.25
C ARG C 407 7.24 -10.64 37.66
N HIS C 408 7.21 -11.59 36.73
CA HIS C 408 6.91 -12.99 37.01
C HIS C 408 8.07 -13.88 36.58
N PHE C 409 9.28 -13.47 36.92
CA PHE C 409 10.48 -14.18 36.48
C PHE C 409 10.53 -15.59 37.04
N THR C 410 10.16 -15.76 38.31
CA THR C 410 10.24 -17.06 38.98
C THR C 410 9.07 -17.97 38.63
N THR C 411 8.08 -17.49 37.88
CA THR C 411 6.90 -18.29 37.54
C THR C 411 6.60 -18.34 36.05
N VAL C 412 6.96 -17.31 35.28
CA VAL C 412 6.58 -17.22 33.88
C VAL C 412 7.84 -17.08 33.02
N GLU C 413 7.93 -17.88 31.97
CA GLU C 413 9.03 -17.81 31.02
C GLU C 413 8.47 -17.78 29.60
N PHE C 414 9.21 -17.15 28.70
CA PHE C 414 8.80 -16.95 27.33
C PHE C 414 9.84 -17.52 26.37
N PHE C 415 9.37 -18.11 25.28
CA PHE C 415 10.23 -18.61 24.22
C PHE C 415 9.66 -18.20 22.87
N GLN C 416 10.54 -17.99 21.90
CA GLN C 416 10.14 -17.59 20.56
C GLN C 416 10.09 -18.82 19.66
N GLY C 417 8.94 -19.08 19.08
CA GLY C 417 8.77 -20.23 18.21
C GLY C 417 7.31 -20.43 17.86
N THR C 418 7.03 -21.51 17.16
CA THR C 418 5.67 -21.83 16.73
C THR C 418 5.35 -23.27 17.10
N ILE C 419 4.07 -23.53 17.34
CA ILE C 419 3.60 -24.87 17.67
C ILE C 419 3.78 -25.82 16.51
N MET C 420 3.56 -25.35 15.28
CA MET C 420 3.63 -26.19 14.08
C MET C 420 5.02 -26.74 13.82
N ASN C 421 6.06 -26.20 14.44
CA ASN C 421 7.41 -26.68 14.27
C ASN C 421 7.73 -27.70 15.35
N PRO C 422 8.01 -28.96 14.99
CA PRO C 422 8.36 -29.96 16.01
C PRO C 422 9.62 -29.62 16.79
N ILE C 423 10.53 -28.85 16.21
CA ILE C 423 11.75 -28.46 16.91
C ILE C 423 11.40 -27.56 18.10
N ASP C 424 10.49 -26.60 17.89
CA ASP C 424 10.10 -25.71 18.97
C ASP C 424 9.31 -26.44 20.04
N LEU C 425 8.57 -27.49 19.66
CA LEU C 425 7.82 -28.27 20.65
C LEU C 425 8.76 -28.97 21.64
N GLN C 426 9.90 -29.48 21.14
CA GLN C 426 10.86 -30.13 22.02
C GLN C 426 11.56 -29.12 22.92
N ARG C 427 11.72 -27.87 22.45
CA ARG C 427 12.41 -26.87 23.25
C ARG C 427 11.66 -26.54 24.52
N VAL C 428 10.33 -26.44 24.44
CA VAL C 428 9.52 -26.04 25.58
C VAL C 428 9.05 -27.26 26.36
N LYS C 429 9.53 -28.44 25.94
CA LYS C 429 9.25 -29.70 26.63
C LYS C 429 7.74 -29.96 26.71
N VAL C 430 7.12 -30.11 25.54
CA VAL C 430 5.69 -30.37 25.47
C VAL C 430 5.36 -31.74 26.05
N HIS C 431 6.23 -32.72 25.80
CA HIS C 431 5.95 -34.10 26.22
C HIS C 431 5.91 -34.25 27.74
N GLU C 432 6.46 -33.30 28.49
CA GLU C 432 6.45 -33.36 29.94
C GLU C 432 5.50 -32.37 30.59
N ALA C 433 4.88 -31.49 29.82
CA ALA C 433 3.96 -30.51 30.38
C ALA C 433 2.66 -31.17 30.81
N ASP C 434 1.98 -30.55 31.79
CA ASP C 434 0.69 -31.04 32.22
C ASP C 434 -0.35 -30.89 31.13
N ALA C 435 -0.46 -29.69 30.56
CA ALA C 435 -1.45 -29.41 29.52
C ALA C 435 -0.92 -28.28 28.65
N CYS C 436 -1.48 -28.20 27.44
CA CYS C 436 -1.18 -27.13 26.50
C CYS C 436 -2.43 -26.31 26.30
N LEU C 437 -2.34 -25.01 26.55
CA LEU C 437 -3.48 -24.11 26.43
C LEU C 437 -3.35 -23.27 25.17
N VAL C 438 -4.37 -23.32 24.33
CA VAL C 438 -4.41 -22.58 23.08
C VAL C 438 -5.40 -21.43 23.24
N LEU C 439 -4.89 -20.20 23.17
CA LEU C 439 -5.73 -19.02 23.31
C LEU C 439 -6.17 -18.54 21.92
N ALA C 440 -7.43 -18.15 21.82
CA ALA C 440 -8.01 -17.71 20.56
C ALA C 440 -8.13 -16.19 20.54
N ASN C 441 -8.06 -15.63 19.33
CA ASN C 441 -8.26 -14.20 19.12
C ASN C 441 -9.77 -13.96 19.00
N LYS C 442 -10.37 -13.51 20.10
CA LYS C 442 -11.81 -13.31 20.11
C LYS C 442 -12.23 -12.21 19.13
N TYR C 443 -11.46 -11.14 19.05
CA TYR C 443 -11.78 -10.01 18.16
C TYR C 443 -11.07 -10.18 16.81
N CYS C 444 -11.51 -11.19 16.07
CA CYS C 444 -10.95 -11.51 14.77
C CYS C 444 -11.97 -11.21 13.68
N GLN C 445 -11.46 -10.72 12.54
CA GLN C 445 -12.36 -10.41 11.42
C GLN C 445 -13.04 -11.65 10.88
N ASP C 446 -12.30 -12.75 10.76
CA ASP C 446 -12.84 -14.01 10.25
C ASP C 446 -12.74 -15.09 11.33
N PRO C 447 -13.84 -15.38 12.03
CA PRO C 447 -13.80 -16.49 13.02
C PRO C 447 -13.45 -17.83 12.40
N ASP C 448 -13.86 -18.08 11.16
CA ASP C 448 -13.51 -19.35 10.51
C ASP C 448 -12.01 -19.50 10.35
N ALA C 449 -11.32 -18.43 9.94
CA ALA C 449 -9.87 -18.49 9.80
C ALA C 449 -9.18 -18.71 11.15
N GLU C 450 -9.67 -18.03 12.19
CA GLU C 450 -9.07 -18.19 13.52
C GLU C 450 -9.25 -19.60 14.05
N ASP C 451 -10.44 -20.18 13.87
CA ASP C 451 -10.70 -21.52 14.35
C ASP C 451 -9.84 -22.55 13.62
N ALA C 452 -9.68 -22.38 12.31
CA ALA C 452 -8.90 -23.33 11.53
C ALA C 452 -7.44 -23.34 11.97
N ALA C 453 -6.87 -22.17 12.25
CA ALA C 453 -5.49 -22.09 12.71
C ALA C 453 -5.34 -22.76 14.08
N ASN C 454 -6.30 -22.54 14.98
CA ASN C 454 -6.23 -23.12 16.31
C ASN C 454 -6.35 -24.64 16.26
N ILE C 455 -7.21 -25.14 15.38
CA ILE C 455 -7.38 -26.60 15.25
C ILE C 455 -6.09 -27.24 14.76
N MET C 456 -5.41 -26.59 13.82
CA MET C 456 -4.14 -27.12 13.31
C MET C 456 -3.08 -27.18 14.39
N ARG C 457 -3.13 -26.25 15.35
CA ARG C 457 -2.19 -26.30 16.48
C ARG C 457 -2.39 -27.56 17.31
N VAL C 458 -3.67 -27.93 17.54
CA VAL C 458 -3.95 -29.15 18.31
C VAL C 458 -3.45 -30.38 17.56
N ILE C 459 -3.59 -30.39 16.24
CA ILE C 459 -3.08 -31.50 15.45
C ILE C 459 -1.57 -31.60 15.58
N SER C 460 -0.88 -30.46 15.53
CA SER C 460 0.58 -30.47 15.70
C SER C 460 0.97 -30.94 17.09
N ILE C 461 0.25 -30.50 18.12
CA ILE C 461 0.56 -30.92 19.49
C ILE C 461 0.32 -32.41 19.65
N LYS C 462 -0.81 -32.90 19.13
CA LYS C 462 -1.10 -34.33 19.24
C LYS C 462 -0.16 -35.17 18.38
N ASN C 463 0.32 -34.60 17.27
CA ASN C 463 1.29 -35.33 16.45
C ASN C 463 2.58 -35.57 17.21
N TYR C 464 3.06 -34.56 17.95
CA TYR C 464 4.27 -34.74 18.75
C TYR C 464 4.07 -35.76 19.85
N SER C 465 2.93 -35.72 20.53
CA SER C 465 2.65 -36.66 21.61
C SER C 465 1.14 -36.86 21.68
N ASP C 466 0.71 -38.13 21.61
CA ASP C 466 -0.71 -38.43 21.66
C ASP C 466 -1.29 -38.29 23.05
N ASP C 467 -0.49 -38.48 24.10
CA ASP C 467 -0.95 -38.40 25.48
C ASP C 467 -0.57 -37.04 26.09
N ILE C 468 -1.37 -36.03 25.73
CA ILE C 468 -1.17 -34.69 26.27
C ILE C 468 -2.52 -33.99 26.41
N ARG C 469 -2.72 -33.29 27.52
CA ARG C 469 -3.97 -32.56 27.73
C ARG C 469 -3.94 -31.27 26.93
N VAL C 470 -5.03 -30.99 26.22
CA VAL C 470 -5.16 -29.81 25.37
C VAL C 470 -6.46 -29.10 25.73
N ILE C 471 -6.36 -27.81 26.02
CA ILE C 471 -7.53 -26.95 26.25
C ILE C 471 -7.48 -25.84 25.21
N ILE C 472 -8.56 -25.68 24.45
CA ILE C 472 -8.57 -24.79 23.29
C ILE C 472 -9.87 -23.99 23.30
N GLN C 473 -9.76 -22.71 22.90
CA GLN C 473 -10.92 -21.85 22.69
C GLN C 473 -11.35 -21.95 21.24
N LEU C 474 -12.64 -22.20 21.02
CA LEU C 474 -13.21 -22.25 19.68
C LEU C 474 -14.27 -21.16 19.52
N MET C 475 -14.17 -20.42 18.41
CA MET C 475 -15.08 -19.31 18.16
C MET C 475 -16.46 -19.76 17.71
N GLN C 476 -16.57 -20.90 17.03
CA GLN C 476 -17.84 -21.37 16.49
C GLN C 476 -18.05 -22.84 16.85
N TYR C 477 -19.31 -23.22 17.01
CA TYR C 477 -19.62 -24.56 17.50
C TYR C 477 -19.45 -25.61 16.42
N HIS C 478 -19.74 -25.26 15.16
CA HIS C 478 -19.66 -26.25 14.10
C HIS C 478 -18.23 -26.72 13.84
N ASN C 479 -17.24 -25.95 14.30
CA ASN C 479 -15.85 -26.38 14.18
C ASN C 479 -15.44 -27.36 15.28
N LYS C 480 -16.30 -27.58 16.28
CA LYS C 480 -16.00 -28.55 17.33
C LYS C 480 -16.01 -29.97 16.78
N ALA C 481 -16.75 -30.20 15.69
CA ALA C 481 -16.82 -31.55 15.12
C ALA C 481 -15.47 -32.00 14.59
N TYR C 482 -14.69 -31.07 14.02
CA TYR C 482 -13.37 -31.43 13.49
C TYR C 482 -12.45 -31.93 14.59
N LEU C 483 -12.47 -31.28 15.76
CA LEU C 483 -11.62 -31.71 16.86
C LEU C 483 -12.03 -33.08 17.38
N LEU C 484 -13.34 -33.34 17.44
CA LEU C 484 -13.81 -34.64 17.93
C LEU C 484 -13.43 -35.78 16.99
N ASN C 485 -13.21 -35.47 15.71
CA ASN C 485 -12.83 -36.49 14.74
C ASN C 485 -11.34 -36.84 14.79
N ILE C 486 -10.55 -36.11 15.58
CA ILE C 486 -9.14 -36.45 15.72
C ILE C 486 -9.00 -37.77 16.46
N PRO C 487 -8.25 -38.74 15.93
CA PRO C 487 -8.14 -40.04 16.62
C PRO C 487 -7.54 -39.95 18.01
N SER C 488 -6.62 -39.02 18.25
CA SER C 488 -5.95 -38.89 19.54
C SER C 488 -6.72 -38.02 20.52
N TRP C 489 -7.79 -37.36 20.09
CA TRP C 489 -8.58 -36.55 21.01
C TRP C 489 -9.41 -37.45 21.92
N ASP C 490 -9.40 -37.16 23.21
CA ASP C 490 -10.12 -37.96 24.20
C ASP C 490 -10.54 -37.07 25.35
N TRP C 491 -11.84 -36.79 25.44
CA TRP C 491 -12.34 -35.96 26.53
C TRP C 491 -12.18 -36.66 27.88
N LYS C 492 -12.23 -38.00 27.90
CA LYS C 492 -12.09 -38.74 29.15
C LYS C 492 -10.71 -38.58 29.78
N GLN C 493 -9.71 -38.19 28.98
CA GLN C 493 -8.34 -38.05 29.47
C GLN C 493 -7.98 -36.62 29.80
N GLY C 494 -8.94 -35.70 29.79
CA GLY C 494 -8.70 -34.32 30.15
C GLY C 494 -8.82 -33.32 29.02
N ASP C 495 -8.92 -33.77 27.77
CA ASP C 495 -9.06 -32.84 26.65
C ASP C 495 -10.41 -32.12 26.75
N ASP C 496 -10.37 -30.79 26.61
CA ASP C 496 -11.56 -29.97 26.76
C ASP C 496 -11.62 -28.94 25.65
N VAL C 497 -12.84 -28.64 25.22
CA VAL C 497 -13.11 -27.59 24.24
C VAL C 497 -14.01 -26.56 24.90
N ILE C 498 -13.55 -25.31 24.94
CA ILE C 498 -14.37 -24.21 25.47
C ILE C 498 -14.83 -23.35 24.30
N CYS C 499 -16.06 -23.59 23.85
CA CYS C 499 -16.61 -22.86 22.70
C CYS C 499 -17.26 -21.57 23.21
N LEU C 500 -16.72 -20.43 22.78
CA LEU C 500 -17.25 -19.15 23.22
C LEU C 500 -18.67 -18.92 22.72
N ALA C 501 -18.94 -19.31 21.46
CA ALA C 501 -20.27 -19.12 20.91
C ALA C 501 -21.32 -19.93 21.67
N GLU C 502 -21.00 -21.18 22.00
CA GLU C 502 -21.93 -22.01 22.77
C GLU C 502 -22.15 -21.43 24.16
N LEU C 503 -21.08 -20.98 24.82
CA LEU C 503 -21.20 -20.50 26.19
C LEU C 503 -21.84 -19.12 26.24
N LYS C 504 -21.51 -18.24 25.29
CA LYS C 504 -22.08 -16.90 25.30
C LYS C 504 -23.59 -16.94 25.12
N LEU C 505 -24.06 -17.65 24.09
CA LEU C 505 -25.49 -17.72 23.85
C LEU C 505 -26.20 -18.60 24.88
N GLY C 506 -25.47 -19.54 25.49
CA GLY C 506 -26.04 -20.29 26.59
C GLY C 506 -26.32 -19.42 27.81
N PHE C 507 -25.43 -18.46 28.07
CA PHE C 507 -25.68 -17.50 29.14
C PHE C 507 -26.89 -16.64 28.84
N ILE C 508 -27.03 -16.20 27.58
CA ILE C 508 -28.17 -15.37 27.20
C ILE C 508 -29.47 -16.16 27.32
N ALA C 509 -29.46 -17.41 26.89
CA ALA C 509 -30.68 -18.22 26.93
C ALA C 509 -31.16 -18.43 28.36
N GLN C 510 -30.23 -18.68 29.28
CA GLN C 510 -30.62 -18.86 30.68
C GLN C 510 -31.14 -17.56 31.28
N SER C 511 -30.69 -16.42 30.76
CA SER C 511 -31.20 -15.13 31.25
C SER C 511 -32.67 -14.94 30.87
N CYS C 512 -33.11 -15.55 29.78
CA CYS C 512 -34.53 -15.47 29.41
C CYS C 512 -35.40 -16.15 30.47
N LEU C 513 -34.97 -17.30 30.97
CA LEU C 513 -35.72 -18.00 32.01
C LEU C 513 -35.59 -17.32 33.36
N ALA C 514 -34.48 -16.61 33.60
CA ALA C 514 -34.26 -15.91 34.86
C ALA C 514 -33.38 -14.70 34.58
N PRO C 515 -33.96 -13.50 34.54
CA PRO C 515 -33.16 -12.31 34.25
C PRO C 515 -32.05 -12.11 35.27
N GLY C 516 -30.90 -11.63 34.79
CA GLY C 516 -29.75 -11.42 35.63
C GLY C 516 -28.94 -12.66 35.91
N PHE C 517 -29.27 -13.81 35.31
CA PHE C 517 -28.56 -15.05 35.59
C PHE C 517 -27.17 -15.04 34.96
N SER C 518 -27.01 -14.35 33.82
CA SER C 518 -25.71 -14.32 33.16
C SER C 518 -24.67 -13.61 34.01
N THR C 519 -25.06 -12.53 34.68
CA THR C 519 -24.13 -11.82 35.55
C THR C 519 -23.66 -12.69 36.70
N MET C 520 -24.59 -13.44 37.32
CA MET C 520 -24.22 -14.30 38.44
C MET C 520 -23.28 -15.41 37.99
N MET C 521 -23.56 -16.03 36.84
CA MET C 521 -22.69 -17.08 36.32
C MET C 521 -21.31 -16.54 35.96
N ALA C 522 -21.27 -15.35 35.34
CA ALA C 522 -19.98 -14.79 34.92
C ALA C 522 -19.09 -14.48 36.12
N ASN C 523 -19.67 -13.96 37.20
CA ASN C 523 -18.89 -13.58 38.37
C ASN C 523 -18.45 -14.80 39.19
N LEU C 524 -19.12 -15.94 39.03
CA LEU C 524 -18.79 -17.11 39.84
C LEU C 524 -17.50 -17.79 39.39
N PHE C 525 -17.01 -17.49 38.20
CA PHE C 525 -15.82 -18.14 37.66
C PHE C 525 -14.73 -17.14 37.33
N ALA C 526 -14.70 -16.02 38.04
CA ALA C 526 -13.62 -15.03 37.93
C ALA C 526 -13.06 -14.81 39.33
N MET C 527 -11.75 -15.02 39.48
CA MET C 527 -11.11 -14.88 40.79
C MET C 527 -11.12 -13.41 41.23
N ARG C 528 -11.90 -13.12 42.26
CA ARG C 528 -12.05 -11.76 42.75
C ARG C 528 -11.89 -11.73 44.26
N SER C 529 -11.06 -10.82 44.75
CA SER C 529 -10.89 -10.60 46.18
C SER C 529 -11.77 -9.44 46.60
N PHE C 530 -12.62 -9.66 47.61
CA PHE C 530 -13.61 -8.68 48.03
C PHE C 530 -13.09 -7.95 49.27
N LYS C 531 -13.03 -6.62 49.18
CA LYS C 531 -12.65 -5.77 50.30
C LYS C 531 -13.79 -4.78 50.55
N THR C 532 -14.29 -4.75 51.78
CA THR C 532 -15.39 -3.86 52.11
C THR C 532 -14.95 -2.41 52.11
N SER C 533 -15.84 -1.53 51.65
CA SER C 533 -15.58 -0.09 51.60
C SER C 533 -16.83 0.65 52.07
N PRO C 534 -16.70 1.55 53.05
CA PRO C 534 -17.88 2.25 53.57
C PRO C 534 -18.27 3.47 52.73
N ASP C 535 -17.32 4.03 52.00
CA ASP C 535 -17.54 5.27 51.25
C ASP C 535 -18.08 4.95 49.86
N MET C 536 -19.21 4.24 49.84
CA MET C 536 -19.89 3.87 48.61
C MET C 536 -21.28 3.35 48.98
N GLN C 537 -22.13 3.22 47.95
CA GLN C 537 -23.53 2.89 48.18
C GLN C 537 -23.68 1.50 48.77
N SER C 538 -24.77 1.30 49.51
CA SER C 538 -25.04 0.00 50.12
C SER C 538 -25.25 -1.08 49.06
N TRP C 539 -25.96 -0.75 47.98
CA TRP C 539 -26.18 -1.72 46.92
C TRP C 539 -24.86 -2.08 46.23
N THR C 540 -23.95 -1.11 46.11
CA THR C 540 -22.64 -1.40 45.55
C THR C 540 -21.86 -2.35 46.45
N ASN C 541 -21.92 -2.13 47.78
CA ASN C 541 -21.23 -3.02 48.71
C ASN C 541 -21.82 -4.42 48.67
N ASP C 542 -23.15 -4.52 48.62
CA ASP C 542 -23.80 -5.82 48.56
C ASP C 542 -23.45 -6.55 47.26
N TYR C 543 -23.41 -5.83 46.15
CA TYR C 543 -23.05 -6.45 44.88
C TYR C 543 -21.60 -6.92 44.89
N LEU C 544 -20.69 -6.12 45.44
CA LEU C 544 -19.28 -6.49 45.45
C LEU C 544 -19.02 -7.71 46.32
N ARG C 545 -19.84 -7.92 47.36
CA ARG C 545 -19.71 -9.12 48.17
C ARG C 545 -20.01 -10.37 47.35
N GLY C 546 -21.02 -10.29 46.49
CA GLY C 546 -21.34 -11.43 45.63
C GLY C 546 -20.26 -11.74 44.62
N THR C 547 -19.60 -10.70 44.09
CA THR C 547 -18.55 -10.91 43.11
C THR C 547 -17.36 -11.65 43.71
N GLY C 548 -17.18 -11.56 45.02
CA GLY C 548 -16.10 -12.28 45.67
C GLY C 548 -16.32 -13.78 45.74
N MET C 549 -17.57 -14.23 45.59
CA MET C 549 -17.84 -15.66 45.58
C MET C 549 -17.30 -16.29 44.31
N GLU C 550 -16.63 -17.42 44.47
CA GLU C 550 -16.13 -18.22 43.36
C GLU C 550 -16.62 -19.66 43.50
N MET C 551 -16.07 -20.52 42.65
CA MET C 551 -16.54 -21.89 42.53
C MET C 551 -15.40 -22.83 42.94
N TYR C 552 -15.68 -23.73 43.89
CA TYR C 552 -14.66 -24.61 44.44
C TYR C 552 -15.20 -26.02 44.60
N THR C 553 -14.29 -27.00 44.55
CA THR C 553 -14.61 -28.40 44.70
C THR C 553 -13.88 -28.98 45.91
N GLU C 554 -14.62 -29.70 46.76
CA GLU C 554 -14.04 -30.29 47.95
C GLU C 554 -14.70 -31.64 48.21
N THR C 555 -13.95 -32.53 48.86
CA THR C 555 -14.42 -33.85 49.23
C THR C 555 -15.22 -33.74 50.52
N LEU C 556 -16.42 -34.31 50.53
CA LEU C 556 -17.27 -34.24 51.71
C LEU C 556 -16.70 -35.05 52.86
N SER C 557 -16.96 -34.59 54.07
CA SER C 557 -16.49 -35.28 55.27
C SER C 557 -17.20 -36.63 55.41
N PRO C 558 -16.54 -37.60 56.04
CA PRO C 558 -17.22 -38.90 56.28
C PRO C 558 -18.45 -38.78 57.16
N THR C 559 -18.60 -37.68 57.90
CA THR C 559 -19.82 -37.47 58.67
C THR C 559 -21.04 -37.34 57.77
N PHE C 560 -20.88 -36.87 56.54
CA PHE C 560 -21.99 -36.70 55.62
C PHE C 560 -22.46 -38.00 54.97
N ILE C 561 -21.74 -39.10 55.19
CA ILE C 561 -22.10 -40.36 54.54
C ILE C 561 -23.42 -40.87 55.10
N GLY C 562 -24.35 -41.20 54.21
CA GLY C 562 -25.63 -41.76 54.61
C GLY C 562 -26.80 -40.82 54.47
N ILE C 563 -26.61 -39.56 54.86
CA ILE C 563 -27.68 -38.57 54.83
C ILE C 563 -27.96 -38.17 53.37
N PRO C 564 -29.18 -37.78 53.03
CA PRO C 564 -29.47 -37.35 51.66
C PRO C 564 -28.84 -35.99 51.37
N PHE C 565 -28.92 -35.61 50.10
CA PHE C 565 -28.34 -34.32 49.68
C PHE C 565 -29.04 -33.15 50.34
N ALA C 566 -30.37 -33.22 50.47
CA ALA C 566 -31.13 -32.09 51.02
C ALA C 566 -30.70 -31.79 52.46
N GLN C 567 -30.51 -32.84 53.26
CA GLN C 567 -30.01 -32.63 54.62
C GLN C 567 -28.55 -32.18 54.60
N ALA C 568 -27.78 -32.65 53.61
CA ALA C 568 -26.36 -32.32 53.56
C ALA C 568 -26.16 -30.84 53.24
N THR C 569 -26.84 -30.34 52.21
CA THR C 569 -26.63 -28.94 51.81
C THR C 569 -27.19 -27.98 52.85
N GLU C 570 -28.26 -28.37 53.54
CA GLU C 570 -28.80 -27.53 54.61
C GLU C 570 -27.80 -27.42 55.77
N LEU C 571 -27.15 -28.52 56.11
CA LEU C 571 -26.18 -28.51 57.20
C LEU C 571 -24.98 -27.62 56.85
N CYS C 572 -24.51 -27.70 55.61
CA CYS C 572 -23.37 -26.88 55.21
C CYS C 572 -23.71 -25.39 55.24
N PHE C 573 -24.92 -25.04 54.81
CA PHE C 573 -25.31 -23.62 54.82
C PHE C 573 -25.39 -23.07 56.24
N SER C 574 -25.91 -23.86 57.17
CA SER C 574 -26.09 -23.38 58.55
C SER C 574 -24.80 -23.50 59.35
N LYS C 575 -24.31 -24.74 59.53
CA LYS C 575 -23.16 -24.95 60.39
C LYS C 575 -21.87 -24.45 59.74
N LEU C 576 -21.67 -24.79 58.46
CA LEU C 576 -20.41 -24.49 57.79
C LEU C 576 -20.43 -23.19 57.01
N LYS C 577 -21.60 -22.54 56.87
CA LYS C 577 -21.73 -21.30 56.11
C LYS C 577 -21.22 -21.46 54.67
N LEU C 578 -21.51 -22.61 54.07
CA LEU C 578 -21.11 -22.90 52.70
C LEU C 578 -22.30 -23.40 51.90
N LEU C 579 -22.33 -23.04 50.62
CA LEU C 579 -23.42 -23.41 49.74
C LEU C 579 -23.01 -24.60 48.89
N LEU C 580 -23.70 -25.72 49.06
CA LEU C 580 -23.45 -26.93 48.29
C LEU C 580 -24.58 -27.11 47.29
N LEU C 581 -24.24 -27.10 46.00
CA LEU C 581 -25.25 -27.15 44.95
C LEU C 581 -25.14 -28.37 44.03
N ALA C 582 -23.98 -29.03 43.97
CA ALA C 582 -23.82 -30.18 43.09
C ALA C 582 -22.86 -31.16 43.73
N ILE C 583 -23.06 -32.44 43.39
CA ILE C 583 -22.19 -33.51 43.86
C ILE C 583 -21.88 -34.43 42.67
N GLU C 584 -20.81 -35.19 42.81
CA GLU C 584 -20.39 -36.15 41.78
C GLU C 584 -20.78 -37.55 42.23
N ILE C 585 -21.56 -38.24 41.40
CA ILE C 585 -22.04 -39.59 41.70
C ILE C 585 -21.30 -40.57 40.80
N LYS C 586 -20.88 -41.69 41.36
CA LYS C 586 -20.13 -42.70 40.62
C LYS C 586 -21.07 -43.56 39.78
N SER C 594 -18.39 -41.42 35.93
CA SER C 594 -19.17 -40.73 36.95
C SER C 594 -20.10 -39.69 36.33
N LYS C 595 -20.97 -39.11 37.15
CA LYS C 595 -21.93 -38.12 36.68
C LYS C 595 -22.01 -36.99 37.71
N ILE C 596 -22.36 -35.80 37.21
CA ILE C 596 -22.53 -34.61 38.04
C ILE C 596 -24.02 -34.30 38.08
N SER C 597 -24.57 -34.24 39.29
CA SER C 597 -25.98 -33.95 39.50
C SER C 597 -26.11 -32.64 40.27
N ILE C 598 -26.98 -31.75 39.78
CA ILE C 598 -27.17 -30.43 40.38
C ILE C 598 -28.43 -30.50 41.25
N ASN C 599 -28.25 -30.30 42.55
CA ASN C 599 -29.32 -30.35 43.53
C ASN C 599 -30.18 -31.61 43.38
N PRO C 600 -29.59 -32.80 43.58
CA PRO C 600 -30.37 -34.03 43.41
C PRO C 600 -31.24 -34.30 44.63
N ARG C 601 -32.46 -34.75 44.39
CA ARG C 601 -33.37 -35.12 45.45
C ARG C 601 -33.31 -36.63 45.69
N GLY C 602 -33.30 -37.02 46.96
CA GLY C 602 -33.21 -38.42 47.32
C GLY C 602 -31.92 -39.08 46.86
N ALA C 603 -30.80 -38.35 46.98
CA ALA C 603 -29.49 -38.85 46.58
C ALA C 603 -28.61 -38.92 47.83
N LYS C 604 -28.42 -40.14 48.34
CA LYS C 604 -27.62 -40.33 49.54
C LYS C 604 -26.15 -40.03 49.26
N ILE C 605 -25.50 -39.39 50.21
CA ILE C 605 -24.08 -39.08 50.07
C ILE C 605 -23.25 -40.34 50.30
N GLN C 606 -22.36 -40.62 49.36
CA GLN C 606 -21.50 -41.80 49.43
C GLN C 606 -20.11 -41.41 49.91
N ALA C 607 -19.28 -42.43 50.13
CA ALA C 607 -17.92 -42.21 50.60
C ALA C 607 -17.08 -41.54 49.53
N ASN C 608 -16.22 -40.62 49.96
CA ASN C 608 -15.31 -39.89 49.07
C ASN C 608 -16.08 -39.19 47.95
N THR C 609 -17.22 -38.60 48.29
CA THR C 609 -18.02 -37.87 47.32
C THR C 609 -17.47 -36.46 47.12
N GLN C 610 -17.25 -36.10 45.86
CA GLN C 610 -16.76 -34.77 45.52
C GLN C 610 -17.92 -33.79 45.51
N GLY C 611 -17.79 -32.73 46.30
CA GLY C 611 -18.85 -31.73 46.44
C GLY C 611 -18.45 -30.42 45.79
N PHE C 612 -19.44 -29.74 45.20
CA PHE C 612 -19.24 -28.45 44.55
C PHE C 612 -19.78 -27.36 45.46
N PHE C 613 -18.93 -26.38 45.78
CA PHE C 613 -19.26 -25.36 46.76
C PHE C 613 -19.07 -23.96 46.18
N ILE C 614 -19.78 -23.00 46.77
CA ILE C 614 -19.62 -21.58 46.46
C ILE C 614 -19.15 -20.90 47.74
N ALA C 615 -17.99 -20.23 47.66
CA ALA C 615 -17.39 -19.62 48.84
C ALA C 615 -16.49 -18.47 48.42
N GLN C 616 -16.13 -17.65 49.40
CA GLN C 616 -15.26 -16.50 49.13
C GLN C 616 -13.88 -16.96 48.66
N SER C 617 -13.34 -18.01 49.27
CA SER C 617 -12.02 -18.48 48.91
C SER C 617 -11.92 -19.98 49.17
N ALA C 618 -10.83 -20.58 48.71
CA ALA C 618 -10.62 -22.01 48.90
C ALA C 618 -10.37 -22.39 50.35
N ASP C 619 -9.99 -21.41 51.19
CA ASP C 619 -9.83 -21.70 52.62
C ASP C 619 -11.17 -21.97 53.30
N GLU C 620 -12.24 -21.32 52.84
CA GLU C 620 -13.54 -21.52 53.45
C GLU C 620 -14.07 -22.93 53.23
N VAL C 621 -13.87 -23.49 52.02
CA VAL C 621 -14.39 -24.83 51.73
C VAL C 621 -13.60 -25.93 52.40
N LYS C 622 -12.45 -25.61 53.01
CA LYS C 622 -11.69 -26.62 53.74
C LYS C 622 -12.48 -27.13 54.95
N ARG C 623 -13.39 -26.32 55.48
CA ARG C 623 -14.20 -26.74 56.63
C ARG C 623 -15.13 -27.89 56.28
N ALA C 624 -15.41 -28.11 54.99
CA ALA C 624 -16.28 -29.20 54.58
C ALA C 624 -15.56 -30.55 54.54
N TRP C 625 -14.22 -30.54 54.58
CA TRP C 625 -13.48 -31.80 54.55
C TRP C 625 -13.35 -32.40 55.95
N PHE C 626 -12.89 -31.60 56.91
CA PHE C 626 -12.77 -32.05 58.30
C PHE C 626 -13.96 -31.50 59.08
N TYR C 627 -14.77 -32.40 59.62
CA TYR C 627 -15.98 -32.03 60.36
C TYR C 627 -16.58 -33.29 60.97
N CYS C 628 -17.16 -33.13 62.15
CA CYS C 628 -17.81 -34.23 62.84
C CYS C 628 -18.84 -33.66 63.80
N LYS C 629 -19.40 -34.53 64.63
CA LYS C 629 -20.40 -34.10 65.61
C LYS C 629 -19.79 -33.13 66.62
N ALA C 630 -18.58 -33.39 67.09
CA ALA C 630 -17.94 -32.52 68.06
C ALA C 630 -17.48 -31.22 67.41
N MET C 778 -42.18 -39.53 17.82
CA MET C 778 -40.99 -38.91 18.36
C MET C 778 -41.29 -37.53 18.93
N LYS C 779 -41.34 -37.44 20.26
CA LYS C 779 -41.55 -36.17 20.94
C LYS C 779 -40.26 -35.53 21.43
N TYR C 780 -39.20 -36.31 21.60
CA TYR C 780 -37.92 -35.81 22.09
C TYR C 780 -36.80 -36.33 21.21
N ASP C 781 -35.57 -35.99 21.57
CA ASP C 781 -34.39 -36.40 20.82
C ASP C 781 -33.96 -37.80 21.24
N SER C 782 -32.81 -38.24 20.71
CA SER C 782 -32.30 -39.57 21.04
C SER C 782 -31.98 -39.69 22.53
N THR C 783 -31.35 -38.66 23.09
CA THR C 783 -31.04 -38.67 24.52
C THR C 783 -32.25 -38.36 25.40
N GLY C 784 -33.35 -37.90 24.82
CA GLY C 784 -34.53 -37.57 25.59
C GLY C 784 -34.34 -36.42 26.54
N MET C 785 -33.57 -35.41 26.14
CA MET C 785 -33.32 -34.24 26.96
C MET C 785 -33.71 -32.93 26.29
N PHE C 786 -34.25 -32.97 25.07
CA PHE C 786 -34.74 -31.79 24.39
C PHE C 786 -36.01 -32.15 23.62
N HIS C 787 -36.91 -31.19 23.52
CA HIS C 787 -38.13 -31.39 22.73
C HIS C 787 -37.79 -31.46 21.25
N TRP C 788 -38.62 -32.18 20.50
CA TRP C 788 -38.36 -32.45 19.10
C TRP C 788 -39.58 -32.13 18.25
N SER C 789 -39.33 -31.78 17.00
CA SER C 789 -40.34 -31.47 16.00
C SER C 789 -39.99 -32.18 14.71
N PRO C 790 -41.01 -32.50 13.87
CA PRO C 790 -40.77 -33.25 12.63
C PRO C 790 -40.22 -32.41 11.47
N ALA C 791 -39.17 -31.64 11.76
CA ALA C 791 -38.39 -30.92 10.75
C ALA C 791 -39.27 -29.98 9.92
N LYS C 792 -39.82 -28.98 10.60
CA LYS C 792 -40.60 -27.96 9.92
C LYS C 792 -39.70 -27.12 9.02
N SER C 793 -40.26 -26.70 7.88
CA SER C 793 -39.55 -25.90 6.89
C SER C 793 -39.51 -24.43 7.32
N LEU C 794 -38.56 -23.70 6.73
CA LEU C 794 -38.42 -22.28 7.06
C LEU C 794 -39.63 -21.47 6.63
N GLU C 795 -40.14 -21.75 5.43
CA GLU C 795 -41.26 -20.96 4.90
C GLU C 795 -42.51 -21.12 5.75
N ASP C 796 -42.65 -22.24 6.45
CA ASP C 796 -43.78 -22.43 7.35
C ASP C 796 -43.69 -21.58 8.60
N CYS C 797 -42.52 -20.98 8.88
CA CYS C 797 -42.32 -20.17 10.07
C CYS C 797 -42.15 -18.69 9.78
N ILE C 798 -41.93 -18.31 8.51
CA ILE C 798 -41.77 -16.90 8.17
C ILE C 798 -43.09 -16.17 8.39
N LEU C 799 -43.04 -15.06 9.10
CA LEU C 799 -44.23 -14.29 9.44
C LEU C 799 -44.12 -12.90 8.82
N ASP C 800 -45.28 -12.36 8.46
CA ASP C 800 -45.43 -11.02 7.92
C ASP C 800 -46.01 -10.11 8.99
N ARG C 801 -46.01 -8.81 8.71
CA ARG C 801 -46.55 -7.85 9.68
C ARG C 801 -48.03 -8.08 9.92
N ASN C 802 -48.79 -8.38 8.86
CA ASN C 802 -50.23 -8.57 9.01
C ASN C 802 -50.55 -9.81 9.84
N GLN C 803 -49.81 -10.90 9.63
CA GLN C 803 -50.12 -12.15 10.32
C GLN C 803 -49.38 -12.29 11.63
N ALA C 804 -48.31 -11.51 11.86
CA ALA C 804 -47.70 -11.48 13.18
C ALA C 804 -48.53 -10.69 14.16
N ALA C 805 -49.32 -9.74 13.66
CA ALA C 805 -50.18 -8.94 14.53
C ALA C 805 -51.34 -9.75 15.09
N MET C 806 -51.97 -10.59 14.26
CA MET C 806 -53.11 -11.37 14.73
C MET C 806 -52.66 -12.44 15.72
N THR C 807 -51.44 -12.95 15.55
CA THR C 807 -50.90 -13.90 16.51
C THR C 807 -50.64 -13.22 17.84
N VAL C 808 -51.15 -13.81 18.91
CA VAL C 808 -50.99 -13.25 20.26
C VAL C 808 -49.73 -13.89 20.86
N LEU C 809 -48.69 -13.08 21.02
CA LEU C 809 -47.43 -13.54 21.58
C LEU C 809 -47.30 -12.95 22.98
N ASN C 810 -47.47 -13.78 24.00
CA ASN C 810 -47.39 -13.36 25.39
C ASN C 810 -46.37 -14.19 26.12
N GLY C 811 -45.48 -13.52 26.85
CA GLY C 811 -44.41 -14.22 27.56
C GLY C 811 -43.42 -14.90 26.65
N HIS C 812 -43.31 -14.47 25.40
CA HIS C 812 -42.41 -15.07 24.44
C HIS C 812 -41.01 -14.44 24.55
N VAL C 813 -40.10 -14.88 23.68
CA VAL C 813 -38.74 -14.38 23.63
C VAL C 813 -38.49 -13.82 22.24
N VAL C 814 -38.03 -12.57 22.19
CA VAL C 814 -37.74 -11.88 20.94
C VAL C 814 -36.23 -11.79 20.77
N VAL C 815 -35.74 -12.28 19.64
CA VAL C 815 -34.31 -12.29 19.33
C VAL C 815 -34.09 -11.26 18.24
N CYS C 816 -33.50 -10.11 18.61
CA CYS C 816 -33.17 -9.07 17.65
C CYS C 816 -31.80 -9.35 17.08
N LEU C 817 -31.73 -9.66 15.79
CA LEU C 817 -30.51 -10.10 15.14
C LEU C 817 -30.08 -9.08 14.09
N PHE C 818 -28.84 -8.61 14.19
CA PHE C 818 -28.23 -7.77 13.18
C PHE C 818 -27.21 -8.61 12.41
N ALA C 819 -27.50 -8.87 11.14
CA ALA C 819 -26.62 -9.72 10.36
C ALA C 819 -26.84 -9.47 8.88
N ASP C 820 -25.74 -9.33 8.14
CA ASP C 820 -25.76 -9.28 6.69
C ASP C 820 -25.97 -10.69 6.13
N PRO C 821 -26.40 -10.80 4.87
CA PRO C 821 -26.59 -12.14 4.28
C PRO C 821 -25.32 -12.96 4.23
N ASP C 822 -24.14 -12.33 4.21
CA ASP C 822 -22.87 -13.04 4.18
C ASP C 822 -22.14 -12.99 5.51
N SER C 823 -22.81 -12.61 6.59
CA SER C 823 -22.18 -12.55 7.90
C SER C 823 -21.79 -13.95 8.38
N PRO C 824 -20.70 -14.06 9.15
CA PRO C 824 -20.31 -15.38 9.65
C PRO C 824 -21.40 -15.97 10.54
N LEU C 825 -21.57 -17.29 10.43
CA LEU C 825 -22.65 -17.96 11.12
C LEU C 825 -22.41 -17.95 12.63
N ILE C 826 -23.46 -17.67 13.39
CA ILE C 826 -23.44 -17.74 14.84
C ILE C 826 -24.35 -18.87 15.28
N GLY C 827 -24.05 -19.43 16.44
CA GLY C 827 -24.78 -20.59 16.91
C GLY C 827 -26.14 -20.28 17.50
N LEU C 828 -27.09 -19.86 16.65
CA LEU C 828 -28.45 -19.64 17.12
C LEU C 828 -29.06 -20.92 17.68
N ARG C 829 -28.56 -22.08 17.25
CA ARG C 829 -28.96 -23.34 17.85
C ARG C 829 -28.59 -23.39 19.33
N ASN C 830 -27.43 -22.84 19.70
CA ASN C 830 -27.02 -22.82 21.10
C ASN C 830 -27.88 -21.90 21.95
N LEU C 831 -28.70 -21.07 21.33
CA LEU C 831 -29.59 -20.17 22.06
C LEU C 831 -30.99 -20.73 22.24
N VAL C 832 -31.45 -21.57 21.31
CA VAL C 832 -32.81 -22.09 21.33
C VAL C 832 -32.92 -23.39 22.12
N MET C 833 -31.95 -24.29 21.96
CA MET C 833 -32.01 -25.57 22.66
C MET C 833 -32.08 -25.44 24.18
N PRO C 834 -31.33 -24.55 24.85
CA PRO C 834 -31.54 -24.39 26.29
C PRO C 834 -32.95 -23.98 26.65
N LEU C 835 -33.65 -23.30 25.77
CA LEU C 835 -35.06 -22.98 25.97
C LEU C 835 -35.99 -24.12 25.58
N ARG C 836 -35.46 -25.18 24.97
CA ARG C 836 -36.26 -26.31 24.52
C ARG C 836 -35.90 -27.60 25.25
N ALA C 837 -35.33 -27.49 26.46
CA ALA C 837 -34.95 -28.68 27.22
C ALA C 837 -36.18 -29.46 27.65
N SER C 838 -36.03 -30.77 27.76
CA SER C 838 -37.12 -31.63 28.18
C SER C 838 -37.54 -31.40 29.63
N ASN C 839 -36.72 -30.69 30.42
CA ASN C 839 -37.07 -30.37 31.79
C ASN C 839 -38.25 -29.41 31.88
N PHE C 840 -38.61 -28.77 30.76
CA PHE C 840 -39.76 -27.88 30.70
C PHE C 840 -40.95 -28.63 30.10
N HIS C 841 -42.13 -28.41 30.66
CA HIS C 841 -43.35 -28.95 30.06
C HIS C 841 -43.62 -28.25 28.73
N TYR C 842 -44.32 -28.96 27.83
CA TYR C 842 -44.58 -28.40 26.50
C TYR C 842 -45.47 -27.16 26.59
N HIS C 843 -46.40 -27.12 27.54
CA HIS C 843 -47.28 -25.97 27.66
C HIS C 843 -46.54 -24.76 28.24
N GLU C 844 -45.49 -24.97 29.01
CA GLU C 844 -44.73 -23.89 29.62
C GLU C 844 -43.57 -23.43 28.76
N LEU C 845 -43.41 -23.97 27.56
CA LEU C 845 -42.37 -23.52 26.66
C LEU C 845 -42.62 -22.08 26.23
N LYS C 846 -41.52 -21.38 25.93
CA LYS C 846 -41.57 -19.98 25.52
C LYS C 846 -41.38 -19.89 24.01
N HIS C 847 -42.32 -19.22 23.34
CA HIS C 847 -42.22 -19.04 21.90
C HIS C 847 -41.02 -18.14 21.58
N VAL C 848 -40.29 -18.50 20.51
CA VAL C 848 -39.10 -17.78 20.10
C VAL C 848 -39.40 -17.10 18.76
N VAL C 849 -39.24 -15.78 18.73
CA VAL C 849 -39.43 -14.99 17.52
C VAL C 849 -38.10 -14.35 17.18
N ILE C 850 -37.62 -14.58 15.96
CA ILE C 850 -36.35 -14.06 15.48
C ILE C 850 -36.63 -12.98 14.45
N VAL C 851 -36.21 -11.76 14.75
CA VAL C 851 -36.39 -10.61 13.86
C VAL C 851 -35.06 -10.37 13.17
N GLY C 852 -35.01 -10.57 11.86
CA GLY C 852 -33.79 -10.40 11.11
C GLY C 852 -33.98 -10.82 9.68
N SER C 853 -32.86 -10.79 8.94
CA SER C 853 -32.88 -11.16 7.54
C SER C 853 -32.91 -12.68 7.38
N VAL C 854 -33.94 -13.17 6.68
CA VAL C 854 -34.03 -14.60 6.42
C VAL C 854 -32.90 -15.07 5.50
N ASP C 855 -32.35 -14.17 4.67
CA ASP C 855 -31.18 -14.54 3.87
C ASP C 855 -30.03 -15.01 4.74
N TYR C 856 -29.97 -14.54 5.99
CA TYR C 856 -28.99 -15.04 6.95
C TYR C 856 -29.55 -16.20 7.76
N ILE C 857 -30.82 -16.11 8.17
CA ILE C 857 -31.43 -17.18 8.96
C ILE C 857 -31.59 -18.45 8.14
N ARG C 858 -31.71 -18.32 6.82
CA ARG C 858 -31.82 -19.50 5.97
C ARG C 858 -30.58 -20.39 6.09
N ARG C 859 -29.40 -19.77 6.18
CA ARG C 859 -28.16 -20.54 6.32
C ARG C 859 -28.11 -21.29 7.64
N GLU C 860 -28.80 -20.81 8.67
CA GLU C 860 -28.79 -21.44 9.99
C GLU C 860 -30.06 -22.21 10.30
N TRP C 861 -30.97 -22.35 9.34
CA TRP C 861 -32.22 -23.07 9.61
C TRP C 861 -32.03 -24.58 9.70
N LYS C 862 -30.90 -25.09 9.19
CA LYS C 862 -30.68 -26.53 9.21
C LYS C 862 -30.70 -27.08 10.63
N MET C 863 -30.16 -26.32 11.58
CA MET C 863 -30.08 -26.74 12.97
C MET C 863 -31.32 -26.36 13.78
N LEU C 864 -32.29 -25.70 13.17
CA LEU C 864 -33.50 -25.25 13.86
C LEU C 864 -34.78 -25.91 13.35
N GLN C 865 -34.69 -26.87 12.44
CA GLN C 865 -35.89 -27.51 11.89
C GLN C 865 -36.65 -28.26 12.96
N ASN C 866 -35.95 -28.99 13.82
CA ASN C 866 -36.56 -29.91 14.77
C ASN C 866 -36.79 -29.27 16.14
N LEU C 867 -36.92 -27.95 16.21
CA LEU C 867 -37.18 -27.26 17.47
C LEU C 867 -38.55 -26.60 17.43
N PRO C 868 -39.45 -26.97 18.34
CA PRO C 868 -40.82 -26.44 18.26
C PRO C 868 -40.90 -24.97 18.64
N LYS C 869 -41.94 -24.31 18.14
CA LYS C 869 -42.30 -22.95 18.49
C LYS C 869 -41.17 -21.97 18.17
N ILE C 870 -40.86 -21.87 16.88
CA ILE C 870 -39.89 -20.91 16.37
C ILE C 870 -40.54 -20.11 15.25
N SER C 871 -40.43 -18.78 15.34
CA SER C 871 -41.03 -17.89 14.36
C SER C 871 -39.96 -16.98 13.78
N VAL C 872 -40.12 -16.63 12.50
CA VAL C 872 -39.18 -15.79 11.78
C VAL C 872 -39.93 -14.63 11.15
N LEU C 873 -39.36 -13.43 11.27
CA LEU C 873 -39.96 -12.23 10.70
C LEU C 873 -38.87 -11.50 9.92
N ASN C 874 -39.10 -11.30 8.62
CA ASN C 874 -38.19 -10.51 7.79
C ASN C 874 -38.33 -9.04 8.13
N GLY C 875 -37.21 -8.41 8.50
CA GLY C 875 -37.24 -7.00 8.80
C GLY C 875 -35.99 -6.50 9.50
N SER C 876 -36.11 -5.42 10.27
CA SER C 876 -35.00 -4.86 11.01
C SER C 876 -35.47 -4.59 12.43
N PRO C 877 -34.71 -5.01 13.44
CA PRO C 877 -35.09 -4.72 14.83
C PRO C 877 -35.10 -3.23 15.15
N LEU C 878 -34.45 -2.39 14.35
CA LEU C 878 -34.48 -0.95 14.56
C LEU C 878 -35.79 -0.30 14.14
N SER C 879 -36.67 -1.03 13.47
CA SER C 879 -37.95 -0.50 13.02
C SER C 879 -38.99 -0.68 14.12
N ARG C 880 -39.69 0.42 14.44
CA ARG C 880 -40.72 0.36 15.47
C ARG C 880 -41.92 -0.47 15.03
N ALA C 881 -42.20 -0.52 13.73
CA ALA C 881 -43.33 -1.29 13.24
C ALA C 881 -43.12 -2.78 13.48
N ASP C 882 -41.92 -3.29 13.22
CA ASP C 882 -41.63 -4.70 13.45
C ASP C 882 -41.71 -5.04 14.93
N LEU C 883 -41.17 -4.16 15.78
CA LEU C 883 -41.20 -4.42 17.23
C LEU C 883 -42.63 -4.44 17.76
N ARG C 884 -43.48 -3.54 17.26
CA ARG C 884 -44.88 -3.54 17.67
C ARG C 884 -45.63 -4.75 17.14
N ALA C 885 -45.19 -5.30 16.01
CA ALA C 885 -45.85 -6.46 15.42
C ALA C 885 -45.56 -7.75 16.18
N VAL C 886 -44.54 -7.78 17.05
CA VAL C 886 -44.19 -8.96 17.81
C VAL C 886 -44.45 -8.77 19.30
N ASN C 887 -45.03 -7.63 19.69
CA ASN C 887 -45.38 -7.34 21.09
C ASN C 887 -44.16 -7.43 22.00
N VAL C 888 -43.21 -6.53 21.75
CA VAL C 888 -42.01 -6.47 22.59
C VAL C 888 -42.35 -6.08 24.01
N ASN C 889 -43.46 -5.36 24.21
CA ASN C 889 -43.89 -5.00 25.56
C ASN C 889 -44.37 -6.20 26.36
N LEU C 890 -44.72 -7.30 25.70
CA LEU C 890 -45.22 -8.49 26.36
C LEU C 890 -44.20 -9.62 26.42
N CYS C 891 -43.03 -9.45 25.81
CA CYS C 891 -42.04 -10.51 25.79
C CYS C 891 -41.39 -10.65 27.17
N ASP C 892 -40.85 -11.85 27.42
CA ASP C 892 -40.17 -12.12 28.69
C ASP C 892 -38.71 -11.70 28.67
N MET C 893 -38.10 -11.60 27.49
CA MET C 893 -36.72 -11.16 27.35
C MET C 893 -36.45 -10.82 25.89
N CYS C 894 -35.79 -9.69 25.67
CA CYS C 894 -35.40 -9.26 24.34
C CYS C 894 -33.88 -9.33 24.23
N CYS C 895 -33.40 -10.05 23.22
CA CYS C 895 -31.97 -10.26 23.02
C CYS C 895 -31.53 -9.53 21.77
N ILE C 896 -30.55 -8.65 21.91
CA ILE C 896 -30.00 -7.90 20.79
C ILE C 896 -28.66 -8.55 20.45
N LEU C 897 -28.63 -9.29 19.34
CA LEU C 897 -27.44 -9.99 18.89
C LEU C 897 -26.98 -9.41 17.56
N SER C 898 -25.67 -9.30 17.38
CA SER C 898 -25.08 -8.78 16.15
C SER C 898 -24.08 -9.79 15.62
N ALA C 899 -24.30 -10.23 14.38
CA ALA C 899 -23.38 -11.14 13.71
C ALA C 899 -22.52 -10.45 12.66
N LYS C 900 -22.68 -9.14 12.49
CA LYS C 900 -21.90 -8.41 11.50
C LYS C 900 -20.45 -8.30 11.95
N VAL C 901 -19.53 -8.40 10.99
CA VAL C 901 -18.11 -8.27 11.26
C VAL C 901 -17.79 -6.82 11.60
N PRO C 902 -17.03 -6.56 12.66
CA PRO C 902 -16.60 -5.19 12.95
C PRO C 902 -15.72 -4.64 11.82
N SER C 903 -15.90 -3.35 11.53
CA SER C 903 -15.11 -2.72 10.48
C SER C 903 -13.72 -2.31 10.97
N ASN C 904 -13.49 -2.33 12.28
CA ASN C 904 -12.22 -1.98 12.93
C ASN C 904 -11.85 -0.52 12.67
N ASP C 905 -12.75 0.28 12.11
CA ASP C 905 -12.45 1.69 11.87
C ASP C 905 -12.32 2.44 13.19
N ASP C 906 -13.18 2.15 14.16
CA ASP C 906 -13.17 2.80 15.45
C ASP C 906 -13.85 1.87 16.44
N PRO C 907 -13.24 1.59 17.60
CA PRO C 907 -13.91 0.73 18.59
C PRO C 907 -15.24 1.29 19.08
N THR C 908 -15.38 2.61 19.16
CA THR C 908 -16.63 3.20 19.63
C THR C 908 -17.75 3.06 18.61
N LEU C 909 -17.43 2.75 17.35
CA LEU C 909 -18.42 2.56 16.30
C LEU C 909 -18.72 1.09 16.05
N ALA C 910 -18.22 0.19 16.92
CA ALA C 910 -18.45 -1.23 16.70
C ALA C 910 -19.86 -1.66 17.07
N ASP C 911 -20.48 -0.97 18.03
CA ASP C 911 -21.80 -1.34 18.54
C ASP C 911 -22.82 -0.23 18.31
N LYS C 912 -22.80 0.40 17.14
CA LYS C 912 -23.78 1.44 16.84
C LYS C 912 -25.18 0.88 16.77
N GLU C 913 -25.36 -0.25 16.05
CA GLU C 913 -26.68 -0.83 15.91
C GLU C 913 -27.20 -1.39 17.24
N ALA C 914 -26.33 -2.03 18.01
CA ALA C 914 -26.75 -2.60 19.29
C ALA C 914 -27.18 -1.52 20.27
N ILE C 915 -26.42 -0.42 20.34
CA ILE C 915 -26.78 0.67 21.24
C ILE C 915 -28.05 1.36 20.76
N LEU C 916 -28.15 1.60 19.45
CA LEU C 916 -29.34 2.26 18.92
C LEU C 916 -30.59 1.44 19.15
N ALA C 917 -30.50 0.11 18.96
CA ALA C 917 -31.65 -0.75 19.18
C ALA C 917 -32.09 -0.73 20.64
N SER C 918 -31.13 -0.74 21.56
CA SER C 918 -31.46 -0.68 22.99
C SER C 918 -32.14 0.64 23.32
N LEU C 919 -31.62 1.75 22.80
CA LEU C 919 -32.22 3.06 23.05
C LEU C 919 -33.58 3.18 22.38
N ASN C 920 -33.73 2.59 21.20
CA ASN C 920 -35.00 2.66 20.49
C ASN C 920 -36.13 2.01 21.29
N ILE C 921 -35.89 0.80 21.78
CA ILE C 921 -36.92 0.09 22.55
C ILE C 921 -37.18 0.80 23.87
N LYS C 922 -36.13 1.35 24.49
CA LYS C 922 -36.27 1.96 25.80
C LYS C 922 -37.16 3.20 25.77
N ALA C 923 -37.29 3.84 24.60
CA ALA C 923 -38.12 5.04 24.48
C ALA C 923 -39.48 4.77 23.87
N MET C 924 -39.78 3.52 23.51
CA MET C 924 -41.07 3.21 22.91
C MET C 924 -42.19 3.27 23.95
N THR C 925 -43.39 3.62 23.50
CA THR C 925 -44.57 3.65 24.34
C THR C 925 -45.68 2.84 23.67
N PHE C 926 -46.50 2.21 24.50
CA PHE C 926 -47.55 1.31 24.02
C PHE C 926 -48.89 1.71 24.62
N ASP C 927 -49.95 1.39 23.90
CA ASP C 927 -51.31 1.69 24.35
C ASP C 927 -51.69 0.84 25.57
N VAL C 959 -46.47 -1.11 28.83
CA VAL C 959 -46.93 0.24 28.52
C VAL C 959 -45.74 1.20 28.52
N TYR C 960 -44.65 0.79 29.16
CA TYR C 960 -43.44 1.59 29.24
C TYR C 960 -42.30 0.85 28.55
N GLY C 961 -41.58 1.56 27.69
CA GLY C 961 -40.47 0.95 26.98
C GLY C 961 -39.33 0.56 27.90
N ALA C 962 -39.08 1.36 28.93
CA ALA C 962 -38.02 1.06 29.88
C ALA C 962 -38.30 -0.18 30.71
N ASN C 963 -39.56 -0.64 30.76
CA ASN C 963 -39.92 -1.83 31.50
C ASN C 963 -39.70 -3.12 30.70
N VAL C 964 -39.32 -3.01 29.44
CA VAL C 964 -39.07 -4.19 28.61
C VAL C 964 -37.73 -4.80 29.03
N PRO C 965 -37.72 -6.06 29.45
CA PRO C 965 -36.45 -6.69 29.86
C PRO C 965 -35.60 -7.01 28.63
N MET C 966 -34.39 -6.45 28.59
CA MET C 966 -33.47 -6.65 27.49
C MET C 966 -32.09 -7.03 28.01
N ILE C 967 -31.38 -7.83 27.23
CA ILE C 967 -29.98 -8.12 27.47
C ILE C 967 -29.25 -7.94 26.14
N THR C 968 -28.14 -7.20 26.16
CA THR C 968 -27.40 -6.88 24.95
C THR C 968 -25.96 -7.37 25.09
N GLU C 969 -25.50 -8.13 24.10
CA GLU C 969 -24.12 -8.58 24.05
C GLU C 969 -23.29 -7.54 23.28
N LEU C 970 -22.16 -7.15 23.85
CA LEU C 970 -21.35 -6.07 23.32
C LEU C 970 -20.06 -6.61 22.71
N VAL C 971 -19.75 -6.17 21.49
CA VAL C 971 -18.48 -6.53 20.86
C VAL C 971 -17.32 -5.87 21.61
N ASN C 972 -17.50 -4.62 22.02
CA ASN C 972 -16.49 -3.86 22.72
C ASN C 972 -16.93 -3.64 24.17
N ASP C 973 -15.98 -3.82 25.10
CA ASP C 973 -16.29 -3.61 26.52
C ASP C 973 -16.52 -2.13 26.83
N GLY C 974 -15.85 -1.23 26.11
CA GLY C 974 -15.95 0.18 26.40
C GLY C 974 -17.26 0.82 25.98
N ASN C 975 -18.08 0.11 25.23
CA ASN C 975 -19.37 0.63 24.79
C ASN C 975 -20.48 0.42 25.81
N VAL C 976 -20.18 -0.21 26.95
CA VAL C 976 -21.17 -0.42 27.99
C VAL C 976 -21.60 0.90 28.63
N GLN C 977 -20.80 1.95 28.47
CA GLN C 977 -21.12 3.24 29.08
C GLN C 977 -22.38 3.85 28.47
N PHE C 978 -22.64 3.56 27.18
CA PHE C 978 -23.78 4.15 26.50
C PHE C 978 -25.08 3.39 26.73
N LEU C 979 -25.02 2.20 27.32
CA LEU C 979 -26.23 1.41 27.53
C LEU C 979 -27.17 2.08 28.52
N ASP C 980 -26.63 2.65 29.59
CA ASP C 980 -27.42 3.30 30.63
C ASP C 980 -27.02 4.76 30.74
N GLN C 981 -27.99 5.60 31.13
CA GLN C 981 -27.78 7.04 31.21
C GLN C 981 -27.66 7.55 32.64
N ASP C 982 -28.28 6.89 33.61
CA ASP C 982 -28.28 7.34 34.99
C ASP C 982 -27.12 6.71 35.78
N ASP C 983 -25.91 6.91 35.26
CA ASP C 983 -24.72 6.42 35.92
C ASP C 983 -23.53 7.26 35.49
N ASP C 984 -22.45 7.18 36.27
CA ASP C 984 -21.21 7.89 35.99
C ASP C 984 -20.27 6.92 35.28
N ASP C 985 -19.86 7.28 34.05
CA ASP C 985 -19.04 6.40 33.24
C ASP C 985 -17.56 6.72 33.41
N ASP C 986 -16.75 5.68 33.59
CA ASP C 986 -15.30 5.82 33.70
C ASP C 986 -14.69 4.80 32.76
N PRO C 987 -13.91 5.24 31.75
CA PRO C 987 -13.40 4.30 30.74
C PRO C 987 -12.47 3.23 31.29
N ASP C 988 -11.81 3.45 32.44
CA ASP C 988 -10.87 2.50 32.98
C ASP C 988 -11.51 1.47 33.90
N THR C 989 -12.81 1.57 34.18
CA THR C 989 -13.46 0.63 35.08
C THR C 989 -13.61 -0.74 34.41
N GLU C 990 -13.49 -1.79 35.21
CA GLU C 990 -13.69 -3.14 34.71
C GLU C 990 -15.17 -3.33 34.33
N LEU C 991 -15.40 -4.23 33.37
CA LEU C 991 -16.76 -4.43 32.86
C LEU C 991 -17.68 -4.95 33.94
N TYR C 992 -17.20 -5.87 34.79
CA TYR C 992 -18.05 -6.44 35.83
C TYR C 992 -18.43 -5.41 36.89
N LEU C 993 -17.71 -4.29 36.97
CA LEU C 993 -18.01 -3.24 37.93
C LEU C 993 -19.05 -2.25 37.42
N THR C 994 -19.39 -2.30 36.14
CA THR C 994 -20.31 -1.33 35.57
C THR C 994 -21.75 -1.63 35.98
N GLN C 995 -22.56 -0.58 36.02
CA GLN C 995 -23.98 -0.73 36.35
C GLN C 995 -24.73 -1.61 35.36
N PRO C 996 -24.61 -1.45 34.03
CA PRO C 996 -25.37 -2.34 33.14
C PRO C 996 -25.05 -3.81 33.31
N PHE C 997 -23.80 -4.14 33.61
CA PHE C 997 -23.45 -5.55 33.83
C PHE C 997 -24.00 -6.04 35.17
N ALA C 998 -23.96 -5.19 36.20
CA ALA C 998 -24.47 -5.58 37.50
C ALA C 998 -25.97 -5.83 37.48
N CYS C 999 -26.69 -5.17 36.58
CA CYS C 999 -28.13 -5.34 36.45
C CYS C 999 -28.50 -6.48 35.51
N GLY C 1000 -27.53 -7.12 34.86
CA GLY C 1000 -27.81 -8.23 33.97
C GLY C 1000 -28.27 -7.84 32.58
N THR C 1001 -28.20 -6.57 32.23
CA THR C 1001 -28.65 -6.10 30.91
C THR C 1001 -27.51 -6.01 29.90
N ALA C 1002 -26.30 -6.41 30.29
CA ALA C 1002 -25.14 -6.36 29.39
C ALA C 1002 -24.35 -7.65 29.50
N PHE C 1003 -23.67 -8.00 28.41
CA PHE C 1003 -22.84 -9.19 28.38
C PHE C 1003 -21.74 -9.02 27.34
N ALA C 1004 -20.66 -9.78 27.50
CA ALA C 1004 -19.56 -9.77 26.56
C ALA C 1004 -18.76 -11.05 26.70
N VAL C 1005 -18.00 -11.37 25.66
CA VAL C 1005 -17.15 -12.57 25.71
C VAL C 1005 -15.88 -12.32 26.50
N SER C 1006 -15.60 -11.06 26.86
CA SER C 1006 -14.37 -10.75 27.60
C SER C 1006 -14.45 -11.20 29.06
N VAL C 1007 -15.62 -11.66 29.52
CA VAL C 1007 -15.74 -12.17 30.88
C VAL C 1007 -15.50 -13.67 30.97
N LEU C 1008 -15.17 -14.32 29.85
CA LEU C 1008 -15.01 -15.76 29.80
C LEU C 1008 -13.57 -16.22 29.62
N ASP C 1009 -12.61 -15.30 29.72
CA ASP C 1009 -11.20 -15.70 29.63
C ASP C 1009 -10.78 -16.57 30.81
N SER C 1010 -11.34 -16.30 31.99
CA SER C 1010 -10.96 -17.04 33.20
C SER C 1010 -11.37 -18.51 33.15
N LEU C 1011 -12.08 -18.94 32.11
CA LEU C 1011 -12.44 -20.35 32.01
C LEU C 1011 -11.24 -21.21 31.62
N MET C 1012 -10.18 -20.59 31.10
CA MET C 1012 -8.93 -21.32 30.88
C MET C 1012 -8.36 -21.83 32.19
N SER C 1013 -8.24 -20.95 33.19
CA SER C 1013 -7.70 -21.36 34.48
C SER C 1013 -8.68 -22.27 35.21
N THR C 1014 -9.98 -21.97 35.12
CA THR C 1014 -10.98 -22.78 35.81
C THR C 1014 -10.99 -24.21 35.29
N THR C 1015 -10.92 -24.38 33.97
CA THR C 1015 -10.96 -25.71 33.39
C THR C 1015 -9.68 -26.50 33.67
N TYR C 1016 -8.53 -25.83 33.62
CA TYR C 1016 -7.27 -26.52 33.83
C TYR C 1016 -7.16 -27.08 35.25
N PHE C 1017 -7.53 -26.28 36.25
CA PHE C 1017 -7.42 -26.73 37.63
C PHE C 1017 -8.46 -27.78 37.99
N ASN C 1018 -9.57 -27.84 37.25
CA ASN C 1018 -10.61 -28.84 37.49
C ASN C 1018 -11.42 -29.01 36.23
N GLN C 1019 -11.34 -30.20 35.63
CA GLN C 1019 -12.14 -30.47 34.44
C GLN C 1019 -13.63 -30.56 34.77
N ASN C 1020 -13.97 -31.07 35.96
CA ASN C 1020 -15.36 -31.18 36.35
C ASN C 1020 -16.03 -29.81 36.50
N ALA C 1021 -15.25 -28.75 36.70
CA ALA C 1021 -15.83 -27.42 36.79
C ALA C 1021 -16.48 -27.01 35.48
N LEU C 1022 -15.80 -27.27 34.35
CA LEU C 1022 -16.37 -26.94 33.05
C LEU C 1022 -17.61 -27.79 32.75
N THR C 1023 -17.59 -29.05 33.19
CA THR C 1023 -18.75 -29.93 32.97
C THR C 1023 -19.97 -29.39 33.69
N LEU C 1024 -19.79 -28.87 34.91
CA LEU C 1024 -20.91 -28.32 35.65
C LEU C 1024 -21.51 -27.11 34.95
N ILE C 1025 -20.66 -26.23 34.39
CA ILE C 1025 -21.16 -25.05 33.70
C ILE C 1025 -21.96 -25.45 32.47
N ARG C 1026 -21.44 -26.38 31.68
CA ARG C 1026 -22.13 -26.80 30.47
C ARG C 1026 -23.46 -27.47 30.78
N SER C 1027 -23.50 -28.28 31.82
CA SER C 1027 -24.74 -28.92 32.23
C SER C 1027 -25.72 -27.96 32.89
N LEU C 1028 -25.28 -26.74 33.21
CA LEU C 1028 -26.12 -25.76 33.87
C LEU C 1028 -26.69 -24.70 32.93
N ILE C 1029 -26.01 -24.41 31.82
CA ILE C 1029 -26.44 -23.36 30.92
C ILE C 1029 -26.95 -23.90 29.59
N THR C 1030 -26.50 -25.08 29.15
CA THR C 1030 -26.95 -25.63 27.88
C THR C 1030 -28.19 -26.49 28.01
N GLY C 1031 -28.74 -26.64 29.23
CA GLY C 1031 -29.87 -27.52 29.44
C GLY C 1031 -29.54 -28.98 29.48
N GLY C 1032 -28.26 -29.35 29.47
CA GLY C 1032 -27.85 -30.74 29.47
C GLY C 1032 -27.42 -31.24 28.11
N ALA C 1033 -26.10 -31.33 27.89
CA ALA C 1033 -25.55 -31.78 26.61
C ALA C 1033 -24.57 -32.91 26.90
N THR C 1034 -25.07 -34.14 26.91
CA THR C 1034 -24.25 -35.30 27.19
C THR C 1034 -23.29 -35.57 26.02
N PRO C 1035 -22.18 -36.27 26.29
CA PRO C 1035 -21.22 -36.53 25.20
C PRO C 1035 -21.79 -37.35 24.06
N GLU C 1036 -22.86 -38.11 24.27
CA GLU C 1036 -23.51 -38.79 23.16
C GLU C 1036 -24.14 -37.79 22.20
N LEU C 1037 -24.67 -36.68 22.72
CA LEU C 1037 -25.26 -35.67 21.86
C LEU C 1037 -24.21 -34.99 21.00
N GLU C 1038 -22.94 -35.02 21.44
CA GLU C 1038 -21.86 -34.43 20.67
C GLU C 1038 -21.65 -35.19 19.36
N LEU C 1039 -21.62 -36.52 19.42
CA LEU C 1039 -21.35 -37.31 18.23
C LEU C 1039 -22.53 -37.30 17.26
N ILE C 1040 -23.75 -37.28 17.78
CA ILE C 1040 -24.93 -37.25 16.92
C ILE C 1040 -24.94 -35.98 16.09
N LEU C 1041 -24.64 -34.84 16.72
CA LEU C 1041 -24.67 -33.57 16.01
C LEU C 1041 -23.48 -33.42 15.08
N ALA C 1042 -22.34 -34.04 15.41
CA ALA C 1042 -21.14 -33.90 14.60
C ALA C 1042 -21.22 -34.70 13.30
N GLU C 1043 -22.16 -35.64 13.20
CA GLU C 1043 -22.28 -36.43 11.98
C GLU C 1043 -22.69 -35.56 10.80
N GLY C 1044 -23.60 -34.62 11.02
CA GLY C 1044 -24.07 -33.73 9.97
C GLY C 1044 -25.52 -33.92 9.57
N ALA C 1045 -26.26 -34.83 10.22
CA ALA C 1045 -27.66 -35.04 9.90
C ALA C 1045 -28.61 -34.20 10.75
N GLY C 1046 -28.07 -33.34 11.60
CA GLY C 1046 -28.90 -32.53 12.46
C GLY C 1046 -29.39 -33.29 13.68
N LEU C 1047 -30.29 -32.64 14.41
CA LEU C 1047 -30.87 -33.26 15.60
C LEU C 1047 -31.74 -34.45 15.19
N ARG C 1048 -31.53 -35.57 15.85
CA ARG C 1048 -32.26 -36.81 15.56
C ARG C 1048 -33.19 -37.13 16.72
N GLY C 1049 -34.46 -37.38 16.40
CA GLY C 1049 -35.43 -37.71 17.42
C GLY C 1049 -35.34 -39.16 17.85
N GLY C 1050 -36.13 -39.49 18.87
CA GLY C 1050 -36.18 -40.84 19.38
C GLY C 1050 -37.52 -41.13 19.99
N TYR C 1051 -37.91 -42.41 19.96
CA TYR C 1051 -39.20 -42.81 20.51
C TYR C 1051 -39.14 -42.85 22.03
N SER C 1052 -40.15 -42.25 22.66
CA SER C 1052 -40.18 -42.16 24.12
C SER C 1052 -40.37 -43.55 24.74
N THR C 1053 -39.52 -43.84 25.73
CA THR C 1053 -39.56 -45.11 26.44
C THR C 1053 -39.42 -44.84 27.93
N VAL C 1054 -39.26 -45.92 28.69
CA VAL C 1054 -39.16 -45.78 30.15
C VAL C 1054 -37.83 -45.17 30.54
N GLU C 1055 -36.74 -45.53 29.87
CA GLU C 1055 -35.43 -45.03 30.29
C GLU C 1055 -35.24 -43.57 29.88
N SER C 1056 -35.88 -43.14 28.80
CA SER C 1056 -35.71 -41.76 28.34
C SER C 1056 -36.47 -40.79 29.23
N LEU C 1057 -37.70 -41.14 29.62
CA LEU C 1057 -38.50 -40.24 30.44
C LEU C 1057 -37.91 -39.99 31.82
N SER C 1058 -37.03 -40.88 32.30
CA SER C 1058 -36.36 -40.65 33.57
C SER C 1058 -35.32 -39.53 33.46
N ASN C 1059 -34.87 -39.21 32.25
CA ASN C 1059 -33.89 -38.15 32.06
C ASN C 1059 -34.49 -36.77 32.28
N ARG C 1060 -35.81 -36.63 32.14
CA ARG C 1060 -36.47 -35.34 32.33
C ARG C 1060 -36.46 -34.88 33.78
N ASP C 1061 -36.16 -35.77 34.72
CA ASP C 1061 -36.19 -35.43 36.15
C ASP C 1061 -34.83 -34.85 36.54
N ARG C 1062 -34.69 -33.54 36.35
CA ARG C 1062 -33.48 -32.84 36.75
C ARG C 1062 -33.83 -31.40 37.09
N CYS C 1063 -32.94 -30.77 37.86
CA CYS C 1063 -33.19 -29.39 38.29
C CYS C 1063 -33.02 -28.42 37.14
N ARG C 1064 -33.68 -27.27 37.27
CA ARG C 1064 -33.65 -26.24 36.25
C ARG C 1064 -33.53 -24.88 36.91
N VAL C 1065 -33.08 -23.90 36.14
CA VAL C 1065 -32.86 -22.54 36.63
C VAL C 1065 -34.13 -21.73 36.47
N GLY C 1066 -34.55 -21.08 37.54
CA GLY C 1066 -35.74 -20.25 37.49
C GLY C 1066 -35.69 -19.18 38.57
N GLN C 1067 -36.70 -18.32 38.55
CA GLN C 1067 -36.83 -17.24 39.52
C GLN C 1067 -38.18 -17.31 40.20
N ILE C 1068 -38.20 -16.91 41.47
CA ILE C 1068 -39.43 -16.83 42.24
C ILE C 1068 -39.51 -15.44 42.87
N SER C 1069 -40.74 -15.01 43.18
CA SER C 1069 -40.99 -13.70 43.75
C SER C 1069 -41.69 -13.86 45.08
N LEU C 1070 -41.32 -13.02 46.05
CA LEU C 1070 -41.94 -13.02 47.37
C LEU C 1070 -43.21 -12.19 47.44
N TYR C 1071 -43.77 -11.81 46.28
CA TYR C 1071 -45.01 -11.03 46.28
C TYR C 1071 -46.17 -11.81 46.87
N ASP C 1072 -46.30 -13.09 46.49
CA ASP C 1072 -47.42 -13.89 46.95
C ASP C 1072 -46.99 -15.35 46.98
N GLY C 1073 -47.72 -16.15 47.76
CA GLY C 1073 -47.44 -17.56 47.89
C GLY C 1073 -47.05 -17.94 49.30
N PRO C 1074 -46.81 -19.23 49.54
CA PRO C 1074 -46.37 -19.66 50.87
C PRO C 1074 -45.06 -19.05 51.31
N LEU C 1075 -44.15 -18.78 50.37
CA LEU C 1075 -42.86 -18.20 50.70
C LEU C 1075 -42.91 -16.67 50.81
N ALA C 1076 -44.06 -16.06 50.56
CA ALA C 1076 -44.16 -14.61 50.60
C ALA C 1076 -43.98 -14.05 52.01
N GLN C 1077 -44.31 -14.82 53.05
CA GLN C 1077 -44.19 -14.33 54.41
C GLN C 1077 -42.74 -14.11 54.85
N PHE C 1078 -41.78 -14.67 54.13
CA PHE C 1078 -40.37 -14.41 54.44
C PHE C 1078 -39.89 -13.06 53.92
N GLY C 1079 -40.64 -12.43 53.02
CA GLY C 1079 -40.25 -11.13 52.50
C GLY C 1079 -40.54 -9.97 53.42
N GLU C 1080 -41.36 -10.18 54.46
CA GLU C 1080 -41.72 -9.12 55.40
C GLU C 1080 -40.60 -8.96 56.43
N CYS C 1081 -39.50 -8.35 55.98
CA CYS C 1081 -38.32 -8.11 56.81
C CYS C 1081 -37.78 -9.41 57.41
N GLY C 1082 -37.80 -10.49 56.64
CA GLY C 1082 -37.30 -11.76 57.09
C GLY C 1082 -35.80 -11.91 56.90
N LYS C 1083 -35.32 -13.12 57.11
CA LYS C 1083 -33.91 -13.46 56.97
C LYS C 1083 -33.71 -14.41 55.80
N TYR C 1084 -32.60 -14.24 55.09
CA TYR C 1084 -32.30 -15.10 53.95
C TYR C 1084 -32.14 -16.55 54.39
N GLY C 1085 -31.49 -16.77 55.53
CA GLY C 1085 -31.29 -18.13 56.01
C GLY C 1085 -32.60 -18.84 56.29
N ASP C 1086 -33.58 -18.13 56.84
CA ASP C 1086 -34.88 -18.72 57.10
C ASP C 1086 -35.57 -19.14 55.80
N LEU C 1087 -35.48 -18.30 54.77
CA LEU C 1087 -36.09 -18.64 53.49
C LEU C 1087 -35.40 -19.83 52.84
N PHE C 1088 -34.07 -19.90 52.96
CA PHE C 1088 -33.32 -20.98 52.33
C PHE C 1088 -33.71 -22.34 52.90
N VAL C 1089 -33.85 -22.42 54.23
CA VAL C 1089 -34.14 -23.71 54.86
C VAL C 1089 -35.57 -24.15 54.55
N ALA C 1090 -36.53 -23.23 54.64
CA ALA C 1090 -37.93 -23.59 54.43
C ALA C 1090 -38.19 -24.01 52.98
N ALA C 1091 -37.62 -23.28 52.03
CA ALA C 1091 -37.82 -23.63 50.62
C ALA C 1091 -37.17 -24.96 50.29
N LEU C 1092 -36.00 -25.24 50.88
CA LEU C 1092 -35.31 -26.49 50.60
C LEU C 1092 -36.11 -27.69 51.12
N LYS C 1093 -36.69 -27.58 52.31
CA LYS C 1093 -37.37 -28.72 52.90
C LYS C 1093 -38.73 -28.97 52.24
N SER C 1094 -39.45 -27.91 51.89
CA SER C 1094 -40.81 -28.06 51.37
C SER C 1094 -40.82 -28.40 49.89
N TYR C 1095 -40.32 -27.49 49.06
CA TYR C 1095 -40.33 -27.65 47.61
C TYR C 1095 -39.01 -28.14 47.03
N GLY C 1096 -38.01 -28.39 47.87
CA GLY C 1096 -36.72 -28.81 47.36
C GLY C 1096 -36.05 -27.78 46.48
N MET C 1097 -36.17 -26.51 46.83
CA MET C 1097 -35.61 -25.41 46.05
C MET C 1097 -34.31 -24.96 46.70
N LEU C 1098 -33.30 -24.70 45.89
CA LEU C 1098 -32.00 -24.24 46.36
C LEU C 1098 -31.82 -22.79 45.95
N CYS C 1099 -31.70 -21.90 46.94
CA CYS C 1099 -31.57 -20.48 46.71
C CYS C 1099 -30.10 -20.13 46.48
N ILE C 1100 -29.80 -19.52 45.34
CA ILE C 1100 -28.45 -19.16 44.97
C ILE C 1100 -28.15 -17.70 45.30
N GLY C 1101 -29.08 -16.79 44.98
CA GLY C 1101 -28.86 -15.40 45.21
C GLY C 1101 -30.15 -14.60 45.14
N LEU C 1102 -29.99 -13.28 45.14
CA LEU C 1102 -31.13 -12.37 45.14
C LEU C 1102 -31.02 -11.40 43.95
N TYR C 1103 -32.18 -10.95 43.49
CA TYR C 1103 -32.29 -10.02 42.36
C TYR C 1103 -33.13 -8.86 42.86
N ARG C 1104 -32.47 -7.86 43.44
CA ARG C 1104 -33.11 -6.84 44.25
C ARG C 1104 -33.07 -5.47 43.58
N PHE C 1105 -34.13 -4.70 43.79
CA PHE C 1105 -34.21 -3.34 43.27
C PHE C 1105 -32.99 -2.52 43.68
N ARG C 1106 -32.43 -1.77 42.72
CA ARG C 1106 -31.29 -0.92 43.01
C ARG C 1106 -31.65 0.17 44.02
N ASP C 1107 -32.83 0.79 43.86
CA ASP C 1107 -33.30 1.80 44.79
C ASP C 1107 -34.67 1.40 45.31
N THR C 1108 -34.88 1.54 46.62
CA THR C 1108 -36.13 1.16 47.28
C THR C 1108 -36.91 2.37 47.77
N SER C 1109 -36.60 3.55 47.25
CA SER C 1109 -37.29 4.77 47.65
C SER C 1109 -37.38 5.76 46.49
N ALA C 1114 -38.98 6.14 41.29
CA ALA C 1114 -37.75 5.35 41.31
C ALA C 1114 -37.49 4.71 39.95
N SER C 1115 -36.50 3.82 39.90
CA SER C 1115 -36.14 3.12 38.69
C SER C 1115 -36.38 1.63 38.86
N SER C 1116 -36.91 1.00 37.81
CA SER C 1116 -37.19 -0.44 37.83
C SER C 1116 -35.96 -1.23 37.38
N LYS C 1117 -34.86 -1.01 38.10
CA LYS C 1117 -33.59 -1.66 37.83
C LYS C 1117 -33.20 -2.52 39.02
N ARG C 1118 -32.86 -3.77 38.76
CA ARG C 1118 -32.49 -4.72 39.81
C ARG C 1118 -31.10 -5.27 39.53
N TYR C 1119 -30.29 -5.35 40.59
CA TYR C 1119 -28.95 -5.91 40.52
C TYR C 1119 -28.92 -7.31 41.14
N VAL C 1120 -27.75 -7.94 41.05
CA VAL C 1120 -27.59 -9.34 41.42
C VAL C 1120 -26.71 -9.43 42.67
N ILE C 1121 -27.19 -10.14 43.68
CA ILE C 1121 -26.41 -10.47 44.87
C ILE C 1121 -26.23 -11.97 44.89
N THR C 1122 -24.98 -12.43 44.90
CA THR C 1122 -24.66 -13.84 44.83
C THR C 1122 -24.35 -14.36 46.23
N ASN C 1123 -25.12 -15.36 46.67
CA ASN C 1123 -24.92 -16.01 47.96
C ASN C 1123 -24.88 -15.02 49.13
N PRO C 1124 -25.99 -14.36 49.45
CA PRO C 1124 -26.01 -13.47 50.60
C PRO C 1124 -25.91 -14.26 51.90
N PRO C 1125 -25.42 -13.65 52.97
CA PRO C 1125 -25.31 -14.38 54.24
C PRO C 1125 -26.67 -14.77 54.78
N ASP C 1126 -26.67 -15.75 55.70
CA ASP C 1126 -27.92 -16.23 56.28
C ASP C 1126 -28.60 -15.15 57.11
N ASP C 1127 -27.86 -14.14 57.56
CA ASP C 1127 -28.42 -13.04 58.33
C ASP C 1127 -28.87 -11.88 57.44
N PHE C 1128 -28.84 -12.04 56.12
CA PHE C 1128 -29.27 -10.99 55.22
C PHE C 1128 -30.76 -10.67 55.41
N SER C 1129 -31.09 -9.39 55.39
CA SER C 1129 -32.47 -8.94 55.55
C SER C 1129 -33.15 -8.89 54.20
N LEU C 1130 -34.30 -9.56 54.10
CA LEU C 1130 -35.05 -9.64 52.85
C LEU C 1130 -36.02 -8.47 52.72
N LEU C 1131 -36.55 -8.30 51.52
CA LEU C 1131 -37.53 -7.26 51.21
C LEU C 1131 -38.69 -7.91 50.47
N PRO C 1132 -39.90 -7.36 50.59
CA PRO C 1132 -41.04 -7.94 49.86
C PRO C 1132 -40.90 -7.88 48.35
N THR C 1133 -40.06 -6.99 47.82
CA THR C 1133 -39.89 -6.83 46.39
C THR C 1133 -38.71 -7.63 45.84
N ASP C 1134 -38.04 -8.42 46.68
CA ASP C 1134 -36.86 -9.15 46.23
C ASP C 1134 -37.26 -10.39 45.44
N GLN C 1135 -36.39 -10.75 44.49
CA GLN C 1135 -36.53 -11.97 43.71
C GLN C 1135 -35.35 -12.88 43.98
N VAL C 1136 -35.60 -14.19 43.97
CA VAL C 1136 -34.63 -15.19 44.39
C VAL C 1136 -34.31 -16.10 43.22
N PHE C 1137 -33.02 -16.28 42.94
CA PHE C 1137 -32.57 -17.29 41.99
C PHE C 1137 -32.63 -18.66 42.65
N VAL C 1138 -33.35 -19.60 42.03
CA VAL C 1138 -33.58 -20.91 42.61
C VAL C 1138 -33.33 -22.00 41.57
N LEU C 1139 -33.06 -23.20 42.08
CA LEU C 1139 -32.93 -24.41 41.28
C LEU C 1139 -34.14 -25.28 41.60
N MET C 1140 -35.05 -25.38 40.65
CA MET C 1140 -36.36 -25.98 40.89
C MET C 1140 -36.43 -27.38 40.29
N GLN C 1141 -36.93 -28.32 41.10
CA GLN C 1141 -37.04 -29.71 40.68
C GLN C 1141 -38.13 -29.86 39.62
N PHE C 1142 -38.09 -31.00 38.92
CA PHE C 1142 -39.05 -31.29 37.87
C PHE C 1142 -40.30 -31.93 38.48
N ASP C 1143 -41.46 -31.36 38.19
CA ASP C 1143 -42.73 -31.88 38.69
C ASP C 1143 -43.49 -32.53 37.56
N PRO C 1144 -43.63 -33.86 37.54
CA PRO C 1144 -44.38 -34.50 36.44
C PRO C 1144 -45.87 -34.19 36.53
N GLY C 1145 -46.37 -33.45 35.54
CA GLY C 1145 -47.78 -33.09 35.51
C GLY C 1145 -48.01 -31.60 35.68
N LEU D 44 36.78 48.37 41.38
CA LEU D 44 37.87 48.13 40.46
C LEU D 44 38.57 46.80 40.73
N LYS D 45 39.39 46.77 41.78
CA LYS D 45 40.08 45.53 42.15
C LYS D 45 39.08 44.46 42.57
N VAL D 46 38.08 44.83 43.37
CA VAL D 46 37.02 43.91 43.77
C VAL D 46 35.84 44.11 42.82
N ARG D 47 35.35 43.01 42.26
CA ARG D 47 34.25 43.11 41.31
C ARG D 47 32.92 42.91 42.02
N LYS D 48 31.87 43.46 41.41
CA LYS D 48 30.52 43.39 41.93
C LYS D 48 29.60 42.63 40.99
N TYR D 49 30.14 41.62 40.30
CA TYR D 49 29.33 40.84 39.37
C TYR D 49 28.18 40.15 40.09
N TRP D 50 28.38 39.79 41.35
CA TRP D 50 27.31 39.18 42.13
C TRP D 50 26.16 40.17 42.35
N CYS D 51 26.48 41.45 42.50
CA CYS D 51 25.42 42.44 42.73
C CYS D 51 24.46 42.50 41.54
N PHE D 52 25.00 42.51 40.33
CA PHE D 52 24.14 42.45 39.14
C PHE D 52 23.40 41.11 39.07
N LEU D 53 24.11 40.01 39.33
CA LEU D 53 23.48 38.69 39.25
C LEU D 53 22.48 38.47 40.38
N LEU D 54 22.87 38.77 41.61
CA LEU D 54 22.00 38.47 42.75
C LEU D 54 20.75 39.35 42.72
N SER D 55 20.84 40.54 42.12
CA SER D 55 19.67 41.39 41.97
C SER D 55 18.67 40.78 40.99
N SER D 56 19.18 40.10 39.96
CA SER D 56 18.29 39.53 38.94
C SER D 56 17.38 38.47 39.54
N ILE D 57 17.91 37.63 40.42
CA ILE D 57 17.10 36.57 41.00
C ILE D 57 16.26 37.10 42.16
N PHE D 58 16.67 38.23 42.76
CA PHE D 58 15.79 38.92 43.69
C PHE D 58 14.43 39.20 43.07
N THR D 59 14.41 39.73 41.85
CA THR D 59 13.14 39.99 41.18
C THR D 59 12.43 38.69 40.83
N PHE D 60 13.14 37.56 40.88
CA PHE D 60 12.54 36.29 40.51
C PHE D 60 11.74 35.70 41.66
N LEU D 61 12.40 35.38 42.77
CA LEU D 61 11.69 34.70 43.85
C LEU D 61 10.71 35.64 44.55
N ALA D 62 11.10 36.92 44.71
CA ALA D 62 10.19 37.88 45.31
C ALA D 62 8.94 38.07 44.45
N GLY D 63 9.12 38.21 43.14
CA GLY D 63 7.97 38.27 42.25
C GLY D 63 7.19 36.96 42.26
N LEU D 64 7.90 35.84 42.39
CA LEU D 64 7.22 34.54 42.45
C LEU D 64 6.38 34.42 43.72
N LEU D 65 6.91 34.88 44.84
CA LEU D 65 6.21 34.69 46.11
C LEU D 65 5.04 35.66 46.27
N VAL D 66 5.16 36.90 45.77
CA VAL D 66 4.08 37.87 45.93
C VAL D 66 2.81 37.38 45.25
N VAL D 67 2.93 36.89 44.01
CA VAL D 67 1.76 36.34 43.34
C VAL D 67 1.33 35.03 43.99
N LEU D 68 2.29 34.27 44.53
CA LEU D 68 1.94 33.03 45.22
C LEU D 68 1.22 33.29 46.53
N LEU D 69 1.70 34.27 47.31
CA LEU D 69 1.08 34.55 48.59
C LEU D 69 -0.28 35.21 48.44
N TRP D 70 -0.49 36.01 47.39
CA TRP D 70 -1.77 36.69 47.24
C TRP D 70 -2.88 35.69 46.96
N ARG D 71 -2.57 34.63 46.21
CA ARG D 71 -3.52 33.57 45.97
C ARG D 71 -3.86 32.83 47.28
N ALA D 72 -2.86 32.68 48.15
CA ALA D 72 -3.09 32.00 49.43
C ALA D 72 -3.96 32.84 50.35
N PHE D 73 -3.84 34.18 50.28
CA PHE D 73 -4.67 35.04 51.11
C PHE D 73 -6.15 34.89 50.74
N ALA D 74 -6.45 34.85 49.44
CA ALA D 74 -7.83 34.70 49.01
C ALA D 74 -8.38 33.31 49.30
N PHE D 75 -7.50 32.34 49.59
CA PHE D 75 -7.96 30.99 49.90
C PHE D 75 -8.69 30.95 51.25
N VAL D 76 -8.24 31.76 52.20
CA VAL D 76 -8.86 31.84 53.53
C VAL D 76 -9.53 33.19 53.76
N CYS D 77 -9.27 34.17 52.89
CA CYS D 77 -9.86 35.49 53.05
C CYS D 77 -9.98 36.19 51.70
N THR D 106 -16.78 43.54 37.54
CA THR D 106 -15.49 44.02 38.03
C THR D 106 -14.58 44.44 36.88
N PHE D 107 -13.71 45.41 37.13
CA PHE D 107 -12.80 45.89 36.11
C PHE D 107 -11.65 44.91 35.85
N MET D 108 -11.35 44.03 36.82
CA MET D 108 -10.25 43.09 36.65
C MET D 108 -10.51 42.15 35.48
N THR D 109 -11.74 41.65 35.36
CA THR D 109 -12.08 40.78 34.23
C THR D 109 -12.00 41.53 32.90
N GLU D 110 -12.49 42.77 32.88
CA GLU D 110 -12.43 43.57 31.66
C GLU D 110 -10.99 43.92 31.30
N ALA D 111 -10.17 44.24 32.31
CA ALA D 111 -8.78 44.60 32.06
C ALA D 111 -8.00 43.42 31.46
N LYS D 112 -8.25 42.21 31.98
CA LYS D 112 -7.55 41.03 31.47
C LYS D 112 -7.94 40.76 30.02
N ASP D 113 -9.22 40.88 29.68
CA ASP D 113 -9.66 40.69 28.30
C ASP D 113 -9.05 41.75 27.39
N TRP D 114 -8.97 42.99 27.87
CA TRP D 114 -8.33 44.05 27.10
C TRP D 114 -6.85 43.77 26.88
N ALA D 115 -6.17 43.26 27.92
CA ALA D 115 -4.75 42.96 27.79
C ALA D 115 -4.51 41.81 26.82
N GLY D 116 -5.42 40.83 26.79
CA GLY D 116 -5.24 39.70 25.89
C GLY D 116 -5.24 40.11 24.43
N GLU D 117 -6.19 40.96 24.04
CA GLU D 117 -6.26 41.44 22.66
C GLU D 117 -5.21 42.50 22.36
N LEU D 118 -4.65 43.14 23.39
CA LEU D 118 -3.63 44.15 23.17
C LEU D 118 -2.32 43.51 22.71
N ILE D 119 -1.91 42.42 23.37
CA ILE D 119 -0.66 41.76 23.04
C ILE D 119 -0.79 40.81 21.86
N SER D 120 -2.00 40.49 21.43
CA SER D 120 -2.23 39.59 20.30
C SER D 120 -2.35 40.33 18.98
N GLY D 121 -2.32 41.66 18.98
CA GLY D 121 -2.44 42.41 17.74
C GLY D 121 -3.82 42.35 17.12
N GLN D 122 -4.86 42.10 17.90
CA GLN D 122 -6.21 42.00 17.36
C GLN D 122 -6.66 43.33 16.76
N THR D 123 -6.38 44.43 17.46
CA THR D 123 -6.77 45.77 17.04
C THR D 123 -5.53 46.58 16.67
N THR D 124 -5.78 47.72 16.02
CA THR D 124 -4.68 48.55 15.53
C THR D 124 -3.88 49.15 16.69
N THR D 125 -4.53 49.44 17.82
CA THR D 125 -3.80 49.94 18.98
C THR D 125 -2.84 48.87 19.52
N GLY D 126 -3.21 47.59 19.38
CA GLY D 126 -2.28 46.52 19.70
C GLY D 126 -1.44 46.07 18.53
N ARG D 127 -1.91 46.32 17.30
CA ARG D 127 -1.11 45.99 16.13
C ARG D 127 0.16 46.84 16.07
N ILE D 128 0.05 48.13 16.41
CA ILE D 128 1.23 48.97 16.46
C ILE D 128 2.12 48.58 17.64
N LEU D 129 1.53 48.01 18.69
CA LEU D 129 2.31 47.63 19.86
C LEU D 129 3.18 46.40 19.59
N VAL D 130 2.62 45.39 18.94
CA VAL D 130 3.36 44.15 18.71
C VAL D 130 4.50 44.39 17.73
N VAL D 131 4.25 45.19 16.69
CA VAL D 131 5.33 45.53 15.76
C VAL D 131 6.35 46.44 16.44
N LEU D 132 5.88 47.28 17.38
CA LEU D 132 6.81 48.12 18.13
C LEU D 132 7.76 47.27 18.96
N VAL D 133 7.24 46.20 19.56
CA VAL D 133 8.11 45.23 20.24
C VAL D 133 9.07 44.61 19.23
N PHE D 134 8.59 44.34 18.02
CA PHE D 134 9.44 43.77 16.98
C PHE D 134 10.58 44.73 16.62
N ILE D 135 10.27 46.00 16.42
CA ILE D 135 11.31 46.98 16.07
C ILE D 135 12.32 47.11 17.20
N LEU D 136 11.83 47.17 18.44
CA LEU D 136 12.74 47.40 19.57
C LEU D 136 13.46 46.12 19.98
N SER D 137 13.01 44.96 19.49
CA SER D 137 13.70 43.70 19.82
C SER D 137 15.06 43.63 19.17
N ILE D 138 15.12 43.86 17.85
CA ILE D 138 16.40 43.83 17.14
C ILE D 138 17.26 45.03 17.55
N ALA D 139 16.62 46.17 17.82
CA ALA D 139 17.37 47.37 18.17
C ALA D 139 18.18 47.17 19.45
N SER D 140 17.60 46.49 20.45
CA SER D 140 18.29 46.28 21.71
C SER D 140 19.55 45.43 21.52
N LEU D 141 19.56 44.57 20.51
CA LEU D 141 20.76 43.78 20.22
C LEU D 141 21.89 44.65 19.70
N ILE D 142 21.57 45.76 19.05
CA ILE D 142 22.61 46.63 18.49
C ILE D 142 23.46 47.23 19.59
N ILE D 143 22.83 47.56 20.74
CA ILE D 143 23.59 48.08 21.87
C ILE D 143 24.57 47.03 22.39
N TYR D 144 24.16 45.76 22.42
CA TYR D 144 25.05 44.71 22.90
C TYR D 144 26.30 44.59 22.04
N PHE D 145 26.15 44.67 20.72
CA PHE D 145 27.28 44.44 19.82
C PHE D 145 28.37 45.49 20.01
N VAL D 146 27.98 46.74 20.31
CA VAL D 146 28.99 47.77 20.56
C VAL D 146 29.51 47.68 21.98
N ASP D 147 28.72 47.10 22.90
CA ASP D 147 29.20 46.89 24.25
C ASP D 147 30.19 45.74 24.31
N ALA D 148 29.92 44.65 23.58
CA ALA D 148 30.81 43.51 23.56
C ALA D 148 32.10 43.78 22.80
N SER D 149 32.16 44.86 22.03
CA SER D 149 33.40 45.20 21.32
C SER D 149 34.51 45.54 22.30
N SER D 150 34.17 46.14 23.44
CA SER D 150 35.16 46.49 24.44
C SER D 150 35.77 45.23 25.05
N GLU D 151 37.08 45.29 25.28
CA GLU D 151 37.81 44.15 25.84
C GLU D 151 37.50 43.92 27.31
N GLU D 152 37.20 44.97 28.06
CA GLU D 152 36.91 44.84 29.48
C GLU D 152 35.45 44.44 29.67
N VAL D 153 35.23 43.29 30.33
CA VAL D 153 33.86 42.84 30.55
C VAL D 153 33.21 43.61 31.69
N GLU D 154 34.01 44.25 32.55
CA GLU D 154 33.51 45.08 33.63
C GLU D 154 34.11 46.47 33.49
N ARG D 155 33.26 47.49 33.68
CA ARG D 155 33.66 48.88 33.52
C ARG D 155 33.14 49.69 34.69
N CYS D 156 33.78 50.84 34.92
CA CYS D 156 33.41 51.74 36.01
C CYS D 156 33.32 53.15 35.42
N GLN D 157 32.09 53.59 35.13
CA GLN D 157 31.87 54.91 34.57
C GLN D 157 30.47 55.40 34.95
N LYS D 158 30.38 56.70 35.22
CA LYS D 158 29.11 57.31 35.58
C LYS D 158 28.16 57.35 34.39
N TRP D 159 26.86 57.43 34.68
CA TRP D 159 25.83 57.49 33.64
C TRP D 159 25.89 58.76 32.79
N SER D 160 26.26 59.89 33.38
CA SER D 160 26.12 61.17 32.68
C SER D 160 26.96 61.22 31.41
N ASN D 161 28.17 60.64 31.44
CA ASN D 161 29.03 60.70 30.27
C ASN D 161 28.74 59.53 29.32
N ASN D 162 28.24 58.42 29.85
CA ASN D 162 27.97 57.26 29.01
C ASN D 162 26.77 57.51 28.11
N ILE D 163 26.90 57.15 26.83
CA ILE D 163 25.82 57.34 25.87
C ILE D 163 24.95 56.09 25.75
N THR D 164 25.58 54.92 25.61
CA THR D 164 24.83 53.69 25.38
C THR D 164 23.94 53.34 26.57
N GLN D 165 24.39 53.68 27.79
CA GLN D 165 23.56 53.45 28.97
C GLN D 165 22.25 54.24 28.89
N GLN D 166 22.33 55.50 28.48
CA GLN D 166 21.15 56.36 28.46
C GLN D 166 20.10 55.80 27.51
N ILE D 167 20.55 55.35 26.34
CA ILE D 167 19.65 54.70 25.40
C ILE D 167 19.07 53.44 26.02
N ASP D 168 19.88 52.68 26.75
CA ASP D 168 19.42 51.44 27.37
C ASP D 168 18.33 51.68 28.40
N LEU D 169 18.36 52.82 29.11
CA LEU D 169 17.26 53.15 30.01
C LEU D 169 15.94 53.30 29.26
N ALA D 170 16.00 53.81 28.03
CA ALA D 170 14.78 54.03 27.27
C ALA D 170 14.14 52.70 26.85
N PHE D 171 14.96 51.68 26.59
CA PHE D 171 14.41 50.40 26.14
C PHE D 171 13.81 49.60 27.29
N ASN D 172 14.54 49.49 28.40
CA ASN D 172 14.14 48.56 29.46
C ASN D 172 12.84 48.98 30.14
N ILE D 173 12.62 50.29 30.27
CA ILE D 173 11.39 50.78 30.89
C ILE D 173 10.17 50.42 30.04
N PHE D 174 10.32 50.48 28.71
CA PHE D 174 9.25 50.05 27.83
C PHE D 174 8.99 48.55 27.95
N PHE D 175 10.07 47.76 28.01
CA PHE D 175 9.92 46.32 28.16
C PHE D 175 9.44 45.95 29.57
N MET D 176 9.67 46.82 30.56
CA MET D 176 9.14 46.60 31.90
C MET D 176 7.63 46.75 31.93
N VAL D 177 7.12 47.82 31.33
CA VAL D 177 5.67 48.03 31.31
C VAL D 177 5.01 47.04 30.35
N TYR D 178 5.71 46.66 29.28
CA TYR D 178 5.17 45.65 28.38
C TYR D 178 5.11 44.29 29.06
N PHE D 179 6.06 44.00 29.95
CA PHE D 179 6.01 42.77 30.72
C PHE D 179 4.80 42.75 31.64
N PHE D 180 4.47 43.89 32.24
CA PHE D 180 3.30 43.97 33.11
C PHE D 180 2.01 43.73 32.33
N ILE D 181 1.94 44.26 31.10
CA ILE D 181 0.76 44.05 30.26
C ILE D 181 0.59 42.57 29.95
N ARG D 182 1.69 41.87 29.65
CA ARG D 182 1.62 40.44 29.40
C ARG D 182 1.16 39.69 30.64
N PHE D 183 1.55 40.17 31.83
CA PHE D 183 1.15 39.50 33.07
C PHE D 183 -0.36 39.56 33.27
N ILE D 184 -0.98 40.69 32.94
CA ILE D 184 -2.42 40.84 33.11
C ILE D 184 -3.17 39.87 32.19
N ALA D 185 -2.71 39.73 30.95
CA ALA D 185 -3.39 38.87 30.00
C ALA D 185 -3.22 37.39 30.30
N ALA D 186 -2.26 37.04 31.17
CA ALA D 186 -2.02 35.63 31.47
C ALA D 186 -3.11 35.09 32.39
N SER D 187 -3.68 33.94 32.01
CA SER D 187 -4.70 33.32 32.83
C SER D 187 -4.10 32.71 34.10
N ASP D 188 -2.97 32.03 33.97
CA ASP D 188 -2.28 31.42 35.09
C ASP D 188 -1.06 32.27 35.42
N LYS D 189 -1.11 32.96 36.57
CA LYS D 189 -0.02 33.85 36.95
C LYS D 189 1.24 33.07 37.31
N LEU D 190 1.09 31.90 37.95
CA LEU D 190 2.24 31.13 38.38
C LEU D 190 3.04 30.62 37.19
N TRP D 191 2.35 30.02 36.21
CA TRP D 191 3.05 29.50 35.05
C TRP D 191 3.57 30.60 34.13
N PHE D 192 2.97 31.79 34.18
CA PHE D 192 3.51 32.92 33.43
C PHE D 192 4.85 33.37 34.00
N MET D 193 5.01 33.28 35.32
CA MET D 193 6.29 33.59 35.95
C MET D 193 7.40 32.66 35.47
N LEU D 194 7.06 31.43 35.08
CA LEU D 194 8.04 30.39 34.81
C LEU D 194 8.21 30.12 33.32
N GLU D 195 8.02 31.14 32.50
CA GLU D 195 8.19 31.05 31.06
C GLU D 195 9.53 31.67 30.67
N MET D 196 10.01 31.30 29.49
CA MET D 196 11.33 31.77 29.07
C MET D 196 11.34 33.28 28.89
N TYR D 197 10.26 33.85 28.34
CA TYR D 197 10.20 35.29 28.13
C TYR D 197 10.16 36.03 29.46
N SER D 198 9.61 35.42 30.50
CA SER D 198 9.68 36.02 31.83
C SER D 198 11.12 36.03 32.34
N PHE D 199 11.82 34.90 32.21
CA PHE D 199 13.21 34.81 32.68
C PHE D 199 14.11 35.83 32.00
N VAL D 200 13.91 36.07 30.69
CA VAL D 200 14.83 36.93 29.96
C VAL D 200 14.76 38.36 30.48
N ASP D 201 13.55 38.85 30.78
CA ASP D 201 13.44 40.18 31.35
C ASP D 201 13.92 40.23 32.79
N TYR D 202 13.82 39.10 33.50
CA TYR D 202 14.32 39.06 34.88
C TYR D 202 15.83 39.24 34.93
N PHE D 203 16.52 38.96 33.83
CA PHE D 203 17.98 39.05 33.79
C PHE D 203 18.48 40.28 33.04
N THR D 204 17.60 41.14 32.57
CA THR D 204 18.05 42.31 31.83
C THR D 204 17.43 43.62 32.31
N ILE D 205 16.25 43.57 32.92
CA ILE D 205 15.60 44.78 33.44
C ILE D 205 16.18 45.15 34.81
N PRO D 206 16.33 44.22 35.75
CA PRO D 206 16.95 44.58 37.05
C PRO D 206 18.37 45.10 36.90
N PRO D 207 19.28 44.37 36.23
CA PRO D 207 20.69 44.82 36.24
C PRO D 207 20.90 46.19 35.64
N SER D 208 20.09 46.58 34.66
CA SER D 208 20.23 47.92 34.08
C SER D 208 19.95 49.00 35.11
N PHE D 209 18.92 48.81 35.94
CA PHE D 209 18.62 49.76 37.00
C PHE D 209 19.73 49.76 38.06
N VAL D 210 20.30 48.59 38.35
CA VAL D 210 21.38 48.49 39.31
C VAL D 210 22.62 49.22 38.80
N SER D 211 22.85 49.20 37.49
CA SER D 211 24.02 49.87 36.92
C SER D 211 24.00 51.37 37.24
N ILE D 212 22.82 51.95 37.41
CA ILE D 212 22.72 53.33 37.86
C ILE D 212 23.23 53.45 39.30
N TYR D 213 22.76 52.56 40.17
CA TYR D 213 23.20 52.57 41.57
C TYR D 213 24.68 52.24 41.67
N LEU D 214 25.10 51.13 41.06
CA LEU D 214 26.47 50.66 41.20
C LEU D 214 27.47 51.51 40.43
N ASP D 215 27.01 52.34 39.49
CA ASP D 215 27.86 53.19 38.67
C ASP D 215 28.87 52.37 37.87
N ARG D 216 28.52 51.12 37.56
CA ARG D 216 29.39 50.19 36.85
C ARG D 216 28.67 49.63 35.63
N THR D 217 29.47 49.09 34.71
CA THR D 217 28.94 48.47 33.50
C THR D 217 29.54 47.08 33.39
N TRP D 218 28.67 46.07 33.38
CA TRP D 218 29.10 44.68 33.26
C TRP D 218 28.26 44.01 32.18
N ILE D 219 28.89 43.14 31.38
CA ILE D 219 28.17 42.44 30.32
C ILE D 219 27.10 41.54 30.93
N GLY D 220 27.47 40.74 31.91
CA GLY D 220 26.51 39.88 32.59
C GLY D 220 25.83 38.91 31.64
N LEU D 221 24.51 38.81 31.77
CA LEU D 221 23.69 37.92 30.96
C LEU D 221 22.96 38.67 29.85
N ARG D 222 23.59 39.69 29.28
CA ARG D 222 22.94 40.59 28.34
C ARG D 222 22.66 39.92 26.99
N PHE D 223 23.30 38.79 26.70
CA PHE D 223 23.08 38.08 25.44
C PHE D 223 21.66 37.52 25.31
N LEU D 224 20.90 37.49 26.40
CA LEU D 224 19.54 36.97 26.37
C LEU D 224 18.61 37.81 25.51
N ARG D 225 19.00 39.03 25.14
CA ARG D 225 18.16 39.82 24.25
C ARG D 225 18.05 39.21 22.86
N ALA D 226 18.95 38.28 22.53
CA ALA D 226 18.84 37.56 21.27
C ALA D 226 17.66 36.60 21.28
N LEU D 227 17.10 36.32 22.45
CA LEU D 227 15.93 35.46 22.53
C LEU D 227 14.65 36.16 22.09
N ARG D 228 14.69 37.50 21.92
CA ARG D 228 13.58 38.18 21.27
C ARG D 228 13.35 37.70 19.85
N LEU D 229 14.41 37.32 19.13
CA LEU D 229 14.29 37.03 17.70
C LEU D 229 13.43 35.82 17.41
N MET D 230 13.13 35.00 18.42
CA MET D 230 12.26 33.85 18.20
C MET D 230 10.79 34.23 18.23
N THR D 231 10.48 35.51 18.46
CA THR D 231 9.11 36.01 18.31
C THR D 231 8.77 36.35 16.87
N VAL D 232 9.77 36.43 15.98
CA VAL D 232 9.51 36.82 14.59
C VAL D 232 8.48 35.93 13.91
N PRO D 233 8.58 34.59 13.97
CA PRO D 233 7.51 33.78 13.36
C PRO D 233 6.19 33.90 14.09
N ASP D 234 6.19 34.39 15.34
CA ASP D 234 4.95 34.54 16.09
C ASP D 234 4.38 35.95 15.93
N ILE D 235 5.22 36.97 16.06
CA ILE D 235 4.76 38.35 15.91
C ILE D 235 4.28 38.61 14.50
N LEU D 236 5.05 38.17 13.50
CA LEU D 236 4.66 38.37 12.12
C LEU D 236 3.44 37.52 11.75
N GLN D 237 3.22 36.42 12.47
CA GLN D 237 2.01 35.62 12.25
C GLN D 237 0.77 36.40 12.65
N TYR D 238 0.85 37.21 13.71
CA TYR D 238 -0.27 38.07 14.08
C TYR D 238 -0.54 39.14 13.03
N LEU D 239 0.46 39.47 12.22
CA LEU D 239 0.32 40.50 11.19
C LEU D 239 -0.15 39.94 9.85
N ASN D 240 -0.47 38.65 9.79
CA ASN D 240 -1.04 37.96 8.62
C ASN D 240 -0.09 37.93 7.42
N VAL D 241 1.21 38.10 7.63
CA VAL D 241 2.14 38.01 6.50
C VAL D 241 2.55 36.57 6.26
N LEU D 242 2.40 35.72 7.28
CA LEU D 242 2.75 34.30 7.17
C LEU D 242 1.46 33.53 6.88
N LYS D 243 1.17 33.34 5.60
CA LYS D 243 -0.06 32.68 5.19
C LYS D 243 0.13 31.18 4.96
N THR D 244 1.02 30.82 4.04
CA THR D 244 1.22 29.41 3.70
C THR D 244 2.01 28.71 4.80
N SER D 245 1.78 27.40 4.92
CA SER D 245 2.43 26.62 5.97
C SER D 245 3.93 26.55 5.77
N SER D 246 4.39 26.53 4.52
CA SER D 246 5.82 26.45 4.25
C SER D 246 6.55 27.68 4.78
N SER D 247 5.97 28.87 4.61
CA SER D 247 6.60 30.09 5.11
C SER D 247 6.68 30.09 6.63
N ILE D 248 5.63 29.64 7.31
CA ILE D 248 5.61 29.65 8.76
C ILE D 248 6.68 28.71 9.32
N ARG D 249 6.79 27.51 8.76
CA ARG D 249 7.74 26.54 9.27
C ARG D 249 9.17 26.99 9.05
N LEU D 250 9.48 27.47 7.85
CA LEU D 250 10.85 27.88 7.56
C LEU D 250 11.24 29.12 8.38
N ALA D 251 10.30 30.03 8.60
CA ALA D 251 10.55 31.17 9.46
C ALA D 251 10.84 30.72 10.90
N GLN D 252 10.11 29.71 11.38
CA GLN D 252 10.36 29.18 12.71
C GLN D 252 11.76 28.57 12.81
N LEU D 253 12.13 27.76 11.82
CA LEU D 253 13.40 27.05 11.87
C LEU D 253 14.58 28.02 11.79
N VAL D 254 14.49 29.01 10.90
CA VAL D 254 15.58 29.96 10.74
C VAL D 254 15.75 30.81 12.00
N SER D 255 14.65 31.27 12.57
CA SER D 255 14.73 32.16 13.73
C SER D 255 15.37 31.47 14.92
N ILE D 256 15.00 30.20 15.17
CA ILE D 256 15.57 29.48 16.30
C ILE D 256 17.06 29.28 16.12
N PHE D 257 17.49 28.93 14.90
CA PHE D 257 18.92 28.71 14.65
C PHE D 257 19.72 29.97 14.86
N ILE D 258 19.21 31.12 14.38
CA ILE D 258 19.93 32.38 14.54
C ILE D 258 20.00 32.76 16.03
N SER D 259 18.88 32.64 16.73
CA SER D 259 18.85 33.03 18.14
C SER D 259 19.75 32.13 18.98
N VAL D 260 19.70 30.82 18.75
CA VAL D 260 20.57 29.90 19.48
C VAL D 260 22.04 30.19 19.17
N TRP D 261 22.34 30.46 17.89
CA TRP D 261 23.71 30.78 17.50
C TRP D 261 24.20 32.05 18.20
N LEU D 262 23.36 33.08 18.23
CA LEU D 262 23.77 34.34 18.83
C LEU D 262 23.79 34.27 20.35
N THR D 263 22.79 33.63 20.96
CA THR D 263 22.73 33.56 22.41
C THR D 263 23.86 32.72 22.99
N ALA D 264 24.08 31.53 22.44
CA ALA D 264 25.12 30.65 22.95
C ALA D 264 26.51 31.23 22.72
N ALA D 265 26.68 32.03 21.66
CA ALA D 265 27.95 32.71 21.45
C ALA D 265 28.22 33.71 22.56
N GLY D 266 27.18 34.40 23.03
CA GLY D 266 27.35 35.33 24.14
C GLY D 266 27.74 34.63 25.43
N ILE D 267 27.22 33.43 25.64
CA ILE D 267 27.56 32.67 26.85
C ILE D 267 29.05 32.35 26.87
N ILE D 268 29.58 31.89 25.73
CA ILE D 268 31.00 31.56 25.65
C ILE D 268 31.84 32.82 25.76
N HIS D 269 31.40 33.91 25.13
CA HIS D 269 32.14 35.16 25.22
C HIS D 269 32.24 35.66 26.65
N LEU D 270 31.14 35.55 27.41
CA LEU D 270 31.18 35.95 28.81
C LEU D 270 32.03 35.00 29.64
N LEU D 271 31.84 33.69 29.44
CA LEU D 271 32.55 32.70 30.25
C LEU D 271 34.05 32.74 30.01
N GLU D 272 34.47 32.81 28.74
CA GLU D 272 35.89 32.77 28.43
C GLU D 272 36.61 34.02 28.91
N ASN D 273 35.99 35.19 28.71
CA ASN D 273 36.63 36.44 29.11
C ASN D 273 36.68 36.60 30.62
N SER D 274 35.62 36.20 31.32
CA SER D 274 35.57 36.38 32.76
C SER D 274 36.58 35.48 33.47
N GLY D 275 36.60 34.20 33.13
CA GLY D 275 37.50 33.26 33.76
C GLY D 275 36.83 32.46 34.86
N ASP D 276 37.67 31.69 35.56
CA ASP D 276 37.18 30.85 36.64
C ASP D 276 36.69 31.69 37.82
N PRO D 277 35.68 31.23 38.55
CA PRO D 277 35.13 32.04 39.64
C PRO D 277 36.10 32.19 40.81
N LEU D 278 35.99 33.34 41.48
CA LEU D 278 36.68 33.64 42.73
C LEU D 278 38.17 33.89 42.55
N ASP D 279 38.70 33.64 41.36
CA ASP D 279 40.07 34.03 41.08
C ASP D 279 40.21 34.86 39.81
N PHE D 280 39.49 34.49 38.74
CA PHE D 280 39.43 35.28 37.52
C PHE D 280 40.83 35.60 36.98
N ASP D 281 41.73 34.62 37.05
CA ASP D 281 43.09 34.81 36.56
C ASP D 281 43.26 34.30 35.14
N ASN D 282 42.73 33.12 34.84
CA ASN D 282 42.81 32.54 33.50
C ASN D 282 41.70 33.13 32.65
N ALA D 283 41.98 34.26 32.01
CA ALA D 283 41.00 34.96 31.19
C ALA D 283 41.42 34.84 29.72
N HIS D 284 40.68 34.02 28.97
CA HIS D 284 40.92 33.85 27.54
C HIS D 284 40.22 34.98 26.81
N ARG D 285 40.96 36.06 26.57
CA ARG D 285 40.40 37.24 25.90
C ARG D 285 40.02 36.86 24.47
N LEU D 286 38.73 36.84 24.18
CA LEU D 286 38.22 36.46 22.87
C LEU D 286 37.18 37.47 22.41
N SER D 287 37.25 37.82 21.13
CA SER D 287 36.25 38.72 20.55
C SER D 287 34.91 38.01 20.43
N TYR D 288 33.84 38.80 20.47
CA TYR D 288 32.50 38.22 20.36
C TYR D 288 32.29 37.56 19.01
N TRP D 289 32.74 38.22 17.93
CA TRP D 289 32.57 37.64 16.61
C TRP D 289 33.47 36.43 16.41
N THR D 290 34.61 36.37 17.11
CA THR D 290 35.42 35.16 17.10
C THR D 290 34.66 34.00 17.72
N CYS D 291 33.92 34.26 18.80
CA CYS D 291 33.07 33.22 19.39
C CYS D 291 31.98 32.80 18.42
N VAL D 292 31.40 33.75 17.70
CA VAL D 292 30.38 33.43 16.71
C VAL D 292 30.96 32.51 15.63
N TYR D 293 32.18 32.81 15.18
CA TYR D 293 32.87 31.93 14.25
C TYR D 293 33.22 30.60 14.91
N PHE D 294 33.41 30.59 16.23
CA PHE D 294 33.77 29.36 16.92
C PHE D 294 32.61 28.37 16.95
N LEU D 295 31.38 28.86 17.18
CA LEU D 295 30.24 27.97 17.26
C LEU D 295 29.87 27.38 15.91
N ILE D 296 29.93 28.18 14.84
CA ILE D 296 29.56 27.67 13.52
C ILE D 296 30.52 26.56 13.09
N VAL D 297 31.79 26.67 13.49
CA VAL D 297 32.72 25.58 13.27
C VAL D 297 32.33 24.38 14.14
N THR D 298 31.88 24.64 15.37
CA THR D 298 31.48 23.57 16.27
C THR D 298 30.21 22.89 15.79
N MET D 299 29.20 23.67 15.39
CA MET D 299 27.94 23.06 14.94
C MET D 299 28.16 22.22 13.68
N SER D 300 28.96 22.71 12.75
CA SER D 300 29.24 21.96 11.53
C SER D 300 30.16 20.77 11.79
N THR D 301 30.59 20.55 13.03
CA THR D 301 31.47 19.46 13.43
C THR D 301 32.79 19.46 12.68
N VAL D 302 33.25 20.64 12.23
CA VAL D 302 34.55 20.73 11.58
C VAL D 302 35.67 20.71 12.62
N GLY D 303 35.57 21.58 13.62
CA GLY D 303 36.52 21.60 14.71
C GLY D 303 37.96 21.84 14.31
N TYR D 304 38.25 23.04 13.82
CA TYR D 304 39.63 23.36 13.43
C TYR D 304 40.57 23.31 14.62
N GLY D 305 40.14 23.85 15.76
CA GLY D 305 40.97 23.89 16.95
C GLY D 305 41.81 25.14 17.09
N ASP D 306 41.80 26.03 16.09
CA ASP D 306 42.51 27.30 16.23
C ASP D 306 41.91 28.13 17.35
N VAL D 307 40.59 28.13 17.47
CA VAL D 307 39.88 28.80 18.55
C VAL D 307 39.17 27.73 19.37
N TYR D 308 39.40 27.73 20.68
CA TYR D 308 38.81 26.74 21.56
C TYR D 308 38.66 27.31 22.96
N CYS D 309 37.77 26.70 23.73
CA CYS D 309 37.52 27.14 25.10
C CYS D 309 38.60 26.58 26.03
N GLU D 310 39.18 27.44 26.87
CA GLU D 310 40.21 27.04 27.81
C GLU D 310 39.76 27.06 29.25
N THR D 311 38.80 27.89 29.61
CA THR D 311 38.32 27.97 30.98
C THR D 311 37.48 26.73 31.31
N VAL D 312 37.44 26.41 32.62
CA VAL D 312 36.65 25.27 33.07
C VAL D 312 35.17 25.51 32.83
N LEU D 313 34.70 26.71 33.15
CA LEU D 313 33.28 27.04 32.94
C LEU D 313 32.92 27.02 31.46
N GLY D 314 33.81 27.55 30.61
CA GLY D 314 33.54 27.55 29.19
C GLY D 314 33.44 26.15 28.61
N ARG D 315 34.32 25.25 29.04
CA ARG D 315 34.24 23.86 28.58
C ARG D 315 32.99 23.18 29.10
N THR D 316 32.59 23.49 30.35
CA THR D 316 31.40 22.86 30.92
C THR D 316 30.15 23.22 30.13
N PHE D 317 30.01 24.50 29.77
CA PHE D 317 28.86 24.91 28.95
C PHE D 317 28.93 24.27 27.56
N LEU D 318 30.14 24.15 27.01
CA LEU D 318 30.31 23.57 25.69
C LEU D 318 29.84 22.12 25.67
N VAL D 319 30.04 21.40 26.78
CA VAL D 319 29.56 20.02 26.87
C VAL D 319 28.03 19.99 26.81
N PHE D 320 27.37 20.88 27.54
CA PHE D 320 25.91 20.95 27.48
C PHE D 320 25.44 21.41 26.11
N PHE D 321 26.16 22.35 25.50
CA PHE D 321 25.76 22.83 24.19
C PHE D 321 25.80 21.72 23.14
N LEU D 322 26.82 20.86 23.21
CA LEU D 322 26.90 19.74 22.29
C LEU D 322 25.73 18.78 22.48
N LEU D 323 25.38 18.47 23.73
CA LEU D 323 24.28 17.56 23.99
C LEU D 323 22.94 18.18 23.64
N VAL D 324 22.73 19.44 24.08
CA VAL D 324 21.46 20.11 23.81
C VAL D 324 21.30 20.37 22.32
N GLY D 325 22.38 20.76 21.64
CA GLY D 325 22.28 21.09 20.23
C GLY D 325 21.83 19.93 19.37
N LEU D 326 22.38 18.73 19.63
CA LEU D 326 21.92 17.55 18.90
C LEU D 326 20.48 17.22 19.24
N ALA D 327 20.09 17.39 20.51
CA ALA D 327 18.69 17.16 20.90
C ALA D 327 17.77 18.14 20.19
N ILE D 328 18.17 19.41 20.09
CA ILE D 328 17.38 20.38 19.32
C ILE D 328 17.35 19.99 17.85
N PHE D 329 18.50 19.57 17.31
CA PHE D 329 18.55 19.12 15.92
C PHE D 329 17.69 17.87 15.71
N ALA D 330 17.71 16.95 16.68
CA ALA D 330 16.94 15.72 16.54
C ALA D 330 15.44 16.00 16.46
N SER D 331 14.95 16.94 17.26
CA SER D 331 13.52 17.25 17.23
C SER D 331 13.11 17.91 15.92
N CYS D 332 14.06 18.49 15.19
CA CYS D 332 13.76 19.18 13.95
C CYS D 332 14.05 18.36 12.70
N ILE D 333 14.57 17.13 12.85
CA ILE D 333 14.86 16.30 11.68
C ILE D 333 13.62 16.00 10.85
N PRO D 334 12.48 15.56 11.44
CA PRO D 334 11.33 15.23 10.58
C PRO D 334 10.80 16.41 9.78
N GLU D 335 11.00 17.64 10.27
CA GLU D 335 10.40 18.79 9.60
C GLU D 335 11.34 19.42 8.58
N ILE D 336 12.66 19.27 8.78
CA ILE D 336 13.59 19.77 7.77
C ILE D 336 13.63 18.84 6.56
N ILE D 337 13.23 17.57 6.74
CA ILE D 337 13.29 16.61 5.65
C ILE D 337 12.25 16.95 4.59
N ASP D 338 11.01 17.23 5.02
CA ASP D 338 9.91 17.43 4.09
C ASP D 338 9.69 18.88 3.68
N LEU D 339 10.51 19.81 4.20
CA LEU D 339 10.36 21.22 3.86
C LEU D 339 11.35 21.68 2.79
N ILE D 340 12.61 21.24 2.87
CA ILE D 340 13.61 21.69 1.92
C ILE D 340 13.53 20.95 0.59
N GLY D 341 12.87 19.80 0.55
CA GLY D 341 12.79 19.02 -0.68
C GLY D 341 11.66 19.42 -1.60
N THR D 342 11.56 20.72 -1.87
CA THR D 342 10.52 21.24 -2.76
C THR D 342 11.15 22.24 -3.73
N ARG D 343 10.54 22.37 -4.90
CA ARG D 343 11.03 23.28 -5.92
C ARG D 343 9.91 23.58 -6.90
N ALA D 344 9.85 24.83 -7.36
CA ALA D 344 8.90 25.29 -8.36
C ALA D 344 9.72 25.77 -9.56
N LYS D 345 9.98 24.87 -10.50
CA LYS D 345 10.89 25.17 -11.61
C LYS D 345 10.21 25.98 -12.71
N TYR D 346 9.00 25.59 -13.10
CA TYR D 346 8.34 26.16 -14.27
C TYR D 346 7.18 27.05 -13.86
N GLY D 347 7.08 28.20 -14.50
CA GLY D 347 6.03 29.15 -14.20
C GLY D 347 6.18 30.39 -15.04
N GLY D 348 5.31 31.35 -14.80
CA GLY D 348 5.32 32.60 -15.52
C GLY D 348 4.40 32.59 -16.73
N THR D 349 4.06 33.80 -17.18
CA THR D 349 3.15 33.95 -18.32
C THR D 349 3.94 34.02 -19.62
N LEU D 350 3.27 33.62 -20.70
CA LEU D 350 3.86 33.64 -22.04
C LEU D 350 3.81 35.06 -22.56
N LYS D 351 4.98 35.69 -22.69
CA LYS D 351 5.10 37.03 -23.24
C LYS D 351 6.15 37.03 -24.35
N ASN D 352 5.73 37.39 -25.56
CA ASN D 352 6.61 37.44 -26.72
C ASN D 352 6.17 38.60 -27.61
N GLU D 353 6.79 38.68 -28.80
CA GLU D 353 6.48 39.75 -29.73
C GLU D 353 5.16 39.49 -30.43
N LYS D 354 4.66 40.52 -31.11
CA LYS D 354 3.45 40.41 -31.91
C LYS D 354 3.80 40.04 -33.35
N GLY D 355 2.85 39.40 -34.03
CA GLY D 355 2.99 39.05 -35.43
C GLY D 355 3.05 37.56 -35.68
N ARG D 356 3.78 36.81 -34.86
CA ARG D 356 3.90 35.37 -35.01
C ARG D 356 2.70 34.67 -34.38
N ARG D 357 2.55 33.39 -34.72
CA ARG D 357 1.42 32.60 -34.29
C ARG D 357 1.91 31.35 -33.56
N HIS D 358 1.10 30.89 -32.60
CA HIS D 358 1.46 29.77 -31.75
C HIS D 358 0.23 28.93 -31.46
N ILE D 359 0.48 27.70 -31.00
CA ILE D 359 -0.57 26.75 -30.63
C ILE D 359 -0.27 26.21 -29.25
N VAL D 360 -1.30 25.69 -28.58
CA VAL D 360 -1.17 25.13 -27.24
C VAL D 360 -1.47 23.64 -27.29
N VAL D 361 -0.60 22.84 -26.70
CA VAL D 361 -0.75 21.39 -26.65
C VAL D 361 -0.88 20.97 -25.20
N CYS D 362 -1.92 20.18 -24.91
CA CYS D 362 -2.19 19.72 -23.56
C CYS D 362 -2.62 18.26 -23.61
N GLY D 363 -2.99 17.73 -22.45
CA GLY D 363 -3.44 16.35 -22.35
C GLY D 363 -2.38 15.40 -21.85
N HIS D 364 -2.03 14.40 -22.66
CA HIS D 364 -1.03 13.40 -22.32
C HIS D 364 0.31 13.89 -22.83
N ILE D 365 1.15 14.39 -21.91
CA ILE D 365 2.44 14.95 -22.25
C ILE D 365 3.51 14.07 -21.61
N THR D 366 4.12 13.20 -22.42
CA THR D 366 5.24 12.37 -21.97
C THR D 366 6.43 12.59 -22.90
N TYR D 367 7.51 11.83 -22.70
CA TYR D 367 8.69 11.97 -23.54
C TYR D 367 8.39 11.55 -24.98
N GLU D 368 7.81 10.37 -25.15
CA GLU D 368 7.49 9.87 -26.48
C GLU D 368 6.26 10.54 -27.09
N SER D 369 5.39 11.12 -26.27
CA SER D 369 4.24 11.86 -26.81
C SER D 369 4.69 13.16 -27.46
N VAL D 370 5.70 13.81 -26.89
CA VAL D 370 6.17 15.09 -27.42
C VAL D 370 7.14 14.86 -28.58
N SER D 371 8.06 13.89 -28.43
CA SER D 371 9.04 13.64 -29.49
C SER D 371 8.38 13.16 -30.77
N HIS D 372 7.39 12.27 -30.67
CA HIS D 372 6.66 11.84 -31.85
C HIS D 372 5.88 12.99 -32.47
N PHE D 373 5.26 13.83 -31.63
CA PHE D 373 4.52 14.98 -32.13
C PHE D 373 5.45 15.99 -32.80
N LEU D 374 6.60 16.26 -32.19
CA LEU D 374 7.49 17.30 -32.72
C LEU D 374 8.15 16.85 -34.02
N LYS D 375 8.45 15.56 -34.14
CA LYS D 375 9.06 15.06 -35.38
C LYS D 375 8.14 15.26 -36.57
N ASP D 376 6.84 14.98 -36.39
CA ASP D 376 5.90 15.16 -37.49
C ASP D 376 5.55 16.63 -37.69
N PHE D 377 5.47 17.39 -36.60
CA PHE D 377 5.11 18.81 -36.71
C PHE D 377 6.22 19.60 -37.41
N LEU D 378 7.47 19.39 -36.98
CA LEU D 378 8.62 20.09 -37.56
C LEU D 378 9.35 19.12 -38.48
N HIS D 379 8.91 19.08 -39.73
CA HIS D 379 9.48 18.19 -40.73
C HIS D 379 9.89 18.98 -41.97
N GLU D 380 10.88 18.45 -42.67
CA GLU D 380 11.40 19.12 -43.86
C GLU D 380 10.36 19.16 -44.97
N ASP D 381 9.60 18.07 -45.14
CA ASP D 381 8.62 18.00 -46.22
C ASP D 381 7.49 18.99 -46.02
N ARG D 382 7.16 19.32 -44.77
CA ARG D 382 6.10 20.27 -44.49
C ARG D 382 6.50 21.67 -44.96
N GLU D 383 5.51 22.42 -45.42
CA GLU D 383 5.75 23.80 -45.84
C GLU D 383 6.27 24.62 -44.65
N ASP D 384 7.30 25.42 -44.91
CA ASP D 384 7.97 26.17 -43.85
C ASP D 384 7.09 27.32 -43.38
N VAL D 385 6.48 27.14 -42.21
CA VAL D 385 5.69 28.19 -41.56
C VAL D 385 6.12 28.28 -40.10
N ASP D 386 6.31 29.51 -39.63
CA ASP D 386 6.82 29.74 -38.27
C ASP D 386 5.64 29.68 -37.30
N VAL D 387 5.45 28.51 -36.68
CA VAL D 387 4.42 28.31 -35.67
C VAL D 387 5.10 27.80 -34.41
N GLU D 388 4.83 28.44 -33.28
CA GLU D 388 5.40 28.06 -31.99
C GLU D 388 4.51 27.06 -31.30
N VAL D 389 5.13 26.09 -30.62
CA VAL D 389 4.42 25.03 -29.91
C VAL D 389 4.59 25.27 -28.41
N VAL D 390 3.47 25.34 -27.69
CA VAL D 390 3.45 25.59 -26.26
C VAL D 390 2.81 24.38 -25.58
N PHE D 391 3.51 23.82 -24.60
CA PHE D 391 3.03 22.67 -23.85
C PHE D 391 2.62 23.10 -22.45
N LEU D 392 1.52 22.53 -21.95
CA LEU D 392 0.98 22.86 -20.64
C LEU D 392 0.55 21.57 -19.94
N HIS D 393 1.35 21.13 -18.97
CA HIS D 393 1.06 19.94 -18.21
C HIS D 393 1.26 20.21 -16.73
N ARG D 394 0.46 19.55 -15.90
CA ARG D 394 0.48 19.78 -14.46
C ARG D 394 1.64 19.09 -13.76
N LYS D 395 2.39 18.25 -14.45
CA LYS D 395 3.52 17.54 -13.85
C LYS D 395 4.83 18.12 -14.34
N PRO D 396 5.86 18.16 -13.49
CA PRO D 396 7.17 18.64 -13.93
C PRO D 396 7.84 17.62 -14.84
N PRO D 397 8.39 18.07 -15.97
CA PRO D 397 9.04 17.13 -16.89
C PRO D 397 10.30 16.53 -16.28
N ASP D 398 10.61 15.31 -16.69
CA ASP D 398 11.81 14.63 -16.22
C ASP D 398 13.04 15.16 -16.96
N LEU D 399 14.19 14.55 -16.68
CA LEU D 399 15.44 15.02 -17.25
C LEU D 399 15.45 14.89 -18.78
N GLU D 400 14.96 13.77 -19.29
CA GLU D 400 14.98 13.54 -20.73
C GLU D 400 14.06 14.52 -21.47
N LEU D 401 12.88 14.81 -20.90
CA LEU D 401 11.97 15.74 -21.56
C LEU D 401 12.53 17.15 -21.57
N GLU D 402 13.20 17.56 -20.48
CA GLU D 402 13.79 18.90 -20.44
C GLU D 402 14.87 19.06 -21.49
N GLY D 403 15.67 18.03 -21.72
CA GLY D 403 16.67 18.10 -22.77
C GLY D 403 16.05 18.22 -24.15
N LEU D 404 14.92 17.57 -24.37
CA LEU D 404 14.21 17.71 -25.64
C LEU D 404 13.73 19.13 -25.85
N PHE D 405 13.23 19.78 -24.79
CA PHE D 405 12.80 21.17 -24.91
C PHE D 405 13.97 22.08 -25.22
N LYS D 406 15.14 21.80 -24.64
CA LYS D 406 16.32 22.62 -24.91
C LYS D 406 16.72 22.55 -26.38
N ARG D 407 16.65 21.36 -26.97
CA ARG D 407 16.99 21.21 -28.38
C ARG D 407 16.00 21.93 -29.30
N HIS D 408 14.83 22.30 -28.79
CA HIS D 408 13.84 23.08 -29.51
C HIS D 408 13.53 24.37 -28.77
N PHE D 409 14.58 25.05 -28.30
CA PHE D 409 14.40 26.24 -27.47
C PHE D 409 13.72 27.37 -28.24
N THR D 410 14.09 27.54 -29.51
CA THR D 410 13.55 28.63 -30.32
C THR D 410 12.17 28.32 -30.89
N THR D 411 11.66 27.10 -30.69
CA THR D 411 10.36 26.73 -31.24
C THR D 411 9.40 26.15 -30.21
N VAL D 412 9.90 25.52 -29.15
CA VAL D 412 9.04 24.82 -28.19
C VAL D 412 9.29 25.39 -26.80
N GLU D 413 8.21 25.70 -26.09
CA GLU D 413 8.27 26.18 -24.72
C GLU D 413 7.29 25.38 -23.87
N PHE D 414 7.62 25.25 -22.58
CA PHE D 414 6.83 24.46 -21.64
C PHE D 414 6.43 25.33 -20.45
N PHE D 415 5.21 25.10 -19.97
CA PHE D 415 4.70 25.74 -18.76
C PHE D 415 4.02 24.72 -17.88
N GLN D 416 4.08 24.95 -16.58
CA GLN D 416 3.46 24.05 -15.61
C GLN D 416 2.10 24.58 -15.20
N GLY D 417 1.06 23.79 -15.41
CA GLY D 417 -0.29 24.20 -15.09
C GLY D 417 -1.29 23.21 -15.63
N THR D 418 -2.57 23.55 -15.47
CA THR D 418 -3.65 22.71 -15.93
C THR D 418 -4.64 23.52 -16.75
N ILE D 419 -5.29 22.85 -17.70
CA ILE D 419 -6.29 23.49 -18.54
C ILE D 419 -7.50 23.95 -17.74
N MET D 420 -7.90 23.16 -16.74
CA MET D 420 -9.09 23.45 -15.95
C MET D 420 -8.97 24.73 -15.13
N ASN D 421 -7.76 25.25 -14.94
CA ASN D 421 -7.57 26.48 -14.19
C ASN D 421 -7.59 27.67 -15.15
N PRO D 422 -8.53 28.60 -15.00
CA PRO D 422 -8.54 29.76 -15.90
C PRO D 422 -7.29 30.63 -15.78
N ILE D 423 -6.63 30.61 -14.62
CA ILE D 423 -5.40 31.39 -14.45
C ILE D 423 -4.30 30.87 -15.37
N ASP D 424 -4.16 29.55 -15.45
CA ASP D 424 -3.15 28.96 -16.33
C ASP D 424 -3.47 29.17 -17.80
N LEU D 425 -4.76 29.25 -18.14
CA LEU D 425 -5.15 29.51 -19.52
C LEU D 425 -4.69 30.88 -19.99
N GLN D 426 -4.78 31.88 -19.11
CA GLN D 426 -4.32 33.22 -19.46
C GLN D 426 -2.80 33.29 -19.56
N ARG D 427 -2.09 32.45 -18.80
CA ARG D 427 -0.63 32.48 -18.82
C ARG D 427 -0.09 32.07 -20.18
N VAL D 428 -0.68 31.06 -20.81
CA VAL D 428 -0.18 30.52 -22.07
C VAL D 428 -0.87 31.21 -23.23
N LYS D 429 -1.70 32.21 -22.94
CA LYS D 429 -2.37 33.02 -23.95
C LYS D 429 -3.22 32.16 -24.89
N VAL D 430 -4.22 31.53 -24.30
CA VAL D 430 -5.12 30.67 -25.08
C VAL D 430 -5.94 31.50 -26.05
N HIS D 431 -6.36 32.69 -25.64
CA HIS D 431 -7.25 33.50 -26.46
C HIS D 431 -6.59 33.99 -27.74
N GLU D 432 -5.26 33.95 -27.82
CA GLU D 432 -4.54 34.36 -29.02
C GLU D 432 -3.94 33.21 -29.81
N ALA D 433 -4.01 31.98 -29.31
CA ALA D 433 -3.45 30.85 -30.01
C ALA D 433 -4.30 30.47 -31.22
N ASP D 434 -3.67 29.86 -32.21
CA ASP D 434 -4.40 29.38 -33.38
C ASP D 434 -5.36 28.26 -33.01
N ALA D 435 -4.86 27.25 -32.32
CA ALA D 435 -5.66 26.10 -31.95
C ALA D 435 -5.08 25.49 -30.68
N CYS D 436 -5.92 24.72 -29.98
CA CYS D 436 -5.50 23.99 -28.79
C CYS D 436 -5.63 22.50 -29.09
N LEU D 437 -4.53 21.77 -28.93
CA LEU D 437 -4.48 20.35 -29.23
C LEU D 437 -4.50 19.55 -27.93
N VAL D 438 -5.44 18.63 -27.82
CA VAL D 438 -5.60 17.79 -26.64
C VAL D 438 -5.15 16.38 -27.03
N LEU D 439 -4.08 15.90 -26.40
CA LEU D 439 -3.57 14.57 -26.66
C LEU D 439 -4.15 13.58 -25.67
N ALA D 440 -4.53 12.41 -26.16
CA ALA D 440 -5.15 11.38 -25.35
C ALA D 440 -4.14 10.28 -25.02
N ASN D 441 -4.35 9.65 -23.86
CA ASN D 441 -3.54 8.50 -23.45
C ASN D 441 -4.14 7.25 -24.09
N LYS D 442 -3.54 6.83 -25.20
CA LYS D 442 -4.07 5.67 -25.93
C LYS D 442 -4.00 4.40 -25.10
N TYR D 443 -2.91 4.22 -24.35
CA TYR D 443 -2.73 3.01 -23.53
C TYR D 443 -3.21 3.26 -22.11
N CYS D 444 -4.53 3.42 -21.99
CA CYS D 444 -5.18 3.69 -20.70
C CYS D 444 -6.02 2.49 -20.30
N GLN D 445 -6.04 2.21 -18.99
CA GLN D 445 -6.81 1.08 -18.48
C GLN D 445 -8.30 1.29 -18.72
N ASP D 446 -8.80 2.50 -18.50
CA ASP D 446 -10.22 2.82 -18.67
C ASP D 446 -10.36 3.88 -19.76
N PRO D 447 -10.73 3.49 -20.99
CA PRO D 447 -10.97 4.51 -22.02
C PRO D 447 -12.08 5.48 -21.68
N ASP D 448 -13.11 5.03 -20.95
CA ASP D 448 -14.18 5.93 -20.55
C ASP D 448 -13.66 7.05 -19.66
N ALA D 449 -12.79 6.72 -18.70
CA ALA D 449 -12.23 7.75 -17.82
C ALA D 449 -11.36 8.73 -18.60
N GLU D 450 -10.55 8.22 -19.53
CA GLU D 450 -9.69 9.09 -20.32
C GLU D 450 -10.50 10.04 -21.19
N ASP D 451 -11.57 9.53 -21.83
CA ASP D 451 -12.39 10.37 -22.68
C ASP D 451 -13.10 11.45 -21.89
N ALA D 452 -13.59 11.11 -20.69
CA ALA D 452 -14.31 12.09 -19.88
C ALA D 452 -13.39 13.24 -19.47
N ALA D 453 -12.15 12.92 -19.10
CA ALA D 453 -11.21 13.97 -18.72
C ALA D 453 -10.88 14.87 -19.90
N ASN D 454 -10.71 14.29 -21.09
CA ASN D 454 -10.39 15.08 -22.27
C ASN D 454 -11.55 15.98 -22.68
N ILE D 455 -12.78 15.49 -22.54
CA ILE D 455 -13.95 16.29 -22.88
C ILE D 455 -14.05 17.49 -21.95
N MET D 456 -13.76 17.29 -20.66
CA MET D 456 -13.82 18.40 -19.70
C MET D 456 -12.79 19.47 -20.02
N ARG D 457 -11.65 19.08 -20.61
CA ARG D 457 -10.66 20.07 -21.02
C ARG D 457 -11.21 20.97 -22.12
N VAL D 458 -11.95 20.40 -23.07
CA VAL D 458 -12.54 21.19 -24.14
C VAL D 458 -13.56 22.16 -23.57
N ILE D 459 -14.34 21.72 -22.58
CA ILE D 459 -15.30 22.61 -21.93
C ILE D 459 -14.60 23.77 -21.26
N SER D 460 -13.48 23.49 -20.57
CA SER D 460 -12.73 24.56 -19.93
C SER D 460 -12.14 25.52 -20.96
N ILE D 461 -11.62 24.98 -22.07
CA ILE D 461 -11.05 25.84 -23.11
C ILE D 461 -12.14 26.70 -23.74
N LYS D 462 -13.30 26.10 -24.04
CA LYS D 462 -14.38 26.86 -24.64
C LYS D 462 -14.99 27.85 -23.64
N ASN D 463 -14.95 27.53 -22.35
CA ASN D 463 -15.44 28.47 -21.35
C ASN D 463 -14.60 29.74 -21.33
N TYR D 464 -13.28 29.60 -21.43
CA TYR D 464 -12.41 30.78 -21.46
C TYR D 464 -12.65 31.62 -22.71
N SER D 465 -12.80 30.96 -23.86
CA SER D 465 -13.04 31.66 -25.12
C SER D 465 -13.85 30.76 -26.04
N ASP D 466 -14.99 31.27 -26.51
CA ASP D 466 -15.85 30.48 -27.39
C ASP D 466 -15.29 30.36 -28.80
N ASP D 467 -14.50 31.32 -29.26
CA ASP D 467 -13.93 31.33 -30.60
C ASP D 467 -12.47 30.84 -30.55
N ILE D 468 -12.32 29.52 -30.45
CA ILE D 468 -10.98 28.92 -30.45
C ILE D 468 -11.06 27.55 -31.11
N ARG D 469 -10.07 27.24 -31.94
CA ARG D 469 -10.02 25.93 -32.61
C ARG D 469 -9.52 24.88 -31.63
N VAL D 470 -10.22 23.75 -31.56
CA VAL D 470 -9.87 22.65 -30.67
C VAL D 470 -9.80 21.36 -31.47
N ILE D 471 -8.68 20.65 -31.35
CA ILE D 471 -8.50 19.33 -31.94
C ILE D 471 -8.22 18.36 -30.81
N ILE D 472 -9.03 17.29 -30.72
CA ILE D 472 -9.00 16.39 -29.58
C ILE D 472 -9.05 14.95 -30.08
N GLN D 473 -8.30 14.08 -29.39
CA GLN D 473 -8.34 12.64 -29.63
C GLN D 473 -9.38 12.02 -28.71
N LEU D 474 -10.27 11.21 -29.28
CA LEU D 474 -11.28 10.50 -28.51
C LEU D 474 -11.09 8.99 -28.68
N MET D 475 -11.10 8.27 -27.56
CA MET D 475 -10.88 6.84 -27.57
C MET D 475 -12.08 6.04 -28.06
N GLN D 476 -13.30 6.55 -27.84
CA GLN D 476 -14.51 5.82 -28.20
C GLN D 476 -15.46 6.75 -28.95
N TYR D 477 -16.24 6.15 -29.86
CA TYR D 477 -17.08 6.95 -30.74
C TYR D 477 -18.32 7.47 -30.04
N HIS D 478 -18.87 6.71 -29.09
CA HIS D 478 -20.09 7.13 -28.42
C HIS D 478 -19.88 8.37 -27.57
N ASN D 479 -18.64 8.70 -27.22
CA ASN D 479 -18.34 9.92 -26.49
C ASN D 479 -18.27 11.14 -27.40
N LYS D 480 -18.30 10.95 -28.72
CA LYS D 480 -18.29 12.08 -29.64
C LYS D 480 -19.60 12.86 -29.55
N ALA D 481 -20.68 12.22 -29.13
CA ALA D 481 -21.97 12.90 -29.03
C ALA D 481 -21.94 14.01 -27.98
N TYR D 482 -21.20 13.79 -26.88
CA TYR D 482 -21.12 14.82 -25.84
C TYR D 482 -20.46 16.08 -26.36
N LEU D 483 -19.40 15.94 -27.16
CA LEU D 483 -18.72 17.12 -27.70
C LEU D 483 -19.62 17.88 -28.68
N LEU D 484 -20.40 17.15 -29.48
CA LEU D 484 -21.28 17.80 -30.44
C LEU D 484 -22.39 18.57 -29.76
N ASN D 485 -22.75 18.19 -28.53
CA ASN D 485 -23.80 18.87 -27.79
C ASN D 485 -23.32 20.16 -27.12
N ILE D 486 -22.01 20.44 -27.17
CA ILE D 486 -21.52 21.69 -26.60
C ILE D 486 -22.01 22.86 -27.45
N PRO D 487 -22.62 23.89 -26.86
CA PRO D 487 -23.13 25.01 -27.67
C PRO D 487 -22.05 25.74 -28.46
N SER D 488 -20.83 25.83 -27.92
CA SER D 488 -19.76 26.56 -28.59
C SER D 488 -18.99 25.71 -29.59
N TRP D 489 -19.23 24.41 -29.64
CA TRP D 489 -18.56 23.55 -30.61
C TRP D 489 -19.11 23.81 -32.01
N ASP D 490 -18.21 23.96 -32.98
CA ASP D 490 -18.61 24.25 -34.35
C ASP D 490 -17.56 23.66 -35.29
N TRP D 491 -17.93 22.60 -35.99
CA TRP D 491 -17.01 21.99 -36.95
C TRP D 491 -16.71 22.91 -38.12
N LYS D 492 -17.67 23.77 -38.49
CA LYS D 492 -17.48 24.68 -39.60
C LYS D 492 -16.40 25.71 -39.34
N GLN D 493 -16.07 25.96 -38.07
CA GLN D 493 -15.06 26.95 -37.70
C GLN D 493 -13.69 26.35 -37.41
N GLY D 494 -13.51 25.06 -37.70
CA GLY D 494 -12.23 24.41 -37.52
C GLY D 494 -12.17 23.36 -36.43
N ASP D 495 -13.20 23.25 -35.58
CA ASP D 495 -13.18 22.25 -34.53
C ASP D 495 -13.26 20.85 -35.14
N ASP D 496 -12.36 19.98 -34.69
CA ASP D 496 -12.26 18.64 -35.25
C ASP D 496 -12.15 17.61 -34.13
N VAL D 497 -12.74 16.45 -34.36
CA VAL D 497 -12.63 15.31 -33.46
C VAL D 497 -11.98 14.16 -34.22
N ILE D 498 -10.85 13.66 -33.70
CA ILE D 498 -10.19 12.51 -34.29
C ILE D 498 -10.40 11.31 -33.38
N CYS D 499 -11.38 10.48 -33.74
CA CYS D 499 -11.72 9.31 -32.92
C CYS D 499 -10.85 8.14 -33.37
N LEU D 500 -10.02 7.64 -32.45
CA LEU D 500 -9.12 6.55 -32.78
C LEU D 500 -9.90 5.27 -33.08
N ALA D 501 -10.96 5.00 -32.31
CA ALA D 501 -11.74 3.79 -32.52
C ALA D 501 -12.40 3.79 -33.89
N GLU D 502 -12.97 4.94 -34.30
CA GLU D 502 -13.59 5.02 -35.61
C GLU D 502 -12.55 4.86 -36.73
N LEU D 503 -11.39 5.49 -36.57
CA LEU D 503 -10.38 5.46 -37.62
C LEU D 503 -9.68 4.10 -37.68
N LYS D 504 -9.41 3.50 -36.51
CA LYS D 504 -8.71 2.22 -36.49
C LYS D 504 -9.54 1.14 -37.16
N LEU D 505 -10.81 1.00 -36.76
CA LEU D 505 -11.66 -0.03 -37.35
C LEU D 505 -12.07 0.34 -38.77
N GLY D 506 -12.07 1.63 -39.11
CA GLY D 506 -12.30 2.02 -40.49
C GLY D 506 -11.18 1.58 -41.41
N PHE D 507 -9.94 1.63 -40.91
CA PHE D 507 -8.81 1.11 -41.68
C PHE D 507 -8.93 -0.40 -41.87
N ILE D 508 -9.35 -1.11 -40.83
CA ILE D 508 -9.49 -2.56 -40.91
C ILE D 508 -10.59 -2.93 -41.90
N ALA D 509 -11.72 -2.21 -41.85
CA ALA D 509 -12.83 -2.52 -42.73
C ALA D 509 -12.46 -2.34 -44.21
N GLN D 510 -11.71 -1.27 -44.51
CA GLN D 510 -11.29 -1.06 -45.90
C GLN D 510 -10.30 -2.13 -46.34
N SER D 511 -9.55 -2.70 -45.40
CA SER D 511 -8.63 -3.79 -45.75
C SER D 511 -9.37 -5.04 -46.19
N CYS D 512 -10.59 -5.25 -45.69
CA CYS D 512 -11.39 -6.37 -46.14
C CYS D 512 -11.73 -6.26 -47.61
N LEU D 513 -12.07 -5.07 -48.07
CA LEU D 513 -12.38 -4.85 -49.48
C LEU D 513 -11.12 -4.86 -50.34
N ALA D 514 -9.98 -4.48 -49.77
CA ALA D 514 -8.72 -4.46 -50.51
C ALA D 514 -7.59 -4.72 -49.51
N PRO D 515 -7.03 -5.93 -49.50
CA PRO D 515 -5.96 -6.23 -48.54
C PRO D 515 -4.76 -5.31 -48.73
N GLY D 516 -4.13 -4.96 -47.60
CA GLY D 516 -3.01 -4.05 -47.61
C GLY D 516 -3.35 -2.59 -47.72
N PHE D 517 -4.65 -2.24 -47.68
CA PHE D 517 -5.04 -0.84 -47.83
C PHE D 517 -4.71 -0.03 -46.58
N SER D 518 -4.75 -0.68 -45.42
CA SER D 518 -4.46 0.04 -44.16
C SER D 518 -3.02 0.52 -44.12
N THR D 519 -2.08 -0.28 -44.61
CA THR D 519 -0.69 0.13 -44.65
C THR D 519 -0.49 1.35 -45.54
N MET D 520 -1.12 1.35 -46.71
CA MET D 520 -0.98 2.47 -47.64
C MET D 520 -1.56 3.75 -47.04
N MET D 521 -2.74 3.65 -46.42
CA MET D 521 -3.34 4.82 -45.79
C MET D 521 -2.50 5.33 -44.62
N ALA D 522 -1.96 4.42 -43.81
CA ALA D 522 -1.18 4.84 -42.65
C ALA D 522 0.09 5.58 -43.06
N ASN D 523 0.75 5.10 -44.12
CA ASN D 523 2.00 5.73 -44.55
C ASN D 523 1.78 7.05 -45.28
N LEU D 524 0.57 7.30 -45.78
CA LEU D 524 0.32 8.52 -46.55
C LEU D 524 0.20 9.75 -45.68
N PHE D 525 0.03 9.58 -44.37
CA PHE D 525 -0.16 10.71 -43.45
C PHE D 525 0.89 10.72 -42.35
N ALA D 526 2.08 10.19 -42.64
CA ALA D 526 3.22 10.27 -41.75
C ALA D 526 4.38 10.89 -42.51
N MET D 527 4.92 11.97 -41.98
CA MET D 527 6.00 12.67 -42.67
C MET D 527 7.27 11.81 -42.67
N ARG D 528 7.66 11.35 -43.86
CA ARG D 528 8.81 10.47 -44.00
C ARG D 528 9.70 10.97 -45.12
N SER D 529 10.99 11.08 -44.85
CA SER D 529 11.98 11.43 -45.87
C SER D 529 12.62 10.15 -46.40
N PHE D 530 12.59 9.97 -47.72
CA PHE D 530 13.04 8.75 -48.36
C PHE D 530 14.45 8.95 -48.90
N LYS D 531 15.38 8.10 -48.46
CA LYS D 531 16.75 8.09 -48.96
C LYS D 531 17.04 6.71 -49.53
N THR D 532 17.48 6.66 -50.78
CA THR D 532 17.76 5.38 -51.43
C THR D 532 19.00 4.73 -50.83
N SER D 533 18.97 3.40 -50.73
CA SER D 533 20.07 2.62 -50.20
C SER D 533 20.26 1.39 -51.07
N PRO D 534 21.48 1.15 -51.57
CA PRO D 534 21.69 -0.03 -52.44
C PRO D 534 21.94 -1.31 -51.69
N ASP D 535 22.39 -1.21 -50.44
CA ASP D 535 22.78 -2.39 -49.65
C ASP D 535 21.56 -2.93 -48.89
N MET D 536 20.53 -3.25 -49.65
CA MET D 536 19.29 -3.81 -49.12
C MET D 536 18.46 -4.34 -50.28
N GLN D 537 17.44 -5.12 -49.94
CA GLN D 537 16.66 -5.83 -50.95
C GLN D 537 15.90 -4.87 -51.84
N SER D 538 15.64 -5.31 -53.08
CA SER D 538 14.92 -4.47 -54.03
C SER D 538 13.50 -4.19 -53.55
N TRP D 539 12.83 -5.19 -52.99
CA TRP D 539 11.48 -4.97 -52.48
C TRP D 539 11.49 -3.99 -51.30
N THR D 540 12.53 -4.03 -50.48
CA THR D 540 12.66 -3.07 -49.40
C THR D 540 12.83 -1.64 -49.94
N ASN D 541 13.64 -1.49 -50.99
CA ASN D 541 13.83 -0.18 -51.59
C ASN D 541 12.54 0.33 -52.22
N ASP D 542 11.82 -0.56 -52.91
CA ASP D 542 10.55 -0.17 -53.52
C ASP D 542 9.52 0.22 -52.48
N TYR D 543 9.46 -0.52 -51.37
CA TYR D 543 8.53 -0.20 -50.30
C TYR D 543 8.87 1.14 -49.65
N LEU D 544 10.16 1.40 -49.42
CA LEU D 544 10.57 2.63 -48.77
C LEU D 544 10.28 3.84 -49.63
N ARG D 545 10.30 3.68 -50.95
CA ARG D 545 9.93 4.79 -51.83
C ARG D 545 8.48 5.18 -51.64
N GLY D 546 7.60 4.19 -51.45
CA GLY D 546 6.19 4.50 -51.22
C GLY D 546 5.95 5.19 -49.90
N THR D 547 6.71 4.83 -48.87
CA THR D 547 6.54 5.44 -47.55
C THR D 547 6.90 6.93 -47.58
N GLY D 548 7.74 7.35 -48.53
CA GLY D 548 8.07 8.75 -48.66
C GLY D 548 6.94 9.60 -49.19
N MET D 549 5.96 8.99 -49.85
CA MET D 549 4.81 9.73 -50.34
C MET D 549 3.94 10.20 -49.18
N GLU D 550 3.54 11.47 -49.23
CA GLU D 550 2.63 12.04 -48.25
C GLU D 550 1.46 12.69 -48.97
N MET D 551 0.65 13.42 -48.21
CA MET D 551 -0.61 13.97 -48.70
C MET D 551 -0.52 15.49 -48.65
N TYR D 552 -0.79 16.15 -49.78
CA TYR D 552 -0.65 17.58 -49.89
C TYR D 552 -1.82 18.19 -50.66
N THR D 553 -2.10 19.46 -50.37
CA THR D 553 -3.17 20.20 -51.01
C THR D 553 -2.61 21.41 -51.74
N GLU D 554 -3.01 21.60 -52.99
CA GLU D 554 -2.54 22.71 -53.80
C GLU D 554 -3.68 23.21 -54.68
N THR D 555 -3.60 24.49 -55.02
CA THR D 555 -4.58 25.13 -55.91
C THR D 555 -4.19 24.85 -57.36
N LEU D 556 -5.16 24.37 -58.15
CA LEU D 556 -4.89 24.03 -59.53
C LEU D 556 -4.58 25.29 -60.35
N SER D 557 -3.74 25.12 -61.36
CA SER D 557 -3.39 26.23 -62.24
C SER D 557 -4.59 26.65 -63.06
N PRO D 558 -4.66 27.93 -63.46
CA PRO D 558 -5.76 28.37 -64.33
C PRO D 558 -5.80 27.66 -65.68
N THR D 559 -4.70 27.03 -66.09
CA THR D 559 -4.72 26.22 -67.31
C THR D 559 -5.68 25.05 -67.21
N PHE D 560 -5.91 24.53 -66.01
CA PHE D 560 -6.80 23.39 -65.81
C PHE D 560 -8.28 23.75 -65.86
N ILE D 561 -8.61 25.04 -65.92
CA ILE D 561 -10.01 25.45 -65.90
C ILE D 561 -10.69 25.00 -67.18
N GLY D 562 -11.84 24.33 -67.03
CA GLY D 562 -12.62 23.91 -68.17
C GLY D 562 -12.58 22.42 -68.47
N ILE D 563 -11.40 21.84 -68.37
CA ILE D 563 -11.22 20.41 -68.68
C ILE D 563 -11.82 19.58 -67.56
N PRO D 564 -12.30 18.37 -67.83
CA PRO D 564 -12.85 17.53 -66.77
C PRO D 564 -11.75 16.99 -65.87
N PHE D 565 -12.18 16.34 -64.79
CA PHE D 565 -11.22 15.79 -63.82
C PHE D 565 -10.36 14.69 -64.46
N ALA D 566 -10.97 13.84 -65.28
CA ALA D 566 -10.24 12.71 -65.85
C ALA D 566 -9.07 13.19 -66.71
N GLN D 567 -9.30 14.22 -67.52
CA GLN D 567 -8.21 14.80 -68.30
C GLN D 567 -7.22 15.54 -67.40
N ALA D 568 -7.70 16.11 -66.31
CA ALA D 568 -6.83 16.87 -65.41
C ALA D 568 -5.84 15.96 -64.68
N THR D 569 -6.35 14.88 -64.09
CA THR D 569 -5.48 14.00 -63.32
C THR D 569 -4.51 13.24 -64.23
N GLU D 570 -4.93 12.93 -65.45
CA GLU D 570 -4.03 12.28 -66.39
C GLU D 570 -2.87 13.21 -66.78
N LEU D 571 -3.17 14.49 -66.97
CA LEU D 571 -2.13 15.45 -67.33
C LEU D 571 -1.12 15.61 -66.19
N CYS D 572 -1.60 15.67 -64.96
CA CYS D 572 -0.69 15.82 -63.82
C CYS D 572 0.22 14.61 -63.66
N PHE D 573 -0.32 13.41 -63.88
CA PHE D 573 0.49 12.20 -63.76
C PHE D 573 1.60 12.16 -64.80
N SER D 574 1.29 12.55 -66.04
CA SER D 574 2.26 12.47 -67.12
C SER D 574 3.20 13.68 -67.11
N LYS D 575 2.64 14.88 -67.29
CA LYS D 575 3.48 16.06 -67.43
C LYS D 575 4.10 16.47 -66.09
N LEU D 576 3.30 16.49 -65.03
CA LEU D 576 3.75 17.01 -63.74
C LEU D 576 4.25 15.92 -62.80
N LYS D 577 4.09 14.64 -63.16
CA LYS D 577 4.50 13.52 -62.32
C LYS D 577 3.88 13.61 -60.92
N LEU D 578 2.61 14.00 -60.87
CA LEU D 578 1.88 14.12 -59.61
C LEU D 578 0.54 13.39 -59.73
N LEU D 579 0.11 12.79 -58.62
CA LEU D 579 -1.13 12.03 -58.58
C LEU D 579 -2.22 12.90 -57.96
N LEU D 580 -3.26 13.20 -58.73
CA LEU D 580 -4.40 13.97 -58.29
C LEU D 580 -5.58 13.03 -58.12
N LEU D 581 -6.10 12.91 -56.90
CA LEU D 581 -7.16 11.97 -56.59
C LEU D 581 -8.45 12.61 -56.10
N ALA D 582 -8.41 13.84 -55.57
CA ALA D 582 -9.60 14.48 -55.06
C ALA D 582 -9.53 15.98 -55.31
N ILE D 583 -10.69 16.59 -55.45
CA ILE D 583 -10.81 18.03 -55.63
C ILE D 583 -11.93 18.54 -54.73
N GLU D 584 -11.91 19.84 -54.45
CA GLU D 584 -12.91 20.49 -53.64
C GLU D 584 -13.86 21.27 -54.55
N ILE D 585 -15.14 20.95 -54.46
CA ILE D 585 -16.17 21.58 -55.28
C ILE D 585 -17.00 22.51 -54.40
N LYS D 586 -17.29 23.70 -54.90
CA LYS D 586 -18.05 24.69 -54.16
C LYS D 586 -19.54 24.38 -54.18
N SER D 594 -18.79 23.83 -49.11
CA SER D 594 -18.12 23.10 -50.19
C SER D 594 -18.16 21.60 -49.93
N LYS D 595 -17.72 20.82 -50.92
CA LYS D 595 -17.71 19.37 -50.82
C LYS D 595 -16.42 18.83 -51.41
N ILE D 596 -16.00 17.68 -50.90
CA ILE D 596 -14.80 16.98 -51.37
C ILE D 596 -15.25 15.74 -52.12
N SER D 597 -14.83 15.63 -53.38
CA SER D 597 -15.19 14.51 -54.24
C SER D 597 -13.91 13.75 -54.61
N ILE D 598 -13.94 12.43 -54.46
CA ILE D 598 -12.80 11.58 -54.73
C ILE D 598 -12.97 10.97 -56.11
N ASN D 599 -12.05 11.31 -57.02
CA ASN D 599 -12.09 10.85 -58.40
C ASN D 599 -13.46 11.04 -59.05
N PRO D 600 -13.92 12.29 -59.19
CA PRO D 600 -15.25 12.52 -59.77
C PRO D 600 -15.21 12.41 -61.28
N ARG D 601 -16.24 11.79 -61.85
CA ARG D 601 -16.37 11.67 -63.30
C ARG D 601 -17.29 12.77 -63.82
N GLY D 602 -16.89 13.38 -64.94
CA GLY D 602 -17.65 14.46 -65.52
C GLY D 602 -17.74 15.67 -64.62
N ALA D 603 -16.65 16.01 -63.94
CA ALA D 603 -16.60 17.16 -63.04
C ALA D 603 -15.58 18.15 -63.60
N LYS D 604 -16.08 19.23 -64.20
CA LYS D 604 -15.21 20.23 -64.79
C LYS D 604 -14.46 20.98 -63.71
N ILE D 605 -13.19 21.28 -63.98
CA ILE D 605 -12.38 22.03 -63.02
C ILE D 605 -12.76 23.49 -63.07
N GLN D 606 -13.05 24.06 -61.90
CA GLN D 606 -13.44 25.47 -61.79
C GLN D 606 -12.26 26.32 -61.34
N ALA D 607 -12.47 27.63 -61.33
CA ALA D 607 -11.43 28.56 -60.93
C ALA D 607 -11.12 28.43 -59.45
N ASN D 608 -9.84 28.53 -59.11
CA ASN D 608 -9.36 28.45 -57.73
C ASN D 608 -9.80 27.15 -57.06
N THR D 609 -9.75 26.05 -57.80
CA THR D 609 -10.12 24.76 -57.26
C THR D 609 -8.97 24.15 -56.47
N GLN D 610 -9.27 23.75 -55.24
CA GLN D 610 -8.27 23.11 -54.38
C GLN D 610 -8.13 21.65 -54.76
N GLY D 611 -6.90 21.25 -55.06
CA GLY D 611 -6.62 19.88 -55.49
C GLY D 611 -5.85 19.12 -54.44
N PHE D 612 -6.13 17.82 -54.33
CA PHE D 612 -5.46 16.94 -53.38
C PHE D 612 -4.46 16.07 -54.14
N PHE D 613 -3.20 16.10 -53.71
CA PHE D 613 -2.12 15.46 -54.42
C PHE D 613 -1.34 14.52 -53.50
N ILE D 614 -0.69 13.54 -54.13
CA ILE D 614 0.23 12.63 -53.46
C ILE D 614 1.62 12.85 -54.06
N ALA D 615 2.59 13.21 -53.22
CA ALA D 615 3.91 13.53 -53.71
C ALA D 615 4.94 13.30 -52.60
N GLN D 616 6.21 13.26 -53.00
CA GLN D 616 7.29 13.04 -52.04
C GLN D 616 7.37 14.19 -51.03
N SER D 617 7.20 15.43 -51.49
CA SER D 617 7.28 16.58 -50.60
C SER D 617 6.41 17.70 -51.14
N ALA D 618 6.25 18.74 -50.32
CA ALA D 618 5.44 19.89 -50.72
C ALA D 618 6.06 20.69 -51.85
N ASP D 619 7.36 20.53 -52.09
CA ASP D 619 7.98 21.22 -53.22
C ASP D 619 7.53 20.64 -54.55
N GLU D 620 7.24 19.34 -54.60
CA GLU D 620 6.80 18.71 -55.84
C GLU D 620 5.43 19.21 -56.28
N VAL D 621 4.50 19.40 -55.35
CA VAL D 621 3.16 19.84 -55.71
C VAL D 621 3.10 21.32 -56.10
N LYS D 622 4.18 22.07 -55.89
CA LYS D 622 4.21 23.46 -56.34
C LYS D 622 4.11 23.56 -57.85
N ARG D 623 4.54 22.53 -58.57
CA ARG D 623 4.46 22.54 -60.03
C ARG D 623 3.02 22.56 -60.52
N ALA D 624 2.06 22.16 -59.69
CA ALA D 624 0.66 22.18 -60.09
C ALA D 624 0.03 23.55 -60.00
N TRP D 625 0.68 24.50 -59.32
CA TRP D 625 0.12 25.85 -59.20
C TRP D 625 0.50 26.70 -60.41
N PHE D 626 1.77 26.75 -60.76
CA PHE D 626 2.25 27.49 -61.92
C PHE D 626 2.49 26.51 -63.06
N TYR D 627 1.75 26.67 -64.14
CA TYR D 627 1.82 25.78 -65.29
C TYR D 627 0.98 26.36 -66.42
N CYS D 628 1.43 26.15 -67.65
CA CYS D 628 0.71 26.60 -68.82
C CYS D 628 1.14 25.75 -70.00
N LYS D 629 0.69 26.16 -71.19
CA LYS D 629 1.04 25.43 -72.41
C LYS D 629 2.55 25.47 -72.67
N ALA D 630 3.18 26.62 -72.46
CA ALA D 630 4.61 26.76 -72.69
C ALA D 630 5.40 26.05 -71.60
N MET D 778 -38.15 1.09 -46.73
CA MET D 778 -36.86 1.67 -46.38
C MET D 778 -35.72 0.69 -46.66
N LYS D 779 -34.99 0.95 -47.74
CA LYS D 779 -33.83 0.13 -48.08
C LYS D 779 -32.51 0.75 -47.64
N TYR D 780 -32.47 2.05 -47.39
CA TYR D 780 -31.26 2.75 -46.99
C TYR D 780 -31.57 3.65 -45.80
N ASP D 781 -30.55 4.39 -45.36
CA ASP D 781 -30.69 5.28 -44.22
C ASP D 781 -31.25 6.62 -44.67
N SER D 782 -31.30 7.58 -43.74
CA SER D 782 -31.84 8.90 -44.05
C SER D 782 -30.99 9.60 -45.11
N THR D 783 -29.66 9.51 -44.99
CA THR D 783 -28.77 10.11 -45.97
C THR D 783 -28.67 9.29 -47.25
N GLY D 784 -29.16 8.06 -47.25
CA GLY D 784 -29.08 7.23 -48.44
C GLY D 784 -27.66 6.84 -48.83
N MET D 785 -26.81 6.61 -47.83
CA MET D 785 -25.42 6.22 -48.10
C MET D 785 -25.03 4.91 -47.44
N PHE D 786 -25.95 4.24 -46.75
CA PHE D 786 -25.70 2.93 -46.17
C PHE D 786 -26.96 2.08 -46.31
N HIS D 787 -26.76 0.77 -46.48
CA HIS D 787 -27.89 -0.15 -46.54
C HIS D 787 -28.55 -0.25 -45.18
N TRP D 788 -29.85 -0.57 -45.19
CA TRP D 788 -30.66 -0.57 -43.98
C TRP D 788 -31.45 -1.87 -43.87
N SER D 789 -31.73 -2.24 -42.64
CA SER D 789 -32.51 -3.42 -42.29
C SER D 789 -33.54 -3.06 -41.24
N PRO D 790 -34.67 -3.78 -41.18
CA PRO D 790 -35.75 -3.45 -40.24
C PRO D 790 -35.50 -3.92 -38.80
N ALA D 791 -34.31 -3.62 -38.28
CA ALA D 791 -33.96 -3.81 -36.87
C ALA D 791 -34.15 -5.27 -36.44
N LYS D 792 -33.34 -6.14 -37.04
CA LYS D 792 -33.34 -7.54 -36.66
C LYS D 792 -32.79 -7.71 -35.24
N SER D 793 -33.36 -8.67 -34.52
CA SER D 793 -32.97 -8.96 -33.15
C SER D 793 -31.69 -9.79 -33.11
N LEU D 794 -31.02 -9.77 -31.95
CA LEU D 794 -29.78 -10.51 -31.80
C LEU D 794 -30.01 -12.01 -31.89
N GLU D 795 -31.07 -12.52 -31.26
CA GLU D 795 -31.32 -13.96 -31.24
C GLU D 795 -31.57 -14.51 -32.64
N ASP D 796 -32.08 -13.68 -33.55
CA ASP D 796 -32.26 -14.11 -34.93
C ASP D 796 -30.96 -14.27 -35.69
N CYS D 797 -29.84 -13.77 -35.14
CA CYS D 797 -28.55 -13.86 -35.79
C CYS D 797 -27.57 -14.79 -35.10
N ILE D 798 -27.86 -15.23 -33.87
CA ILE D 798 -26.96 -16.14 -33.18
C ILE D 798 -26.96 -17.48 -33.88
N LEU D 799 -25.76 -17.99 -34.15
CA LEU D 799 -25.59 -19.25 -34.87
C LEU D 799 -24.89 -20.26 -33.98
N ASP D 800 -25.24 -21.53 -34.17
CA ASP D 800 -24.64 -22.66 -33.48
C ASP D 800 -23.71 -23.39 -34.44
N ARG D 801 -22.93 -24.32 -33.89
CA ARG D 801 -22.00 -25.07 -34.73
C ARG D 801 -22.74 -25.90 -35.78
N ASN D 802 -23.86 -26.51 -35.40
CA ASN D 802 -24.60 -27.36 -36.34
C ASN D 802 -25.19 -26.54 -37.48
N GLN D 803 -25.72 -25.36 -37.17
CA GLN D 803 -26.39 -24.57 -38.21
C GLN D 803 -25.44 -23.60 -38.91
N ALA D 804 -24.28 -23.32 -38.34
CA ALA D 804 -23.27 -22.55 -39.07
C ALA D 804 -22.59 -23.41 -40.11
N ALA D 805 -22.56 -24.73 -39.90
CA ALA D 805 -21.93 -25.61 -40.87
C ALA D 805 -22.76 -25.75 -42.13
N MET D 806 -24.08 -25.86 -42.00
CA MET D 806 -24.93 -26.02 -43.18
C MET D 806 -24.96 -24.73 -44.01
N THR D 807 -24.82 -23.58 -43.35
CA THR D 807 -24.76 -22.32 -44.06
C THR D 807 -23.44 -22.23 -44.83
N VAL D 808 -23.54 -21.92 -46.13
CA VAL D 808 -22.36 -21.83 -46.99
C VAL D 808 -21.91 -20.37 -46.95
N LEU D 809 -20.77 -20.12 -46.33
CA LEU D 809 -20.19 -18.79 -46.22
C LEU D 809 -18.98 -18.72 -47.14
N ASN D 810 -19.12 -18.02 -48.26
CA ASN D 810 -18.05 -17.88 -49.24
C ASN D 810 -17.78 -16.40 -49.48
N GLY D 811 -16.51 -16.03 -49.44
CA GLY D 811 -16.13 -14.64 -49.61
C GLY D 811 -16.62 -13.73 -48.51
N HIS D 812 -16.91 -14.27 -47.33
CA HIS D 812 -17.42 -13.49 -46.22
C HIS D 812 -16.26 -12.90 -45.41
N VAL D 813 -16.60 -12.20 -44.33
CA VAL D 813 -15.64 -11.58 -43.44
C VAL D 813 -15.84 -12.15 -42.05
N VAL D 814 -14.77 -12.66 -41.45
CA VAL D 814 -14.80 -13.25 -40.11
C VAL D 814 -14.12 -12.29 -39.15
N VAL D 815 -14.83 -11.92 -38.09
CA VAL D 815 -14.33 -11.00 -37.09
C VAL D 815 -14.06 -11.81 -35.83
N CYS D 816 -12.78 -12.05 -35.54
CA CYS D 816 -12.39 -12.77 -34.33
C CYS D 816 -12.24 -11.77 -33.19
N LEU D 817 -13.10 -11.86 -32.20
CA LEU D 817 -13.19 -10.88 -31.13
C LEU D 817 -12.81 -11.53 -29.80
N PHE D 818 -11.84 -10.95 -29.10
CA PHE D 818 -11.48 -11.34 -27.75
C PHE D 818 -12.00 -10.28 -26.79
N ALA D 819 -13.00 -10.64 -25.98
CA ALA D 819 -13.59 -9.66 -25.08
C ALA D 819 -14.30 -10.37 -23.94
N ASP D 820 -14.07 -9.89 -22.72
CA ASP D 820 -14.81 -10.33 -21.55
C ASP D 820 -16.20 -9.69 -21.54
N PRO D 821 -17.14 -10.26 -20.79
CA PRO D 821 -18.49 -9.65 -20.74
C PRO D 821 -18.50 -8.22 -20.21
N ASP D 822 -17.51 -7.83 -19.42
CA ASP D 822 -17.43 -6.47 -18.90
C ASP D 822 -16.35 -5.63 -19.57
N SER D 823 -15.83 -6.08 -20.72
CA SER D 823 -14.80 -5.33 -21.42
C SER D 823 -15.36 -4.00 -21.93
N PRO D 824 -14.53 -2.97 -22.00
CA PRO D 824 -15.01 -1.68 -22.53
C PRO D 824 -15.48 -1.82 -23.96
N LEU D 825 -16.55 -1.11 -24.29
CA LEU D 825 -17.17 -1.24 -25.59
C LEU D 825 -16.26 -0.67 -26.68
N ILE D 826 -16.16 -1.40 -27.78
CA ILE D 826 -15.43 -0.96 -28.96
C ILE D 826 -16.44 -0.72 -30.08
N GLY D 827 -16.08 0.17 -31.00
CA GLY D 827 -17.00 0.55 -32.06
C GLY D 827 -17.11 -0.46 -33.19
N LEU D 828 -17.71 -1.62 -32.90
CA LEU D 828 -17.94 -2.61 -33.96
C LEU D 828 -18.84 -2.04 -35.04
N ARG D 829 -19.65 -1.03 -34.72
CA ARG D 829 -20.43 -0.33 -35.73
C ARG D 829 -19.51 0.36 -36.74
N ASN D 830 -18.38 0.91 -36.28
CA ASN D 830 -17.44 1.56 -37.18
C ASN D 830 -16.75 0.57 -38.11
N LEU D 831 -16.86 -0.72 -37.84
CA LEU D 831 -16.26 -1.75 -38.69
C LEU D 831 -17.23 -2.31 -39.72
N VAL D 832 -18.53 -2.33 -39.42
CA VAL D 832 -19.51 -2.94 -40.30
C VAL D 832 -20.07 -1.95 -41.30
N MET D 833 -20.35 -0.71 -40.87
CA MET D 833 -20.92 0.28 -41.79
C MET D 833 -20.06 0.54 -43.02
N PRO D 834 -18.72 0.67 -42.94
CA PRO D 834 -17.94 0.79 -44.19
C PRO D 834 -18.14 -0.37 -45.14
N LEU D 835 -18.45 -1.56 -44.63
CA LEU D 835 -18.78 -2.70 -45.47
C LEU D 835 -20.23 -2.70 -45.92
N ARG D 836 -21.05 -1.79 -45.40
CA ARG D 836 -22.47 -1.72 -45.75
C ARG D 836 -22.82 -0.42 -46.47
N ALA D 837 -21.85 0.22 -47.11
CA ALA D 837 -22.11 1.47 -47.81
C ALA D 837 -23.01 1.24 -49.01
N SER D 838 -23.82 2.25 -49.34
CA SER D 838 -24.72 2.16 -50.48
C SER D 838 -23.99 2.10 -51.81
N ASN D 839 -22.70 2.41 -51.83
CA ASN D 839 -21.92 2.32 -53.06
C ASN D 839 -21.74 0.88 -53.52
N PHE D 840 -22.04 -0.10 -52.66
CA PHE D 840 -21.98 -1.50 -53.01
C PHE D 840 -23.38 -2.01 -53.33
N HIS D 841 -23.49 -2.84 -54.37
CA HIS D 841 -24.76 -3.49 -54.65
C HIS D 841 -25.09 -4.49 -53.56
N TYR D 842 -26.38 -4.76 -53.38
CA TYR D 842 -26.81 -5.65 -52.31
C TYR D 842 -26.31 -7.08 -52.55
N HIS D 843 -26.22 -7.50 -53.81
CA HIS D 843 -25.75 -8.85 -54.09
C HIS D 843 -24.25 -8.99 -53.87
N GLU D 844 -23.50 -7.90 -53.99
CA GLU D 844 -22.05 -7.92 -53.81
C GLU D 844 -21.62 -7.63 -52.38
N LEU D 845 -22.58 -7.48 -51.46
CA LEU D 845 -22.23 -7.29 -50.06
C LEU D 845 -21.55 -8.53 -49.48
N LYS D 846 -20.70 -8.31 -48.49
CA LYS D 846 -19.95 -9.38 -47.85
C LYS D 846 -20.59 -9.70 -46.50
N HIS D 847 -20.91 -10.98 -46.31
CA HIS D 847 -21.48 -11.41 -45.03
C HIS D 847 -20.46 -11.24 -43.92
N VAL D 848 -20.92 -10.78 -42.76
CA VAL D 848 -20.07 -10.53 -41.60
C VAL D 848 -20.42 -11.54 -40.53
N VAL D 849 -19.44 -12.31 -40.08
CA VAL D 849 -19.60 -13.29 -39.02
C VAL D 849 -18.69 -12.86 -37.87
N ILE D 850 -19.28 -12.69 -36.68
CA ILE D 850 -18.55 -12.27 -35.49
C ILE D 850 -18.47 -13.46 -34.55
N VAL D 851 -17.24 -13.90 -34.25
CA VAL D 851 -16.99 -15.01 -33.36
C VAL D 851 -16.54 -14.43 -32.02
N GLY D 852 -17.35 -14.60 -31.00
CA GLY D 852 -17.05 -14.04 -29.70
C GLY D 852 -18.19 -14.28 -28.74
N SER D 853 -18.03 -13.72 -27.55
CA SER D 853 -19.04 -13.86 -26.51
C SER D 853 -20.21 -12.93 -26.76
N VAL D 854 -21.41 -13.50 -26.87
CA VAL D 854 -22.62 -12.69 -27.04
C VAL D 854 -22.89 -11.83 -25.82
N ASP D 855 -22.43 -12.25 -24.64
CA ASP D 855 -22.57 -11.40 -23.46
C ASP D 855 -21.90 -10.04 -23.66
N TYR D 856 -20.88 -9.99 -24.51
CA TYR D 856 -20.28 -8.71 -24.89
C TYR D 856 -20.94 -8.12 -26.13
N ILE D 857 -21.26 -8.97 -27.12
CA ILE D 857 -21.88 -8.48 -28.35
C ILE D 857 -23.29 -7.97 -28.08
N ARG D 858 -23.95 -8.48 -27.04
CA ARG D 858 -25.29 -8.01 -26.70
C ARG D 858 -25.26 -6.53 -26.35
N ARG D 859 -24.23 -6.07 -25.65
CA ARG D 859 -24.11 -4.67 -25.29
C ARG D 859 -23.92 -3.78 -26.51
N GLU D 860 -23.37 -4.32 -27.60
CA GLU D 860 -23.12 -3.54 -28.81
C GLU D 860 -24.10 -3.84 -29.93
N TRP D 861 -25.14 -4.64 -29.67
CA TRP D 861 -26.09 -4.97 -30.74
C TRP D 861 -27.02 -3.81 -31.06
N LYS D 862 -27.13 -2.82 -30.18
CA LYS D 862 -28.03 -1.71 -30.43
C LYS D 862 -27.69 -0.99 -31.72
N MET D 863 -26.39 -0.86 -32.02
CA MET D 863 -25.93 -0.15 -33.20
C MET D 863 -25.81 -1.05 -34.43
N LEU D 864 -26.13 -2.34 -34.30
CA LEU D 864 -26.01 -3.29 -35.39
C LEU D 864 -27.35 -3.90 -35.82
N GLN D 865 -28.47 -3.44 -35.27
CA GLN D 865 -29.76 -4.02 -35.62
C GLN D 865 -30.11 -3.76 -37.09
N ASN D 866 -29.83 -2.55 -37.57
CA ASN D 866 -30.27 -2.14 -38.90
C ASN D 866 -29.21 -2.35 -39.98
N LEU D 867 -28.30 -3.30 -39.77
CA LEU D 867 -27.27 -3.59 -40.76
C LEU D 867 -27.47 -5.00 -41.30
N PRO D 868 -27.68 -5.16 -42.61
CA PRO D 868 -27.98 -6.49 -43.16
C PRO D 868 -26.77 -7.42 -43.14
N LYS D 869 -27.08 -8.72 -43.14
CA LYS D 869 -26.08 -9.78 -43.28
C LYS D 869 -25.02 -9.71 -42.17
N ILE D 870 -25.48 -9.91 -40.94
CA ILE D 870 -24.62 -9.99 -39.77
C ILE D 870 -24.95 -11.28 -39.02
N SER D 871 -23.91 -12.05 -38.71
CA SER D 871 -24.07 -13.32 -38.01
C SER D 871 -23.23 -13.33 -36.75
N VAL D 872 -23.73 -14.01 -35.73
CA VAL D 872 -23.07 -14.09 -34.43
C VAL D 872 -22.92 -15.56 -34.04
N LEU D 873 -21.73 -15.92 -33.54
CA LEU D 873 -21.47 -17.28 -33.10
C LEU D 873 -20.85 -17.20 -31.71
N ASN D 874 -21.51 -17.85 -30.74
CA ASN D 874 -20.96 -17.95 -29.39
C ASN D 874 -19.79 -18.93 -29.37
N GLY D 875 -18.62 -18.47 -28.93
CA GLY D 875 -17.47 -19.33 -28.84
C GLY D 875 -16.17 -18.59 -28.61
N SER D 876 -15.06 -19.20 -29.04
CA SER D 876 -13.75 -18.59 -28.91
C SER D 876 -13.03 -18.73 -30.24
N PRO D 877 -12.44 -17.65 -30.75
CA PRO D 877 -11.68 -17.75 -32.01
C PRO D 877 -10.46 -18.65 -31.92
N LEU D 878 -9.98 -18.96 -30.71
CA LEU D 878 -8.86 -19.86 -30.55
C LEU D 878 -9.24 -21.34 -30.75
N SER D 879 -10.52 -21.64 -30.85
CA SER D 879 -10.99 -23.00 -31.05
C SER D 879 -11.02 -23.34 -32.53
N ARG D 880 -10.41 -24.47 -32.90
CA ARG D 880 -10.39 -24.88 -34.30
C ARG D 880 -11.78 -25.29 -34.78
N ALA D 881 -12.62 -25.80 -33.89
CA ALA D 881 -13.96 -26.21 -34.29
C ALA D 881 -14.80 -25.01 -34.74
N ASP D 882 -14.72 -23.90 -34.00
CA ASP D 882 -15.47 -22.71 -34.38
C ASP D 882 -14.97 -22.14 -35.71
N LEU D 883 -13.65 -22.12 -35.90
CA LEU D 883 -13.09 -21.59 -37.14
C LEU D 883 -13.50 -22.44 -38.34
N ARG D 884 -13.51 -23.77 -38.18
CA ARG D 884 -13.95 -24.64 -39.26
C ARG D 884 -15.45 -24.50 -39.53
N ALA D 885 -16.23 -24.13 -38.50
CA ALA D 885 -17.66 -23.98 -38.66
C ALA D 885 -18.05 -22.73 -39.45
N VAL D 886 -17.13 -21.77 -39.60
CA VAL D 886 -17.41 -20.53 -40.33
C VAL D 886 -16.61 -20.46 -41.62
N ASN D 887 -15.88 -21.50 -41.97
CA ASN D 887 -15.10 -21.57 -43.22
C ASN D 887 -14.11 -20.42 -43.32
N VAL D 888 -13.14 -20.41 -42.39
CA VAL D 888 -12.10 -19.39 -42.41
C VAL D 888 -11.25 -19.51 -43.66
N ASN D 889 -11.15 -20.71 -44.23
CA ASN D 889 -10.39 -20.89 -45.46
C ASN D 889 -11.05 -20.22 -46.66
N LEU D 890 -12.34 -19.92 -46.57
CA LEU D 890 -13.07 -19.31 -47.68
C LEU D 890 -13.36 -17.83 -47.46
N CYS D 891 -13.02 -17.28 -46.29
CA CYS D 891 -13.30 -15.89 -46.00
C CYS D 891 -12.37 -14.97 -46.80
N ASP D 892 -12.84 -13.74 -47.02
CA ASP D 892 -12.06 -12.75 -47.74
C ASP D 892 -11.07 -12.01 -46.84
N MET D 893 -11.34 -11.95 -45.54
CA MET D 893 -10.45 -11.31 -44.59
C MET D 893 -10.84 -11.73 -43.18
N CYS D 894 -9.85 -12.08 -42.37
CA CYS D 894 -10.05 -12.45 -40.97
C CYS D 894 -9.46 -11.36 -40.09
N CYS D 895 -10.27 -10.80 -39.20
CA CYS D 895 -9.85 -9.71 -38.33
C CYS D 895 -9.79 -10.23 -36.90
N ILE D 896 -8.62 -10.08 -36.27
CA ILE D 896 -8.42 -10.48 -34.88
C ILE D 896 -8.43 -9.21 -34.05
N LEU D 897 -9.52 -8.98 -33.33
CA LEU D 897 -9.69 -7.81 -32.49
C LEU D 897 -9.76 -8.23 -31.03
N SER D 898 -9.16 -7.42 -30.15
CA SER D 898 -9.16 -7.68 -28.72
C SER D 898 -9.69 -6.45 -28.00
N ALA D 899 -10.76 -6.63 -27.23
CA ALA D 899 -11.33 -5.57 -26.41
C ALA D 899 -10.98 -5.70 -24.93
N LYS D 900 -10.21 -6.72 -24.56
CA LYS D 900 -9.84 -6.91 -23.17
C LYS D 900 -8.84 -5.85 -22.72
N VAL D 901 -9.00 -5.39 -21.48
CA VAL D 901 -8.09 -4.41 -20.91
C VAL D 901 -6.73 -5.06 -20.66
N PRO D 902 -5.63 -4.41 -21.05
CA PRO D 902 -4.32 -4.95 -20.72
C PRO D 902 -4.10 -4.99 -19.21
N SER D 903 -3.42 -6.04 -18.75
CA SER D 903 -3.15 -6.17 -17.32
C SER D 903 -1.96 -5.35 -16.87
N ASN D 904 -1.17 -4.82 -17.82
CA ASN D 904 0.01 -4.00 -17.57
C ASN D 904 1.10 -4.76 -16.82
N ASP D 905 0.94 -6.07 -16.64
CA ASP D 905 1.96 -6.86 -15.95
C ASP D 905 3.25 -6.92 -16.76
N ASP D 906 3.14 -7.08 -18.08
CA ASP D 906 4.29 -7.15 -18.95
C ASP D 906 3.83 -6.77 -20.36
N PRO D 907 4.52 -5.85 -21.03
CA PRO D 907 4.12 -5.48 -22.40
C PRO D 907 4.14 -6.65 -23.36
N THR D 908 5.06 -7.60 -23.19
CA THR D 908 5.14 -8.75 -24.09
C THR D 908 3.98 -9.71 -23.90
N LEU D 909 3.26 -9.61 -22.78
CA LEU D 909 2.09 -10.45 -22.51
C LEU D 909 0.78 -9.76 -22.83
N ALA D 910 0.83 -8.59 -23.48
CA ALA D 910 -0.40 -7.86 -23.77
C ALA D 910 -1.18 -8.48 -24.93
N ASP D 911 -0.48 -9.12 -25.87
CA ASP D 911 -1.09 -9.66 -27.08
C ASP D 911 -0.90 -11.18 -27.17
N LYS D 912 -1.07 -11.89 -26.05
CA LYS D 912 -0.95 -13.33 -26.08
C LYS D 912 -2.04 -13.97 -26.91
N GLU D 913 -3.29 -13.54 -26.70
CA GLU D 913 -4.41 -14.12 -27.45
C GLU D 913 -4.35 -13.76 -28.92
N ALA D 914 -3.99 -12.51 -29.25
CA ALA D 914 -3.92 -12.10 -30.63
C ALA D 914 -2.84 -12.86 -31.39
N ILE D 915 -1.67 -13.04 -30.77
CA ILE D 915 -0.59 -13.77 -31.42
C ILE D 915 -0.94 -15.25 -31.55
N LEU D 916 -1.52 -15.83 -30.49
CA LEU D 916 -1.88 -17.24 -30.54
C LEU D 916 -2.94 -17.51 -31.59
N ALA D 917 -3.93 -16.62 -31.71
CA ALA D 917 -4.97 -16.80 -32.72
C ALA D 917 -4.40 -16.73 -34.13
N SER D 918 -3.46 -15.80 -34.36
CA SER D 918 -2.83 -15.71 -35.67
C SER D 918 -2.03 -16.96 -36.00
N LEU D 919 -1.28 -17.47 -35.01
CA LEU D 919 -0.50 -18.69 -35.23
C LEU D 919 -1.40 -19.91 -35.38
N ASN D 920 -2.52 -19.93 -34.65
CA ASN D 920 -3.44 -21.07 -34.74
C ASN D 920 -4.01 -21.21 -36.14
N ILE D 921 -4.49 -20.10 -36.72
CA ILE D 921 -5.08 -20.16 -38.06
C ILE D 921 -4.00 -20.46 -39.10
N LYS D 922 -2.79 -19.93 -38.89
CA LYS D 922 -1.74 -20.09 -39.88
C LYS D 922 -1.29 -21.53 -40.03
N ALA D 923 -1.52 -22.36 -39.00
CA ALA D 923 -1.12 -23.76 -39.05
C ALA D 923 -2.27 -24.70 -39.35
N MET D 924 -3.49 -24.20 -39.52
CA MET D 924 -4.63 -25.05 -39.81
C MET D 924 -4.56 -25.59 -41.24
N THR D 925 -5.12 -26.78 -41.42
CA THR D 925 -5.21 -27.42 -42.73
C THR D 925 -6.65 -27.83 -42.97
N PHE D 926 -7.06 -27.77 -44.24
CA PHE D 926 -8.44 -28.04 -44.63
C PHE D 926 -8.47 -29.08 -45.74
N ASP D 927 -9.58 -29.82 -45.81
CA ASP D 927 -9.76 -30.84 -46.82
C ASP D 927 -9.91 -30.23 -48.21
N VAL D 959 -7.13 -24.42 -48.53
CA VAL D 959 -6.54 -25.71 -48.21
C VAL D 959 -5.31 -25.51 -47.33
N TYR D 960 -4.75 -24.31 -47.37
CA TYR D 960 -3.56 -23.96 -46.59
C TYR D 960 -3.92 -22.86 -45.60
N GLY D 961 -3.53 -23.05 -44.34
CA GLY D 961 -3.82 -22.05 -43.33
C GLY D 961 -3.08 -20.74 -43.56
N ALA D 962 -1.84 -20.83 -44.06
CA ALA D 962 -1.06 -19.64 -44.34
C ALA D 962 -1.64 -18.80 -45.46
N ASN D 963 -2.52 -19.35 -46.29
CA ASN D 963 -3.16 -18.63 -47.38
C ASN D 963 -4.38 -17.84 -46.93
N VAL D 964 -4.79 -17.97 -45.67
CA VAL D 964 -5.94 -17.24 -45.15
C VAL D 964 -5.53 -15.78 -44.93
N PRO D 965 -6.19 -14.83 -45.57
CA PRO D 965 -5.83 -13.41 -45.37
C PRO D 965 -6.30 -12.93 -44.01
N MET D 966 -5.35 -12.47 -43.19
CA MET D 966 -5.65 -11.98 -41.86
C MET D 966 -4.99 -10.62 -41.63
N ILE D 967 -5.64 -9.81 -40.81
CA ILE D 967 -5.07 -8.56 -40.33
C ILE D 967 -5.28 -8.51 -38.82
N THR D 968 -4.23 -8.22 -38.06
CA THR D 968 -4.28 -8.24 -36.61
C THR D 968 -3.89 -6.87 -36.09
N GLU D 969 -4.73 -6.30 -35.21
CA GLU D 969 -4.42 -5.05 -34.54
C GLU D 969 -3.70 -5.36 -33.22
N LEU D 970 -2.60 -4.66 -32.99
CA LEU D 970 -1.73 -4.95 -31.86
C LEU D 970 -1.82 -3.84 -30.82
N VAL D 971 -2.01 -4.25 -29.55
CA VAL D 971 -1.99 -3.28 -28.46
C VAL D 971 -0.59 -2.71 -28.28
N ASN D 972 0.44 -3.56 -28.39
CA ASN D 972 1.82 -3.16 -28.24
C ASN D 972 2.53 -3.23 -29.59
N ASP D 973 3.34 -2.20 -29.88
CA ASP D 973 4.08 -2.18 -31.14
C ASP D 973 5.18 -3.23 -31.16
N GLY D 974 5.76 -3.55 -30.00
CA GLY D 974 6.87 -4.48 -29.95
C GLY D 974 6.49 -5.94 -30.14
N ASN D 975 5.19 -6.24 -30.14
CA ASN D 975 4.73 -7.60 -30.35
C ASN D 975 4.60 -7.97 -31.82
N VAL D 976 4.89 -7.05 -32.74
CA VAL D 976 4.82 -7.33 -34.17
C VAL D 976 5.89 -8.32 -34.59
N GLN D 977 6.93 -8.50 -33.77
CA GLN D 977 8.01 -9.42 -34.13
C GLN D 977 7.54 -10.87 -34.15
N PHE D 978 6.54 -11.20 -33.32
CA PHE D 978 6.06 -12.58 -33.24
C PHE D 978 5.02 -12.92 -34.30
N LEU D 979 4.51 -11.93 -35.04
CA LEU D 979 3.50 -12.21 -36.05
C LEU D 979 4.05 -13.06 -37.19
N ASP D 980 5.27 -12.77 -37.63
CA ASP D 980 5.90 -13.48 -38.73
C ASP D 980 7.19 -14.13 -38.25
N GLN D 981 7.53 -15.26 -38.87
CA GLN D 981 8.69 -16.04 -38.48
C GLN D 981 9.87 -15.92 -39.45
N ASP D 982 9.60 -15.66 -40.73
CA ASP D 982 10.66 -15.60 -41.73
C ASP D 982 11.17 -14.16 -41.91
N ASP D 983 11.61 -13.58 -40.79
CA ASP D 983 12.17 -12.24 -40.80
C ASP D 983 13.10 -12.07 -39.61
N ASP D 984 13.95 -11.06 -39.69
CA ASP D 984 14.89 -10.73 -38.62
C ASP D 984 14.28 -9.62 -37.77
N ASP D 985 14.08 -9.89 -36.49
CA ASP D 985 13.42 -8.95 -35.60
C ASP D 985 14.44 -8.09 -34.87
N ASP D 986 14.17 -6.78 -34.85
CA ASP D 986 15.01 -5.83 -34.13
C ASP D 986 14.08 -4.97 -33.28
N PRO D 987 14.23 -4.97 -31.94
CA PRO D 987 13.27 -4.26 -31.09
C PRO D 987 13.23 -2.75 -31.29
N ASP D 988 14.30 -2.15 -31.81
CA ASP D 988 14.35 -0.70 -31.99
C ASP D 988 13.81 -0.23 -33.32
N THR D 989 13.41 -1.13 -34.21
CA THR D 989 12.91 -0.73 -35.51
C THR D 989 11.52 -0.11 -35.39
N GLU D 990 11.25 0.89 -36.23
CA GLU D 990 9.93 1.50 -36.28
C GLU D 990 8.90 0.50 -36.79
N LEU D 991 7.66 0.66 -36.36
CA LEU D 991 6.61 -0.29 -36.72
C LEU D 991 6.37 -0.31 -38.22
N TYR D 992 6.39 0.85 -38.87
CA TYR D 992 6.14 0.92 -40.31
C TYR D 992 7.24 0.25 -41.11
N LEU D 993 8.41 0.04 -40.52
CA LEU D 993 9.52 -0.62 -41.20
C LEU D 993 9.46 -2.13 -41.11
N THR D 994 8.60 -2.68 -40.25
CA THR D 994 8.56 -4.12 -40.05
C THR D 994 7.88 -4.83 -41.23
N GLN D 995 8.28 -6.08 -41.44
CA GLN D 995 7.67 -6.89 -42.51
C GLN D 995 6.16 -7.09 -42.33
N PRO D 996 5.64 -7.46 -41.14
CA PRO D 996 4.19 -7.65 -41.04
C PRO D 996 3.38 -6.41 -41.36
N PHE D 997 3.90 -5.22 -41.02
CA PHE D 997 3.18 -3.99 -41.36
C PHE D 997 3.27 -3.70 -42.86
N ALA D 998 4.44 -3.96 -43.46
CA ALA D 998 4.61 -3.72 -44.89
C ALA D 998 3.71 -4.61 -45.73
N CYS D 999 3.37 -5.79 -45.22
CA CYS D 999 2.50 -6.72 -45.93
C CYS D 999 1.02 -6.49 -45.65
N GLY D 1000 0.68 -5.55 -44.76
CA GLY D 1000 -0.70 -5.25 -44.46
C GLY D 1000 -1.38 -6.19 -43.49
N THR D 1001 -0.62 -7.09 -42.85
CA THR D 1001 -1.19 -8.05 -41.91
C THR D 1001 -1.13 -7.57 -40.46
N ALA D 1002 -0.63 -6.36 -40.21
CA ALA D 1002 -0.53 -5.83 -38.87
C ALA D 1002 -1.02 -4.39 -38.85
N PHE D 1003 -1.50 -3.95 -37.69
CA PHE D 1003 -1.99 -2.60 -37.52
C PHE D 1003 -1.90 -2.22 -36.05
N ALA D 1004 -1.84 -0.92 -35.79
CA ALA D 1004 -1.81 -0.40 -34.43
C ALA D 1004 -2.26 1.05 -34.43
N VAL D 1005 -2.69 1.53 -33.26
CA VAL D 1005 -3.10 2.92 -33.13
C VAL D 1005 -1.91 3.86 -33.04
N SER D 1006 -0.70 3.33 -32.87
CA SER D 1006 0.48 4.17 -32.74
C SER D 1006 0.89 4.81 -34.06
N VAL D 1007 0.27 4.40 -35.17
CA VAL D 1007 0.55 5.01 -36.47
C VAL D 1007 -0.34 6.20 -36.77
N LEU D 1008 -1.24 6.57 -35.85
CA LEU D 1008 -2.22 7.62 -36.09
C LEU D 1008 -1.95 8.87 -35.27
N ASP D 1009 -0.80 8.98 -34.62
CA ASP D 1009 -0.47 10.21 -33.89
C ASP D 1009 -0.27 11.39 -34.84
N SER D 1010 0.28 11.14 -36.03
CA SER D 1010 0.56 12.21 -36.98
C SER D 1010 -0.69 12.88 -37.52
N LEU D 1011 -1.88 12.39 -37.16
CA LEU D 1011 -3.10 13.04 -37.61
C LEU D 1011 -3.36 14.34 -36.86
N MET D 1012 -2.69 14.55 -35.73
CA MET D 1012 -2.73 15.84 -35.06
C MET D 1012 -2.14 16.93 -35.94
N SER D 1013 -0.93 16.70 -36.46
CA SER D 1013 -0.29 17.68 -37.32
C SER D 1013 -1.02 17.79 -38.67
N THR D 1014 -1.46 16.66 -39.21
CA THR D 1014 -2.14 16.68 -40.51
C THR D 1014 -3.44 17.47 -40.44
N THR D 1015 -4.22 17.29 -39.37
CA THR D 1015 -5.49 18.00 -39.25
C THR D 1015 -5.29 19.48 -38.99
N TYR D 1016 -4.30 19.83 -38.17
CA TYR D 1016 -4.08 21.24 -37.83
C TYR D 1016 -3.70 22.05 -39.06
N PHE D 1017 -2.78 21.54 -39.87
CA PHE D 1017 -2.32 22.27 -41.04
C PHE D 1017 -3.37 22.32 -42.14
N ASN D 1018 -4.31 21.39 -42.15
CA ASN D 1018 -5.38 21.39 -43.15
C ASN D 1018 -6.56 20.60 -42.60
N GLN D 1019 -7.68 21.28 -42.36
CA GLN D 1019 -8.87 20.59 -41.89
C GLN D 1019 -9.45 19.69 -42.98
N ASN D 1020 -9.36 20.10 -44.24
CA ASN D 1020 -9.87 19.29 -45.34
C ASN D 1020 -9.15 17.96 -45.47
N ALA D 1021 -7.92 17.87 -44.96
CA ALA D 1021 -7.19 16.60 -45.01
C ALA D 1021 -7.91 15.52 -44.21
N LEU D 1022 -8.37 15.87 -43.00
CA LEU D 1022 -9.08 14.91 -42.18
C LEU D 1022 -10.42 14.54 -42.79
N THR D 1023 -11.09 15.49 -43.45
CA THR D 1023 -12.35 15.19 -44.10
C THR D 1023 -12.18 14.18 -45.22
N LEU D 1024 -11.08 14.28 -45.97
CA LEU D 1024 -10.82 13.33 -47.04
C LEU D 1024 -10.62 11.91 -46.49
N ILE D 1025 -9.89 11.79 -45.38
CA ILE D 1025 -9.65 10.48 -44.79
C ILE D 1025 -10.95 9.85 -44.33
N ARG D 1026 -11.78 10.63 -43.63
CA ARG D 1026 -13.04 10.10 -43.11
C ARG D 1026 -13.98 9.69 -44.25
N SER D 1027 -14.03 10.47 -45.32
CA SER D 1027 -14.85 10.13 -46.47
C SER D 1027 -14.28 8.99 -47.29
N LEU D 1028 -13.04 8.57 -47.01
CA LEU D 1028 -12.40 7.49 -47.76
C LEU D 1028 -12.41 6.15 -47.04
N ILE D 1029 -12.46 6.15 -45.72
CA ILE D 1029 -12.39 4.92 -44.95
C ILE D 1029 -13.72 4.56 -44.28
N THR D 1030 -14.57 5.54 -43.97
CA THR D 1030 -15.83 5.25 -43.32
C THR D 1030 -16.97 4.99 -44.31
N GLY D 1031 -16.69 5.02 -45.61
CA GLY D 1031 -17.73 4.86 -46.61
C GLY D 1031 -18.60 6.08 -46.82
N GLY D 1032 -18.26 7.21 -46.21
CA GLY D 1032 -19.05 8.42 -46.34
C GLY D 1032 -19.91 8.69 -45.13
N ALA D 1033 -19.49 9.62 -44.27
CA ALA D 1033 -20.21 9.97 -43.05
C ALA D 1033 -20.40 11.48 -43.04
N THR D 1034 -21.50 11.94 -43.61
CA THR D 1034 -21.80 13.36 -43.68
C THR D 1034 -22.15 13.90 -42.29
N PRO D 1035 -21.97 15.21 -42.08
CA PRO D 1035 -22.28 15.78 -40.75
C PRO D 1035 -23.73 15.62 -40.33
N GLU D 1036 -24.66 15.42 -41.26
CA GLU D 1036 -26.03 15.12 -40.87
C GLU D 1036 -26.13 13.76 -40.19
N LEU D 1037 -25.31 12.79 -40.63
CA LEU D 1037 -25.33 11.48 -40.00
C LEU D 1037 -24.79 11.55 -38.57
N GLU D 1038 -23.99 12.57 -38.27
CA GLU D 1038 -23.48 12.74 -36.91
C GLU D 1038 -24.59 13.04 -35.92
N LEU D 1039 -25.50 13.96 -36.29
CA LEU D 1039 -26.56 14.36 -35.38
C LEU D 1039 -27.61 13.27 -35.22
N ILE D 1040 -27.90 12.53 -36.29
CA ILE D 1040 -28.89 11.46 -36.21
C ILE D 1040 -28.43 10.38 -35.24
N LEU D 1041 -27.14 10.01 -35.31
CA LEU D 1041 -26.64 8.96 -34.44
C LEU D 1041 -26.45 9.45 -33.01
N ALA D 1042 -26.18 10.74 -32.82
CA ALA D 1042 -25.95 11.28 -31.49
C ALA D 1042 -27.24 11.41 -30.68
N GLU D 1043 -28.40 11.36 -31.33
CA GLU D 1043 -29.65 11.46 -30.60
C GLU D 1043 -29.85 10.29 -29.65
N GLY D 1044 -29.48 9.09 -30.08
CA GLY D 1044 -29.63 7.90 -29.27
C GLY D 1044 -30.66 6.90 -29.77
N ALA D 1045 -31.31 7.14 -30.90
CA ALA D 1045 -32.29 6.23 -31.45
C ALA D 1045 -31.69 5.23 -32.44
N GLY D 1046 -30.38 5.26 -32.64
CA GLY D 1046 -29.74 4.36 -33.58
C GLY D 1046 -29.87 4.84 -35.01
N LEU D 1047 -29.45 3.98 -35.93
CA LEU D 1047 -29.55 4.30 -37.35
C LEU D 1047 -31.01 4.36 -37.78
N ARG D 1048 -31.36 5.43 -38.47
CA ARG D 1048 -32.73 5.67 -38.92
C ARG D 1048 -32.79 5.53 -40.44
N GLY D 1049 -33.73 4.71 -40.92
CA GLY D 1049 -33.88 4.52 -42.35
C GLY D 1049 -34.65 5.65 -43.00
N GLY D 1050 -34.72 5.59 -44.32
CA GLY D 1050 -35.43 6.58 -45.09
C GLY D 1050 -35.95 6.00 -46.39
N TYR D 1051 -37.05 6.55 -46.87
CA TYR D 1051 -37.65 6.07 -48.10
C TYR D 1051 -36.85 6.53 -49.31
N SER D 1052 -36.58 5.60 -50.22
CA SER D 1052 -35.77 5.90 -51.39
C SER D 1052 -36.50 6.84 -52.33
N THR D 1053 -35.80 7.89 -52.75
CA THR D 1053 -36.34 8.89 -53.65
C THR D 1053 -35.31 9.21 -54.72
N VAL D 1054 -35.59 10.24 -55.52
CA VAL D 1054 -34.69 10.60 -56.61
C VAL D 1054 -33.41 11.24 -56.06
N GLU D 1055 -33.51 12.07 -55.02
CA GLU D 1055 -32.33 12.76 -54.54
C GLU D 1055 -31.41 11.83 -53.76
N SER D 1056 -31.98 10.80 -53.11
CA SER D 1056 -31.16 9.89 -52.32
C SER D 1056 -30.36 8.95 -53.21
N LEU D 1057 -30.98 8.43 -54.27
CA LEU D 1057 -30.29 7.48 -55.14
C LEU D 1057 -29.11 8.10 -55.87
N SER D 1058 -29.09 9.43 -56.02
CA SER D 1058 -27.93 10.08 -56.62
C SER D 1058 -26.71 10.04 -55.71
N ASN D 1059 -26.91 9.83 -54.41
CA ASN D 1059 -25.79 9.76 -53.47
C ASN D 1059 -24.98 8.48 -53.64
N ARG D 1060 -25.57 7.43 -54.19
CA ARG D 1060 -24.87 6.16 -54.38
C ARG D 1060 -23.78 6.25 -55.44
N ASP D 1061 -23.76 7.29 -56.26
CA ASP D 1061 -22.79 7.43 -57.34
C ASP D 1061 -21.54 8.10 -56.79
N ARG D 1062 -20.64 7.29 -56.24
CA ARG D 1062 -19.37 7.79 -55.74
C ARG D 1062 -18.32 6.68 -55.86
N CYS D 1063 -17.06 7.08 -55.86
CA CYS D 1063 -15.97 6.12 -56.00
C CYS D 1063 -15.81 5.29 -54.73
N ARG D 1064 -15.23 4.10 -54.92
CA ARG D 1064 -15.02 3.16 -53.82
C ARG D 1064 -13.66 2.52 -53.96
N VAL D 1065 -13.16 1.98 -52.86
CA VAL D 1065 -11.84 1.38 -52.80
C VAL D 1065 -11.95 -0.10 -53.15
N GLY D 1066 -11.11 -0.55 -54.09
CA GLY D 1066 -11.11 -1.94 -54.48
C GLY D 1066 -9.77 -2.32 -55.06
N GLN D 1067 -9.64 -3.60 -55.38
CA GLN D 1067 -8.42 -4.15 -55.97
C GLN D 1067 -8.75 -4.88 -57.26
N ILE D 1068 -7.81 -4.82 -58.21
CA ILE D 1068 -7.92 -5.54 -59.47
C ILE D 1068 -6.65 -6.34 -59.67
N SER D 1069 -6.76 -7.40 -60.48
CA SER D 1069 -5.65 -8.30 -60.75
C SER D 1069 -5.38 -8.33 -62.25
N LEU D 1070 -4.11 -8.37 -62.62
CA LEU D 1070 -3.72 -8.46 -64.02
C LEU D 1070 -3.69 -9.88 -64.55
N TYR D 1071 -4.28 -10.83 -63.83
CA TYR D 1071 -4.32 -12.21 -64.29
C TYR D 1071 -5.10 -12.35 -65.59
N ASP D 1072 -6.27 -11.71 -65.66
CA ASP D 1072 -7.13 -11.83 -66.83
C ASP D 1072 -7.95 -10.56 -66.98
N GLY D 1073 -8.44 -10.35 -68.20
CA GLY D 1073 -9.25 -9.19 -68.50
C GLY D 1073 -8.58 -8.28 -69.52
N PRO D 1074 -9.27 -7.20 -69.90
CA PRO D 1074 -8.67 -6.25 -70.85
C PRO D 1074 -7.39 -5.62 -70.35
N LEU D 1075 -7.27 -5.40 -69.04
CA LEU D 1075 -6.07 -4.79 -68.47
C LEU D 1075 -4.95 -5.81 -68.22
N ALA D 1076 -5.19 -7.09 -68.48
CA ALA D 1076 -4.18 -8.11 -68.22
C ALA D 1076 -2.97 -7.98 -69.12
N GLN D 1077 -3.12 -7.42 -70.32
CA GLN D 1077 -2.00 -7.31 -71.25
C GLN D 1077 -0.94 -6.33 -70.78
N PHE D 1078 -1.26 -5.46 -69.80
CA PHE D 1078 -0.25 -4.57 -69.24
C PHE D 1078 0.67 -5.26 -68.24
N GLY D 1079 0.28 -6.44 -67.75
CA GLY D 1079 1.10 -7.16 -66.81
C GLY D 1079 2.29 -7.89 -67.42
N GLU D 1080 2.30 -8.06 -68.75
CA GLU D 1080 3.37 -8.76 -69.44
C GLU D 1080 4.55 -7.80 -69.65
N CYS D 1081 5.27 -7.56 -68.55
CA CYS D 1081 6.43 -6.67 -68.53
C CYS D 1081 6.08 -5.27 -69.04
N GLY D 1082 4.90 -4.77 -68.69
CA GLY D 1082 4.46 -3.45 -69.10
C GLY D 1082 4.98 -2.37 -68.17
N LYS D 1083 4.44 -1.16 -68.39
CA LYS D 1083 4.79 0.00 -67.61
C LYS D 1083 3.60 0.47 -66.79
N TYR D 1084 3.87 0.95 -65.57
CA TYR D 1084 2.80 1.42 -64.70
C TYR D 1084 2.08 2.62 -65.31
N GLY D 1085 2.83 3.52 -65.96
CA GLY D 1085 2.21 4.69 -66.57
C GLY D 1085 1.23 4.31 -67.66
N ASP D 1086 1.57 3.29 -68.46
CA ASP D 1086 0.67 2.85 -69.52
C ASP D 1086 -0.63 2.29 -68.94
N LEU D 1087 -0.53 1.52 -67.86
CA LEU D 1087 -1.72 0.98 -67.22
C LEU D 1087 -2.59 2.08 -66.62
N PHE D 1088 -1.96 3.09 -66.02
CA PHE D 1088 -2.71 4.17 -65.37
C PHE D 1088 -3.55 4.95 -66.38
N VAL D 1089 -2.98 5.26 -67.55
CA VAL D 1089 -3.69 6.07 -68.53
C VAL D 1089 -4.84 5.27 -69.14
N ALA D 1090 -4.59 4.02 -69.51
CA ALA D 1090 -5.62 3.22 -70.17
C ALA D 1090 -6.79 2.94 -69.25
N ALA D 1091 -6.52 2.59 -67.98
CA ALA D 1091 -7.59 2.31 -67.04
C ALA D 1091 -8.41 3.57 -66.76
N LEU D 1092 -7.75 4.72 -66.68
CA LEU D 1092 -8.46 5.96 -66.39
C LEU D 1092 -9.41 6.34 -67.52
N LYS D 1093 -8.98 6.16 -68.77
CA LYS D 1093 -9.80 6.60 -69.89
C LYS D 1093 -10.96 5.63 -70.15
N SER D 1094 -10.73 4.33 -69.98
CA SER D 1094 -11.75 3.34 -70.33
C SER D 1094 -12.77 3.17 -69.22
N TYR D 1095 -12.33 2.70 -68.05
CA TYR D 1095 -13.20 2.41 -66.93
C TYR D 1095 -13.24 3.50 -65.88
N GLY D 1096 -12.51 4.60 -66.08
CA GLY D 1096 -12.46 5.65 -65.08
C GLY D 1096 -11.89 5.21 -63.76
N MET D 1097 -10.85 4.37 -63.79
CA MET D 1097 -10.22 3.84 -62.60
C MET D 1097 -8.94 4.61 -62.32
N LEU D 1098 -8.71 4.95 -61.05
CA LEU D 1098 -7.53 5.67 -60.63
C LEU D 1098 -6.62 4.73 -59.85
N CYS D 1099 -5.43 4.50 -60.37
CA CYS D 1099 -4.47 3.58 -59.76
C CYS D 1099 -3.65 4.32 -58.71
N ILE D 1100 -3.68 3.82 -57.49
CA ILE D 1100 -2.97 4.44 -56.37
C ILE D 1100 -1.63 3.77 -56.11
N GLY D 1101 -1.60 2.44 -56.14
CA GLY D 1101 -0.37 1.73 -55.86
C GLY D 1101 -0.46 0.28 -56.30
N LEU D 1102 0.55 -0.49 -55.90
CA LEU D 1102 0.66 -1.89 -56.27
C LEU D 1102 0.77 -2.75 -55.03
N TYR D 1103 0.30 -3.99 -55.16
CA TYR D 1103 0.32 -4.98 -54.08
C TYR D 1103 1.01 -6.22 -54.64
N ARG D 1104 2.34 -6.26 -54.52
CA ARG D 1104 3.19 -7.17 -55.27
C ARG D 1104 3.83 -8.22 -54.37
N PHE D 1105 3.99 -9.42 -54.92
CA PHE D 1105 4.65 -10.52 -54.20
C PHE D 1105 6.02 -10.09 -53.69
N ARG D 1106 6.30 -10.46 -52.43
CA ARG D 1106 7.60 -10.14 -51.85
C ARG D 1106 8.73 -10.84 -52.60
N ASP D 1107 8.54 -12.10 -52.94
CA ASP D 1107 9.51 -12.87 -53.70
C ASP D 1107 8.84 -13.43 -54.95
N THR D 1108 9.54 -13.32 -56.09
CA THR D 1108 9.02 -13.78 -57.37
C THR D 1108 9.78 -14.99 -57.90
N SER D 1109 10.49 -15.69 -57.02
CA SER D 1109 11.24 -16.87 -57.43
C SER D 1109 11.29 -17.90 -56.29
N ALA D 1114 8.08 -20.65 -52.84
CA ALA D 1114 8.12 -19.26 -52.39
C ALA D 1114 7.06 -19.01 -51.32
N SER D 1115 6.87 -17.75 -50.97
CA SER D 1115 5.90 -17.34 -49.96
C SER D 1115 4.82 -16.48 -50.59
N SER D 1116 3.58 -16.73 -50.18
CA SER D 1116 2.44 -15.96 -50.69
C SER D 1116 2.22 -14.70 -49.86
N LYS D 1117 3.27 -13.88 -49.80
CA LYS D 1117 3.27 -12.63 -49.06
C LYS D 1117 3.47 -11.47 -50.03
N ARG D 1118 2.60 -10.47 -49.94
CA ARG D 1118 2.65 -9.31 -50.82
C ARG D 1118 2.77 -8.04 -49.99
N TYR D 1119 3.64 -7.14 -50.44
CA TYR D 1119 3.86 -5.85 -49.80
C TYR D 1119 3.20 -4.74 -50.63
N VAL D 1120 3.25 -3.53 -50.08
CA VAL D 1120 2.52 -2.38 -50.64
C VAL D 1120 3.53 -1.38 -51.19
N ILE D 1121 3.33 -0.98 -52.45
CA ILE D 1121 4.10 0.10 -53.08
C ILE D 1121 3.12 1.23 -53.36
N THR D 1122 3.39 2.41 -52.81
CA THR D 1122 2.50 3.55 -52.94
C THR D 1122 3.01 4.48 -54.02
N ASN D 1123 2.18 4.71 -55.04
CA ASN D 1123 2.48 5.62 -56.13
C ASN D 1123 3.82 5.31 -56.81
N PRO D 1124 3.93 4.18 -57.51
CA PRO D 1124 5.16 3.88 -58.23
C PRO D 1124 5.32 4.82 -59.42
N PRO D 1125 6.55 5.04 -59.88
CA PRO D 1125 6.75 5.94 -61.02
C PRO D 1125 6.12 5.38 -62.29
N ASP D 1126 5.91 6.27 -63.26
CA ASP D 1126 5.29 5.87 -64.52
C ASP D 1126 6.17 4.90 -65.30
N ASP D 1127 7.46 4.87 -65.01
CA ASP D 1127 8.39 3.95 -65.66
C ASP D 1127 8.53 2.62 -64.91
N PHE D 1128 7.73 2.41 -63.87
CA PHE D 1128 7.81 1.16 -63.11
C PHE D 1128 7.44 -0.03 -63.98
N SER D 1129 8.17 -1.11 -63.82
CA SER D 1129 7.93 -2.33 -64.58
C SER D 1129 6.93 -3.21 -63.84
N LEU D 1130 5.87 -3.60 -64.54
CA LEU D 1130 4.81 -4.40 -63.94
C LEU D 1130 5.11 -5.89 -64.07
N LEU D 1131 4.36 -6.70 -63.34
CA LEU D 1131 4.46 -8.15 -63.37
C LEU D 1131 3.06 -8.73 -63.54
N PRO D 1132 2.95 -9.91 -64.15
CA PRO D 1132 1.62 -10.52 -64.32
C PRO D 1132 0.94 -10.87 -63.01
N THR D 1133 1.69 -11.00 -61.92
CA THR D 1133 1.12 -11.36 -60.63
C THR D 1133 0.84 -10.16 -59.74
N ASP D 1134 1.02 -8.94 -60.26
CA ASP D 1134 0.82 -7.75 -59.45
C ASP D 1134 -0.65 -7.41 -59.31
N GLN D 1135 -1.01 -6.81 -58.17
CA GLN D 1135 -2.35 -6.32 -57.92
C GLN D 1135 -2.29 -4.81 -57.73
N VAL D 1136 -3.35 -4.13 -58.17
CA VAL D 1136 -3.38 -2.67 -58.23
C VAL D 1136 -4.50 -2.15 -57.33
N PHE D 1137 -4.16 -1.20 -56.47
CA PHE D 1137 -5.16 -0.47 -55.71
C PHE D 1137 -5.81 0.57 -56.62
N VAL D 1138 -7.15 0.51 -56.72
CA VAL D 1138 -7.87 1.37 -57.63
C VAL D 1138 -9.07 2.00 -56.93
N LEU D 1139 -9.53 3.12 -57.49
CA LEU D 1139 -10.75 3.80 -57.06
C LEU D 1139 -11.76 3.60 -58.19
N MET D 1140 -12.77 2.77 -57.93
CA MET D 1140 -13.68 2.32 -58.96
C MET D 1140 -15.02 3.03 -58.86
N GLN D 1141 -15.50 3.52 -60.00
CA GLN D 1141 -16.76 4.24 -60.07
C GLN D 1141 -17.93 3.30 -59.82
N PHE D 1142 -19.09 3.90 -59.51
CA PHE D 1142 -20.30 3.14 -59.26
C PHE D 1142 -21.02 2.86 -60.58
N ASP D 1143 -21.31 1.59 -60.81
CA ASP D 1143 -22.01 1.16 -62.03
C ASP D 1143 -23.44 0.76 -61.68
N PRO D 1144 -24.45 1.54 -62.06
CA PRO D 1144 -25.83 1.14 -61.74
C PRO D 1144 -26.27 -0.09 -62.53
N GLY D 1145 -26.50 -1.19 -61.81
CA GLY D 1145 -26.92 -2.43 -62.45
C GLY D 1145 -25.89 -3.53 -62.36
C1 8H5 E . 29.48 19.00 0.86
C10 8H5 E . 29.56 20.74 -0.88
C11 8H5 E . 29.72 20.29 0.53
C12 8H5 E . 30.11 20.99 1.71
C13 8H5 E . 30.49 22.31 2.03
C14 8H5 E . 30.79 22.61 3.32
C15 8H5 E . 30.77 21.66 4.33
C16 8H5 E . 30.41 20.35 4.07
C17 8H5 E . 30.08 20.05 2.74
C18 8H5 E . 29.59 17.64 3.09
C19 8H5 E . 28.29 17.57 3.83
C2 8H5 E . 29.06 17.96 -0.11
C20 8H5 E . 28.13 17.04 5.03
C21 8H5 E . 26.80 17.01 5.69
C22 8H5 E . 29.23 16.41 5.82
C23 8H5 E . 30.29 17.15 -0.59
C24 8H5 E . 30.80 16.04 0.30
C25 8H5 E . 32.22 15.68 -0.10
C26 8H5 E . 29.91 14.82 0.29
C27 8H5 E . 30.87 21.27 6.68
C3 8H5 E . 27.66 17.75 -2.07
C4 8H5 E . 27.07 18.30 -3.33
C5 8H5 E . 27.11 17.37 -4.54
C6 8H5 E . 26.93 18.35 -5.71
C7 8H5 E . 27.69 19.59 -5.29
C8 8H5 E . 28.38 20.33 -3.05
C9 8H5 E . 28.36 20.06 -1.54
N1 8H5 E . 29.70 18.82 2.22
N2 8H5 E . 28.36 18.61 -1.26
N3 8H5 E . 27.76 19.48 -3.83
O1 8H5 E . 29.71 16.43 2.39
O2 8H5 E . 31.01 16.49 1.68
O3 8H5 E . 27.49 16.57 -1.81
O4 8H5 E . 28.97 21.32 -3.47
O5 8H5 E . 27.15 20.64 -1.14
O6 8H5 E . 29.43 22.14 -0.90
O7 8H5 E . 31.11 22.12 5.57
CA CA F . 3.84 -37.41 12.30
CA CA G . 21.07 -44.84 -8.01
MG MG H . 15.70 -43.21 -7.84
C20 6PL I . 30.08 29.82 -2.29
C19 6PL I . 31.28 29.02 -2.83
C18 6PL I . 31.32 29.14 -4.36
C17 6PL I . 29.96 28.74 -4.96
C16 6PL I . 29.89 29.19 -6.42
C15 6PL I . 28.87 28.32 -7.21
C14 6PL I . 27.56 28.18 -6.41
C13 6PL I . 26.52 27.39 -7.25
C12 6PL I . 25.54 26.64 -6.30
C11 6PL I . 24.44 25.93 -7.14
O11 6PL I . 24.63 25.70 -8.30
O3 6PL I . 23.20 25.53 -6.52
C3 6PL I . 22.78 24.22 -6.87
C2 6PL I . 21.43 23.90 -6.19
C1 6PL I . 20.45 23.31 -7.22
O3P 6PL I . 20.90 23.61 -8.54
P 6PL I . 20.22 22.76 -9.82
O1P 6PL I . 20.81 21.37 -9.89
O2P 6PL I . 18.72 22.67 -9.62
O4P 6PL I . 20.52 23.59 -11.23
C4 6PL I . 20.60 25.00 -11.18
C5 6PL I . 21.32 25.54 -12.42
N 6PL I . 22.72 25.87 -12.11
C7 6PL I . 23.30 26.60 -13.24
C8 6PL I . 23.48 24.65 -11.90
C6 6PL I . 22.79 26.70 -10.93
O2 6PL I . 20.89 25.07 -5.66
C31 6PL I . 20.73 25.05 -4.25
O31 6PL I . 21.32 24.25 -3.61
C32 6PL I . 19.78 26.05 -3.56
C33 6PL I . 20.41 27.48 -3.61
C34 6PL I . 21.64 27.54 -2.66
C35 6PL I . 22.47 28.81 -2.98
C36 6PL I . 23.05 28.71 -4.42
C37 6PL I . 23.76 30.03 -4.80
C1 CLR J . 39.41 41.82 -2.82
C2 CLR J . 40.68 41.50 -2.04
C3 CLR J . 41.00 42.68 -1.12
C4 CLR J . 39.86 42.82 -0.11
C5 CLR J . 38.57 43.02 -0.83
C6 CLR J . 37.83 44.07 -0.52
C7 CLR J . 36.54 44.38 -1.16
C8 CLR J . 35.95 43.12 -1.78
C9 CLR J . 36.97 42.41 -2.68
C10 CLR J . 38.21 41.99 -1.87
C11 CLR J . 36.36 41.20 -3.38
C12 CLR J . 35.09 41.54 -4.16
C13 CLR J . 34.09 42.24 -3.24
C14 CLR J . 34.76 43.50 -2.64
C15 CLR J . 33.58 44.19 -1.94
C16 CLR J . 32.41 43.95 -2.92
C17 CLR J . 32.89 42.88 -3.94
C18 CLR J . 33.62 41.31 -2.11
C19 CLR J . 37.95 40.67 -1.14
C20 CLR J . 31.79 41.87 -4.31
C21 CLR J . 31.92 41.51 -5.80
C22 CLR J . 30.39 42.40 -3.96
C23 CLR J . 29.38 42.07 -5.07
C24 CLR J . 28.58 40.84 -4.72
C25 CLR J . 27.52 40.58 -5.79
C26 CLR J . 26.46 41.67 -5.73
C27 CLR J . 28.17 40.55 -7.18
O1 CLR J . 42.19 42.37 -0.47
K K K . 41.30 19.65 15.06
K K L . 38.31 18.28 13.94
K K M . 35.81 17.08 13.06
K K N . 32.75 15.59 11.84
C1 8H5 O . 27.67 7.99 19.93
C10 8H5 O . 27.99 6.44 21.82
C11 8H5 O . 28.50 7.21 20.65
C12 8H5 O . 29.81 7.31 20.08
C13 8H5 O . 31.06 6.77 20.36
C14 8H5 O . 32.12 7.10 19.56
C15 8H5 O . 31.99 7.98 18.50
C16 8H5 O . 30.77 8.53 18.19
C17 8H5 O . 29.69 8.19 19.00
C18 8H5 O . 27.97 9.54 17.85
C19 8H5 O . 27.69 8.88 16.55
C2 8H5 O . 26.21 8.14 20.22
C20 8H5 O . 27.89 9.42 15.36
C21 8H5 O . 27.59 8.69 14.09
C22 8H5 O . 28.40 10.81 15.15
C23 8H5 O . 25.97 9.43 21.06
C24 8H5 O . 25.93 10.76 20.33
C25 8H5 O . 26.14 11.89 21.33
C26 8H5 O . 24.64 10.95 19.56
C27 8H5 O . 33.03 8.91 16.56
C3 8H5 O . 24.35 6.82 20.99
C4 8H5 O . 23.77 5.72 21.84
C5 8H5 O . 22.51 6.06 22.60
C6 8H5 O . 22.47 4.99 23.68
C7 8H5 O . 23.91 4.80 24.07
C8 8H5 O . 25.97 5.34 22.82
C9 8H5 O . 26.57 5.89 21.52
N1 8H5 O . 28.37 8.61 18.90
N2 8H5 O . 25.71 6.92 20.94
N3 8H5 O . 24.66 5.28 22.90
O1 8H5 O . 26.81 10.27 18.18
O2 8H5 O . 27.08 10.95 19.46
O3 8H5 O . 23.59 7.57 20.39
O4 8H5 O . 26.71 4.98 23.73
O5 8H5 O . 26.62 4.76 20.69
O6 8H5 O . 28.89 5.39 22.11
O7 8H5 O . 33.14 8.23 17.79
CA CA P . -17.70 30.92 -17.31
CA CA Q . -25.56 42.78 6.42
MG MG R . -26.89 37.98 3.80
C19 6PL S . 28.39 16.31 38.05
C18 6PL S . 29.42 17.40 38.39
C17 6PL S . 29.62 18.30 37.15
C16 6PL S . 30.46 19.54 37.55
C15 6PL S . 31.90 19.10 37.93
C14 6PL S . 32.92 20.07 37.29
C13 6PL S . 34.27 19.95 38.02
C12 6PL S . 35.42 19.96 36.97
C11 6PL S . 36.70 20.58 37.61
O11 6PL S . 36.73 20.85 38.77
O3 6PL S . 37.87 20.81 36.80
C3 6PL S . 38.24 19.70 36.00
C2 6PL S . 38.62 20.18 34.59
C1 6PL S . 39.86 21.07 34.67
O3P 6PL S . 40.72 20.58 35.68
P 6PL S . 42.07 21.49 36.10
O1P 6PL S . 43.07 20.62 36.82
O2P 6PL S . 41.66 22.62 37.01
O4P 6PL S . 42.76 22.11 34.72
C4 6PL S . 44.13 21.86 34.49
C5 6PL S . 44.58 22.59 33.21
N 6PL S . 46.04 22.70 33.17
C7 6PL S . 46.52 23.37 34.37
C8 6PL S . 46.44 23.45 32.00
C6 6PL S . 46.62 21.37 33.11
O2 6PL S . 37.56 20.91 34.04
C31 6PL S . 37.31 20.62 32.67
O31 6PL S . 38.21 20.37 31.94
C32 6PL S . 35.86 20.64 32.12
C33 6PL S . 34.99 19.62 32.92
C34 6PL S . 33.53 19.66 32.38
C35 6PL S . 32.90 18.26 32.52
C36 6PL S . 31.43 18.29 32.01
C37 6PL S . 30.48 18.71 33.16
C38 6PL S . 29.55 17.51 33.53
C39 6PL S . 28.59 17.23 32.36
C40 6PL S . 27.71 16.00 32.69
C41 6PL S . 28.57 14.70 32.61
C42 6PL S . 27.70 13.48 32.97
C20 6PL T . 33.79 0.34 25.51
C19 6PL T . 33.53 1.58 26.40
C18 6PL T . 32.80 1.14 27.69
C17 6PL T . 31.54 0.32 27.33
C16 6PL T . 31.05 -0.42 28.59
C15 6PL T . 29.53 -0.74 28.45
C14 6PL T . 29.24 -1.35 27.06
C13 6PL T . 27.75 -1.76 26.99
C12 6PL T . 27.26 -1.70 25.51
C11 6PL T . 25.79 -2.21 25.42
O11 6PL T . 25.10 -2.21 26.39
O3 6PL T . 25.26 -2.64 24.15
C3 6PL T . 23.95 -2.14 23.88
C2 6PL T . 23.46 -2.69 22.52
C1 6PL T . 22.03 -3.23 22.67
O3P 6PL T . 21.73 -3.46 24.05
P 6PL T . 20.14 -3.69 24.51
O1P 6PL T . 19.42 -2.37 24.53
O2P 6PL T . 19.46 -4.62 23.51
O4P 6PL T . 20.10 -4.39 26.01
C4 6PL T . 21.15 -5.27 26.37
C5 6PL T . 21.20 -5.45 27.89
N 6PL T . 22.26 -4.62 28.48
C7 6PL T . 22.44 -4.99 29.88
C8 6PL T . 21.89 -3.22 28.41
C6 6PL T . 23.51 -4.82 27.77
O2 6PL T . 24.30 -3.72 22.10
C31 6PL T . 24.96 -3.46 20.87
O31 6PL T . 25.03 -2.35 20.46
C32 6PL T . 25.59 -4.62 20.06
C33 6PL T . 26.85 -5.16 20.80
C34 6PL T . 27.98 -4.09 20.71
C35 6PL T . 29.09 -4.45 21.74
C36 6PL T . 28.52 -4.34 23.18
C37 6PL T . 29.58 -4.83 24.20
C1 CLR U . 46.31 -1.36 33.99
C2 CLR U . 47.11 -0.07 33.96
C3 CLR U . 48.58 -0.39 33.69
C4 CLR U . 48.68 -1.03 32.30
C5 CLR U . 47.81 -2.24 32.24
C6 CLR U . 48.36 -3.38 31.86
C7 CLR U . 47.61 -4.65 31.77
C8 CLR U . 46.12 -4.37 31.62
C9 CLR U . 45.64 -3.41 32.72
C10 CLR U . 46.37 -2.06 32.62
C11 CLR U . 44.12 -3.21 32.65
C12 CLR U . 43.34 -4.51 32.68
C13 CLR U . 43.84 -5.45 31.58
C14 CLR U . 45.36 -5.67 31.77
C15 CLR U . 45.66 -6.79 30.76
C16 CLR U . 44.41 -7.69 30.85
C17 CLR U . 43.34 -6.90 31.66
C18 CLR U . 43.58 -4.87 30.18
C19 CLR U . 45.71 -1.18 31.56
C20 CLR U . 41.91 -7.08 31.11
C21 CLR U . 40.93 -7.12 32.28
C22 CLR U . 41.80 -8.33 30.21
C23 CLR U . 40.50 -9.09 30.48
C24 CLR U . 39.45 -8.72 29.45
C25 CLR U . 38.19 -9.56 29.69
C26 CLR U . 38.46 -11.01 29.34
C27 CLR U . 37.73 -9.43 31.14
O1 CLR U . 49.28 0.80 33.73
C19 6PL V . 45.35 18.50 -11.23
C18 6PL V . 46.78 18.57 -10.67
C17 6PL V . 46.84 17.80 -9.33
C16 6PL V . 48.31 17.64 -8.90
C15 6PL V . 48.90 19.03 -8.54
C14 6PL V . 49.71 18.92 -7.25
C13 6PL V . 50.67 20.14 -7.13
C12 6PL V . 50.67 20.67 -5.67
C11 6PL V . 52.05 21.31 -5.34
O11 6PL V . 52.87 21.44 -6.19
O3 6PL V . 52.33 21.76 -3.99
C3 6PL V . 51.30 22.56 -3.43
C2 6PL V . 51.05 22.15 -1.98
C1 6PL V . 52.32 22.43 -1.15
O3P 6PL V . 52.93 23.62 -1.63
P 6PL V . 54.44 24.05 -1.01
O1P 6PL V . 54.68 25.53 -1.28
O2P 6PL V . 55.51 23.23 -1.68
O4P 6PL V . 54.45 23.77 0.63
C4 6PL V . 54.80 24.84 1.49
C5 6PL V . 54.84 24.33 2.94
N 6PL V . 55.58 25.27 3.78
C7 6PL V . 56.93 25.45 3.25
C8 6PL V . 55.67 24.74 5.13
C6 6PL V . 54.90 26.55 3.81
O2 6PL V . 50.77 20.79 -1.92
C31 6PL V . 49.71 20.46 -1.02
O31 6PL V . 49.58 21.06 -0.01
C32 6PL V . 48.74 19.29 -1.36
C33 6PL V . 48.05 19.56 -2.72
C34 6PL V . 47.09 18.39 -3.06
C35 6PL V . 45.88 18.94 -3.87
C36 6PL V . 44.92 17.76 -4.23
C37 6PL V . 45.39 17.11 -5.57
C38 6PL V . 44.32 17.36 -6.66
C39 6PL V . 43.03 16.57 -6.31
C40 6PL V . 41.92 16.87 -7.35
C41 6PL V . 41.40 18.33 -7.16
C42 6PL V . 40.31 18.64 -8.23
C1 8H5 W . 33.97 5.01 5.75
C10 8H5 W . 35.42 3.57 4.36
C11 8H5 W . 35.04 4.90 4.93
C12 8H5 W . 35.62 6.20 4.78
C13 8H5 W . 36.71 6.73 4.08
C14 8H5 W . 36.97 8.07 4.19
C15 8H5 W . 36.18 8.91 4.96
C16 8H5 W . 35.10 8.42 5.66
C17 8H5 W . 34.84 7.05 5.55
C18 8H5 W . 32.85 6.98 7.01
C19 8H5 W . 31.73 7.64 6.27
C2 8H5 W . 33.10 3.86 6.14
C20 8H5 W . 31.10 8.73 6.66
C21 8H5 W . 29.99 9.32 5.85
C22 8H5 W . 31.38 9.47 7.93
C23 8H5 W . 33.56 3.31 7.51
C24 8H5 W . 33.08 4.04 8.76
C25 8H5 W . 33.95 3.64 9.95
C26 8H5 W . 31.62 3.78 9.06
C27 8H5 W . 35.67 11.17 5.53
C3 8H5 W . 32.22 1.82 5.19
C4 8H5 W . 32.31 0.63 4.27
C5 8H5 W . 31.91 -0.69 4.86
C6 8H5 W . 32.58 -1.69 3.92
C7 8H5 W . 33.90 -1.04 3.56
C8 8H5 W . 34.58 1.32 3.68
C9 8H5 W . 34.18 2.76 4.00
N1 8H5 W . 33.82 6.33 6.15
N2 8H5 W . 33.19 2.79 5.09
N3 8H5 W . 33.68 0.38 3.82
O1 8H5 W . 32.24 6.10 7.94
O2 8H5 W . 33.34 5.46 8.69
O3 8H5 W . 31.28 1.88 5.97
O4 8H5 W . 35.73 1.08 3.31
O5 8H5 W . 33.60 3.20 2.79
O6 8H5 W . 36.25 3.77 3.23
O7 8H5 W . 36.55 10.23 4.97
CA CA X . -23.69 6.00 31.15
CA CA Y . -12.92 -14.44 46.35
MG MG Z . -15.86 -14.25 41.55
C19 6PL AA . 47.11 -6.28 15.65
C18 6PL AA . 48.13 -5.66 16.62
C17 6PL AA . 47.48 -4.46 17.35
C16 6PL AA . 48.41 -4.00 18.49
C15 6PL AA . 49.70 -3.39 17.89
C14 6PL AA . 50.06 -2.08 18.63
C13 6PL AA . 51.54 -1.73 18.39
C12 6PL AA . 51.68 -0.21 18.13
C11 6PL AA . 53.08 0.28 18.61
O11 6PL AA . 53.90 -0.51 18.99
O3 6PL AA . 53.39 1.69 18.59
C3 6PL AA . 53.08 2.32 17.36
C2 6PL AA . 52.42 3.69 17.63
C1 6PL AA . 53.43 4.61 18.34
O3P 6PL AA . 54.73 4.35 17.83
P 6PL AA . 56.04 5.10 18.58
O1P 6PL AA . 57.22 5.09 17.64
O2P 6PL AA . 56.38 4.36 19.85
O4P 6PL AA . 55.63 6.67 18.95
C4 6PL AA . 56.47 7.71 18.48
C5 6PL AA . 55.96 9.05 19.00
N 6PL AA . 57.01 10.07 18.89
C7 6PL AA . 58.20 9.63 19.61
C8 6PL AA . 56.54 11.32 19.46
C6 6PL AA . 57.34 10.28 17.49
O2 6PL AA . 51.30 3.51 18.44
C31 6PL AA . 50.18 4.30 18.06
O31 6PL AA . 50.33 5.38 17.62
C32 6PL AA . 48.74 3.74 18.24
C33 6PL AA . 48.61 2.40 17.45
C34 6PL AA . 47.17 1.84 17.64
C35 6PL AA . 46.74 1.07 16.36
C36 6PL AA . 45.32 0.48 16.56
C37 6PL AA . 45.42 -0.92 17.22
C38 6PL AA . 44.94 -2.01 16.22
C39 6PL AA . 43.43 -1.84 15.96
C40 6PL AA . 42.95 -2.88 14.91
C41 6PL AA . 43.49 -2.48 13.51
C42 6PL AA . 43.04 -3.53 12.45
C20 6PL BA . 41.96 3.68 -2.10
C19 6PL BA . 42.41 3.07 -0.77
C18 6PL BA . 42.73 1.58 -0.96
C17 6PL BA . 41.54 0.86 -1.63
C16 6PL BA . 42.00 -0.51 -2.14
C15 6PL BA . 40.77 -1.47 -2.26
C14 6PL BA . 39.60 -0.76 -2.96
C13 6PL BA . 38.44 -1.76 -3.15
C12 6PL BA . 37.08 -1.00 -3.17
C11 6PL BA . 35.92 -1.99 -3.46
O11 6PL BA . 36.07 -3.16 -3.27
O3 6PL BA . 34.65 -1.50 -3.93
C3 6PL BA . 33.53 -2.08 -3.29
C2 6PL BA . 32.23 -1.52 -3.90
C1 6PL BA . 31.25 -2.67 -4.21
O3P 6PL BA . 31.97 -3.91 -4.24
P 6PL BA . 31.09 -5.34 -4.20
O1P 6PL BA . 30.63 -5.61 -2.79
O2P 6PL BA . 29.89 -5.23 -5.11
O4P 6PL BA . 32.07 -6.58 -4.72
C4 6PL BA . 33.03 -6.29 -5.71
C5 6PL BA . 34.10 -7.40 -5.74
N 6PL BA . 35.31 -6.99 -5.01
C7 6PL BA . 36.38 -7.95 -5.26
C8 6PL BA . 35.04 -6.93 -3.59
C6 6PL BA . 35.74 -5.67 -5.48
O2 6PL BA . 32.52 -0.84 -5.07
C31 6PL BA . 32.18 0.56 -5.04
O31 6PL BA . 32.00 1.08 -3.99
C32 6PL BA . 32.04 1.36 -6.34
C33 6PL BA . 33.45 1.57 -6.99
C34 6PL BA . 34.27 2.56 -6.12
C35 6PL BA . 35.77 2.48 -6.52
C36 6PL BA . 36.33 1.07 -6.19
C37 6PL BA . 37.78 0.95 -6.73
C1 CLR CA . 56.83 5.51 -4.75
C2 CLR CA . 57.45 6.29 -3.59
C3 CLR CA . 58.33 7.40 -4.15
C4 CLR CA . 57.43 8.37 -4.93
C5 CLR CA . 56.71 7.63 -6.01
C6 CLR CA . 56.81 8.08 -7.25
C7 CLR CA . 56.15 7.43 -8.40
C8 CLR CA . 54.98 6.59 -7.92
C9 CLR CA . 55.40 5.64 -6.80
C10 CLR CA . 55.92 6.42 -5.58
C11 CLR CA . 54.23 4.72 -6.38
C12 CLR CA . 53.64 3.95 -7.55
C13 CLR CA . 53.23 4.92 -8.66
C14 CLR CA . 54.47 5.75 -9.08
C15 CLR CA . 53.95 6.50 -10.32
C16 CLR CA . 53.06 5.45 -11.01
C17 CLR CA . 52.85 4.29 -10.00
C18 CLR CA . 52.11 5.87 -8.18
C19 CLR CA . 54.75 6.91 -4.72
C20 CLR CA . 51.42 3.71 -10.02
C21 CLR CA . 51.49 2.19 -9.80
C22 CLR CA . 50.70 4.08 -11.33
C23 CLR CA . 49.89 2.88 -11.86
C24 CLR CA . 48.43 3.00 -11.45
C25 CLR CA . 47.63 1.85 -12.07
C26 CLR CA . 47.55 2.04 -13.57
C27 CLR CA . 48.29 0.51 -11.73
O1 CLR CA . 58.92 8.05 -3.07
C1 8H5 DA . 22.92 21.92 14.64
C10 8H5 DA . 21.86 23.52 16.19
C11 8H5 DA . 22.92 22.53 15.85
C12 8H5 DA . 24.03 22.04 16.59
C13 8H5 DA . 24.57 22.27 17.87
C14 8H5 DA . 25.69 21.58 18.25
C15 8H5 DA . 26.33 20.68 17.41
C16 8H5 DA . 25.83 20.43 16.15
C17 8H5 DA . 24.68 21.13 15.77
C18 8H5 DA . 24.46 20.16 13.49
C19 8H5 DA . 24.02 18.75 13.67
C2 8H5 DA . 21.91 22.17 13.58
C20 8H5 DA . 24.70 17.68 13.26
C21 8H5 DA . 24.17 16.30 13.49
C22 8H5 DA . 26.02 17.73 12.57
C23 8H5 DA . 22.45 23.22 12.57
C24 8H5 DA . 23.40 22.73 11.48
C25 8H5 DA . 24.16 23.92 10.90
C26 8H5 DA . 22.68 21.95 10.40
C27 8H5 DA . 27.98 18.97 17.22
C3 8H5 DA . 19.55 22.64 13.38
C4 8H5 DA . 18.27 23.25 13.89
C5 8H5 DA . 17.45 24.01 12.86
C6 8H5 DA . 16.56 24.89 13.74
C7 8H5 DA . 17.45 25.30 14.89
C8 8H5 DA . 19.51 24.24 15.74
C9 8H5 DA . 20.51 23.08 15.61
N1 8H5 DA . 24.01 21.04 14.56
N2 8H5 DA . 20.63 22.66 14.21
N3 8H5 DA . 18.49 24.26 14.91
O1 8H5 DA . 24.04 20.56 12.21
O2 8H5 DA . 24.50 21.95 12.03
O3 8H5 DA . 19.57 22.15 12.26
O4 8H5 DA . 19.69 25.11 16.59
O5 8H5 DA . 19.91 22.07 16.39
O6 8H5 DA . 21.81 23.67 17.58
O7 8H5 DA . 27.42 20.08 17.92
CA CA EA . 9.84 -12.51 -36.49
CA CA FA . 8.38 12.59 -48.03
MG MG GA . 4.62 9.13 -45.67
C19 6PL HA . 26.30 41.22 10.89
C18 6PL HA . 27.73 41.78 10.80
C17 6PL HA . 28.66 40.74 10.16
C16 6PL HA . 30.01 41.38 9.85
C15 6PL HA . 30.74 41.73 11.17
C14 6PL HA . 32.22 41.31 11.08
C13 6PL HA . 33.05 42.06 12.16
C12 6PL HA . 34.05 41.08 12.81
C11 6PL HA . 35.31 41.87 13.29
O11 6PL HA . 35.34 43.06 13.23
O3 6PL HA . 36.45 41.14 13.82
C3 6PL HA . 36.10 40.18 14.81
C2 6PL HA . 36.91 38.89 14.56
C1 6PL HA . 38.41 39.17 14.75
O3P 6PL HA . 38.57 40.12 15.80
P 6PL HA . 40.10 40.75 16.08
O1P 6PL HA . 40.16 41.33 17.47
O2P 6PL HA . 40.41 41.82 15.06
O4P 6PL HA . 41.22 39.52 15.95
C4 6PL HA . 42.10 39.30 17.03
C5 6PL HA . 43.10 38.19 16.66
N 6PL HA . 44.25 38.22 17.56
C7 6PL HA . 44.89 39.54 17.51
C8 6PL HA . 45.22 37.22 17.15
C6 6PL HA . 43.82 37.95 18.92
O2 6PL HA . 36.68 38.43 13.27
C31 6PL HA . 36.51 37.03 13.16
O31 6PL HA . 37.12 36.30 13.87
C32 6PL HA . 35.53 36.44 12.13
C33 6PL HA . 34.10 37.01 12.36
C34 6PL HA . 33.12 36.42 11.30
C35 6PL HA . 31.71 36.29 11.92
C36 6PL HA . 30.72 35.74 10.86
C37 6PL HA . 30.13 36.91 10.03
C38 6PL HA . 28.60 37.04 10.32
C39 6PL HA . 27.88 35.79 9.75
C40 6PL HA . 26.36 35.87 10.11
C41 6PL HA . 26.17 35.60 11.63
C42 6PL HA . 24.66 35.71 11.98
C20 6PL IA . 21.61 26.33 24.94
C19 6PL IA . 22.10 27.41 23.95
C18 6PL IA . 21.09 28.57 23.91
C17 6PL IA . 19.68 28.02 23.64
C16 6PL IA . 18.64 29.11 23.97
C15 6PL IA . 17.33 28.87 23.17
C14 6PL IA . 16.91 27.38 23.28
C13 6PL IA . 15.55 27.18 22.57
C12 6PL IA . 15.45 25.72 22.05
C11 6PL IA . 14.04 25.49 21.42
O11 6PL IA . 13.39 26.41 21.07
O3 6PL IA . 13.54 24.14 21.25
C3 6PL IA . 12.93 23.91 19.98
C2 6PL IA . 12.41 22.46 19.92
C1 6PL IA . 10.97 22.46 19.36
O3P 6PL IA . 10.42 23.76 19.47
P 6PL IA . 9.01 24.11 18.62
O1P 6PL IA . 9.34 24.34 17.17
O2P 6PL IA . 8.05 22.94 18.75
O4P 6PL IA . 8.31 25.47 19.26
C4 6PL IA . 8.45 25.70 20.65
C5 6PL IA . 8.15 27.18 20.97
N 6PL IA . 9.40 27.94 21.13
C7 6PL IA . 9.08 29.26 21.67
C8 6PL IA . 10.06 28.09 19.85
C6 6PL IA . 10.29 27.25 22.05
O2 6PL IA . 12.42 21.90 21.19
C31 6PL IA . 13.26 20.76 21.31
O31 6PL IA . 14.10 20.55 20.50
C32 6PL IA . 13.08 19.78 22.50
C33 6PL IA . 13.55 20.46 23.81
C34 6PL IA . 15.10 20.61 23.80
C35 6PL IA . 15.54 21.60 24.91
C36 6PL IA . 14.98 23.02 24.60
C37 6PL IA . 15.29 23.97 25.78
C1 CLR JA . 28.53 34.87 35.48
C2 CLR JA . 29.97 35.09 35.06
C3 CLR JA . 30.89 34.82 36.26
C4 CLR JA . 30.74 33.35 36.64
C5 CLR JA . 29.31 33.05 36.95
C6 CLR JA . 29.03 32.50 38.12
C7 CLR JA . 27.65 32.15 38.54
C8 CLR JA . 26.75 32.00 37.31
C9 CLR JA . 26.86 33.24 36.40
C10 CLR JA . 28.31 33.40 35.88
C11 CLR JA . 25.89 33.14 35.22
C12 CLR JA . 24.44 32.91 35.66
C13 CLR JA . 24.37 31.68 36.57
C14 CLR JA . 25.31 31.90 37.78
C15 CLR JA . 24.94 30.72 38.68
C16 CLR JA . 23.42 30.60 38.51
C17 CLR JA . 23.03 31.49 37.29
C18 CLR JA . 24.75 30.40 35.81
C19 CLR JA . 28.55 32.49 34.68
C20 CLR JA . 21.94 30.86 36.41
C21 CLR JA . 21.00 31.97 35.90
C22 CLR JA . 21.16 29.76 37.16
C23 CLR JA . 19.66 29.85 36.88
C24 CLR JA . 19.27 28.86 35.79
C25 CLR JA . 17.76 28.89 35.58
C26 CLR JA . 17.06 28.31 36.80
C27 CLR JA . 17.30 30.33 35.33
O1 CLR JA . 32.18 35.10 35.85
#